data_8R69
#
_entry.id   8R69
#
loop_
_entity.id
_entity.type
_entity.pdbx_description
1 polymer 'Capsid protein'
2 polymer 'Major tail sheath protein'
3 polymer 'Portal protein'
4 polymer 'Capsid protein'
5 polymer 'Baseplate hub assembly protein'
6 polymer 'Putative non-cytoplasmic protein'
7 polymer 'Non-cytoplasmic protein'
8 polymer 'Putative neck protein'
9 non-polymer 'ZINC ION'
#
loop_
_entity_poly.entity_id
_entity_poly.type
_entity_poly.pdbx_seq_one_letter_code
_entity_poly.pdbx_strand_id
1 'polypeptide(L)'
;MASEAKQTVHTGNTVLLMIKGKPVGRAQSASGQREYGTTGVYEIGSIMPQEHVYLRYEGTITVERLRMKKENFADLGYAS
LGEEILKKDIIDILVVDNLTKQVIISYHGCSANNYNETWQTNEIVTEEIEFSYLTASDKART
;
T,U
2 'polypeptide(L)'
;MAVEPFPRRPITRPHASIEVDTSGIGGSAGSSEKVFCLIGQAEGGEPNTVYELRNYSQAKRLFRSGELLDAIELAWGSNP
NYTAGRILAMRIEDAKPASAEIGGLKITSKIYGNVANNIQVGLEKNTLSDSLRLRVIFQDDRFNEVYDNIGNIFTIKYKG
EEANATFSVEHDEETQKASRLVLKVGDQEVKSYDLTGGAYDYTNAIITDINQLPDFEAKLSPFGDKNLESSKLDKIENAN
IKDKAVYVKAVFGDLEKQTAYNGIVSFEQLNAEGEVPSNVEVEAGEESATVTATSPIKTIEPFELTKLKGGTNGEPPATW
ADKLDKFAHEGGYYIVPLSSKQSVHAEVASFVKERSDAGEPMRAIVGGGFNESKEQLFGRQASLSNPRVSLVANSGTFVM
DDGRKNHVPAYMVAVALGGLASGLEIGESITFKPLRVSSLDQIYESIDLDELNENGIISIEFVRNRTNTFFRIVDDVTTF
NDKSDPVKAEMAVGEANDFLVSELKVQLEDQFIGTRTINTSASIIKDFIQSYLGRKKRDNEIQDFPAEDVQVIVEGNEAR
ISMTVYPIRSFKKISVSLVYKQQTLQA
;
V,W
3 'polypeptide(L)'
;MADLFKQFRLGKDYGNNSTIAQVPIDEGLQANIKKIEQDNKEYQDLTKSLYGQQQAYAEPFIEMMDTNPEFRDKRSYMKN
EHNLHDVLKKFGNNPILNAIILTRSNQVAMYCQPARYSEKGLGFEVRLRDLDAEPGRKEKEEMKRIEDFIVNTGKDKDVD
RDSFQTFCKKIVRDTYIYDQVNFEKVFNKNNKTKLEKFIAVDPSTIFYATDKKGKIIKGGKRFVQVVDKRVVASFTSREL
AMGIRNPRTELSSSGYGLSEVEIAMKEFIAYNNTESFNDRFFSHGGTTRGILQIRSDQQQSQHALENFKREWKSSLSGIN
GSWQIPVVMADDIKFVNMTPTANDMQFEKWLNYLINIISALYGIDPAEIGFPNRGGATGSKGGSTLNEADPGKKQQQSQN
KGLQPLLRFIEDLVNRHIISEYGDKYTFQFVGGDTKSATDKLNILKLETQIFKTVNEAREEQGKKPIEGGDIILDASFLQ
GTAQLQQDKQYNDGKQKERLQMMMSLLEGDNDDSEEGQSTDSSNDDKEIGTDAQIKGDDNVYRTQTSNKGQGRKGEKSSD
FKH
;
A,B
4 'polypeptide(L)'
;MEKPYMIGANSNPNVINKSTTYTTTTQADEQDKPKYTTRLEFDTIDMIRFINDRGIKVLWEEAYFCPCLNPDTGHPRVDC
PRCHGKGIAYLPPKETIMAIQSQEKGTNQLDIGILDTGTAIGTTQLEKRISYRDRFTVPEVLMPQQMIYFVNKDRIKKGI
PLYYDVKEITYIATQDGTVYEEDYEIKNNRLYLNEKYENHTVTLKILMTLRYVVSDILKESRYQYTKFNQPKSKFENLPQ
KLLLKREDVIVLQDPYKVNDGIEEDLEIQVDDPKASASNPSNLGGFFGGAFK
;
E
5 'polypeptide(L)'
;MAITSVDSYLLSEIKPRLNTVLENCYIIDEVLKDFDYQTRESFKEAFCGKNAQHEVTVGFNFPKFKNNYEAHYLIQLGQG
QETKNSLGSIQSSYFEATGDTLVESSTAIREDDKLVFTVSKPIGELIKVEDIEFAKYDNLQVEGNKVSFKYQTNEDYENY
NANIIFTEKKNDSKGLVKGFTVEEQVTVVGLSFNVDVARCLDAVLKMILISMRDSIEEQQTFQLQNLSFGDIAPIIEDGD
SMIFGRPTIIKYTSSLDLDYTITQDINKLTFKERKDWK
;
G
6 'polypeptide(L)'
;MSIEKKEEVIAHNEVVFRSLTQGLYVKEVDIYSDVVSYTKDVDEALAMPNTINFKNSRKYKKLIMNLDLEPLNKIQKVIY
ETHLEGL
;
N,n
7 'polypeptide(L)'
;MADEISLNPIQDAKPIDDIVDIMTYLKNGKVLRVKQDNQGDILVRMSPGKHKFTEVSRDLDKESFYYKRHWVLYNVSVNS
LITFDVYLDEEYSETTKVKYPKDTIVEYTREDQEKDVAMIKEILTDNNGNYFYALIGETMLFDENKLNKVKD
;
S,s
8 'polypeptide(L)'
;MVNSMFGGDLDPYEKSLNYEYPYHPSGNPKHIDVSEIDNLTLADYGWSPDAVKAYMFGIVVQNPDTGQPMGDEFYNHILE
RAVGKAERALDISILPDTQHEMRDYHETEFNSYMFVHAYRKPILQVENLQLQFNGRPIYKYPANWWKVEHLAGHVQLFPT
ALMQTGQSMSYDAVFNGYPQLAGVYPPSGATFAPQMIRLEYVSGMLPRKKAGRNKPWEMPPELEQLVIKYALKEIYQVWG
NLIIGAGIANKTLEVDGITETIGTTQSAMYGGASAQILQINEDIKELLDGLRAYFGYNMIGL
;
C,D
#
# COMPACT_ATOMS: atom_id res chain seq x y z
N ALA A 2 21.67 -0.93 40.06
CA ALA A 2 22.54 -0.36 41.09
C ALA A 2 23.52 -1.40 41.60
N SER A 3 24.68 -0.94 42.07
CA SER A 3 25.72 -1.86 42.54
C SER A 3 26.57 -1.15 43.60
N GLU A 4 26.27 -1.43 44.85
CA GLU A 4 27.05 -0.91 45.98
C GLU A 4 28.13 -1.92 46.32
N ALA A 5 29.39 -1.52 46.13
CA ALA A 5 30.50 -2.45 46.30
C ALA A 5 30.74 -2.79 47.76
N LYS A 6 30.14 -2.05 48.68
CA LYS A 6 30.44 -2.23 50.10
C LYS A 6 29.97 -3.57 50.64
N GLN A 7 29.11 -4.28 49.90
CA GLN A 7 28.53 -5.53 50.35
C GLN A 7 28.80 -6.71 49.42
N THR A 8 29.61 -6.53 48.37
CA THR A 8 29.79 -7.58 47.39
C THR A 8 30.60 -8.73 47.95
N VAL A 9 30.39 -9.91 47.39
CA VAL A 9 31.10 -11.12 47.79
C VAL A 9 31.62 -11.83 46.56
N HIS A 10 32.56 -12.73 46.76
CA HIS A 10 33.13 -13.51 45.66
C HIS A 10 32.26 -14.73 45.38
N THR A 11 32.23 -15.15 44.12
CA THR A 11 31.51 -16.34 43.70
C THR A 11 32.29 -17.01 42.57
N GLY A 12 31.71 -18.08 42.05
CA GLY A 12 32.38 -18.83 41.00
C GLY A 12 32.49 -18.06 39.69
N ASN A 13 31.64 -17.06 39.51
CA ASN A 13 31.62 -16.28 38.29
C ASN A 13 32.52 -15.05 38.34
N THR A 14 33.17 -14.79 39.47
CA THR A 14 34.03 -13.64 39.64
C THR A 14 35.46 -14.03 39.98
N VAL A 15 35.87 -15.27 39.69
CA VAL A 15 37.17 -15.80 40.07
C VAL A 15 37.75 -16.55 38.89
N LEU A 16 39.08 -16.49 38.76
CA LEU A 16 39.83 -17.25 37.77
C LEU A 16 40.97 -17.97 38.46
N LEU A 17 41.25 -19.19 37.99
CA LEU A 17 42.36 -19.98 38.48
C LEU A 17 43.42 -20.03 37.39
N MET A 18 44.61 -19.52 37.70
CA MET A 18 45.64 -19.29 36.69
C MET A 18 46.95 -19.94 37.12
N ILE A 19 47.61 -20.57 36.16
CA ILE A 19 48.92 -21.19 36.37
C ILE A 19 49.83 -20.72 35.25
N LYS A 20 50.96 -20.12 35.60
CA LYS A 20 51.95 -19.68 34.62
C LYS A 20 51.32 -18.75 33.59
N GLY A 21 50.33 -17.97 34.00
CA GLY A 21 49.57 -17.14 33.09
C GLY A 21 48.44 -17.85 32.38
N LYS A 22 48.53 -19.15 32.23
CA LYS A 22 47.50 -19.91 31.53
C LYS A 22 46.28 -20.10 32.42
N PRO A 23 45.08 -19.67 32.02
CA PRO A 23 43.88 -20.02 32.80
C PRO A 23 43.51 -21.48 32.58
N VAL A 24 43.51 -22.24 33.66
CA VAL A 24 43.12 -23.65 33.57
C VAL A 24 41.63 -23.73 33.24
N GLY A 25 41.28 -24.59 32.29
CA GLY A 25 39.92 -24.61 31.79
C GLY A 25 39.08 -25.67 32.49
N ARG A 26 37.79 -25.36 32.60
CA ARG A 26 36.80 -26.28 33.15
C ARG A 26 37.20 -26.75 34.55
N ALA A 27 37.79 -25.84 35.33
CA ALA A 27 38.10 -26.10 36.72
C ALA A 27 36.85 -25.92 37.55
N GLN A 28 36.62 -26.83 38.48
CA GLN A 28 35.36 -26.91 39.20
C GLN A 28 35.45 -26.36 40.62
N SER A 29 36.43 -26.80 41.39
CA SER A 29 36.51 -26.41 42.79
C SER A 29 37.96 -26.43 43.26
N ALA A 30 38.22 -25.73 44.35
CA ALA A 30 39.51 -25.73 45.00
C ALA A 30 39.34 -25.39 46.47
N SER A 31 40.12 -26.05 47.31
CA SER A 31 40.07 -25.86 48.75
C SER A 31 41.48 -25.63 49.28
N GLY A 32 41.60 -24.75 50.27
CA GLY A 32 42.88 -24.44 50.87
C GLY A 32 42.86 -24.63 52.38
N GLN A 33 43.92 -25.24 52.89
CA GLN A 33 44.04 -25.56 54.31
C GLN A 33 45.36 -25.03 54.84
N ARG A 34 45.33 -24.56 56.09
CA ARG A 34 46.54 -24.10 56.77
C ARG A 34 46.46 -24.48 58.24
N GLU A 35 47.56 -24.97 58.77
CA GLU A 35 47.65 -25.40 60.17
C GLU A 35 48.87 -24.76 60.80
N TYR A 36 48.64 -23.92 61.81
CA TYR A 36 49.73 -23.30 62.56
C TYR A 36 50.21 -24.16 63.71
N GLY A 37 49.52 -25.25 64.03
CA GLY A 37 49.95 -26.13 65.09
C GLY A 37 50.03 -25.48 66.44
N THR A 38 49.05 -24.64 66.78
CA THR A 38 49.05 -23.98 68.07
C THR A 38 49.00 -25.01 69.19
N THR A 39 49.76 -24.75 70.24
CA THR A 39 49.79 -25.59 71.43
C THR A 39 49.83 -24.70 72.66
N GLY A 40 49.20 -25.16 73.73
CA GLY A 40 49.16 -24.42 74.96
C GLY A 40 50.29 -24.81 75.90
N VAL A 41 50.50 -23.96 76.90
CA VAL A 41 51.50 -24.19 77.94
C VAL A 41 50.76 -24.29 79.26
N TYR A 42 50.94 -25.41 79.95
CA TYR A 42 50.25 -25.69 81.20
C TYR A 42 51.26 -25.76 82.34
N GLU A 43 51.09 -24.89 83.32
CA GLU A 43 51.89 -24.95 84.53
C GLU A 43 51.32 -25.97 85.51
N ILE A 44 52.06 -26.20 86.58
CA ILE A 44 51.59 -27.09 87.63
C ILE A 44 50.41 -26.46 88.36
N GLY A 45 50.52 -25.18 88.71
CA GLY A 45 49.50 -24.52 89.48
C GLY A 45 48.40 -23.87 88.66
N SER A 46 47.97 -24.54 87.59
CA SER A 46 46.89 -24.00 86.77
C SER A 46 46.39 -25.08 85.82
N ILE A 47 45.08 -25.27 85.79
CA ILE A 47 44.47 -26.07 84.73
C ILE A 47 44.36 -25.29 83.43
N MET A 48 44.30 -23.96 83.52
CA MET A 48 44.12 -23.14 82.34
C MET A 48 45.42 -23.06 81.55
N PRO A 49 45.35 -22.92 80.23
CA PRO A 49 46.58 -22.70 79.45
C PRO A 49 47.04 -21.26 79.62
N GLN A 50 48.26 -21.11 80.12
CA GLN A 50 48.78 -19.77 80.37
C GLN A 50 48.96 -19.00 79.07
N GLU A 51 49.35 -19.68 78.00
CA GLU A 51 49.53 -19.02 76.72
C GLU A 51 49.59 -20.06 75.61
N HIS A 52 49.40 -19.59 74.38
CA HIS A 52 49.50 -20.41 73.18
C HIS A 52 50.70 -19.97 72.35
N VAL A 53 51.27 -20.90 71.60
CA VAL A 53 52.45 -20.64 70.79
C VAL A 53 52.32 -21.36 69.46
N TYR A 54 52.78 -20.69 68.39
CA TYR A 54 52.83 -21.30 67.08
C TYR A 54 54.08 -22.15 66.93
N LEU A 55 53.93 -23.30 66.28
CA LEU A 55 55.01 -24.28 66.21
C LEU A 55 55.31 -24.78 64.80
N ARG A 56 54.30 -24.96 63.94
CA ARG A 56 54.52 -25.68 62.69
C ARG A 56 53.48 -25.23 61.68
N TYR A 57 53.94 -24.97 60.46
CA TYR A 57 53.08 -24.46 59.38
C TYR A 57 52.94 -25.55 58.33
N GLU A 58 51.73 -26.09 58.19
CA GLU A 58 51.41 -27.06 57.17
C GLU A 58 50.22 -26.55 56.37
N GLY A 59 50.33 -26.65 55.05
CA GLY A 59 49.30 -26.14 54.17
C GLY A 59 49.20 -26.95 52.90
N THR A 60 47.96 -27.21 52.48
CA THR A 60 47.68 -27.96 51.27
C THR A 60 46.57 -27.27 50.51
N ILE A 61 46.59 -27.43 49.20
CA ILE A 61 45.53 -26.93 48.32
C ILE A 61 45.14 -28.03 47.37
N THR A 62 43.84 -28.19 47.16
CA THR A 62 43.28 -29.19 46.27
C THR A 62 42.62 -28.50 45.09
N VAL A 63 42.61 -29.17 43.95
CA VAL A 63 41.98 -28.66 42.74
C VAL A 63 41.21 -29.81 42.08
N GLU A 64 39.98 -29.53 41.70
CA GLU A 64 39.12 -30.47 40.98
C GLU A 64 38.90 -29.94 39.57
N ARG A 65 38.98 -30.83 38.59
CA ARG A 65 38.91 -30.43 37.20
C ARG A 65 38.25 -31.51 36.38
N LEU A 66 37.69 -31.11 35.25
CA LEU A 66 37.15 -32.03 34.25
C LEU A 66 38.20 -32.22 33.17
N ARG A 67 38.56 -33.47 32.89
CA ARG A 67 39.68 -33.74 32.00
C ARG A 67 39.32 -33.34 30.58
N MET A 68 39.84 -32.20 30.14
CA MET A 68 39.73 -31.82 28.74
C MET A 68 40.58 -32.76 27.89
N LYS A 69 40.17 -32.94 26.64
CA LYS A 69 40.93 -33.81 25.75
C LYS A 69 42.32 -33.25 25.49
N LYS A 70 42.49 -31.94 25.64
CA LYS A 70 43.78 -31.28 25.49
C LYS A 70 44.06 -30.45 26.73
N GLU A 71 45.35 -30.23 27.00
CA GLU A 71 45.79 -29.37 28.08
C GLU A 71 45.37 -29.89 29.45
N ASN A 72 45.24 -31.22 29.57
CA ASN A 72 45.06 -31.80 30.89
C ASN A 72 46.35 -31.62 31.71
N PHE A 73 46.23 -31.82 33.02
CA PHE A 73 47.36 -31.59 33.91
C PHE A 73 48.55 -32.45 33.54
N ALA A 74 48.32 -33.65 33.00
CA ALA A 74 49.42 -34.49 32.56
C ALA A 74 50.07 -33.93 31.29
N ASP A 75 49.25 -33.51 30.34
CA ASP A 75 49.78 -32.96 29.09
C ASP A 75 50.48 -31.63 29.33
N LEU A 76 49.97 -30.81 30.26
CA LEU A 76 50.58 -29.52 30.52
C LEU A 76 51.95 -29.64 31.17
N GLY A 77 52.30 -30.81 31.70
CA GLY A 77 53.55 -30.97 32.40
C GLY A 77 53.52 -30.55 33.85
N TYR A 78 52.39 -30.03 34.33
CA TYR A 78 52.30 -29.60 35.72
C TYR A 78 52.28 -30.80 36.65
N ALA A 79 51.52 -31.83 36.29
CA ALA A 79 51.47 -33.05 37.07
C ALA A 79 52.57 -33.99 36.57
N SER A 80 52.53 -35.24 37.04
CA SER A 80 53.48 -36.25 36.57
C SER A 80 52.89 -37.63 36.86
N LEU A 81 53.41 -38.62 36.16
CA LEU A 81 52.91 -39.98 36.22
C LEU A 81 53.99 -40.99 36.58
N GLY A 82 55.22 -40.56 36.81
CA GLY A 82 56.30 -41.46 37.15
C GLY A 82 57.55 -40.73 37.59
N GLU A 83 58.70 -41.22 37.14
CA GLU A 83 59.97 -40.59 37.51
C GLU A 83 60.14 -39.23 36.86
N GLU A 84 59.27 -38.87 35.91
CA GLU A 84 59.30 -37.55 35.30
C GLU A 84 59.07 -36.46 36.35
N ILE A 85 58.44 -36.84 37.47
CA ILE A 85 58.15 -35.89 38.53
C ILE A 85 59.43 -35.27 39.06
N LEU A 86 60.50 -36.06 39.16
CA LEU A 86 61.74 -35.57 39.77
C LEU A 86 62.31 -34.38 39.04
N LYS A 87 61.99 -34.23 37.75
CA LYS A 87 62.46 -33.11 36.97
C LYS A 87 61.47 -31.96 36.91
N LYS A 88 60.35 -32.05 37.65
CA LYS A 88 59.36 -30.99 37.66
C LYS A 88 59.71 -30.00 38.75
N ASP A 89 59.82 -28.73 38.38
CA ASP A 89 60.14 -27.68 39.34
C ASP A 89 58.86 -27.18 40.02
N ILE A 90 59.04 -26.27 40.96
CA ILE A 90 57.91 -25.73 41.69
C ILE A 90 57.07 -24.84 40.77
N ILE A 91 55.84 -24.56 41.21
CA ILE A 91 54.93 -23.68 40.49
C ILE A 91 54.23 -22.78 41.49
N ASP A 92 53.61 -21.73 40.96
CA ASP A 92 52.79 -20.80 41.75
C ASP A 92 51.39 -20.80 41.18
N ILE A 93 50.41 -21.03 42.05
CA ILE A 93 49.01 -21.09 41.66
C ILE A 93 48.33 -19.83 42.13
N LEU A 94 47.72 -19.09 41.21
CA LEU A 94 47.15 -17.78 41.48
C LEU A 94 45.64 -17.82 41.32
N VAL A 95 44.94 -17.21 42.28
CA VAL A 95 43.51 -16.95 42.19
C VAL A 95 43.35 -15.45 41.95
N VAL A 96 42.81 -15.10 40.79
CA VAL A 96 42.78 -13.71 40.34
C VAL A 96 41.34 -13.33 40.03
N ASP A 97 41.03 -12.06 40.25
CA ASP A 97 39.68 -11.53 40.11
C ASP A 97 39.32 -11.41 38.63
N ASN A 98 38.13 -11.90 38.28
CA ASN A 98 37.66 -11.79 36.90
C ASN A 98 37.47 -10.33 36.50
N LEU A 99 36.92 -9.52 37.40
CA LEU A 99 36.60 -8.14 37.06
C LEU A 99 37.87 -7.33 36.79
N THR A 100 38.72 -7.18 37.80
CA THR A 100 39.85 -6.28 37.73
C THR A 100 41.15 -6.94 37.30
N LYS A 101 41.20 -8.27 37.31
CA LYS A 101 42.43 -9.03 37.12
C LYS A 101 43.42 -8.79 38.26
N GLN A 102 42.95 -8.23 39.38
CA GLN A 102 43.76 -8.15 40.57
C GLN A 102 43.81 -9.51 41.27
N VAL A 103 44.83 -9.68 42.08
CA VAL A 103 45.06 -10.94 42.77
C VAL A 103 44.29 -10.96 44.07
N ILE A 104 43.78 -12.14 44.42
CA ILE A 104 43.05 -12.37 45.65
C ILE A 104 43.89 -13.16 46.64
N ILE A 105 44.57 -14.20 46.14
CA ILE A 105 45.49 -14.99 46.95
C ILE A 105 46.36 -15.80 46.00
N SER A 106 47.64 -15.91 46.35
CA SER A 106 48.60 -16.66 45.55
C SER A 106 49.36 -17.63 46.46
N TYR A 107 49.61 -18.82 45.95
CA TYR A 107 50.36 -19.85 46.67
C TYR A 107 51.72 -19.99 46.00
N HIS A 108 52.78 -19.89 46.80
CA HIS A 108 54.15 -19.90 46.30
C HIS A 108 54.81 -21.24 46.60
N GLY A 109 55.63 -21.71 45.68
CA GLY A 109 56.35 -22.96 45.87
C GLY A 109 55.44 -24.16 46.01
N CYS A 110 54.41 -24.22 45.18
CA CYS A 110 53.49 -25.36 45.22
C CYS A 110 54.19 -26.61 44.73
N SER A 111 53.94 -27.72 45.41
CA SER A 111 54.46 -29.02 45.02
C SER A 111 53.35 -30.06 45.13
N ALA A 112 53.35 -31.01 44.22
CA ALA A 112 52.28 -31.99 44.11
C ALA A 112 52.42 -33.07 45.17
N ASN A 113 51.28 -33.49 45.72
CA ASN A 113 51.23 -34.47 46.79
C ASN A 113 50.64 -35.79 46.32
N ASN A 114 49.43 -35.76 45.75
CA ASN A 114 48.80 -36.97 45.22
C ASN A 114 47.96 -36.59 44.02
N TYR A 115 47.66 -37.60 43.19
CA TYR A 115 46.95 -37.40 41.94
C TYR A 115 45.83 -38.44 41.84
N ASN A 116 44.64 -37.98 41.52
CA ASN A 116 43.47 -38.84 41.44
C ASN A 116 42.70 -38.54 40.17
N GLU A 117 42.30 -39.60 39.47
CA GLU A 117 41.48 -39.50 38.27
C GLU A 117 40.44 -40.60 38.31
N THR A 118 39.22 -40.27 37.87
CA THR A 118 38.09 -41.20 37.92
C THR A 118 37.51 -41.35 36.53
N TRP A 119 37.44 -42.58 36.04
CA TRP A 119 36.77 -42.92 34.80
C TRP A 119 35.43 -43.56 35.15
N GLN A 120 34.34 -42.93 34.69
CA GLN A 120 33.00 -43.38 35.03
C GLN A 120 32.14 -43.39 33.77
N THR A 121 31.10 -44.21 33.81
CA THR A 121 30.31 -44.46 32.61
C THR A 121 29.26 -43.38 32.38
N ASN A 122 28.58 -42.96 33.44
CA ASN A 122 27.43 -42.08 33.33
C ASN A 122 27.73 -40.61 33.57
N GLU A 123 28.99 -40.25 33.80
CA GLU A 123 29.35 -38.90 34.18
C GLU A 123 30.63 -38.49 33.48
N ILE A 124 30.84 -37.18 33.40
CA ILE A 124 32.02 -36.65 32.76
C ILE A 124 33.25 -37.00 33.59
N VAL A 125 34.38 -37.22 32.91
CA VAL A 125 35.60 -37.59 33.59
C VAL A 125 36.06 -36.42 34.46
N THR A 126 36.54 -36.74 35.66
CA THR A 126 37.08 -35.76 36.58
C THR A 126 38.43 -36.22 37.10
N GLU A 127 39.27 -35.26 37.47
CA GLU A 127 40.55 -35.52 38.09
C GLU A 127 40.77 -34.53 39.20
N GLU A 128 41.49 -34.97 40.23
CA GLU A 128 41.76 -34.17 41.41
C GLU A 128 43.24 -34.20 41.71
N ILE A 129 43.79 -33.04 42.08
CA ILE A 129 45.19 -32.92 42.47
C ILE A 129 45.26 -32.19 43.80
N GLU A 130 46.18 -32.61 44.65
CA GLU A 130 46.44 -31.98 45.94
C GLU A 130 47.89 -31.56 45.97
N PHE A 131 48.13 -30.28 46.24
CA PHE A 131 49.47 -29.72 46.29
C PHE A 131 49.84 -29.35 47.71
N SER A 132 51.15 -29.33 47.99
CA SER A 132 51.70 -28.79 49.21
C SER A 132 52.59 -27.61 48.87
N TYR A 133 52.36 -26.48 49.53
CA TYR A 133 53.03 -25.23 49.20
C TYR A 133 53.88 -24.77 50.36
N LEU A 134 54.89 -23.95 50.03
CA LEU A 134 55.78 -23.41 51.06
C LEU A 134 55.10 -22.28 51.82
N THR A 135 54.62 -21.27 51.09
CA THR A 135 54.02 -20.10 51.70
C THR A 135 52.87 -19.61 50.85
N ALA A 136 51.94 -18.89 51.49
CA ALA A 136 50.86 -18.22 50.83
C ALA A 136 51.06 -16.71 50.92
N SER A 137 50.43 -15.98 50.01
CA SER A 137 50.57 -14.53 49.97
C SER A 137 49.30 -13.90 49.44
N ASP A 138 48.96 -12.73 49.99
CA ASP A 138 47.85 -11.92 49.53
C ASP A 138 48.31 -10.51 49.22
N LYS A 139 49.50 -10.38 48.65
CA LYS A 139 50.05 -9.07 48.34
C LYS A 139 49.51 -8.58 47.00
N ALA A 140 50.04 -7.44 46.55
CA ALA A 140 49.65 -6.84 45.27
C ALA A 140 48.16 -6.49 45.27
N ARG A 141 47.73 -5.77 46.30
CA ARG A 141 46.35 -5.39 46.47
C ARG A 141 46.23 -3.87 46.39
N THR A 142 45.37 -3.39 45.49
CA THR A 142 45.12 -1.97 45.26
C THR A 142 46.37 -1.09 45.37
N ALA B 2 81.12 -20.42 22.80
CA ALA B 2 82.47 -20.74 22.38
C ALA B 2 82.55 -22.17 21.86
N VAL B 3 83.76 -22.59 21.49
CA VAL B 3 84.00 -23.90 20.90
C VAL B 3 84.93 -24.69 21.83
N GLU B 4 84.49 -25.87 22.23
CA GLU B 4 85.40 -26.82 22.87
C GLU B 4 86.19 -27.52 21.76
N PRO B 5 87.45 -27.15 21.51
CA PRO B 5 88.06 -27.49 20.21
C PRO B 5 88.27 -28.97 19.95
N PHE B 6 88.77 -29.71 20.93
CA PHE B 6 89.34 -31.04 20.68
C PHE B 6 88.38 -32.16 21.04
N PRO B 7 87.91 -32.97 20.10
CA PRO B 7 87.16 -34.18 20.44
C PRO B 7 88.10 -35.35 20.73
N ARG B 8 87.51 -36.53 20.90
CA ARG B 8 88.26 -37.71 21.31
C ARG B 8 89.30 -38.11 20.28
N ARG B 9 90.40 -38.66 20.77
CA ARG B 9 91.31 -39.42 19.90
C ARG B 9 90.76 -40.83 19.71
N PRO B 10 90.60 -41.30 18.47
CA PRO B 10 90.26 -42.72 18.29
C PRO B 10 91.35 -43.61 18.87
N ILE B 11 90.92 -44.72 19.47
CA ILE B 11 91.83 -45.66 20.11
C ILE B 11 91.76 -46.99 19.39
N THR B 12 92.76 -47.84 19.65
CA THR B 12 92.94 -49.10 18.93
C THR B 12 92.78 -50.33 19.81
N ARG B 13 93.28 -50.29 21.03
CA ARG B 13 93.40 -51.47 21.87
C ARG B 13 93.00 -51.13 23.29
N PRO B 14 92.44 -52.09 24.04
CA PRO B 14 92.23 -51.86 25.48
C PRO B 14 93.49 -52.17 26.26
N HIS B 15 94.02 -51.15 26.96
CA HIS B 15 95.28 -51.32 27.66
C HIS B 15 95.40 -50.25 28.73
N ALA B 16 96.29 -50.51 29.69
CA ALA B 16 96.67 -49.54 30.70
C ALA B 16 98.18 -49.29 30.58
N SER B 17 98.55 -48.03 30.42
CA SER B 17 99.93 -47.63 30.25
C SER B 17 100.28 -46.58 31.30
N ILE B 18 101.50 -46.69 31.83
CA ILE B 18 101.98 -45.81 32.89
C ILE B 18 103.40 -45.41 32.56
N GLU B 19 103.70 -44.11 32.67
CA GLU B 19 104.99 -43.57 32.25
C GLU B 19 105.40 -42.46 33.22
N VAL B 20 106.61 -42.56 33.77
CA VAL B 20 107.11 -41.53 34.65
C VAL B 20 107.28 -40.24 33.88
N ASP B 21 107.21 -39.11 34.59
CA ASP B 21 107.38 -37.80 33.97
C ASP B 21 107.76 -36.79 35.04
N THR B 22 108.34 -35.68 34.58
CA THR B 22 108.67 -34.59 35.49
C THR B 22 107.44 -33.78 35.87
N SER B 23 106.43 -33.76 35.02
CA SER B 23 105.26 -32.92 35.20
C SER B 23 104.00 -33.74 34.99
N GLY B 24 102.90 -33.27 35.58
CA GLY B 24 101.62 -33.92 35.50
C GLY B 24 100.62 -33.15 34.65
N ILE B 25 99.35 -33.52 34.80
CA ILE B 25 98.29 -32.93 34.01
C ILE B 25 97.90 -31.53 34.49
N GLY B 26 98.32 -31.16 35.70
CA GLY B 26 98.08 -29.81 36.17
C GLY B 26 96.69 -29.61 36.74
N GLY B 27 96.22 -28.36 36.64
CA GLY B 27 94.97 -27.98 37.26
C GLY B 27 93.75 -28.43 36.49
N SER B 28 92.59 -28.06 37.02
CA SER B 28 91.30 -28.43 36.44
C SER B 28 90.26 -27.39 36.80
N ALA B 29 89.34 -27.15 35.89
CA ALA B 29 88.27 -26.19 36.14
C ALA B 29 87.25 -26.76 37.12
N GLY B 30 86.92 -25.97 38.14
CA GLY B 30 85.93 -26.39 39.11
C GLY B 30 84.55 -25.90 38.76
N SER B 31 83.57 -26.43 39.50
CA SER B 31 82.18 -26.01 39.32
C SER B 31 82.05 -24.52 39.63
N SER B 32 81.29 -23.81 38.80
CA SER B 32 81.19 -22.37 38.92
C SER B 32 79.86 -21.88 38.36
N GLU B 33 79.35 -20.82 38.97
CA GLU B 33 78.16 -20.15 38.44
C GLU B 33 78.49 -19.39 37.16
N LYS B 34 79.72 -18.89 37.05
CA LYS B 34 80.08 -17.92 36.02
C LYS B 34 81.28 -18.43 35.23
N VAL B 35 81.70 -17.63 34.25
CA VAL B 35 82.78 -17.97 33.35
C VAL B 35 83.78 -16.82 33.34
N PHE B 36 85.04 -17.14 33.06
CA PHE B 36 86.14 -16.19 33.12
C PHE B 36 86.75 -16.07 31.72
N CYS B 37 86.81 -14.85 31.20
CA CYS B 37 87.34 -14.57 29.88
C CYS B 37 88.74 -13.98 29.98
N LEU B 38 89.63 -14.42 29.09
CA LEU B 38 91.00 -13.93 29.06
C LEU B 38 91.46 -13.75 27.62
N ILE B 39 92.32 -12.76 27.42
CA ILE B 39 92.99 -12.51 26.15
C ILE B 39 94.45 -12.20 26.43
N GLY B 40 95.35 -12.74 25.61
CA GLY B 40 96.76 -12.51 25.82
C GLY B 40 97.59 -13.15 24.75
N GLN B 41 98.89 -12.81 24.75
CA GLN B 41 99.85 -13.47 23.89
C GLN B 41 99.85 -14.96 24.16
N ALA B 42 99.77 -15.76 23.09
CA ALA B 42 99.64 -17.20 23.25
C ALA B 42 99.97 -17.89 21.94
N GLU B 43 100.87 -18.87 21.99
CA GLU B 43 101.20 -19.66 20.82
C GLU B 43 100.20 -20.81 20.67
N GLY B 44 99.80 -21.06 19.43
CA GLY B 44 98.84 -22.10 19.13
C GLY B 44 97.41 -21.59 19.14
N GLY B 45 96.54 -22.36 18.51
CA GLY B 45 95.13 -22.01 18.41
C GLY B 45 94.84 -21.09 17.24
N GLU B 46 93.56 -20.93 16.92
CA GLU B 46 93.16 -20.11 15.79
C GLU B 46 93.02 -18.65 16.21
N PRO B 47 93.61 -17.70 15.49
CA PRO B 47 93.43 -16.29 15.86
C PRO B 47 91.99 -15.85 15.62
N ASN B 48 91.57 -14.85 16.40
CA ASN B 48 90.21 -14.32 16.31
C ASN B 48 89.17 -15.41 16.51
N THR B 49 89.49 -16.41 17.33
CA THR B 49 88.56 -17.46 17.70
C THR B 49 88.67 -17.70 19.20
N VAL B 50 87.53 -17.91 19.84
CA VAL B 50 87.47 -18.07 21.29
C VAL B 50 87.29 -19.55 21.58
N TYR B 51 88.11 -20.08 22.49
CA TYR B 51 88.09 -21.49 22.87
C TYR B 51 87.70 -21.61 24.34
N GLU B 52 86.88 -22.61 24.64
CA GLU B 52 86.49 -22.92 26.01
C GLU B 52 87.39 -24.04 26.54
N LEU B 53 87.87 -23.86 27.77
CA LEU B 53 88.79 -24.81 28.39
C LEU B 53 88.19 -25.29 29.70
N ARG B 54 88.16 -26.60 29.88
CA ARG B 54 87.72 -27.23 31.13
C ARG B 54 88.87 -27.77 31.95
N ASN B 55 90.03 -28.01 31.33
CA ASN B 55 91.17 -28.60 31.99
C ASN B 55 92.45 -27.95 31.48
N TYR B 56 93.49 -27.99 32.32
CA TYR B 56 94.77 -27.45 31.92
C TYR B 56 95.38 -28.26 30.78
N SER B 57 95.00 -29.54 30.66
CA SER B 57 95.51 -30.37 29.58
C SER B 57 95.12 -29.80 28.23
N GLN B 58 93.86 -29.40 28.09
CA GLN B 58 93.40 -28.80 26.83
C GLN B 58 94.15 -27.51 26.55
N ALA B 59 94.42 -26.72 27.60
CA ALA B 59 95.14 -25.46 27.43
C ALA B 59 96.55 -25.73 26.90
N LYS B 60 97.23 -26.73 27.47
CA LYS B 60 98.55 -27.10 26.95
C LYS B 60 98.43 -27.62 25.53
N ARG B 61 97.41 -28.43 25.27
CA ARG B 61 97.29 -29.10 23.98
C ARG B 61 97.02 -28.11 22.85
N LEU B 62 96.35 -27.01 23.14
CA LEU B 62 95.90 -26.06 22.12
C LEU B 62 96.61 -24.71 22.25
N PHE B 63 96.51 -24.05 23.40
CA PHE B 63 97.34 -22.88 23.71
C PHE B 63 98.70 -23.35 24.18
N ARG B 64 99.55 -23.70 23.20
CA ARG B 64 100.73 -24.51 23.45
C ARG B 64 101.70 -23.84 24.40
N SER B 65 101.79 -22.51 24.35
CA SER B 65 102.67 -21.79 25.28
C SER B 65 102.32 -20.31 25.26
N GLY B 66 102.78 -19.61 26.28
CA GLY B 66 102.58 -18.18 26.40
C GLY B 66 102.17 -17.78 27.81
N GLU B 67 102.22 -16.46 28.04
CA GLU B 67 101.81 -15.94 29.34
C GLU B 67 100.35 -16.24 29.62
N LEU B 68 99.54 -16.36 28.57
CA LEU B 68 98.14 -16.73 28.74
C LEU B 68 98.03 -18.07 29.47
N LEU B 69 98.80 -19.06 29.03
CA LEU B 69 98.74 -20.37 29.68
C LEU B 69 99.19 -20.28 31.13
N ASP B 70 100.14 -19.40 31.43
CA ASP B 70 100.53 -19.17 32.82
C ASP B 70 99.37 -18.56 33.60
N ALA B 71 98.61 -17.69 32.96
CA ALA B 71 97.48 -17.05 33.63
C ALA B 71 96.43 -18.10 34.03
N ILE B 72 96.18 -19.07 33.15
CA ILE B 72 95.23 -20.13 33.47
C ILE B 72 95.70 -20.90 34.69
N GLU B 73 97.01 -21.16 34.77
CA GLU B 73 97.56 -21.86 35.93
C GLU B 73 97.31 -21.06 37.20
N LEU B 74 97.48 -19.75 37.14
CA LEU B 74 97.18 -18.90 38.29
C LEU B 74 95.71 -18.98 38.66
N ALA B 75 94.83 -19.03 37.66
CA ALA B 75 93.40 -19.04 37.92
C ALA B 75 92.99 -20.26 38.73
N TRP B 76 93.49 -21.44 38.34
CA TRP B 76 93.09 -22.67 39.00
C TRP B 76 94.02 -23.02 40.16
N GLY B 77 95.25 -22.50 40.15
CA GLY B 77 96.21 -22.86 41.19
C GLY B 77 96.28 -21.87 42.32
N SER B 78 95.62 -20.72 42.19
CA SER B 78 95.71 -19.68 43.22
C SER B 78 95.17 -20.17 44.55
N ASN B 79 94.03 -20.86 44.55
CA ASN B 79 93.45 -21.38 45.78
C ASN B 79 92.66 -22.65 45.47
N PRO B 80 93.00 -23.81 46.06
CA PRO B 80 92.20 -25.01 45.79
C PRO B 80 90.76 -24.88 46.26
N ASN B 81 90.52 -24.12 47.33
CA ASN B 81 89.16 -23.95 47.83
C ASN B 81 88.34 -23.06 46.91
N TYR B 82 88.94 -21.98 46.45
CA TYR B 82 88.30 -21.02 45.54
C TYR B 82 88.82 -21.17 44.12
N THR B 83 89.03 -22.40 43.67
CA THR B 83 89.53 -22.66 42.33
C THR B 83 88.64 -21.98 41.29
N ALA B 84 89.28 -21.38 40.29
CA ALA B 84 88.54 -20.63 39.28
C ALA B 84 87.69 -21.57 38.43
N GLY B 85 86.62 -21.03 37.87
CA GLY B 85 85.70 -21.81 37.07
C GLY B 85 86.15 -22.01 35.65
N ARG B 86 85.19 -22.11 34.73
CA ARG B 86 85.50 -22.35 33.33
C ARG B 86 86.12 -21.12 32.70
N ILE B 87 86.74 -21.32 31.54
CA ILE B 87 87.61 -20.33 30.91
C ILE B 87 87.21 -20.15 29.46
N LEU B 88 87.28 -18.91 28.98
CA LEU B 88 87.20 -18.59 27.56
C LEU B 88 88.46 -17.80 27.19
N ALA B 89 89.14 -18.25 26.13
CA ALA B 89 90.45 -17.74 25.77
C ALA B 89 90.51 -17.43 24.29
N MET B 90 91.19 -16.35 23.95
CA MET B 90 91.46 -15.99 22.57
C MET B 90 92.82 -15.30 22.51
N ARG B 91 93.66 -15.74 21.58
CA ARG B 91 95.02 -15.25 21.45
C ARG B 91 95.00 -13.92 20.70
N ILE B 92 95.77 -12.95 21.21
CA ILE B 92 95.84 -11.64 20.56
C ILE B 92 96.56 -11.75 19.21
N GLU B 93 97.61 -12.56 19.15
CA GLU B 93 98.44 -12.60 17.95
C GLU B 93 97.68 -13.21 16.79
N ASP B 94 97.77 -12.56 15.63
CA ASP B 94 97.13 -13.04 14.41
C ASP B 94 98.14 -13.88 13.63
N ALA B 95 98.34 -15.10 14.12
CA ALA B 95 99.32 -15.99 13.52
C ALA B 95 98.87 -16.45 12.14
N LYS B 96 99.81 -17.01 11.39
CA LYS B 96 99.58 -17.48 10.03
C LYS B 96 99.91 -18.96 9.93
N PRO B 97 99.34 -19.66 8.95
CA PRO B 97 99.73 -21.06 8.73
C PRO B 97 100.99 -21.14 7.88
N ALA B 98 101.65 -22.30 7.97
CA ALA B 98 102.76 -22.63 7.09
C ALA B 98 102.26 -23.52 5.96
N SER B 99 102.90 -23.40 4.80
CA SER B 99 102.43 -24.08 3.60
C SER B 99 103.59 -24.72 2.86
N ALA B 100 103.29 -25.84 2.20
CA ALA B 100 104.22 -26.52 1.31
C ALA B 100 103.46 -26.97 0.08
N GLU B 101 104.07 -26.76 -1.10
CA GLU B 101 103.43 -27.10 -2.38
C GLU B 101 104.44 -27.87 -3.21
N ILE B 102 104.45 -29.20 -3.03
CA ILE B 102 105.40 -30.07 -3.71
C ILE B 102 104.68 -31.35 -4.11
N GLY B 103 105.07 -31.90 -5.26
CA GLY B 103 104.55 -33.20 -5.68
C GLY B 103 103.06 -33.21 -5.93
N GLY B 104 102.55 -32.21 -6.63
CA GLY B 104 101.13 -32.15 -6.95
C GLY B 104 100.22 -31.92 -5.78
N LEU B 105 100.74 -31.58 -4.61
CA LEU B 105 99.96 -31.40 -3.40
C LEU B 105 100.31 -30.08 -2.73
N LYS B 106 99.28 -29.35 -2.33
CA LYS B 106 99.41 -28.15 -1.50
C LYS B 106 99.14 -28.56 -0.06
N ILE B 107 100.15 -28.41 0.79
CA ILE B 107 100.14 -28.92 2.15
C ILE B 107 100.20 -27.74 3.09
N THR B 108 99.28 -27.68 4.04
CA THR B 108 99.16 -26.55 4.96
C THR B 108 99.01 -27.08 6.38
N SER B 109 99.30 -26.20 7.34
CA SER B 109 99.38 -26.57 8.75
C SER B 109 98.09 -26.22 9.47
N LYS B 110 97.57 -27.17 10.24
CA LYS B 110 96.51 -26.87 11.19
C LYS B 110 96.99 -25.95 12.30
N ILE B 111 98.30 -25.85 12.49
CA ILE B 111 98.90 -25.02 13.53
C ILE B 111 99.17 -23.63 12.95
N TYR B 112 99.01 -22.60 13.78
CA TYR B 112 99.19 -21.22 13.38
C TYR B 112 100.28 -20.59 14.24
N GLY B 113 101.33 -20.11 13.61
CA GLY B 113 102.41 -19.45 14.32
C GLY B 113 103.74 -19.79 13.69
N ASN B 114 104.80 -19.26 14.31
CA ASN B 114 106.15 -19.54 13.85
C ASN B 114 106.52 -21.00 14.01
N VAL B 115 105.84 -21.74 14.89
CA VAL B 115 106.12 -23.16 15.06
C VAL B 115 105.80 -23.92 13.78
N ALA B 116 104.84 -23.42 13.01
CA ALA B 116 104.31 -24.18 11.88
C ALA B 116 105.38 -24.49 10.83
N ASN B 117 106.46 -23.71 10.77
CA ASN B 117 107.50 -23.98 9.79
C ASN B 117 108.33 -25.21 10.13
N ASN B 118 108.21 -25.73 11.35
CA ASN B 118 108.93 -26.94 11.76
C ASN B 118 108.20 -28.23 11.42
N ILE B 119 107.21 -28.17 10.52
CA ILE B 119 106.44 -29.33 10.10
C ILE B 119 107.02 -29.84 8.79
N GLN B 120 107.27 -31.15 8.71
CA GLN B 120 107.83 -31.78 7.53
C GLN B 120 106.92 -32.90 7.06
N VAL B 121 106.62 -32.90 5.77
CA VAL B 121 105.75 -33.90 5.15
C VAL B 121 106.36 -34.29 3.80
N GLY B 122 106.26 -35.57 3.48
CA GLY B 122 106.80 -36.07 2.22
C GLY B 122 106.08 -37.32 1.78
N LEU B 123 106.12 -37.57 0.48
CA LEU B 123 105.55 -38.76 -0.12
C LEU B 123 106.68 -39.65 -0.64
N GLU B 124 106.39 -40.96 -0.70
CA GLU B 124 107.35 -41.94 -1.19
C GLU B 124 106.63 -42.93 -2.09
N LYS B 125 107.38 -43.53 -3.00
CA LYS B 125 106.85 -44.48 -3.96
C LYS B 125 107.03 -45.89 -3.40
N ASN B 126 105.93 -46.64 -3.34
CA ASN B 126 105.95 -48.02 -2.88
C ASN B 126 105.99 -48.93 -4.11
N THR B 127 107.20 -49.39 -4.44
CA THR B 127 107.36 -50.22 -5.63
C THR B 127 106.67 -51.57 -5.48
N LEU B 128 106.40 -51.99 -4.24
CA LEU B 128 105.88 -53.34 -4.00
C LEU B 128 104.45 -53.52 -4.50
N SER B 129 103.65 -52.45 -4.54
CA SER B 129 102.25 -52.58 -4.92
C SER B 129 101.79 -51.49 -5.88
N ASP B 130 102.73 -50.81 -6.54
CA ASP B 130 102.41 -49.71 -7.45
C ASP B 130 101.55 -48.66 -6.75
N SER B 131 102.08 -48.13 -5.66
CA SER B 131 101.33 -47.24 -4.79
C SER B 131 102.27 -46.19 -4.21
N LEU B 132 101.68 -45.11 -3.71
CA LEU B 132 102.41 -44.04 -3.06
C LEU B 132 102.34 -44.20 -1.55
N ARG B 133 103.32 -43.62 -0.87
CA ARG B 133 103.47 -43.74 0.57
C ARG B 133 103.68 -42.35 1.16
N LEU B 134 103.18 -42.15 2.38
CA LEU B 134 103.20 -40.85 3.03
C LEU B 134 103.82 -40.98 4.43
N ARG B 135 104.60 -39.96 4.81
CA ARG B 135 105.07 -39.83 6.18
C ARG B 135 104.91 -38.38 6.62
N VAL B 136 104.42 -38.19 7.84
CA VAL B 136 104.26 -36.88 8.44
C VAL B 136 105.00 -36.88 9.77
N ILE B 137 105.92 -35.93 9.94
CA ILE B 137 106.68 -35.77 11.18
C ILE B 137 106.55 -34.31 11.61
N PHE B 138 106.06 -34.11 12.84
CA PHE B 138 106.07 -32.79 13.47
C PHE B 138 107.12 -32.85 14.57
N GLN B 139 108.31 -32.33 14.28
CA GLN B 139 109.48 -32.62 15.10
C GLN B 139 109.37 -32.04 16.51
N ASP B 140 108.81 -30.84 16.65
CA ASP B 140 108.74 -30.22 17.98
C ASP B 140 107.92 -31.06 18.94
N ASP B 141 106.77 -31.56 18.50
CA ASP B 141 105.96 -32.46 19.31
C ASP B 141 106.34 -33.92 19.11
N ARG B 142 107.32 -34.22 18.26
CA ARG B 142 107.81 -35.57 17.94
C ARG B 142 106.70 -36.48 17.45
N PHE B 143 105.76 -35.93 16.70
CA PHE B 143 104.59 -36.67 16.22
C PHE B 143 104.90 -37.23 14.83
N ASN B 144 104.97 -38.56 14.74
CA ASN B 144 105.33 -39.24 13.50
C ASN B 144 104.13 -40.05 13.02
N GLU B 145 103.79 -39.90 11.74
CA GLU B 145 102.69 -40.61 11.12
C GLU B 145 103.15 -41.19 9.79
N VAL B 146 102.60 -42.35 9.43
CA VAL B 146 102.94 -43.03 8.18
C VAL B 146 101.68 -43.64 7.59
N TYR B 147 101.52 -43.50 6.28
CA TYR B 147 100.48 -44.18 5.51
C TYR B 147 101.12 -44.90 4.33
N ASP B 148 100.59 -46.06 3.99
CA ASP B 148 101.14 -46.90 2.95
C ASP B 148 100.02 -47.45 2.07
N ASN B 149 100.42 -47.89 0.87
CA ASN B 149 99.46 -48.38 -0.14
C ASN B 149 98.40 -47.35 -0.45
N ILE B 150 98.80 -46.08 -0.55
CA ILE B 150 97.84 -45.00 -0.68
C ILE B 150 97.36 -44.92 -2.13
N GLY B 151 96.04 -45.01 -2.32
CA GLY B 151 95.42 -44.81 -3.61
C GLY B 151 94.81 -46.05 -4.22
N ASN B 152 95.37 -47.24 -3.94
CA ASN B 152 94.96 -48.47 -4.59
C ASN B 152 93.81 -49.10 -3.82
N ILE B 153 92.68 -49.28 -4.49
CA ILE B 153 91.46 -49.76 -3.84
C ILE B 153 91.28 -51.25 -4.10
N PHE B 154 91.15 -51.63 -5.36
CA PHE B 154 90.88 -53.01 -5.71
C PHE B 154 91.48 -53.34 -7.07
N THR B 155 91.65 -54.64 -7.32
CA THR B 155 92.25 -55.13 -8.55
C THR B 155 91.23 -55.90 -9.37
N ILE B 156 91.32 -55.76 -10.69
CA ILE B 156 90.42 -56.42 -11.63
C ILE B 156 91.22 -57.39 -12.49
N LYS B 157 90.71 -58.61 -12.64
CA LYS B 157 91.22 -59.57 -13.60
C LYS B 157 90.08 -60.05 -14.50
N TYR B 158 90.36 -60.15 -15.78
CA TYR B 158 89.45 -60.76 -16.75
C TYR B 158 89.94 -62.18 -17.02
N LYS B 159 89.06 -63.15 -16.85
CA LYS B 159 89.46 -64.56 -16.83
C LYS B 159 89.23 -65.28 -18.15
N GLY B 160 88.57 -64.67 -19.12
CA GLY B 160 88.21 -65.36 -20.33
C GLY B 160 89.40 -65.54 -21.27
N GLU B 161 89.15 -66.30 -22.34
CA GLU B 161 90.18 -66.62 -23.32
C GLU B 161 90.29 -65.58 -24.43
N GLU B 162 89.45 -64.54 -24.41
CA GLU B 162 89.42 -63.60 -25.51
C GLU B 162 90.72 -62.81 -25.58
N ALA B 163 91.00 -62.26 -26.76
CA ALA B 163 92.32 -61.72 -27.05
C ALA B 163 92.68 -60.57 -26.13
N ASN B 164 91.80 -59.57 -26.01
CA ASN B 164 92.12 -58.34 -25.30
C ASN B 164 90.95 -57.89 -24.45
N ALA B 165 91.27 -57.47 -23.22
CA ALA B 165 90.32 -56.84 -22.32
C ALA B 165 90.91 -55.51 -21.87
N THR B 166 90.15 -54.43 -22.01
CA THR B 166 90.65 -53.08 -21.79
C THR B 166 89.81 -52.37 -20.74
N PHE B 167 90.48 -51.63 -19.86
CA PHE B 167 89.84 -50.83 -18.82
C PHE B 167 90.09 -49.36 -19.10
N SER B 168 89.02 -48.56 -19.07
CA SER B 168 89.09 -47.16 -19.42
C SER B 168 88.31 -46.31 -18.43
N VAL B 169 88.81 -45.11 -18.18
CA VAL B 169 88.14 -44.11 -17.35
C VAL B 169 88.26 -42.76 -18.07
N GLU B 170 87.15 -42.04 -18.16
CA GLU B 170 87.10 -40.77 -18.88
C GLU B 170 87.25 -39.60 -17.92
N HIS B 171 87.51 -38.43 -18.48
CA HIS B 171 87.77 -37.22 -17.73
C HIS B 171 86.86 -36.09 -18.22
N ASP B 172 86.35 -35.31 -17.27
CA ASP B 172 85.54 -34.13 -17.56
C ASP B 172 86.40 -32.89 -17.32
N GLU B 173 86.60 -32.09 -18.36
CA GLU B 173 87.49 -30.94 -18.27
C GLU B 173 86.83 -29.70 -17.66
N GLU B 174 85.50 -29.60 -17.73
CA GLU B 174 84.78 -28.45 -17.16
C GLU B 174 84.98 -28.38 -15.65
N THR B 175 84.83 -29.51 -14.97
CA THR B 175 84.97 -29.58 -13.52
C THR B 175 86.22 -30.32 -13.07
N GLN B 176 87.01 -30.85 -14.01
CA GLN B 176 88.25 -31.59 -13.76
C GLN B 176 87.99 -32.98 -13.17
N LYS B 177 86.75 -33.43 -13.11
CA LYS B 177 86.44 -34.74 -12.57
C LYS B 177 86.71 -35.83 -13.61
N ALA B 178 86.80 -37.07 -13.13
CA ALA B 178 86.91 -38.26 -13.96
C ALA B 178 85.85 -39.23 -13.47
N SER B 179 84.71 -39.24 -14.16
CA SER B 179 83.52 -39.92 -13.65
C SER B 179 82.92 -40.94 -14.61
N ARG B 180 83.75 -41.81 -15.18
CA ARG B 180 83.26 -42.94 -15.95
C ARG B 180 84.25 -44.09 -15.81
N LEU B 181 83.72 -45.30 -15.96
CA LEU B 181 84.52 -46.52 -15.83
C LEU B 181 83.86 -47.60 -16.66
N VAL B 182 84.50 -48.00 -17.75
CA VAL B 182 83.92 -48.89 -18.74
C VAL B 182 84.86 -50.08 -18.92
N LEU B 183 84.29 -51.29 -18.93
CA LEU B 183 85.02 -52.51 -19.21
C LEU B 183 84.69 -52.96 -20.62
N LYS B 184 85.72 -53.12 -21.45
CA LYS B 184 85.57 -53.57 -22.83
C LYS B 184 86.50 -54.74 -23.09
N VAL B 185 86.00 -55.73 -23.84
CA VAL B 185 86.77 -56.91 -24.18
C VAL B 185 86.47 -57.25 -25.64
N GLY B 186 87.52 -57.29 -26.47
CA GLY B 186 87.37 -57.63 -27.87
C GLY B 186 86.47 -56.68 -28.63
N ASP B 187 86.61 -55.38 -28.37
CA ASP B 187 85.88 -54.25 -28.96
C ASP B 187 84.40 -54.29 -28.62
N GLN B 188 84.01 -55.08 -27.62
CA GLN B 188 82.62 -55.17 -27.16
C GLN B 188 82.56 -54.79 -25.69
N GLU B 189 81.50 -54.07 -25.33
CA GLU B 189 81.34 -53.49 -24.00
C GLU B 189 80.31 -54.27 -23.21
N VAL B 190 80.52 -54.38 -21.90
CA VAL B 190 79.62 -55.12 -21.04
C VAL B 190 78.75 -54.12 -20.25
N LYS B 191 79.38 -53.15 -19.61
CA LYS B 191 78.73 -52.15 -18.78
C LYS B 191 79.61 -50.92 -18.67
N SER B 192 78.99 -49.79 -18.35
CA SER B 192 79.68 -48.53 -18.11
C SER B 192 79.08 -47.87 -16.87
N TYR B 193 79.94 -47.46 -15.95
CA TYR B 193 79.51 -46.90 -14.67
C TYR B 193 79.88 -45.43 -14.62
N ASP B 194 78.87 -44.57 -14.69
CA ASP B 194 79.09 -43.15 -14.46
C ASP B 194 79.32 -42.94 -12.97
N LEU B 195 80.43 -42.28 -12.62
CA LEU B 195 80.79 -42.06 -11.23
C LEU B 195 80.28 -40.73 -10.70
N THR B 196 79.14 -40.26 -11.22
CA THR B 196 78.54 -39.00 -10.81
C THR B 196 77.30 -39.24 -9.95
N GLY B 197 77.33 -40.28 -9.12
CA GLY B 197 76.22 -40.59 -8.26
C GLY B 197 75.12 -41.36 -8.99
N GLY B 198 74.09 -41.70 -8.23
CA GLY B 198 72.97 -42.44 -8.76
C GLY B 198 73.12 -43.95 -8.64
N ALA B 199 73.47 -44.60 -9.74
CA ALA B 199 73.53 -46.07 -9.77
C ALA B 199 74.78 -46.60 -9.09
N TYR B 200 75.91 -45.92 -9.27
CA TYR B 200 77.22 -46.39 -8.82
C TYR B 200 77.93 -45.33 -8.00
N ASP B 201 77.23 -44.77 -7.01
CA ASP B 201 77.81 -43.71 -6.20
C ASP B 201 79.07 -44.17 -5.47
N TYR B 202 79.04 -45.39 -4.93
CA TYR B 202 80.18 -45.95 -4.20
C TYR B 202 80.89 -47.01 -5.05
N THR B 203 82.19 -47.18 -4.77
CA THR B 203 82.94 -48.25 -5.42
C THR B 203 82.45 -49.62 -4.96
N ASN B 204 81.76 -49.69 -3.83
CA ASN B 204 81.25 -50.96 -3.33
C ASN B 204 80.28 -51.57 -4.33
N ALA B 205 79.37 -50.75 -4.88
CA ALA B 205 78.42 -51.26 -5.86
C ALA B 205 79.12 -51.68 -7.14
N ILE B 206 80.15 -50.94 -7.55
CA ILE B 206 80.89 -51.30 -8.76
C ILE B 206 81.57 -52.65 -8.58
N ILE B 207 82.18 -52.88 -7.42
CA ILE B 207 82.81 -54.17 -7.16
C ILE B 207 81.76 -55.27 -7.20
N THR B 208 80.60 -55.02 -6.60
CA THR B 208 79.50 -55.97 -6.68
C THR B 208 79.05 -56.17 -8.12
N ASP B 209 78.97 -55.08 -8.89
CA ASP B 209 78.55 -55.18 -10.28
C ASP B 209 79.56 -55.97 -11.11
N ILE B 210 80.85 -55.67 -10.95
CA ILE B 210 81.87 -56.35 -11.75
C ILE B 210 81.97 -57.81 -11.36
N ASN B 211 81.85 -58.11 -10.07
CA ASN B 211 81.97 -59.50 -9.61
C ASN B 211 80.84 -60.35 -10.20
N GLN B 212 79.66 -59.78 -10.38
CA GLN B 212 78.55 -60.52 -10.98
C GLN B 212 78.90 -60.97 -12.40
N LEU B 213 79.71 -60.21 -13.11
CA LEU B 213 80.11 -60.58 -14.45
C LEU B 213 80.88 -61.91 -14.40
N PRO B 214 80.45 -62.94 -15.13
CA PRO B 214 81.09 -64.26 -14.95
C PRO B 214 82.55 -64.28 -15.37
N ASP B 215 83.00 -63.34 -16.19
CA ASP B 215 84.36 -63.33 -16.72
C ASP B 215 85.29 -62.36 -15.99
N PHE B 216 84.84 -61.75 -14.89
CA PHE B 216 85.63 -60.74 -14.20
C PHE B 216 85.53 -60.95 -12.69
N GLU B 217 86.54 -60.45 -11.98
CA GLU B 217 86.55 -60.45 -10.53
C GLU B 217 87.27 -59.20 -10.03
N ALA B 218 86.58 -58.44 -9.19
CA ALA B 218 87.15 -57.27 -8.52
C ALA B 218 87.37 -57.62 -7.06
N LYS B 219 88.61 -57.52 -6.59
CA LYS B 219 89.01 -58.00 -5.28
C LYS B 219 89.58 -56.86 -4.44
N LEU B 220 89.15 -56.82 -3.18
CA LEU B 220 89.38 -55.69 -2.29
C LEU B 220 90.79 -55.72 -1.72
N SER B 221 91.45 -54.57 -1.70
CA SER B 221 92.78 -54.46 -1.11
C SER B 221 92.66 -54.40 0.41
N PRO B 222 93.36 -55.27 1.15
CA PRO B 222 93.20 -55.26 2.62
C PRO B 222 93.99 -54.18 3.33
N PHE B 223 94.85 -53.44 2.63
CA PHE B 223 95.72 -52.45 3.26
C PHE B 223 94.99 -51.10 3.33
N GLY B 224 94.21 -50.96 4.39
CA GLY B 224 93.49 -49.71 4.63
C GLY B 224 92.08 -49.76 4.09
N ASP B 225 91.15 -49.26 4.91
CA ASP B 225 89.76 -49.17 4.49
C ASP B 225 89.61 -48.25 3.29
N LYS B 226 89.07 -48.80 2.19
CA LYS B 226 88.88 -48.04 0.96
C LYS B 226 87.50 -48.38 0.40
N ASN B 227 86.50 -47.61 0.84
CA ASN B 227 85.14 -47.65 0.34
C ASN B 227 84.76 -46.28 -0.19
N LEU B 228 85.69 -45.67 -0.91
CA LEU B 228 85.53 -44.28 -1.34
C LEU B 228 84.38 -44.15 -2.32
N GLU B 229 83.82 -42.94 -2.40
CA GLU B 229 82.80 -42.67 -3.39
C GLU B 229 83.38 -42.80 -4.79
N SER B 230 82.53 -43.15 -5.76
CA SER B 230 83.01 -43.49 -7.09
C SER B 230 83.66 -42.29 -7.77
N SER B 231 83.17 -41.09 -7.49
CA SER B 231 83.65 -39.91 -8.22
C SER B 231 85.12 -39.64 -7.97
N LYS B 232 85.71 -40.25 -6.93
CA LYS B 232 87.08 -39.99 -6.55
C LYS B 232 88.09 -40.88 -7.26
N LEU B 233 87.64 -41.77 -8.15
CA LEU B 233 88.56 -42.61 -8.89
C LEU B 233 89.39 -41.75 -9.85
N ASP B 234 90.60 -42.24 -10.15
CA ASP B 234 91.58 -41.47 -10.90
C ASP B 234 91.42 -41.68 -12.39
N LYS B 235 92.04 -40.80 -13.17
CA LYS B 235 92.09 -40.91 -14.63
C LYS B 235 92.85 -42.15 -15.06
N ILE B 236 92.18 -43.04 -15.78
CA ILE B 236 92.75 -44.29 -16.26
C ILE B 236 92.38 -44.45 -17.72
N GLU B 237 93.36 -44.85 -18.55
CA GLU B 237 93.18 -44.93 -20.00
C GLU B 237 93.76 -46.25 -20.51
N ASN B 238 92.87 -47.16 -20.90
CA ASN B 238 93.19 -48.38 -21.64
C ASN B 238 94.19 -49.26 -20.88
N ALA B 239 93.76 -49.76 -19.73
CA ALA B 239 94.53 -50.72 -18.96
C ALA B 239 94.09 -52.14 -19.29
N ASN B 240 95.07 -52.99 -19.57
CA ASN B 240 94.82 -54.35 -20.06
C ASN B 240 94.34 -55.22 -18.90
N ILE B 241 93.06 -55.60 -18.93
CA ILE B 241 92.46 -56.33 -17.84
C ILE B 241 92.91 -57.79 -17.83
N LYS B 242 93.25 -58.35 -18.99
CA LYS B 242 93.70 -59.74 -19.02
C LYS B 242 95.05 -59.94 -18.35
N ASP B 243 95.77 -58.86 -18.05
CA ASP B 243 97.09 -58.98 -17.46
C ASP B 243 96.99 -59.47 -16.01
N LYS B 244 98.15 -59.54 -15.35
CA LYS B 244 98.22 -60.10 -14.01
C LYS B 244 97.35 -59.32 -13.03
N ALA B 245 97.39 -57.99 -13.09
CA ALA B 245 96.63 -57.18 -12.15
C ALA B 245 96.46 -55.78 -12.71
N VAL B 246 95.21 -55.30 -12.71
CA VAL B 246 94.88 -53.92 -13.08
C VAL B 246 94.35 -53.23 -11.82
N TYR B 247 95.00 -52.14 -11.43
CA TYR B 247 94.64 -51.43 -10.22
C TYR B 247 93.67 -50.30 -10.53
N VAL B 248 92.68 -50.13 -9.66
CA VAL B 248 91.76 -49.00 -9.70
C VAL B 248 92.18 -48.02 -8.61
N LYS B 249 92.42 -46.77 -9.00
CA LYS B 249 93.16 -45.83 -8.17
C LYS B 249 92.33 -44.59 -7.86
N ALA B 250 92.37 -44.19 -6.59
CA ALA B 250 91.91 -42.89 -6.13
C ALA B 250 93.00 -42.36 -5.20
N VAL B 251 94.00 -41.71 -5.80
CA VAL B 251 95.16 -41.27 -5.03
C VAL B 251 94.77 -40.18 -4.05
N PHE B 252 94.04 -39.17 -4.52
CA PHE B 252 93.59 -38.10 -3.62
C PHE B 252 92.49 -38.58 -2.69
N GLY B 253 91.59 -39.44 -3.20
CA GLY B 253 90.51 -39.93 -2.36
C GLY B 253 91.01 -40.70 -1.15
N ASP B 254 91.95 -41.61 -1.37
CA ASP B 254 92.57 -42.31 -0.25
C ASP B 254 93.33 -41.35 0.65
N LEU B 255 94.04 -40.39 0.07
CA LEU B 255 94.71 -39.37 0.86
C LEU B 255 93.70 -38.53 1.63
N GLU B 256 92.59 -38.18 0.98
CA GLU B 256 91.62 -37.28 1.59
C GLU B 256 91.04 -37.87 2.87
N LYS B 257 90.71 -39.16 2.83
CA LYS B 257 90.13 -39.81 4.00
C LYS B 257 91.15 -39.95 5.11
N GLN B 258 92.27 -40.63 4.81
CA GLN B 258 93.25 -40.94 5.85
C GLN B 258 93.87 -39.67 6.43
N THR B 259 94.25 -38.73 5.56
CA THR B 259 94.94 -37.54 6.04
C THR B 259 94.04 -36.64 6.88
N ALA B 260 92.72 -36.82 6.81
CA ALA B 260 91.83 -36.06 7.69
C ALA B 260 92.09 -36.39 9.15
N TYR B 261 92.60 -37.59 9.43
CA TYR B 261 92.86 -38.01 10.79
C TYR B 261 94.24 -37.62 11.29
N ASN B 262 95.11 -37.12 10.41
CA ASN B 262 96.39 -36.60 10.86
C ASN B 262 96.17 -35.36 11.72
N GLY B 263 96.96 -35.24 12.79
CA GLY B 263 96.76 -34.16 13.74
C GLY B 263 97.48 -32.87 13.40
N ILE B 264 98.17 -32.83 12.27
CA ILE B 264 99.07 -31.71 11.95
C ILE B 264 98.80 -31.10 10.58
N VAL B 265 98.22 -31.82 9.64
CA VAL B 265 98.33 -31.49 8.22
C VAL B 265 96.96 -31.49 7.56
N SER B 266 96.82 -30.64 6.55
CA SER B 266 95.73 -30.71 5.59
C SER B 266 96.32 -30.78 4.18
N PHE B 267 95.59 -31.44 3.27
CA PHE B 267 96.06 -31.70 1.92
C PHE B 267 95.15 -31.04 0.91
N GLU B 268 95.74 -30.45 -0.12
CA GLU B 268 95.01 -29.94 -1.27
C GLU B 268 95.69 -30.42 -2.55
N GLN B 269 94.89 -30.63 -3.58
CA GLN B 269 95.37 -31.14 -4.86
C GLN B 269 95.72 -29.95 -5.75
N LEU B 270 96.98 -29.85 -6.15
CA LEU B 270 97.45 -28.68 -6.88
C LEU B 270 96.82 -28.62 -8.26
N ASN B 271 96.14 -27.51 -8.54
CA ASN B 271 95.76 -27.16 -9.90
C ASN B 271 96.92 -26.40 -10.55
N ALA B 272 97.24 -26.77 -11.79
CA ALA B 272 98.43 -26.23 -12.43
C ALA B 272 98.33 -24.72 -12.57
N GLU B 273 99.47 -24.05 -12.49
CA GLU B 273 99.56 -22.60 -12.58
C GLU B 273 100.64 -22.18 -13.56
N THR B 294 91.36 -22.20 -17.07
CA THR B 294 91.30 -23.63 -16.81
C THR B 294 92.66 -24.31 -16.98
N SER B 295 93.21 -24.78 -15.86
CA SER B 295 94.49 -25.48 -15.85
C SER B 295 94.33 -26.91 -15.36
N PRO B 296 94.91 -27.92 -16.02
CA PRO B 296 94.74 -29.30 -15.55
C PRO B 296 95.39 -29.53 -14.20
N ILE B 297 95.22 -30.75 -13.69
CA ILE B 297 95.72 -31.11 -12.37
C ILE B 297 97.21 -31.42 -12.46
N LYS B 298 97.99 -30.83 -11.55
CA LYS B 298 99.38 -31.22 -11.39
C LYS B 298 99.42 -32.58 -10.70
N THR B 299 100.10 -33.54 -11.32
CA THR B 299 100.06 -34.92 -10.86
C THR B 299 100.61 -35.04 -9.45
N ILE B 300 99.90 -35.80 -8.61
CA ILE B 300 100.38 -36.10 -7.27
C ILE B 300 101.47 -37.16 -7.39
N GLU B 301 102.66 -36.84 -6.91
CA GLU B 301 103.82 -37.68 -7.13
C GLU B 301 104.67 -37.67 -5.86
N PRO B 302 105.53 -38.67 -5.68
CA PRO B 302 106.41 -38.68 -4.50
C PRO B 302 107.36 -37.51 -4.49
N PHE B 303 107.69 -37.04 -3.29
CA PHE B 303 108.57 -35.90 -3.13
C PHE B 303 109.25 -35.98 -1.77
N GLU B 304 110.35 -35.25 -1.63
CA GLU B 304 111.15 -35.31 -0.42
C GLU B 304 110.37 -34.74 0.77
N LEU B 305 110.62 -35.29 1.95
CA LEU B 305 110.06 -34.74 3.18
C LEU B 305 110.59 -33.33 3.36
N THR B 306 109.72 -32.33 3.22
CA THR B 306 110.13 -30.93 3.10
C THR B 306 109.40 -30.09 4.13
N LYS B 307 110.09 -29.06 4.63
CA LYS B 307 109.52 -28.18 5.62
C LYS B 307 108.38 -27.36 5.02
N LEU B 308 107.34 -27.14 5.84
CA LEU B 308 106.35 -26.12 5.52
C LEU B 308 106.93 -24.74 5.80
N LYS B 309 106.41 -23.73 5.13
CA LYS B 309 106.96 -22.39 5.20
C LYS B 309 105.85 -21.36 5.14
N GLY B 310 106.16 -20.16 5.65
CA GLY B 310 105.22 -19.06 5.67
C GLY B 310 104.42 -18.92 6.95
N GLY B 311 104.58 -19.83 7.91
CA GLY B 311 103.85 -19.72 9.16
C GLY B 311 104.54 -18.75 10.10
N THR B 312 103.76 -17.77 10.58
CA THR B 312 104.30 -16.72 11.45
C THR B 312 103.24 -16.33 12.47
N ASN B 313 103.67 -15.52 13.45
CA ASN B 313 102.77 -15.02 14.48
C ASN B 313 102.09 -13.71 14.09
N GLY B 314 102.53 -13.07 13.01
CA GLY B 314 101.94 -11.79 12.65
C GLY B 314 102.26 -10.73 13.70
N GLU B 315 101.37 -9.75 13.80
CA GLU B 315 101.49 -8.68 14.79
C GLU B 315 100.15 -8.47 15.49
N PRO B 316 100.17 -7.98 16.72
CA PRO B 316 98.91 -7.70 17.40
C PRO B 316 98.24 -6.47 16.81
N PRO B 317 96.91 -6.39 16.87
CA PRO B 317 96.25 -5.19 16.36
C PRO B 317 96.46 -3.99 17.29
N ALA B 318 96.42 -2.81 16.68
CA ALA B 318 96.52 -1.58 17.47
C ALA B 318 95.31 -1.42 18.39
N THR B 319 94.16 -1.91 17.96
CA THR B 319 92.91 -1.83 18.72
C THR B 319 92.41 -3.24 18.99
N TRP B 320 91.95 -3.48 20.21
CA TRP B 320 91.42 -4.77 20.60
C TRP B 320 89.89 -4.80 20.62
N ALA B 321 89.25 -3.76 20.09
CA ALA B 321 87.79 -3.68 20.15
C ALA B 321 87.14 -4.83 19.41
N ASP B 322 87.66 -5.17 18.22
CA ASP B 322 87.09 -6.28 17.46
C ASP B 322 87.20 -7.58 18.23
N LYS B 323 88.31 -7.78 18.93
CA LYS B 323 88.48 -8.98 19.75
C LYS B 323 87.42 -9.03 20.85
N LEU B 324 87.22 -7.91 21.54
CA LEU B 324 86.26 -7.86 22.63
C LEU B 324 84.84 -8.08 22.12
N ASP B 325 84.52 -7.52 20.95
CA ASP B 325 83.19 -7.73 20.38
C ASP B 325 82.91 -9.20 20.12
N LYS B 326 83.98 -9.99 19.95
CA LYS B 326 83.81 -11.42 19.73
C LYS B 326 83.19 -12.13 20.94
N PHE B 327 83.37 -11.57 22.14
CA PHE B 327 82.87 -12.21 23.36
C PHE B 327 81.43 -11.86 23.68
N ALA B 328 80.81 -10.96 22.93
CA ALA B 328 79.42 -10.62 23.18
C ALA B 328 78.54 -11.86 23.06
N HIS B 329 77.57 -11.97 23.96
CA HIS B 329 76.67 -13.13 24.01
C HIS B 329 77.46 -14.41 24.29
N GLU B 330 78.21 -14.37 25.40
CA GLU B 330 78.93 -15.54 25.88
C GLU B 330 78.77 -15.76 27.38
N GLY B 331 78.29 -14.79 28.14
CA GLY B 331 77.99 -14.99 29.54
C GLY B 331 79.17 -14.87 30.48
N GLY B 332 80.37 -14.58 29.99
CA GLY B 332 81.51 -14.45 30.87
C GLY B 332 81.45 -13.16 31.67
N TYR B 333 81.13 -13.29 32.96
CA TYR B 333 80.97 -12.11 33.79
C TYR B 333 82.28 -11.36 33.96
N TYR B 334 83.38 -12.09 34.15
CA TYR B 334 84.68 -11.49 34.41
C TYR B 334 85.55 -11.59 33.16
N ILE B 335 86.18 -10.48 32.79
CA ILE B 335 87.10 -10.42 31.66
C ILE B 335 88.36 -9.71 32.12
N VAL B 336 89.52 -10.20 31.67
CA VAL B 336 90.81 -9.67 32.06
C VAL B 336 91.69 -9.54 30.83
N PRO B 337 92.10 -8.34 30.43
CA PRO B 337 93.11 -8.22 29.37
C PRO B 337 94.51 -8.25 29.96
N LEU B 338 95.36 -9.13 29.43
CA LEU B 338 96.73 -9.26 29.90
C LEU B 338 97.63 -8.19 29.26
N SER B 339 97.42 -6.96 29.70
CA SER B 339 98.16 -5.83 29.17
C SER B 339 98.11 -4.67 30.15
N SER B 340 99.01 -3.70 29.94
CA SER B 340 99.06 -2.49 30.74
C SER B 340 98.68 -1.23 29.97
N LYS B 341 98.38 -1.36 28.68
CA LYS B 341 98.13 -0.19 27.85
C LYS B 341 96.87 0.53 28.32
N GLN B 342 96.99 1.85 28.50
CA GLN B 342 95.85 2.63 28.97
C GLN B 342 94.72 2.63 27.94
N SER B 343 95.08 2.74 26.66
CA SER B 343 94.07 2.77 25.60
C SER B 343 93.30 1.45 25.56
N VAL B 344 94.01 0.34 25.73
CA VAL B 344 93.34 -0.97 25.75
C VAL B 344 92.34 -1.01 26.90
N HIS B 345 92.73 -0.48 28.05
CA HIS B 345 91.82 -0.45 29.20
C HIS B 345 90.57 0.35 28.88
N ALA B 346 90.72 1.45 28.15
CA ALA B 346 89.56 2.24 27.73
C ALA B 346 88.66 1.43 26.82
N GLU B 347 89.25 0.65 25.91
CA GLU B 347 88.45 -0.15 25.00
C GLU B 347 87.59 -1.15 25.75
N VAL B 348 88.18 -1.82 26.75
CA VAL B 348 87.41 -2.77 27.55
C VAL B 348 86.33 -2.06 28.34
N ALA B 349 86.67 -0.91 28.93
CA ALA B 349 85.68 -0.18 29.73
C ALA B 349 84.51 0.26 28.87
N SER B 350 84.80 0.75 27.66
CA SER B 350 83.72 1.10 26.74
C SER B 350 82.92 -0.13 26.35
N PHE B 351 83.61 -1.25 26.09
CA PHE B 351 82.95 -2.47 25.70
C PHE B 351 82.06 -2.99 26.83
N VAL B 352 82.59 -3.03 28.05
CA VAL B 352 81.81 -3.48 29.20
C VAL B 352 80.60 -2.58 29.40
N LYS B 353 80.79 -1.27 29.21
CA LYS B 353 79.68 -0.34 29.34
C LYS B 353 78.57 -0.68 28.34
N GLU B 354 78.97 -1.02 27.10
CA GLU B 354 77.99 -1.37 26.09
C GLU B 354 77.23 -2.63 26.45
N ARG B 355 77.94 -3.66 26.91
CA ARG B 355 77.29 -4.93 27.23
C ARG B 355 76.34 -4.78 28.41
N SER B 356 76.75 -4.01 29.43
CA SER B 356 75.91 -3.86 30.61
C SER B 356 74.57 -3.23 30.25
N ASP B 357 74.59 -2.19 29.42
CA ASP B 357 73.35 -1.59 28.97
C ASP B 357 72.58 -2.52 28.05
N ALA B 358 73.30 -3.31 27.24
CA ALA B 358 72.66 -4.23 26.32
C ALA B 358 71.93 -5.36 27.03
N GLY B 359 72.28 -5.65 28.27
CA GLY B 359 71.69 -6.74 29.03
C GLY B 359 72.64 -7.86 29.39
N GLU B 360 73.95 -7.65 29.27
CA GLU B 360 74.96 -8.66 29.60
C GLU B 360 75.96 -8.04 30.58
N PRO B 361 75.70 -8.07 31.88
CA PRO B 361 76.61 -7.43 32.83
C PRO B 361 77.97 -8.10 32.83
N MET B 362 79.00 -7.30 33.11
CA MET B 362 80.38 -7.79 33.15
C MET B 362 81.20 -6.91 34.09
N ARG B 363 82.33 -7.45 34.50
CA ARG B 363 83.31 -6.73 35.31
C ARG B 363 84.68 -6.96 34.70
N ALA B 364 85.50 -5.91 34.72
CA ALA B 364 86.86 -5.97 34.19
C ALA B 364 87.86 -5.70 35.31
N ILE B 365 88.94 -6.48 35.33
CA ILE B 365 90.00 -6.32 36.33
C ILE B 365 91.27 -5.97 35.56
N VAL B 366 91.95 -4.93 36.02
CA VAL B 366 93.07 -4.34 35.29
C VAL B 366 94.19 -4.01 36.27
N GLY B 367 95.43 -4.07 35.77
CA GLY B 367 96.60 -3.71 36.55
C GLY B 367 97.81 -3.67 35.64
N GLY B 368 98.64 -2.63 35.76
CA GLY B 368 99.68 -2.37 34.78
C GLY B 368 101.06 -2.16 35.38
N GLY B 369 102.07 -2.66 34.68
CA GLY B 369 103.46 -2.32 34.90
C GLY B 369 104.02 -2.93 36.17
N PHE B 370 105.29 -2.59 36.42
CA PHE B 370 106.02 -3.02 37.61
C PHE B 370 106.11 -1.86 38.59
N ASN B 371 105.81 -2.14 39.86
CA ASN B 371 106.04 -1.21 40.98
C ASN B 371 105.65 0.23 40.63
N GLU B 372 104.56 0.39 39.88
CA GLU B 372 104.19 1.70 39.37
C GLU B 372 103.90 2.67 40.50
N SER B 373 104.27 3.93 40.29
CA SER B 373 104.11 4.95 41.33
C SER B 373 102.64 5.16 41.66
N LYS B 374 102.37 5.42 42.95
CA LYS B 374 101.01 5.69 43.38
C LYS B 374 100.44 6.91 42.65
N GLU B 375 101.29 7.90 42.34
CA GLU B 375 100.83 9.03 41.55
C GLU B 375 100.41 8.58 40.16
N GLN B 376 101.19 7.69 39.54
CA GLN B 376 100.78 7.11 38.26
C GLN B 376 99.49 6.32 38.42
N LEU B 377 99.32 5.64 39.55
CA LEU B 377 98.06 4.97 39.84
C LEU B 377 96.92 5.99 39.89
N PHE B 378 97.16 7.12 40.56
CA PHE B 378 96.17 8.19 40.56
C PHE B 378 95.99 8.75 39.15
N GLY B 379 97.06 8.78 38.36
CA GLY B 379 96.91 9.18 36.97
C GLY B 379 95.98 8.29 36.20
N ARG B 380 96.11 6.98 36.41
CA ARG B 380 95.15 6.04 35.82
C ARG B 380 93.76 6.24 36.40
N GLN B 381 93.68 6.48 37.70
CA GLN B 381 92.39 6.76 38.33
C GLN B 381 91.76 8.03 37.77
N ALA B 382 92.58 9.08 37.61
CA ALA B 382 92.07 10.33 37.05
C ALA B 382 91.53 10.11 35.65
N SER B 383 92.28 9.37 34.83
CA SER B 383 91.83 9.08 33.47
C SER B 383 90.60 8.19 33.48
N LEU B 384 90.49 7.29 34.45
CA LEU B 384 89.48 6.23 34.42
C LEU B 384 88.82 6.14 35.80
N SER B 385 87.51 6.39 35.85
CA SER B 385 86.70 6.25 37.06
C SER B 385 85.38 5.61 36.62
N ASN B 386 85.29 4.29 36.81
CA ASN B 386 84.15 3.52 36.32
C ASN B 386 83.85 2.38 37.30
N PRO B 387 82.62 2.23 37.78
CA PRO B 387 82.33 1.12 38.70
C PRO B 387 82.50 -0.25 38.06
N ARG B 388 82.47 -0.33 36.74
CA ARG B 388 82.56 -1.63 36.05
C ARG B 388 83.99 -2.15 35.99
N VAL B 389 84.97 -1.42 36.52
CA VAL B 389 86.37 -1.82 36.45
C VAL B 389 87.04 -1.55 37.78
N SER B 390 88.04 -2.35 38.11
CA SER B 390 88.87 -2.17 39.29
C SER B 390 90.33 -2.23 38.87
N LEU B 391 91.16 -1.42 39.54
CA LEU B 391 92.56 -1.26 39.18
C LEU B 391 93.43 -1.80 40.29
N VAL B 392 94.30 -2.76 39.96
CA VAL B 392 95.19 -3.39 40.91
C VAL B 392 96.57 -2.76 40.76
N ALA B 393 97.26 -2.55 41.88
CA ALA B 393 98.47 -1.75 41.91
C ALA B 393 99.72 -2.59 42.11
N ASN B 394 99.59 -3.69 42.86
CA ASN B 394 100.75 -4.45 43.28
C ASN B 394 101.26 -5.35 42.15
N SER B 395 102.58 -5.52 42.11
CA SER B 395 103.23 -6.47 41.23
C SER B 395 104.12 -7.38 42.07
N GLY B 396 104.21 -8.64 41.68
CA GLY B 396 104.92 -9.63 42.48
C GLY B 396 105.37 -10.79 41.64
N THR B 397 105.78 -11.86 42.32
CA THR B 397 106.27 -13.07 41.69
C THR B 397 105.49 -14.27 42.19
N PHE B 398 105.35 -15.28 41.34
CA PHE B 398 104.59 -16.49 41.64
C PHE B 398 105.44 -17.72 41.38
N VAL B 399 105.36 -18.68 42.30
CA VAL B 399 105.93 -20.01 42.09
C VAL B 399 104.88 -20.88 41.43
N MET B 400 105.24 -21.52 40.33
CA MET B 400 104.29 -22.24 39.49
C MET B 400 104.75 -23.68 39.30
N ASP B 401 104.09 -24.39 38.39
CA ASP B 401 104.43 -25.78 38.13
C ASP B 401 105.89 -25.90 37.72
N ASP B 402 106.43 -27.11 37.90
CA ASP B 402 107.81 -27.45 37.59
C ASP B 402 108.82 -26.72 38.47
N GLY B 403 108.37 -26.03 39.50
CA GLY B 403 109.26 -25.33 40.41
C GLY B 403 109.72 -23.98 39.94
N ARG B 404 109.46 -23.61 38.69
CA ARG B 404 109.85 -22.29 38.20
C ARG B 404 109.03 -21.21 38.89
N LYS B 405 109.71 -20.14 39.29
CA LYS B 405 109.07 -18.96 39.87
C LYS B 405 109.27 -17.79 38.93
N ASN B 406 108.19 -17.10 38.59
CA ASN B 406 108.19 -16.06 37.57
C ASN B 406 107.82 -14.73 38.21
N HIS B 407 108.61 -13.69 37.93
CA HIS B 407 108.33 -12.34 38.37
C HIS B 407 107.56 -11.63 37.26
N VAL B 408 106.35 -11.16 37.57
CA VAL B 408 105.39 -10.80 36.53
C VAL B 408 104.73 -9.46 36.83
N PRO B 409 104.16 -8.80 35.82
CA PRO B 409 103.47 -7.53 36.07
C PRO B 409 102.18 -7.71 36.85
N ALA B 410 101.48 -6.58 37.01
CA ALA B 410 100.25 -6.58 37.80
C ALA B 410 99.13 -7.33 37.11
N TYR B 411 99.04 -7.25 35.79
CA TYR B 411 97.90 -7.88 35.11
C TYR B 411 97.89 -9.39 35.27
N MET B 412 99.04 -9.98 35.62
CA MET B 412 99.03 -11.38 36.04
C MET B 412 98.45 -11.53 37.43
N VAL B 413 98.73 -10.57 38.32
CA VAL B 413 98.07 -10.55 39.61
C VAL B 413 96.57 -10.35 39.41
N ALA B 414 96.19 -9.54 38.42
CA ALA B 414 94.78 -9.34 38.12
C ALA B 414 94.07 -10.65 37.83
N VAL B 415 94.78 -11.57 37.16
CA VAL B 415 94.19 -12.88 36.89
C VAL B 415 93.90 -13.62 38.20
N ALA B 416 94.84 -13.54 39.15
CA ALA B 416 94.63 -14.20 40.44
C ALA B 416 93.39 -13.65 41.13
N LEU B 417 93.22 -12.33 41.10
CA LEU B 417 92.00 -11.73 41.62
C LEU B 417 90.79 -12.21 40.84
N GLY B 418 90.91 -12.25 39.51
CA GLY B 418 89.81 -12.70 38.69
C GLY B 418 89.49 -14.18 38.91
N GLY B 419 90.53 -15.00 38.96
CA GLY B 419 90.31 -16.41 39.24
C GLY B 419 89.71 -16.64 40.61
N LEU B 420 90.18 -15.88 41.59
CA LEU B 420 89.59 -15.97 42.93
C LEU B 420 88.13 -15.57 42.91
N ALA B 421 87.83 -14.38 42.37
CA ALA B 421 86.45 -13.90 42.36
C ALA B 421 85.55 -14.84 41.59
N SER B 422 86.07 -15.52 40.58
CA SER B 422 85.27 -16.47 39.83
C SER B 422 84.84 -17.64 40.70
N GLY B 423 85.73 -18.12 41.57
CA GLY B 423 85.43 -19.23 42.43
C GLY B 423 84.51 -18.89 43.58
N LEU B 424 84.61 -17.66 44.09
CA LEU B 424 83.78 -17.26 45.22
C LEU B 424 82.32 -17.21 44.83
N GLU B 425 81.44 -17.44 45.80
CA GLU B 425 80.02 -17.34 45.56
C GLU B 425 79.62 -15.89 45.35
N ILE B 426 78.40 -15.70 44.86
CA ILE B 426 77.89 -14.38 44.51
C ILE B 426 77.82 -13.49 45.74
N GLY B 427 77.40 -14.07 46.87
CA GLY B 427 77.16 -13.29 48.07
C GLY B 427 78.39 -13.04 48.92
N GLU B 428 79.52 -13.64 48.58
CA GLU B 428 80.75 -13.53 49.36
C GLU B 428 81.76 -12.70 48.59
N SER B 429 82.33 -11.70 49.27
CA SER B 429 83.30 -10.82 48.64
C SER B 429 84.70 -11.43 48.69
N ILE B 430 85.57 -10.94 47.82
CA ILE B 430 86.98 -11.31 47.86
C ILE B 430 87.71 -10.60 48.99
N THR B 431 87.03 -9.72 49.72
CA THR B 431 87.65 -8.92 50.75
C THR B 431 88.37 -9.80 51.78
N PHE B 432 89.61 -9.45 52.07
CA PHE B 432 90.38 -10.00 53.18
C PHE B 432 90.85 -11.43 52.94
N LYS B 433 90.43 -12.05 51.84
CA LYS B 433 90.78 -13.44 51.61
C LYS B 433 92.28 -13.55 51.35
N PRO B 434 92.91 -14.68 51.69
CA PRO B 434 94.35 -14.80 51.49
C PRO B 434 94.69 -15.04 50.03
N LEU B 435 95.97 -14.89 49.72
CA LEU B 435 96.50 -15.13 48.39
C LEU B 435 97.84 -15.82 48.51
N ARG B 436 98.19 -16.61 47.48
CA ARG B 436 99.35 -17.48 47.55
C ARG B 436 100.62 -16.85 47.00
N VAL B 437 100.57 -15.59 46.56
CA VAL B 437 101.70 -15.01 45.83
C VAL B 437 102.95 -15.04 46.71
N SER B 438 104.06 -15.48 46.12
CA SER B 438 105.28 -15.70 46.89
C SER B 438 105.82 -14.40 47.48
N SER B 439 105.84 -13.32 46.71
CA SER B 439 106.37 -12.05 47.20
C SER B 439 105.88 -10.92 46.33
N LEU B 440 106.09 -9.70 46.82
CA LEU B 440 105.66 -8.48 46.16
C LEU B 440 106.84 -7.52 46.02
N ASP B 441 106.79 -6.69 44.98
CA ASP B 441 107.85 -5.72 44.75
C ASP B 441 107.95 -4.70 45.88
N GLN B 442 106.81 -4.18 46.34
CA GLN B 442 106.78 -3.14 47.35
C GLN B 442 105.82 -3.54 48.46
N ILE B 443 106.17 -3.17 49.69
CA ILE B 443 105.35 -3.45 50.86
C ILE B 443 104.78 -2.13 51.35
N TYR B 444 103.51 -1.87 51.01
CA TYR B 444 102.87 -0.61 51.35
C TYR B 444 102.67 -0.52 52.86
N GLU B 445 102.84 0.69 53.39
CA GLU B 445 102.58 0.94 54.80
C GLU B 445 101.08 1.07 55.05
N SER B 446 100.73 1.20 56.32
CA SER B 446 99.31 1.38 56.68
C SER B 446 98.74 2.65 56.04
N ILE B 447 99.49 3.75 56.11
CA ILE B 447 99.04 4.99 55.48
C ILE B 447 99.04 4.85 53.97
N ASP B 448 100.07 4.21 53.42
CA ASP B 448 100.14 3.99 51.98
C ASP B 448 98.92 3.21 51.50
N LEU B 449 98.55 2.17 52.23
CA LEU B 449 97.38 1.37 51.86
C LEU B 449 96.11 2.20 51.95
N ASP B 450 96.00 3.04 53.00
CA ASP B 450 94.79 3.83 53.18
C ASP B 450 94.59 4.79 52.01
N GLU B 451 95.66 5.42 51.54
CA GLU B 451 95.54 6.36 50.43
C GLU B 451 95.01 5.67 49.18
N LEU B 452 95.51 4.48 48.90
CA LEU B 452 95.06 3.73 47.72
C LEU B 452 93.59 3.38 47.84
N ASN B 453 93.21 2.77 48.97
CA ASN B 453 91.84 2.29 49.12
C ASN B 453 90.85 3.45 49.13
N GLU B 454 91.20 4.55 49.79
CA GLU B 454 90.31 5.71 49.81
C GLU B 454 90.14 6.30 48.41
N ASN B 455 91.14 6.14 47.55
CA ASN B 455 91.09 6.63 46.19
C ASN B 455 90.64 5.57 45.19
N GLY B 456 89.98 4.51 45.67
CA GLY B 456 89.46 3.51 44.77
C GLY B 456 90.52 2.63 44.12
N ILE B 457 91.55 2.26 44.88
CA ILE B 457 92.60 1.38 44.39
C ILE B 457 92.60 0.14 45.28
N ILE B 458 92.54 -1.03 44.65
CA ILE B 458 92.58 -2.28 45.38
C ILE B 458 94.03 -2.75 45.48
N SER B 459 94.42 -3.18 46.67
CA SER B 459 95.81 -3.51 46.94
C SER B 459 95.90 -4.80 47.73
N ILE B 460 97.13 -5.19 48.03
CA ILE B 460 97.43 -6.40 48.78
C ILE B 460 98.17 -6.01 50.05
N GLU B 461 97.86 -6.69 51.14
CA GLU B 461 98.43 -6.40 52.46
C GLU B 461 99.19 -7.61 52.96
N PHE B 462 100.28 -7.36 53.67
CA PHE B 462 101.13 -8.40 54.23
C PHE B 462 100.96 -8.43 55.75
N VAL B 463 100.89 -9.63 56.31
CA VAL B 463 100.89 -9.83 57.75
C VAL B 463 101.73 -11.05 58.07
N ARG B 464 102.17 -11.13 59.32
CA ARG B 464 103.06 -12.20 59.78
C ARG B 464 102.50 -12.77 61.07
N ASN B 465 102.37 -14.09 61.11
CA ASN B 465 102.01 -14.79 62.32
C ASN B 465 103.27 -15.09 63.12
N ARG B 466 103.15 -15.95 64.14
CA ARG B 466 104.32 -16.39 64.87
C ARG B 466 105.36 -16.98 63.93
N THR B 467 104.91 -17.86 63.04
CA THR B 467 105.79 -18.51 62.06
C THR B 467 105.12 -18.63 60.70
N ASN B 468 104.17 -17.75 60.39
CA ASN B 468 103.44 -17.81 59.13
C ASN B 468 103.32 -16.40 58.56
N THR B 469 103.11 -16.33 57.25
CA THR B 469 102.97 -15.07 56.53
C THR B 469 101.82 -15.18 55.55
N PHE B 470 101.05 -14.09 55.42
CA PHE B 470 99.91 -14.06 54.53
C PHE B 470 99.97 -12.82 53.64
N PHE B 471 99.42 -12.96 52.43
CA PHE B 471 99.10 -11.83 51.57
C PHE B 471 97.59 -11.78 51.41
N ARG B 472 96.99 -10.66 51.78
CA ARG B 472 95.55 -10.52 51.86
C ARG B 472 95.07 -9.38 50.97
N ILE B 473 93.84 -9.51 50.51
CA ILE B 473 93.18 -8.47 49.72
C ILE B 473 92.43 -7.58 50.70
N VAL B 474 92.86 -6.32 50.80
CA VAL B 474 92.37 -5.46 51.88
C VAL B 474 90.88 -5.23 51.76
N ASP B 475 90.39 -4.94 50.56
CA ASP B 475 88.97 -4.66 50.39
C ASP B 475 88.60 -4.66 48.92
N ASP B 476 87.29 -4.69 48.68
CA ASP B 476 86.72 -4.57 47.35
C ASP B 476 86.45 -3.09 47.06
N VAL B 477 87.07 -2.56 46.01
CA VAL B 477 86.83 -1.19 45.57
C VAL B 477 87.04 -1.13 44.06
N THR B 478 86.14 -0.41 43.38
CA THR B 478 86.31 -0.13 41.97
C THR B 478 86.98 1.22 41.78
N THR B 479 87.28 1.55 40.53
CA THR B 479 87.90 2.83 40.23
C THR B 479 87.00 3.98 40.63
N PHE B 480 85.68 3.75 40.61
CA PHE B 480 84.72 4.74 41.07
C PHE B 480 85.03 5.08 42.52
N ASN B 481 85.05 6.37 42.85
CA ASN B 481 85.64 6.81 44.10
C ASN B 481 84.58 6.97 45.20
N ASP B 482 83.38 7.43 44.83
CA ASP B 482 82.39 7.82 45.83
C ASP B 482 82.02 6.64 46.71
N LYS B 483 82.02 6.88 48.03
CA LYS B 483 81.60 5.89 49.01
C LYS B 483 80.10 5.92 49.27
N SER B 484 79.37 6.82 48.62
CA SER B 484 77.97 7.02 48.96
C SER B 484 77.13 5.78 48.65
N ASP B 485 77.42 5.10 47.54
CA ASP B 485 76.60 4.00 47.04
C ASP B 485 77.43 2.73 46.99
N PRO B 486 77.12 1.72 47.83
CA PRO B 486 77.94 0.50 47.81
C PRO B 486 77.98 -0.21 46.47
N VAL B 487 76.87 -0.21 45.72
CA VAL B 487 76.84 -0.92 44.44
C VAL B 487 77.89 -0.35 43.49
N LYS B 488 78.08 0.97 43.54
CA LYS B 488 79.09 1.59 42.67
C LYS B 488 80.49 1.24 43.15
N ALA B 489 80.70 1.24 44.46
CA ALA B 489 82.04 1.10 45.01
C ALA B 489 82.47 -0.37 45.07
N GLU B 490 81.68 -1.19 45.77
CA GLU B 490 82.03 -2.58 46.03
C GLU B 490 81.48 -3.44 44.90
N MET B 491 82.37 -4.05 44.13
CA MET B 491 81.94 -4.90 43.02
C MET B 491 81.17 -6.12 43.52
N ALA B 492 81.51 -6.61 44.71
CA ALA B 492 80.79 -7.75 45.26
C ALA B 492 79.32 -7.43 45.46
N VAL B 493 79.02 -6.25 46.01
CA VAL B 493 77.64 -5.82 46.17
C VAL B 493 76.98 -5.63 44.81
N GLY B 494 77.66 -4.90 43.92
CA GLY B 494 77.11 -4.70 42.59
C GLY B 494 76.93 -6.00 41.84
N GLU B 495 77.86 -6.93 42.03
CA GLU B 495 77.73 -8.24 41.40
C GLU B 495 76.49 -8.97 41.88
N ALA B 496 76.22 -8.89 43.18
CA ALA B 496 75.03 -9.53 43.73
C ALA B 496 73.76 -8.97 43.09
N ASN B 497 73.71 -7.64 42.94
CA ASN B 497 72.59 -7.03 42.24
C ASN B 497 72.54 -7.47 40.80
N ASP B 498 73.70 -7.56 40.16
CA ASP B 498 73.76 -7.89 38.73
C ASP B 498 73.17 -9.27 38.46
N PHE B 499 73.64 -10.28 39.20
CA PHE B 499 73.16 -11.63 38.97
C PHE B 499 71.70 -11.77 39.37
N LEU B 500 71.27 -11.04 40.40
CA LEU B 500 69.89 -11.08 40.84
C LEU B 500 68.95 -10.61 39.73
N VAL B 501 69.25 -9.44 39.16
CA VAL B 501 68.36 -8.86 38.16
C VAL B 501 68.43 -9.68 36.87
N SER B 502 69.63 -10.02 36.43
CA SER B 502 69.79 -10.72 35.16
C SER B 502 69.11 -12.08 35.19
N GLU B 503 69.28 -12.81 36.29
CA GLU B 503 68.63 -14.11 36.42
C GLU B 503 67.12 -13.97 36.48
N LEU B 504 66.66 -12.90 37.12
CA LEU B 504 65.23 -12.65 37.22
C LEU B 504 64.63 -12.36 35.84
N LYS B 505 65.23 -11.43 35.11
CA LYS B 505 64.65 -10.98 33.85
C LYS B 505 64.61 -12.11 32.83
N VAL B 506 65.70 -12.87 32.70
CA VAL B 506 65.73 -13.95 31.73
C VAL B 506 64.65 -14.97 32.06
N GLN B 507 64.45 -15.26 33.34
CA GLN B 507 63.35 -16.13 33.74
C GLN B 507 62.01 -15.51 33.38
N LEU B 508 61.89 -14.19 33.60
CA LEU B 508 60.63 -13.50 33.31
C LEU B 508 60.36 -13.49 31.81
N GLU B 509 61.41 -13.34 31.00
CA GLU B 509 61.23 -13.34 29.56
C GLU B 509 60.66 -14.68 29.09
N ASP B 510 61.16 -15.77 29.65
CA ASP B 510 60.71 -17.10 29.24
C ASP B 510 59.24 -17.30 29.55
N GLN B 511 58.80 -16.84 30.72
CA GLN B 511 57.46 -17.18 31.17
C GLN B 511 56.40 -16.43 30.38
N PHE B 512 56.63 -15.14 30.11
CA PHE B 512 55.62 -14.28 29.50
C PHE B 512 55.90 -13.98 28.04
N ILE B 513 57.11 -13.54 27.71
CA ILE B 513 57.45 -13.23 26.33
C ILE B 513 57.65 -14.52 25.53
N GLY B 514 58.64 -15.31 25.93
CA GLY B 514 58.97 -16.53 25.22
C GLY B 514 57.81 -17.51 25.16
N THR B 515 57.41 -18.03 26.31
CA THR B 515 56.26 -18.93 26.36
C THR B 515 54.99 -18.20 25.95
N ARG B 516 54.13 -18.90 25.22
CA ARG B 516 52.87 -18.31 24.76
C ARG B 516 51.98 -18.01 25.95
N THR B 517 51.81 -16.73 26.25
CA THR B 517 50.92 -16.27 27.31
C THR B 517 49.69 -15.63 26.68
N ILE B 518 48.51 -16.05 27.15
CA ILE B 518 47.28 -15.53 26.58
C ILE B 518 46.89 -14.22 27.23
N ASN B 519 47.04 -14.11 28.54
CA ASN B 519 46.65 -12.91 29.28
C ASN B 519 47.66 -12.64 30.38
N THR B 520 47.72 -11.38 30.81
CA THR B 520 48.61 -10.98 31.87
C THR B 520 48.15 -9.65 32.43
N SER B 521 48.31 -9.48 33.74
CA SER B 521 47.96 -8.25 34.43
C SER B 521 49.17 -7.77 35.22
N ALA B 522 49.14 -6.48 35.58
CA ALA B 522 50.23 -5.90 36.33
C ALA B 522 50.39 -6.58 37.68
N SER B 523 49.27 -6.85 38.36
CA SER B 523 49.33 -7.47 39.68
C SER B 523 49.97 -8.86 39.60
N ILE B 524 49.67 -9.61 38.55
CA ILE B 524 50.26 -10.94 38.40
C ILE B 524 51.78 -10.83 38.36
N ILE B 525 52.29 -9.86 37.61
CA ILE B 525 53.73 -9.65 37.55
C ILE B 525 54.25 -9.31 38.94
N LYS B 526 53.51 -8.49 39.68
CA LYS B 526 53.95 -8.11 41.02
C LYS B 526 54.07 -9.32 41.92
N ASP B 527 53.09 -10.24 41.84
CA ASP B 527 53.15 -11.44 42.66
C ASP B 527 54.33 -12.31 42.28
N PHE B 528 54.57 -12.48 40.98
CA PHE B 528 55.68 -13.31 40.53
C PHE B 528 57.01 -12.75 41.03
N ILE B 529 57.15 -11.42 41.00
CA ILE B 529 58.38 -10.80 41.49
C ILE B 529 58.56 -11.06 42.97
N GLN B 530 57.49 -10.89 43.75
CA GLN B 530 57.56 -11.13 45.18
C GLN B 530 57.86 -12.59 45.47
N SER B 531 57.32 -13.50 44.67
CA SER B 531 57.62 -14.91 44.82
C SER B 531 59.11 -15.17 44.59
N TYR B 532 59.67 -14.53 43.58
CA TYR B 532 61.08 -14.72 43.27
C TYR B 532 61.96 -14.23 44.42
N LEU B 533 61.69 -13.02 44.90
CA LEU B 533 62.50 -12.45 45.96
C LEU B 533 62.42 -13.28 47.23
N GLY B 534 61.22 -13.76 47.56
CA GLY B 534 61.07 -14.59 48.75
C GLY B 534 61.92 -15.84 48.67
N ARG B 535 62.04 -16.43 47.49
CA ARG B 535 62.84 -17.62 47.32
C ARG B 535 64.30 -17.34 47.60
N LYS B 536 64.78 -16.18 47.15
CA LYS B 536 66.18 -15.82 47.36
C LYS B 536 66.50 -15.69 48.84
N LYS B 537 65.60 -15.08 49.60
CA LYS B 537 65.80 -14.96 51.04
C LYS B 537 65.84 -16.34 51.68
N ARG B 538 64.96 -17.24 51.22
CA ARG B 538 64.95 -18.60 51.75
C ARG B 538 66.26 -19.32 51.44
N ASP B 539 66.96 -18.90 50.38
CA ASP B 539 68.28 -19.42 50.05
C ASP B 539 69.41 -18.59 50.61
N ASN B 540 69.10 -17.54 51.38
CA ASN B 540 70.10 -16.70 52.05
C ASN B 540 70.88 -15.83 51.06
N GLU B 541 70.44 -15.77 49.80
CA GLU B 541 71.13 -14.94 48.82
C GLU B 541 70.96 -13.46 49.11
N ILE B 542 69.83 -13.07 49.70
CA ILE B 542 69.55 -11.68 50.07
C ILE B 542 69.11 -11.66 51.52
N GLN B 543 69.56 -10.65 52.25
CA GLN B 543 69.30 -10.59 53.69
C GLN B 543 67.92 -10.02 53.99
N ASP B 544 67.55 -8.93 53.32
CA ASP B 544 66.28 -8.24 53.59
C ASP B 544 65.89 -7.44 52.37
N PHE B 545 64.64 -7.01 52.33
CA PHE B 545 64.15 -6.17 51.24
C PHE B 545 62.80 -5.60 51.63
N PRO B 546 62.36 -4.52 50.98
CA PRO B 546 61.00 -4.01 51.18
C PRO B 546 60.02 -4.73 50.24
N ALA B 547 58.96 -5.29 50.81
CA ALA B 547 57.97 -5.99 50.00
C ALA B 547 57.06 -5.01 49.28
N GLU B 548 56.74 -3.88 49.91
CA GLU B 548 55.75 -2.95 49.38
C GLU B 548 56.34 -1.97 48.38
N ASP B 549 57.64 -1.98 48.16
CA ASP B 549 58.27 -0.94 47.34
C ASP B 549 58.11 -1.20 45.85
N VAL B 550 57.67 -2.40 45.46
CA VAL B 550 57.65 -2.75 44.05
C VAL B 550 56.61 -1.91 43.32
N GLN B 551 56.91 -1.56 42.07
CA GLN B 551 55.99 -0.86 41.20
C GLN B 551 55.94 -1.57 39.86
N VAL B 552 54.75 -1.64 39.28
CA VAL B 552 54.54 -2.23 37.96
C VAL B 552 53.59 -1.34 37.18
N ILE B 553 53.95 -1.05 35.93
CA ILE B 553 53.13 -0.27 35.03
C ILE B 553 53.14 -0.96 33.67
N VAL B 554 51.97 -1.04 33.04
CA VAL B 554 51.82 -1.66 31.73
C VAL B 554 51.28 -0.62 30.77
N GLU B 555 51.80 -0.64 29.54
CA GLU B 555 51.43 0.36 28.55
C GLU B 555 51.49 -0.31 27.18
N GLY B 556 50.33 -0.77 26.72
CA GLY B 556 50.26 -1.47 25.45
C GLY B 556 51.05 -2.76 25.46
N ASN B 557 52.16 -2.78 24.71
CA ASN B 557 53.01 -3.95 24.62
C ASN B 557 54.22 -3.89 25.55
N GLU B 558 54.29 -2.88 26.41
CA GLU B 558 55.45 -2.65 27.26
C GLU B 558 55.03 -2.61 28.71
N ALA B 559 55.94 -3.04 29.59
CA ALA B 559 55.75 -2.98 31.03
C ALA B 559 56.99 -2.40 31.68
N ARG B 560 56.79 -1.60 32.72
CA ARG B 560 57.87 -1.04 33.52
C ARG B 560 57.84 -1.65 34.91
N ILE B 561 59.00 -2.07 35.40
CA ILE B 561 59.13 -2.70 36.70
C ILE B 561 60.18 -1.92 37.48
N SER B 562 59.85 -1.59 38.73
CA SER B 562 60.77 -0.89 39.61
C SER B 562 60.68 -1.52 41.00
N MET B 563 61.84 -1.71 41.61
CA MET B 563 61.92 -2.37 42.91
C MET B 563 63.24 -2.01 43.56
N THR B 564 63.31 -2.25 44.86
CA THR B 564 64.49 -1.95 45.66
C THR B 564 64.85 -3.15 46.52
N VAL B 565 66.15 -3.36 46.72
CA VAL B 565 66.66 -4.39 47.61
C VAL B 565 67.87 -3.84 48.34
N TYR B 566 67.96 -4.14 49.62
CA TYR B 566 69.06 -3.62 50.43
C TYR B 566 70.33 -4.43 50.17
N PRO B 567 71.46 -3.78 49.91
CA PRO B 567 72.71 -4.55 49.73
C PRO B 567 73.19 -5.13 51.05
N ILE B 568 73.95 -6.23 50.94
CA ILE B 568 74.56 -6.82 52.13
C ILE B 568 75.71 -5.94 52.60
N ARG B 569 75.93 -5.92 53.90
CA ARG B 569 77.00 -5.13 54.52
C ARG B 569 78.01 -6.07 55.18
N SER B 570 79.28 -5.84 54.91
CA SER B 570 80.35 -6.67 55.45
C SER B 570 80.97 -5.99 56.68
N PHE B 571 81.75 -6.76 57.42
CA PHE B 571 82.34 -6.30 58.67
C PHE B 571 83.74 -5.74 58.41
N LYS B 572 83.95 -4.48 58.79
CA LYS B 572 85.14 -3.74 58.42
C LYS B 572 86.05 -3.39 59.59
N LYS B 573 85.54 -2.65 60.58
CA LYS B 573 86.37 -2.04 61.61
C LYS B 573 86.09 -2.67 62.97
N ILE B 574 87.15 -2.86 63.74
CA ILE B 574 87.07 -3.19 65.17
C ILE B 574 88.10 -2.36 65.90
N SER B 575 87.68 -1.74 67.00
CA SER B 575 88.56 -0.93 67.84
C SER B 575 88.55 -1.53 69.24
N VAL B 576 89.74 -1.71 69.81
CA VAL B 576 89.90 -2.39 71.10
C VAL B 576 90.79 -1.54 71.99
N SER B 577 90.51 -1.59 73.29
CA SER B 577 91.33 -0.96 74.30
C SER B 577 91.47 -1.89 75.49
N LEU B 578 92.64 -1.87 76.12
CA LEU B 578 92.94 -2.71 77.27
C LEU B 578 93.22 -1.86 78.50
N VAL B 579 92.88 -2.39 79.66
CA VAL B 579 93.16 -1.76 80.94
C VAL B 579 93.83 -2.79 81.83
N TYR B 580 95.03 -2.48 82.29
CA TYR B 580 95.73 -3.31 83.25
C TYR B 580 95.42 -2.83 84.66
N LYS B 581 95.28 -3.76 85.59
CA LYS B 581 94.93 -3.44 86.97
C LYS B 581 95.59 -4.43 87.90
N GLN B 582 95.72 -4.04 89.16
CA GLN B 582 96.29 -4.92 90.16
C GLN B 582 95.27 -5.97 90.60
N GLN B 583 95.75 -6.97 91.34
CA GLN B 583 94.90 -8.05 91.82
C GLN B 583 94.22 -8.77 90.67
N ALA C 2 51.39 -15.76 72.11
CA ALA C 2 51.16 -16.13 70.71
C ALA C 2 52.08 -15.36 69.79
N SER C 3 52.28 -14.08 70.10
CA SER C 3 53.11 -13.24 69.26
C SER C 3 54.58 -13.61 69.41
N GLU C 4 55.39 -13.10 68.47
CA GLU C 4 56.81 -13.41 68.47
C GLU C 4 57.50 -12.91 69.73
N ALA C 5 57.30 -11.64 70.07
CA ALA C 5 58.02 -11.04 71.18
C ALA C 5 57.42 -11.42 72.52
N LYS C 6 56.10 -11.55 72.59
CA LYS C 6 55.43 -11.64 73.89
C LYS C 6 55.46 -13.02 74.49
N GLN C 7 55.80 -14.05 73.72
CA GLN C 7 55.82 -15.41 74.25
C GLN C 7 56.96 -15.55 75.24
N THR C 8 56.64 -15.93 76.48
CA THR C 8 57.64 -16.02 77.53
C THR C 8 58.54 -17.24 77.38
N VAL C 9 58.22 -18.15 76.47
CA VAL C 9 58.89 -19.45 76.38
C VAL C 9 59.62 -19.55 75.05
N HIS C 10 60.82 -20.11 75.09
CA HIS C 10 61.61 -20.33 73.89
C HIS C 10 61.05 -21.52 73.13
N THR C 11 60.29 -21.25 72.07
CA THR C 11 59.95 -22.31 71.14
C THR C 11 61.17 -22.66 70.29
N GLY C 12 61.10 -23.79 69.61
CA GLY C 12 62.18 -24.18 68.73
C GLY C 12 62.42 -23.16 67.63
N ASN C 13 61.35 -22.49 67.20
CA ASN C 13 61.47 -21.50 66.14
C ASN C 13 62.33 -20.31 66.56
N THR C 14 62.17 -19.84 67.80
CA THR C 14 62.89 -18.65 68.26
C THR C 14 64.39 -18.85 68.33
N VAL C 15 64.87 -20.08 68.35
CA VAL C 15 66.27 -20.39 68.63
C VAL C 15 67.00 -20.56 67.31
N LEU C 16 68.26 -20.13 67.28
CA LEU C 16 69.16 -20.33 66.16
C LEU C 16 70.49 -20.84 66.67
N LEU C 17 71.12 -21.71 65.90
CA LEU C 17 72.35 -22.38 66.28
C LEU C 17 73.44 -21.95 65.32
N MET C 18 74.59 -21.56 65.86
CA MET C 18 75.69 -21.00 65.08
C MET C 18 76.99 -21.71 65.41
N ILE C 19 77.86 -21.82 64.41
CA ILE C 19 79.20 -22.33 64.58
C ILE C 19 80.14 -21.48 63.74
N LYS C 20 81.09 -20.83 64.39
CA LYS C 20 82.20 -20.16 63.72
C LYS C 20 81.70 -19.12 62.71
N GLY C 21 80.73 -18.33 63.16
CA GLY C 21 80.23 -17.24 62.34
C GLY C 21 79.30 -17.64 61.22
N LYS C 22 78.80 -18.88 61.22
CA LYS C 22 77.83 -19.33 60.25
C LYS C 22 76.66 -19.99 60.96
N PRO C 23 75.44 -19.94 60.39
CA PRO C 23 74.37 -20.77 60.92
C PRO C 23 74.51 -22.20 60.42
N VAL C 24 73.93 -23.13 61.18
CA VAL C 24 73.93 -24.54 60.80
C VAL C 24 72.61 -24.83 60.10
N GLY C 25 72.67 -25.10 58.80
CA GLY C 25 71.47 -25.37 58.05
C GLY C 25 70.93 -26.76 58.32
N ARG C 26 69.60 -26.87 58.23
CA ARG C 26 68.90 -28.15 58.35
C ARG C 26 69.23 -28.85 59.66
N ALA C 27 69.42 -28.07 60.72
CA ALA C 27 69.53 -28.63 62.05
C ALA C 27 68.17 -29.15 62.50
N GLN C 28 68.21 -30.21 63.32
CA GLN C 28 66.99 -30.90 63.72
C GLN C 28 66.86 -31.03 65.23
N SER C 29 67.96 -31.24 65.94
CA SER C 29 67.96 -31.49 67.37
C SER C 29 69.31 -31.09 67.96
N ALA C 30 69.30 -30.81 69.25
CA ALA C 30 70.50 -30.49 70.00
C ALA C 30 70.22 -30.69 71.49
N SER C 31 71.12 -31.40 72.15
CA SER C 31 70.99 -31.70 73.57
C SER C 31 72.31 -31.44 74.28
N GLY C 32 72.22 -30.93 75.49
CA GLY C 32 73.40 -30.70 76.32
C GLY C 32 73.22 -31.29 77.70
N GLN C 33 74.16 -32.14 78.12
CA GLN C 33 74.10 -32.82 79.40
C GLN C 33 75.37 -32.55 80.19
N ARG C 34 75.21 -32.42 81.51
CA ARG C 34 76.30 -32.10 82.41
C ARG C 34 76.19 -32.92 83.68
N GLU C 35 77.34 -33.26 84.25
CA GLU C 35 77.42 -33.94 85.54
C GLU C 35 78.53 -33.31 86.35
N TYR C 36 78.19 -32.82 87.54
CA TYR C 36 79.18 -32.21 88.42
C TYR C 36 79.93 -33.22 89.26
N GLY C 37 79.66 -34.51 89.10
CA GLY C 37 80.34 -35.51 89.88
C GLY C 37 80.05 -35.37 91.36
N THR C 38 78.78 -35.12 91.68
CA THR C 38 78.36 -34.88 93.05
C THR C 38 78.41 -36.17 93.84
N THR C 39 78.81 -36.08 95.10
CA THR C 39 78.89 -37.22 95.99
C THR C 39 78.46 -36.78 97.39
N GLY C 40 78.11 -37.77 98.21
CA GLY C 40 77.72 -37.53 99.58
C GLY C 40 78.80 -37.98 100.55
N VAL C 41 78.87 -37.28 101.67
CA VAL C 41 79.82 -37.60 102.74
C VAL C 41 79.08 -38.35 103.83
N TYR C 42 79.61 -39.50 104.21
CA TYR C 42 79.04 -40.33 105.26
C TYR C 42 80.12 -40.65 106.29
N GLU C 43 79.69 -40.81 107.53
CA GLU C 43 80.60 -41.11 108.63
C GLU C 43 79.94 -42.12 109.56
N ILE C 44 80.72 -42.55 110.55
CA ILE C 44 80.26 -43.58 111.47
C ILE C 44 79.14 -43.06 112.37
N GLY C 45 79.16 -41.76 112.68
CA GLY C 45 78.25 -41.23 113.67
C GLY C 45 76.79 -41.40 113.30
N SER C 46 76.45 -41.16 112.04
CA SER C 46 75.06 -41.20 111.61
C SER C 46 74.99 -41.62 110.15
N ILE C 47 73.84 -42.18 109.76
CA ILE C 47 73.64 -42.62 108.40
C ILE C 47 73.47 -41.43 107.47
N MET C 48 72.86 -40.36 107.97
CA MET C 48 72.50 -39.25 107.10
C MET C 48 73.75 -38.60 106.52
N PRO C 49 73.73 -38.19 105.25
CA PRO C 49 74.90 -37.52 104.67
C PRO C 49 75.07 -36.13 105.26
N GLN C 50 76.25 -35.87 105.83
CA GLN C 50 76.49 -34.57 106.44
C GLN C 50 76.61 -33.49 105.39
N GLU C 51 77.31 -33.76 104.29
CA GLU C 51 77.59 -32.74 103.29
C GLU C 51 77.63 -33.39 101.91
N HIS C 52 77.58 -32.54 100.89
CA HIS C 52 77.74 -32.92 99.50
C HIS C 52 78.87 -32.11 98.88
N VAL C 53 79.65 -32.74 98.03
CA VAL C 53 80.78 -32.09 97.37
C VAL C 53 80.80 -32.47 95.89
N TYR C 54 81.54 -31.69 95.11
CA TYR C 54 81.66 -31.86 93.67
C TYR C 54 83.06 -32.36 93.35
N LEU C 55 83.14 -33.37 92.49
CA LEU C 55 84.40 -34.05 92.20
C LEU C 55 84.91 -33.79 90.79
N ARG C 56 84.11 -34.11 89.78
CA ARG C 56 84.57 -34.05 88.40
C ARG C 56 83.49 -33.47 87.51
N TYR C 57 83.91 -32.74 86.49
CA TYR C 57 83.02 -32.04 85.58
C TYR C 57 83.01 -32.76 84.24
N GLU C 58 81.84 -33.24 83.83
CA GLU C 58 81.66 -33.90 82.54
C GLU C 58 80.62 -33.10 81.76
N GLY C 59 80.96 -32.74 80.52
CA GLY C 59 80.07 -31.97 79.69
C GLY C 59 80.06 -32.45 78.26
N THR C 60 78.87 -32.78 77.75
CA THR C 60 78.72 -33.28 76.40
C THR C 60 77.52 -32.62 75.74
N ILE C 61 77.62 -32.40 74.44
CA ILE C 61 76.54 -31.84 73.64
C ILE C 61 76.36 -32.72 72.41
N THR C 62 75.10 -32.92 72.03
CA THR C 62 74.74 -33.73 70.87
C THR C 62 74.10 -32.84 69.83
N VAL C 63 74.30 -33.16 68.56
CA VAL C 63 73.68 -32.46 67.45
C VAL C 63 73.29 -33.46 66.38
N GLU C 64 72.14 -33.23 65.75
CA GLU C 64 71.69 -33.98 64.60
C GLU C 64 71.44 -33.03 63.45
N ARG C 65 71.60 -33.53 62.23
CA ARG C 65 71.51 -32.71 61.05
C ARG C 65 71.15 -33.59 59.86
N LEU C 66 70.48 -32.99 58.89
CA LEU C 66 70.15 -33.66 57.63
C LEU C 66 71.25 -33.35 56.63
N ARG C 67 71.86 -34.40 56.09
CA ARG C 67 73.03 -34.22 55.25
C ARG C 67 72.65 -33.45 53.99
N MET C 68 73.05 -32.19 53.93
CA MET C 68 72.93 -31.40 52.73
C MET C 68 73.94 -31.89 51.69
N LYS C 69 73.64 -31.64 50.43
CA LYS C 69 74.58 -31.93 49.37
C LYS C 69 75.80 -31.02 49.41
N LYS C 70 75.76 -29.96 50.21
CA LYS C 70 76.89 -29.07 50.40
C LYS C 70 76.85 -28.53 51.83
N GLU C 71 78.02 -28.15 52.33
CA GLU C 71 78.18 -27.53 53.64
C GLU C 71 77.96 -28.49 54.79
N ASN C 72 78.21 -29.78 54.59
CA ASN C 72 78.15 -30.72 55.71
C ASN C 72 79.35 -30.50 56.62
N PHE C 73 79.31 -31.16 57.78
CA PHE C 73 80.42 -31.06 58.71
C PHE C 73 81.71 -31.60 58.09
N ALA C 74 81.63 -32.73 57.39
CA ALA C 74 82.79 -33.24 56.68
C ALA C 74 83.25 -32.28 55.60
N ASP C 75 82.31 -31.73 54.82
CA ASP C 75 82.68 -30.75 53.80
C ASP C 75 83.21 -29.47 54.43
N LEU C 76 82.61 -29.05 55.54
CA LEU C 76 82.95 -27.75 56.12
C LEU C 76 84.18 -27.85 57.03
N GLY C 77 84.64 -29.05 57.35
CA GLY C 77 85.82 -29.21 58.18
C GLY C 77 85.56 -29.15 59.66
N TYR C 78 84.33 -28.89 60.09
CA TYR C 78 84.02 -28.90 61.52
C TYR C 78 84.12 -30.30 62.10
N ALA C 79 84.02 -31.33 61.28
CA ALA C 79 84.21 -32.71 61.69
C ALA C 79 85.08 -33.41 60.68
N SER C 80 85.72 -34.49 61.13
CA SER C 80 86.68 -35.21 60.31
C SER C 80 86.46 -36.71 60.45
N LEU C 81 86.87 -37.45 59.42
CA LEU C 81 86.70 -38.89 59.37
C LEU C 81 88.00 -39.65 59.63
N GLY C 82 89.07 -39.29 58.92
CA GLY C 82 90.32 -40.00 59.01
C GLY C 82 91.25 -39.43 60.06
N GLU C 83 92.54 -39.55 59.78
CA GLU C 83 93.55 -39.06 60.71
C GLU C 83 93.62 -37.54 60.75
N GLU C 84 92.90 -36.85 59.86
CA GLU C 84 92.93 -35.40 59.83
C GLU C 84 92.39 -34.79 61.12
N ILE C 85 91.69 -35.58 61.93
CA ILE C 85 91.12 -35.07 63.18
C ILE C 85 92.22 -34.46 64.06
N LEU C 86 93.40 -35.09 64.07
CA LEU C 86 94.49 -34.57 64.88
C LEU C 86 94.90 -33.17 64.46
N LYS C 87 94.55 -32.77 63.24
CA LYS C 87 94.81 -31.42 62.75
C LYS C 87 93.65 -30.47 63.00
N LYS C 88 92.60 -30.91 63.68
CA LYS C 88 91.44 -30.08 63.95
C LYS C 88 91.54 -29.53 65.37
N ASP C 89 91.34 -28.22 65.49
CA ASP C 89 91.42 -27.55 66.77
C ASP C 89 90.06 -27.62 67.48
N ILE C 90 89.96 -26.94 68.62
CA ILE C 90 88.70 -26.88 69.34
C ILE C 90 87.71 -26.00 68.58
N ILE C 91 86.43 -26.17 68.89
CA ILE C 91 85.35 -25.40 68.28
C ILE C 91 84.47 -24.85 69.39
N ASP C 92 83.87 -23.69 69.14
CA ASP C 92 82.93 -23.07 70.06
C ASP C 92 81.56 -22.99 69.40
N ILE C 93 80.54 -23.41 70.13
CA ILE C 93 79.17 -23.41 69.65
C ILE C 93 78.37 -22.39 70.43
N LEU C 94 77.42 -21.74 69.75
CA LEU C 94 76.53 -20.77 70.36
C LEU C 94 75.10 -21.10 69.99
N VAL C 95 74.20 -20.94 70.95
CA VAL C 95 72.76 -21.04 70.73
C VAL C 95 72.19 -19.65 70.92
N VAL C 96 71.43 -19.19 69.93
CA VAL C 96 71.18 -17.77 69.73
C VAL C 96 69.69 -17.52 69.65
N ASP C 97 69.28 -16.33 70.09
CA ASP C 97 67.92 -15.85 69.93
C ASP C 97 67.77 -15.31 68.51
N ASN C 98 66.78 -15.85 67.78
CA ASN C 98 66.64 -15.51 66.37
C ASN C 98 66.30 -14.05 66.16
N LEU C 99 65.48 -13.46 67.05
CA LEU C 99 64.99 -12.11 66.84
C LEU C 99 66.13 -11.11 66.77
N THR C 100 67.02 -11.12 67.77
CA THR C 100 68.00 -10.07 67.97
C THR C 100 69.43 -10.55 67.88
N LYS C 101 69.67 -11.83 67.58
CA LYS C 101 70.99 -12.42 67.59
C LYS C 101 71.68 -12.30 68.95
N GLN C 102 70.89 -12.20 70.02
CA GLN C 102 71.45 -12.27 71.36
C GLN C 102 71.82 -13.71 71.69
N VAL C 103 72.77 -13.87 72.60
CA VAL C 103 73.27 -15.18 72.98
C VAL C 103 72.42 -15.71 74.13
N ILE C 104 72.16 -17.02 74.08
CA ILE C 104 71.40 -17.72 75.10
C ILE C 104 72.31 -18.62 75.92
N ILE C 105 73.21 -19.35 75.26
CA ILE C 105 74.17 -20.19 75.95
C ILE C 105 75.28 -20.54 74.95
N SER C 106 76.49 -20.73 75.48
CA SER C 106 77.66 -20.99 74.66
C SER C 106 78.42 -22.19 75.21
N TYR C 107 79.01 -22.96 74.31
CA TYR C 107 79.85 -24.11 74.65
C TYR C 107 81.27 -23.83 74.17
N HIS C 108 82.23 -23.93 75.07
CA HIS C 108 83.62 -23.58 74.79
C HIS C 108 84.48 -24.84 74.78
N GLY C 109 85.40 -24.90 73.82
CA GLY C 109 86.33 -26.00 73.77
C GLY C 109 85.74 -27.30 73.28
N CYS C 110 84.72 -27.24 72.43
CA CYS C 110 84.07 -28.44 71.95
C CYS C 110 85.04 -29.28 71.12
N SER C 111 85.10 -30.57 71.43
CA SER C 111 85.85 -31.54 70.66
C SER C 111 84.98 -32.77 70.44
N ALA C 112 85.25 -33.49 69.36
CA ALA C 112 84.35 -34.54 68.91
C ALA C 112 84.61 -35.83 69.67
N ASN C 113 83.53 -36.58 69.90
CA ASN C 113 83.58 -37.90 70.52
C ASN C 113 83.07 -38.98 69.58
N ASN C 114 81.87 -38.81 69.03
CA ASN C 114 81.24 -39.82 68.19
C ASN C 114 80.65 -39.14 66.97
N TYR C 115 80.66 -39.87 65.85
CA TYR C 115 80.11 -39.38 64.59
C TYR C 115 79.35 -40.53 63.94
N ASN C 116 78.07 -40.30 63.66
CA ASN C 116 77.18 -41.35 63.19
C ASN C 116 76.48 -40.87 61.93
N GLU C 117 76.20 -41.80 61.02
CA GLU C 117 75.61 -41.51 59.73
C GLU C 117 74.71 -42.66 59.32
N THR C 118 73.61 -42.34 58.65
CA THR C 118 72.64 -43.35 58.23
C THR C 118 72.12 -43.05 56.83
N TRP C 119 71.81 -44.12 56.09
CA TRP C 119 71.18 -44.02 54.79
C TRP C 119 70.04 -45.02 54.76
N GLN C 120 68.94 -44.67 54.09
CA GLN C 120 67.77 -45.53 54.08
C GLN C 120 66.97 -45.27 52.81
N THR C 121 66.08 -46.20 52.48
CA THR C 121 65.43 -46.18 51.17
C THR C 121 64.63 -44.92 50.94
N ASN C 122 63.73 -44.58 51.86
CA ASN C 122 62.79 -43.49 51.65
C ASN C 122 62.90 -42.39 52.70
N GLU C 123 63.81 -42.51 53.65
CA GLU C 123 64.00 -41.46 54.64
C GLU C 123 65.03 -40.45 54.14
N ILE C 124 65.10 -39.33 54.84
CA ILE C 124 66.12 -38.33 54.56
C ILE C 124 67.39 -38.72 55.28
N VAL C 125 68.52 -38.46 54.63
CA VAL C 125 69.81 -38.83 55.20
C VAL C 125 70.01 -38.03 56.50
N THR C 126 70.33 -38.75 57.57
CA THR C 126 70.49 -38.16 58.89
C THR C 126 71.94 -38.21 59.31
N GLU C 127 72.49 -37.07 59.70
CA GLU C 127 73.86 -36.95 60.17
C GLU C 127 73.82 -36.54 61.64
N GLU C 128 74.54 -37.28 62.47
CA GLU C 128 74.59 -37.04 63.91
C GLU C 128 76.06 -36.93 64.32
N ILE C 129 76.31 -36.15 65.37
CA ILE C 129 77.65 -35.96 65.89
C ILE C 129 77.57 -35.62 67.36
N GLU C 130 78.57 -36.07 68.12
CA GLU C 130 78.63 -35.88 69.56
C GLU C 130 79.90 -35.10 69.89
N PHE C 131 79.76 -34.03 70.67
CA PHE C 131 80.86 -33.17 71.05
C PHE C 131 81.03 -33.17 72.56
N SER C 132 82.28 -33.29 73.01
CA SER C 132 82.63 -33.08 74.40
C SER C 132 83.40 -31.76 74.51
N TYR C 133 83.06 -30.98 75.53
CA TYR C 133 83.59 -29.64 75.67
C TYR C 133 84.24 -29.48 77.04
N LEU C 134 84.97 -28.38 77.18
CA LEU C 134 85.69 -28.07 78.41
C LEU C 134 84.81 -27.32 79.40
N THR C 135 84.10 -26.29 78.94
CA THR C 135 83.25 -25.50 79.81
C THR C 135 82.04 -25.01 79.02
N ALA C 136 81.00 -24.64 79.76
CA ALA C 136 79.81 -24.03 79.21
C ALA C 136 79.48 -22.78 80.01
N SER C 137 79.25 -21.67 79.32
CA SER C 137 79.02 -20.39 79.96
C SER C 137 77.78 -19.74 79.35
N ASP C 138 77.05 -19.01 80.20
CA ASP C 138 75.87 -18.24 79.78
C ASP C 138 76.08 -16.81 80.27
N LYS C 139 76.78 -16.02 79.46
CA LYS C 139 77.08 -14.64 79.78
C LYS C 139 76.85 -13.79 78.54
N ALA C 140 76.96 -12.47 78.73
CA ALA C 140 76.66 -11.42 77.77
C ALA C 140 75.15 -11.19 77.65
N ARG C 141 74.32 -12.00 78.31
CA ARG C 141 72.89 -11.69 78.39
C ARG C 141 72.67 -10.42 79.19
N THR C 142 73.39 -10.26 80.28
CA THR C 142 73.28 -9.09 81.13
C THR C 142 74.65 -8.69 81.68
N ALA D 2 115.06 -13.66 54.97
CA ALA D 2 116.42 -13.14 54.84
C ALA D 2 117.04 -13.58 53.53
N VAL D 3 118.09 -12.88 53.10
CA VAL D 3 118.87 -13.34 51.97
C VAL D 3 119.50 -14.67 52.34
N GLU D 4 119.34 -15.67 51.47
CA GLU D 4 119.62 -17.03 51.86
C GLU D 4 121.11 -17.22 52.15
N PRO D 5 121.47 -18.12 53.06
CA PRO D 5 122.90 -18.38 53.30
C PRO D 5 123.56 -18.99 52.08
N PHE D 6 124.85 -18.73 51.94
CA PHE D 6 125.57 -19.19 50.76
C PHE D 6 125.56 -20.72 50.72
N PRO D 7 125.43 -21.32 49.54
CA PRO D 7 125.25 -22.77 49.45
C PRO D 7 126.59 -23.51 49.54
N ARG D 8 126.51 -24.82 49.37
CA ARG D 8 127.67 -25.69 49.33
C ARG D 8 127.52 -26.69 48.19
N ARG D 9 128.64 -27.24 47.76
CA ARG D 9 128.60 -28.23 46.70
C ARG D 9 127.82 -29.46 47.14
N PRO D 10 127.05 -30.09 46.27
CA PRO D 10 126.34 -31.31 46.68
C PRO D 10 127.29 -32.46 46.96
N ILE D 11 126.70 -33.56 47.43
CA ILE D 11 127.49 -34.76 47.76
C ILE D 11 128.22 -35.25 46.51
N THR D 12 129.48 -35.63 46.69
CA THR D 12 130.26 -36.27 45.64
C THR D 12 130.20 -37.78 45.75
N ARG D 13 130.57 -38.30 46.92
CA ARG D 13 130.69 -39.73 47.16
C ARG D 13 130.22 -40.00 48.58
N PRO D 14 129.69 -41.20 48.87
CA PRO D 14 129.40 -41.55 50.26
C PRO D 14 130.69 -41.85 51.01
N HIS D 15 130.86 -41.21 52.17
CA HIS D 15 132.08 -41.34 52.94
C HIS D 15 131.85 -40.73 54.32
N ALA D 16 132.92 -40.74 55.12
CA ALA D 16 132.92 -40.12 56.44
C ALA D 16 134.12 -39.19 56.53
N SER D 17 133.85 -37.88 56.46
CA SER D 17 134.90 -36.88 56.48
C SER D 17 135.18 -36.48 57.92
N ILE D 18 136.39 -36.74 58.38
CA ILE D 18 136.82 -36.41 59.73
C ILE D 18 138.07 -35.54 59.63
N GLU D 19 138.08 -34.43 60.38
CA GLU D 19 139.22 -33.52 60.38
C GLU D 19 139.31 -32.87 61.75
N VAL D 20 140.40 -32.14 61.96
CA VAL D 20 140.70 -31.53 63.25
C VAL D 20 140.93 -30.03 63.05
N ASP D 21 140.33 -29.24 63.93
CA ASP D 21 140.52 -27.80 63.95
C ASP D 21 140.68 -27.34 65.39
N THR D 22 141.48 -26.28 65.58
CA THR D 22 141.72 -25.79 66.93
C THR D 22 140.49 -25.07 67.48
N SER D 23 139.84 -24.24 66.67
CA SER D 23 138.70 -23.45 67.11
C SER D 23 137.39 -24.21 66.93
N GLY D 24 137.10 -24.63 65.70
CA GLY D 24 135.86 -25.34 65.45
C GLY D 24 134.66 -24.44 65.60
N ILE D 25 133.56 -25.01 66.09
CA ILE D 25 132.30 -24.29 66.25
C ILE D 25 132.29 -23.65 67.64
N GLY D 26 132.24 -22.31 67.67
CA GLY D 26 132.15 -21.60 68.92
C GLY D 26 130.74 -21.38 69.43
N GLY D 27 129.74 -21.81 68.68
CA GLY D 27 128.35 -21.64 69.10
C GLY D 27 127.41 -22.03 67.99
N SER D 28 126.13 -22.06 68.35
CA SER D 28 125.08 -22.39 67.38
C SER D 28 123.75 -21.90 67.92
N ALA D 29 122.74 -21.93 67.06
CA ALA D 29 121.42 -21.44 67.42
C ALA D 29 120.70 -22.42 68.33
N GLY D 30 119.85 -21.86 69.20
CA GLY D 30 118.97 -22.66 70.03
C GLY D 30 117.52 -22.49 69.62
N SER D 31 116.69 -23.44 70.05
CA SER D 31 115.27 -23.39 69.70
C SER D 31 114.64 -22.10 70.19
N SER D 32 113.87 -21.46 69.32
CA SER D 32 113.32 -20.14 69.64
C SER D 32 112.14 -19.86 68.73
N GLU D 33 111.38 -18.83 69.09
CA GLU D 33 110.35 -18.26 68.23
C GLU D 33 110.74 -16.85 67.79
N LYS D 34 111.06 -15.99 68.75
CA LYS D 34 111.53 -14.64 68.44
C LYS D 34 112.92 -14.70 67.82
N VAL D 35 113.34 -13.59 67.22
CA VAL D 35 114.57 -13.50 66.47
C VAL D 35 115.37 -12.30 66.96
N PHE D 36 116.68 -12.35 66.77
CA PHE D 36 117.62 -11.36 67.30
C PHE D 36 118.33 -10.70 66.13
N CYS D 37 118.46 -9.37 66.19
CA CYS D 37 118.97 -8.60 65.06
C CYS D 37 120.16 -7.75 65.51
N LEU D 38 121.13 -7.58 64.61
CA LEU D 38 122.34 -6.82 64.88
C LEU D 38 122.84 -6.17 63.61
N ILE D 39 123.64 -5.12 63.77
CA ILE D 39 124.35 -4.47 62.67
C ILE D 39 125.69 -3.98 63.19
N GLY D 40 126.72 -4.04 62.36
CA GLY D 40 128.03 -3.62 62.78
C GLY D 40 129.05 -3.81 61.68
N GLN D 41 130.32 -3.58 62.05
CA GLN D 41 131.43 -3.74 61.12
C GLN D 41 131.69 -5.22 60.92
N ALA D 42 131.81 -5.64 59.65
CA ALA D 42 132.04 -7.03 59.31
C ALA D 42 132.88 -7.11 58.04
N GLU D 43 133.88 -7.99 58.06
CA GLU D 43 134.74 -8.23 56.91
C GLU D 43 134.26 -9.48 56.19
N GLY D 44 133.35 -9.29 55.25
CA GLY D 44 132.84 -10.39 54.47
C GLY D 44 131.46 -10.09 53.93
N GLY D 45 131.01 -10.98 53.05
CA GLY D 45 129.69 -10.82 52.45
C GLY D 45 129.62 -9.58 51.59
N GLU D 46 128.41 -9.04 51.45
CA GLU D 46 128.15 -7.83 50.69
C GLU D 46 127.28 -6.90 51.52
N PRO D 47 127.36 -5.59 51.28
CA PRO D 47 126.69 -4.63 52.16
C PRO D 47 125.21 -4.50 51.84
N ASN D 48 124.51 -3.79 52.73
CA ASN D 48 123.08 -3.53 52.60
C ASN D 48 122.31 -4.82 52.38
N THR D 49 122.70 -5.86 53.12
CA THR D 49 122.10 -7.17 52.98
C THR D 49 121.90 -7.78 54.36
N VAL D 50 120.77 -8.45 54.56
CA VAL D 50 120.44 -9.11 55.81
C VAL D 50 120.55 -10.61 55.59
N TYR D 51 121.30 -11.27 56.46
CA TYR D 51 121.56 -12.70 56.36
C TYR D 51 121.00 -13.42 57.58
N GLU D 52 120.58 -14.65 57.36
CA GLU D 52 120.10 -15.51 58.45
C GLU D 52 121.25 -16.35 58.97
N LEU D 53 121.60 -16.15 60.25
CA LEU D 53 122.69 -16.85 60.88
C LEU D 53 122.15 -17.95 61.79
N ARG D 54 122.75 -19.13 61.70
CA ARG D 54 122.36 -20.26 62.53
C ARG D 54 123.53 -20.90 63.26
N ASN D 55 124.73 -20.84 62.71
CA ASN D 55 125.90 -21.44 63.32
C ASN D 55 127.09 -20.50 63.19
N TYR D 56 128.02 -20.63 64.14
CA TYR D 56 129.16 -19.73 64.22
C TYR D 56 130.07 -19.87 63.00
N SER D 57 130.29 -21.10 62.55
CA SER D 57 131.21 -21.34 61.45
C SER D 57 130.75 -20.66 60.17
N GLN D 58 129.45 -20.74 59.87
CA GLN D 58 128.91 -20.09 58.70
C GLN D 58 129.13 -18.58 58.77
N ALA D 59 128.83 -17.99 59.92
CA ALA D 59 129.07 -16.56 60.10
C ALA D 59 130.55 -16.23 60.02
N LYS D 60 131.38 -17.08 60.61
CA LYS D 60 132.83 -16.87 60.55
C LYS D 60 133.33 -16.90 59.12
N ARG D 61 132.93 -17.91 58.36
CA ARG D 61 133.32 -17.98 56.95
C ARG D 61 132.69 -16.84 56.17
N LEU D 62 131.42 -16.55 56.42
CA LEU D 62 130.76 -15.44 55.73
C LEU D 62 131.37 -14.12 56.13
N PHE D 63 131.68 -13.94 57.41
CA PHE D 63 132.27 -12.72 57.95
C PHE D 63 133.59 -13.11 58.61
N ARG D 64 134.68 -12.98 57.84
CA ARG D 64 135.97 -13.49 58.26
C ARG D 64 136.50 -12.80 59.50
N SER D 65 136.13 -11.54 59.73
CA SER D 65 136.62 -10.82 60.89
C SER D 65 135.69 -9.65 61.18
N GLY D 66 135.81 -9.12 62.40
CA GLY D 66 135.02 -7.98 62.80
C GLY D 66 134.43 -8.13 64.20
N GLU D 67 133.84 -7.05 64.71
CA GLU D 67 133.21 -7.10 66.01
C GLU D 67 131.93 -7.92 66.00
N LEU D 68 131.42 -8.24 64.81
CA LEU D 68 130.16 -8.97 64.71
C LEU D 68 130.26 -10.34 65.38
N LEU D 69 131.30 -11.10 65.04
CA LEU D 69 131.41 -12.47 65.57
C LEU D 69 131.60 -12.45 67.08
N ASP D 70 132.38 -11.50 67.59
CA ASP D 70 132.53 -11.37 69.03
C ASP D 70 131.17 -11.12 69.68
N ALA D 71 130.35 -10.26 69.07
CA ALA D 71 129.00 -10.07 69.55
C ALA D 71 128.18 -11.34 69.39
N ILE D 72 128.31 -12.01 68.24
CA ILE D 72 127.54 -13.22 67.98
C ILE D 72 127.93 -14.32 68.96
N GLU D 73 129.24 -14.47 69.20
CA GLU D 73 129.72 -15.57 70.03
C GLU D 73 129.11 -15.50 71.42
N LEU D 74 129.05 -14.30 71.99
CA LEU D 74 128.46 -14.13 73.31
C LEU D 74 126.97 -14.49 73.30
N ALA D 75 126.27 -14.11 72.24
CA ALA D 75 124.82 -14.29 72.20
C ALA D 75 124.45 -15.76 72.29
N TRP D 76 125.17 -16.63 71.57
CA TRP D 76 124.92 -18.05 71.62
C TRP D 76 125.58 -18.72 72.83
N GLY D 77 126.33 -17.97 73.63
CA GLY D 77 126.99 -18.52 74.80
C GLY D 77 126.88 -17.66 76.03
N SER D 78 126.05 -16.60 75.97
CA SER D 78 125.91 -15.72 77.12
C SER D 78 125.39 -16.46 78.34
N ASN D 79 124.66 -17.55 78.13
CA ASN D 79 124.11 -18.33 79.23
C ASN D 79 124.03 -19.79 78.79
N PRO D 80 124.32 -20.75 79.68
CA PRO D 80 124.24 -22.16 79.26
C PRO D 80 122.85 -22.57 78.81
N ASN D 81 121.81 -22.06 79.45
CA ASN D 81 120.44 -22.49 79.17
C ASN D 81 119.78 -21.61 78.11
N TYR D 82 119.91 -20.30 78.25
CA TYR D 82 119.22 -19.34 77.40
C TYR D 82 120.17 -18.85 76.32
N THR D 83 119.77 -18.97 75.06
CA THR D 83 120.57 -18.54 73.93
C THR D 83 119.68 -17.79 72.95
N ALA D 84 120.32 -16.89 72.19
CA ALA D 84 119.57 -15.97 71.35
C ALA D 84 118.69 -16.68 70.34
N GLY D 85 119.21 -17.72 69.70
CA GLY D 85 118.44 -18.44 68.69
C GLY D 85 118.76 -17.95 67.29
N ARG D 86 117.73 -17.79 66.48
CA ARG D 86 117.91 -17.27 65.13
C ARG D 86 118.39 -15.83 65.20
N ILE D 87 119.33 -15.48 64.33
CA ILE D 87 119.94 -14.16 64.31
C ILE D 87 119.90 -13.60 62.90
N LEU D 88 119.61 -12.31 62.78
CA LEU D 88 119.74 -11.57 61.54
C LEU D 88 120.87 -10.55 61.69
N ALA D 89 121.73 -10.47 60.69
CA ALA D 89 122.88 -9.58 60.73
C ALA D 89 123.04 -8.89 59.39
N MET D 90 123.73 -7.75 59.41
CA MET D 90 123.96 -6.96 58.22
C MET D 90 125.11 -6.01 58.47
N ARG D 91 126.06 -5.97 57.55
CA ARG D 91 127.21 -5.08 57.68
C ARG D 91 126.84 -3.67 57.24
N ILE D 92 127.44 -2.67 57.89
CA ILE D 92 127.07 -1.29 57.64
C ILE D 92 127.78 -0.76 56.41
N GLU D 93 129.11 -0.81 56.42
CA GLU D 93 129.93 -0.09 55.46
C GLU D 93 129.74 -0.62 54.04
N ASP D 94 129.79 0.29 53.08
CA ASP D 94 129.64 -0.03 51.65
C ASP D 94 130.99 -0.45 51.05
N ALA D 95 131.36 -1.70 51.29
CA ALA D 95 132.57 -2.24 50.72
C ALA D 95 132.38 -2.53 49.23
N LYS D 96 133.51 -2.70 48.53
CA LYS D 96 133.51 -3.00 47.11
C LYS D 96 134.47 -4.14 46.83
N PRO D 97 134.23 -4.90 45.77
CA PRO D 97 135.14 -6.00 45.43
C PRO D 97 136.41 -5.49 44.75
N ALA D 98 137.41 -6.37 44.71
CA ALA D 98 138.61 -6.11 43.94
C ALA D 98 138.40 -6.60 42.50
N SER D 99 139.21 -6.06 41.59
CA SER D 99 139.02 -6.33 40.17
C SER D 99 140.37 -6.35 39.45
N ALA D 100 140.38 -7.00 38.29
CA ALA D 100 141.52 -7.01 37.41
C ALA D 100 141.03 -7.33 36.00
N GLU D 101 141.60 -6.65 35.01
CA GLU D 101 141.19 -6.79 33.61
C GLU D 101 142.45 -6.93 32.76
N ILE D 102 142.78 -8.17 32.40
CA ILE D 102 143.98 -8.47 31.62
C ILE D 102 143.67 -9.58 30.63
N GLY D 103 144.23 -9.47 29.44
CA GLY D 103 144.18 -10.53 28.46
C GLY D 103 142.79 -10.96 28.06
N GLY D 104 141.92 -9.99 27.77
CA GLY D 104 140.59 -10.30 27.28
C GLY D 104 139.63 -10.79 28.34
N LEU D 105 140.02 -10.80 29.61
CA LEU D 105 139.18 -11.27 30.70
C LEU D 105 139.16 -10.26 31.83
N LYS D 106 138.05 -10.22 32.55
CA LYS D 106 137.89 -9.41 33.75
C LYS D 106 137.65 -10.34 34.92
N ILE D 107 138.42 -10.16 35.99
CA ILE D 107 138.36 -11.00 37.18
C ILE D 107 137.87 -10.15 38.34
N THR D 108 136.85 -10.64 39.03
CA THR D 108 136.28 -9.95 40.18
C THR D 108 135.97 -10.97 41.26
N SER D 109 136.00 -10.51 42.51
CA SER D 109 135.77 -11.36 43.67
C SER D 109 134.41 -11.04 44.27
N LYS D 110 133.63 -12.10 44.52
CA LYS D 110 132.36 -11.92 45.21
C LYS D 110 132.57 -11.33 46.61
N ILE D 111 133.71 -11.62 47.22
CA ILE D 111 134.05 -11.02 48.50
C ILE D 111 134.33 -9.54 48.29
N TYR D 112 133.76 -8.70 49.15
CA TYR D 112 133.95 -7.26 49.11
C TYR D 112 134.82 -6.85 50.29
N GLY D 113 135.94 -6.22 50.01
CA GLY D 113 136.79 -5.71 51.08
C GLY D 113 138.25 -5.61 50.67
N ASN D 114 139.07 -5.14 51.62
CA ASN D 114 140.50 -4.96 51.35
C ASN D 114 141.18 -6.30 51.09
N VAL D 115 140.77 -7.35 51.82
CA VAL D 115 141.42 -8.64 51.70
C VAL D 115 141.32 -9.20 50.30
N ALA D 116 140.28 -8.83 49.56
CA ALA D 116 140.14 -9.34 48.18
C ALA D 116 141.32 -8.94 47.32
N ASN D 117 142.00 -7.84 47.64
CA ASN D 117 143.16 -7.43 46.88
C ASN D 117 144.29 -8.45 46.98
N ASN D 118 144.32 -9.22 48.06
CA ASN D 118 145.35 -10.24 48.23
C ASN D 118 145.14 -11.45 47.31
N ILE D 119 143.99 -11.56 46.66
CA ILE D 119 143.75 -12.66 45.75
C ILE D 119 144.62 -12.49 44.51
N GLN D 120 145.34 -13.55 44.14
CA GLN D 120 146.21 -13.55 42.97
C GLN D 120 145.68 -14.56 41.96
N VAL D 121 145.51 -14.12 40.71
CA VAL D 121 145.02 -14.96 39.63
C VAL D 121 145.92 -14.75 38.42
N GLY D 122 146.25 -15.84 37.74
CA GLY D 122 147.10 -15.77 36.56
C GLY D 122 146.76 -16.85 35.58
N LEU D 123 147.14 -16.62 34.32
CA LEU D 123 146.93 -17.58 33.24
C LEU D 123 148.27 -17.99 32.68
N GLU D 124 148.42 -19.29 32.43
CA GLU D 124 149.64 -19.85 31.85
C GLU D 124 149.29 -20.61 30.58
N LYS D 125 150.25 -20.66 29.66
CA LYS D 125 150.07 -21.33 28.38
C LYS D 125 150.64 -22.74 28.45
N ASN D 126 149.87 -23.71 27.98
CA ASN D 126 150.26 -25.11 27.95
C ASN D 126 150.39 -25.52 26.49
N THR D 127 151.63 -25.68 26.02
CA THR D 127 151.85 -26.03 24.61
C THR D 127 151.62 -27.52 24.35
N LEU D 128 151.65 -28.36 25.38
CA LEU D 128 151.48 -29.79 25.18
C LEU D 128 150.08 -30.17 24.73
N SER D 129 149.10 -29.26 24.93
CA SER D 129 147.72 -29.57 24.61
C SER D 129 146.99 -28.42 23.92
N ASP D 130 147.71 -27.35 23.55
CA ASP D 130 147.11 -26.17 22.94
C ASP D 130 145.99 -25.62 23.83
N SER D 131 146.38 -25.21 25.03
CA SER D 131 145.42 -24.85 26.07
C SER D 131 146.07 -23.85 27.01
N LEU D 132 145.26 -23.38 27.96
CA LEU D 132 145.71 -22.47 29.01
C LEU D 132 145.53 -23.13 30.38
N ARG D 133 146.39 -22.74 31.31
CA ARG D 133 146.22 -23.07 32.72
C ARG D 133 145.82 -21.81 33.47
N LEU D 134 145.05 -22.01 34.53
CA LEU D 134 144.68 -20.93 35.44
C LEU D 134 145.03 -21.34 36.86
N ARG D 135 145.67 -20.42 37.60
CA ARG D 135 145.98 -20.61 39.00
C ARG D 135 145.44 -19.44 39.82
N VAL D 136 144.93 -19.76 40.99
CA VAL D 136 144.46 -18.76 41.96
C VAL D 136 145.20 -18.99 43.26
N ILE D 137 145.59 -17.89 43.91
CA ILE D 137 146.23 -17.94 45.22
C ILE D 137 145.55 -16.91 46.12
N PHE D 138 145.26 -17.31 47.36
CA PHE D 138 144.62 -16.43 48.33
C PHE D 138 145.24 -16.77 49.68
N GLN D 139 146.15 -15.91 50.14
CA GLN D 139 146.98 -16.23 51.29
C GLN D 139 146.16 -16.32 52.57
N ASP D 140 145.31 -15.32 52.81
CA ASP D 140 144.61 -15.24 54.10
C ASP D 140 143.70 -16.44 54.32
N ASP D 141 142.90 -16.79 53.32
CA ASP D 141 142.08 -17.99 53.38
C ASP D 141 142.85 -19.25 53.00
N ARG D 142 144.08 -19.10 52.49
CA ARG D 142 144.88 -20.24 52.07
C ARG D 142 144.14 -21.05 51.00
N PHE D 143 143.45 -20.34 50.13
CA PHE D 143 142.64 -20.92 49.07
C PHE D 143 143.43 -20.89 47.77
N ASN D 144 143.77 -22.07 47.25
CA ASN D 144 144.53 -22.19 46.01
C ASN D 144 143.80 -23.15 45.08
N GLU D 145 143.79 -22.83 43.79
CA GLU D 145 143.14 -23.65 42.78
C GLU D 145 143.94 -23.58 41.49
N VAL D 146 144.11 -24.73 40.84
CA VAL D 146 144.85 -24.84 39.59
C VAL D 146 144.10 -25.78 38.67
N TYR D 147 144.01 -25.42 37.39
CA TYR D 147 143.33 -26.23 36.39
C TYR D 147 144.19 -26.30 35.14
N ASP D 148 144.11 -27.45 34.45
CA ASP D 148 144.94 -27.72 33.29
C ASP D 148 144.08 -28.12 32.10
N ASN D 149 144.64 -27.93 30.91
CA ASN D 149 143.95 -28.16 29.65
C ASN D 149 142.60 -27.45 29.62
N ILE D 150 142.66 -26.13 29.72
CA ILE D 150 141.47 -25.29 29.71
C ILE D 150 141.21 -24.80 28.29
N GLY D 151 139.97 -24.93 27.84
CA GLY D 151 139.55 -24.39 26.55
C GLY D 151 139.55 -25.38 25.40
N ASN D 152 139.66 -26.68 25.66
CA ASN D 152 139.71 -27.69 24.62
C ASN D 152 138.40 -28.47 24.56
N ILE D 153 137.94 -28.72 23.33
CA ILE D 153 136.74 -29.50 23.05
C ILE D 153 137.13 -30.57 22.04
N PHE D 154 136.35 -31.65 22.00
CA PHE D 154 136.63 -32.88 21.26
C PHE D 154 137.14 -32.57 19.86
N THR D 155 138.06 -33.42 19.39
CA THR D 155 138.77 -33.21 18.14
C THR D 155 138.11 -33.99 17.01
N ILE D 156 138.48 -33.63 15.77
CA ILE D 156 137.99 -34.28 14.57
C ILE D 156 139.19 -34.66 13.71
N LYS D 157 139.08 -35.79 13.01
CA LYS D 157 140.11 -36.23 12.08
C LYS D 157 139.44 -36.75 10.81
N TYR D 158 140.19 -36.71 9.71
CA TYR D 158 139.68 -37.05 8.38
C TYR D 158 140.47 -38.22 7.82
N LYS D 159 139.79 -39.03 7.01
CA LYS D 159 140.30 -40.34 6.59
C LYS D 159 140.39 -40.53 5.08
N GLY D 160 139.90 -39.59 4.27
CA GLY D 160 139.78 -39.81 2.84
C GLY D 160 141.07 -39.57 2.09
N GLU D 161 140.95 -39.60 0.75
CA GLU D 161 142.12 -39.51 -0.13
C GLU D 161 142.44 -38.07 -0.50
N GLU D 162 141.43 -37.21 -0.58
CA GLU D 162 141.61 -35.89 -1.16
C GLU D 162 142.72 -35.11 -0.44
N ALA D 163 143.31 -34.16 -1.16
CA ALA D 163 144.49 -33.47 -0.66
C ALA D 163 144.21 -32.70 0.63
N ASN D 164 142.98 -32.26 0.85
CA ASN D 164 142.66 -31.45 2.02
C ASN D 164 141.28 -31.79 2.53
N ALA D 165 141.10 -31.56 3.83
CA ALA D 165 139.79 -31.52 4.47
C ALA D 165 139.83 -30.37 5.46
N THR D 166 138.93 -29.39 5.26
CA THR D 166 138.99 -28.13 5.97
C THR D 166 137.74 -27.94 6.82
N PHE D 167 137.92 -27.37 7.99
CA PHE D 167 136.87 -27.15 8.97
C PHE D 167 136.90 -25.69 9.42
N SER D 168 135.71 -25.14 9.68
CA SER D 168 135.61 -23.75 10.09
C SER D 168 134.48 -23.58 11.09
N VAL D 169 134.58 -22.54 11.90
CA VAL D 169 133.51 -22.09 12.79
C VAL D 169 133.28 -20.62 12.50
N GLU D 170 132.02 -20.24 12.30
CA GLU D 170 131.65 -18.88 11.92
C GLU D 170 130.67 -18.32 12.92
N HIS D 171 130.69 -16.99 13.09
CA HIS D 171 130.00 -16.34 14.19
C HIS D 171 128.95 -15.37 13.67
N ASP D 172 127.96 -15.09 14.52
CA ASP D 172 126.98 -14.05 14.25
C ASP D 172 127.64 -12.69 14.40
N GLU D 173 127.33 -11.78 13.49
CA GLU D 173 127.99 -10.47 13.50
C GLU D 173 127.43 -9.54 14.56
N GLU D 174 126.19 -9.73 14.99
CA GLU D 174 125.54 -8.84 15.95
C GLU D 174 125.58 -9.36 17.38
N THR D 175 126.08 -10.58 17.61
CA THR D 175 126.21 -11.13 18.96
C THR D 175 127.54 -11.80 19.23
N GLN D 176 128.37 -12.04 18.21
CA GLN D 176 129.63 -12.78 18.31
C GLN D 176 129.42 -14.25 18.69
N LYS D 177 128.19 -14.73 18.67
CA LYS D 177 127.91 -16.13 18.92
C LYS D 177 128.18 -16.96 17.67
N ALA D 178 128.51 -18.23 17.89
CA ALA D 178 128.71 -19.16 16.79
C ALA D 178 127.39 -19.39 16.08
N SER D 179 127.44 -19.34 14.74
CA SER D 179 126.24 -19.46 13.93
C SER D 179 126.31 -20.68 13.01
N ARG D 180 127.51 -20.96 12.48
CA ARG D 180 127.69 -22.11 11.60
C ARG D 180 129.11 -22.62 11.72
N LEU D 181 129.24 -23.94 11.65
CA LEU D 181 130.52 -24.61 11.52
C LEU D 181 130.39 -25.70 10.47
N VAL D 182 131.41 -25.82 9.62
CA VAL D 182 131.33 -26.61 8.40
C VAL D 182 132.46 -27.61 8.36
N LEU D 183 132.19 -28.76 7.73
CA LEU D 183 133.21 -29.72 7.33
C LEU D 183 133.27 -29.74 5.81
N LYS D 184 134.50 -29.75 5.28
CA LYS D 184 134.72 -29.73 3.84
C LYS D 184 135.77 -30.77 3.47
N VAL D 185 135.63 -31.34 2.28
CA VAL D 185 136.55 -32.33 1.75
C VAL D 185 137.17 -31.78 0.47
N GLY D 186 138.47 -31.54 0.50
CA GLY D 186 139.16 -31.03 -0.67
C GLY D 186 138.55 -29.71 -1.09
N ASP D 187 138.10 -29.66 -2.35
CA ASP D 187 137.46 -28.48 -2.90
C ASP D 187 135.94 -28.50 -2.79
N GLN D 188 135.38 -29.54 -2.15
CA GLN D 188 133.94 -29.71 -2.04
C GLN D 188 133.52 -29.78 -0.57
N GLU D 189 132.25 -29.48 -0.33
CA GLU D 189 131.68 -29.47 1.01
C GLU D 189 130.89 -30.77 1.23
N VAL D 190 130.98 -31.30 2.45
CA VAL D 190 130.34 -32.56 2.80
C VAL D 190 129.17 -32.34 3.76
N LYS D 191 129.37 -31.52 4.80
CA LYS D 191 128.34 -31.34 5.81
C LYS D 191 128.58 -30.03 6.54
N SER D 192 127.52 -29.54 7.18
CA SER D 192 127.59 -28.35 8.03
C SER D 192 126.47 -28.43 9.05
N TYR D 193 126.69 -27.77 10.19
CA TYR D 193 125.70 -27.71 11.26
C TYR D 193 125.38 -26.25 11.52
N ASP D 194 124.11 -25.88 11.37
CA ASP D 194 123.64 -24.51 11.50
C ASP D 194 123.08 -24.32 12.90
N LEU D 195 123.67 -23.39 13.65
CA LEU D 195 123.33 -23.22 15.06
C LEU D 195 122.01 -22.47 15.18
N THR D 196 120.92 -23.20 15.03
CA THR D 196 119.57 -22.69 15.21
C THR D 196 118.74 -23.70 16.00
N GLY D 197 119.33 -24.22 17.07
CA GLY D 197 118.69 -25.26 17.85
C GLY D 197 118.91 -26.63 17.26
N GLY D 198 118.17 -27.59 17.81
CA GLY D 198 118.29 -28.96 17.35
C GLY D 198 119.56 -29.63 17.88
N ALA D 199 119.92 -30.73 17.23
CA ALA D 199 121.11 -31.48 17.63
C ALA D 199 122.40 -30.69 17.39
N TYR D 200 122.33 -29.62 16.60
CA TYR D 200 123.52 -28.82 16.32
C TYR D 200 124.04 -28.09 17.55
N ASP D 201 123.23 -27.95 18.60
CA ASP D 201 123.68 -27.28 19.81
C ASP D 201 124.67 -28.13 20.58
N TYR D 202 124.47 -29.45 20.60
CA TYR D 202 125.18 -30.34 21.50
C TYR D 202 126.40 -30.94 20.81
N THR D 203 127.57 -30.78 21.44
CA THR D 203 128.76 -31.44 20.94
C THR D 203 128.64 -32.95 21.03
N ASN D 204 127.90 -33.45 22.02
CA ASN D 204 127.68 -34.89 22.11
C ASN D 204 127.03 -35.43 20.85
N ALA D 205 125.99 -34.76 20.37
CA ALA D 205 125.35 -35.17 19.12
C ALA D 205 126.28 -34.96 17.93
N ILE D 206 127.06 -33.88 17.95
CA ILE D 206 127.97 -33.60 16.85
C ILE D 206 129.03 -34.69 16.76
N ILE D 207 129.47 -35.21 17.92
CA ILE D 207 130.41 -36.34 17.91
C ILE D 207 129.80 -37.52 17.19
N THR D 208 128.54 -37.82 17.50
CA THR D 208 127.85 -38.92 16.83
C THR D 208 127.67 -38.64 15.35
N ASP D 209 127.23 -37.42 15.01
CA ASP D 209 126.96 -37.08 13.61
C ASP D 209 128.25 -37.12 12.79
N ILE D 210 129.33 -36.56 13.34
CA ILE D 210 130.61 -36.58 12.62
C ILE D 210 131.12 -38.00 12.48
N ASN D 211 131.00 -38.81 13.53
CA ASN D 211 131.42 -40.20 13.44
C ASN D 211 130.63 -40.96 12.38
N GLN D 212 129.36 -40.61 12.19
CA GLN D 212 128.56 -41.28 11.16
C GLN D 212 129.09 -41.02 9.76
N LEU D 213 129.82 -39.94 9.55
CA LEU D 213 130.43 -39.71 8.23
C LEU D 213 131.51 -40.75 7.99
N PRO D 214 131.53 -41.43 6.84
CA PRO D 214 132.50 -42.50 6.64
C PRO D 214 133.95 -42.05 6.69
N ASP D 215 134.23 -40.80 6.28
CA ASP D 215 135.59 -40.33 6.15
C ASP D 215 136.09 -39.51 7.33
N PHE D 216 135.24 -39.24 8.32
CA PHE D 216 135.59 -38.39 9.44
C PHE D 216 135.49 -39.16 10.76
N GLU D 217 136.35 -38.79 11.70
CA GLU D 217 136.41 -39.39 13.03
C GLU D 217 136.24 -38.29 14.07
N ALA D 218 135.53 -38.61 15.15
CA ALA D 218 135.35 -37.70 16.27
C ALA D 218 135.69 -38.43 17.55
N LYS D 219 136.60 -37.86 18.34
CA LYS D 219 137.08 -38.48 19.58
C LYS D 219 137.18 -37.43 20.67
N LEU D 220 136.97 -37.86 21.91
CA LEU D 220 136.84 -36.96 23.04
C LEU D 220 138.16 -36.83 23.80
N SER D 221 138.28 -35.75 24.57
CA SER D 221 139.48 -35.51 25.34
C SER D 221 139.57 -36.51 26.51
N PRO D 222 140.77 -36.78 27.02
CA PRO D 222 140.91 -37.73 28.13
C PRO D 222 140.61 -37.15 29.50
N PHE D 223 140.65 -35.82 29.66
CA PHE D 223 140.53 -35.19 30.97
C PHE D 223 139.06 -34.90 31.26
N GLY D 224 138.36 -35.90 31.76
CA GLY D 224 136.99 -35.73 32.19
C GLY D 224 136.06 -35.30 31.06
N ASP D 225 134.87 -34.87 31.47
CA ASP D 225 133.89 -34.37 30.51
C ASP D 225 134.35 -33.06 29.90
N LYS D 226 134.07 -32.90 28.60
CA LYS D 226 134.32 -31.66 27.89
C LYS D 226 133.12 -31.20 27.08
N ASN D 227 131.94 -31.75 27.35
CA ASN D 227 130.75 -31.35 26.61
C ASN D 227 130.47 -29.87 26.79
N LEU D 228 130.17 -29.21 25.68
CA LEU D 228 129.81 -27.80 25.68
C LEU D 228 128.89 -27.53 24.50
N GLU D 229 128.02 -26.54 24.67
CA GLU D 229 127.15 -26.15 23.57
C GLU D 229 127.98 -25.58 22.43
N SER D 230 127.57 -25.89 21.19
CA SER D 230 128.31 -25.42 20.03
C SER D 230 128.29 -23.90 19.92
N SER D 231 127.37 -23.25 20.63
CA SER D 231 127.28 -21.79 20.57
C SER D 231 128.55 -21.12 21.08
N LYS D 232 129.21 -21.72 22.06
CA LYS D 232 130.36 -21.09 22.70
C LYS D 232 131.65 -21.28 21.93
N LEU D 233 131.62 -22.03 20.82
CA LEU D 233 132.86 -22.38 20.14
C LEU D 233 133.54 -21.16 19.54
N ASP D 234 134.86 -21.13 19.63
CA ASP D 234 135.63 -20.04 19.06
C ASP D 234 135.59 -20.09 17.54
N LYS D 235 135.73 -18.93 16.91
CA LYS D 235 135.77 -18.86 15.45
C LYS D 235 137.05 -19.50 14.93
N ILE D 236 136.90 -20.42 13.98
CA ILE D 236 138.01 -21.15 13.39
C ILE D 236 137.80 -21.16 11.88
N GLU D 237 138.90 -21.10 11.12
CA GLU D 237 138.84 -21.01 9.67
C GLU D 237 139.84 -21.97 9.06
N ASN D 238 139.36 -22.81 8.13
CA ASN D 238 140.22 -23.69 7.33
C ASN D 238 141.11 -24.57 8.20
N ALA D 239 140.54 -25.14 9.25
CA ALA D 239 141.30 -26.07 10.08
C ALA D 239 141.55 -27.37 9.32
N ASN D 240 142.82 -27.66 9.06
CA ASN D 240 143.19 -28.81 8.24
C ASN D 240 142.95 -30.10 9.02
N ILE D 241 142.11 -30.96 8.48
CA ILE D 241 141.64 -32.15 9.20
C ILE D 241 142.41 -33.42 8.81
N LYS D 242 142.98 -33.47 7.61
CA LYS D 242 143.54 -34.73 7.12
C LYS D 242 144.84 -35.09 7.83
N ASP D 243 145.85 -34.24 7.71
CA ASP D 243 147.17 -34.57 8.24
C ASP D 243 147.17 -34.72 9.76
N LYS D 244 146.46 -33.83 10.47
CA LYS D 244 146.40 -33.88 11.92
C LYS D 244 144.98 -33.61 12.38
N ALA D 245 144.66 -34.10 13.57
CA ALA D 245 143.35 -33.84 14.16
C ALA D 245 143.21 -32.36 14.47
N VAL D 246 141.99 -31.84 14.32
CA VAL D 246 141.70 -30.42 14.55
C VAL D 246 141.06 -30.26 15.92
N TYR D 247 141.57 -29.30 16.69
CA TYR D 247 141.09 -29.04 18.03
C TYR D 247 139.97 -28.00 17.98
N VAL D 248 138.84 -28.33 18.61
CA VAL D 248 137.72 -27.41 18.73
C VAL D 248 137.91 -26.61 20.02
N LYS D 249 137.83 -25.29 19.92
CA LYS D 249 138.20 -24.40 21.00
C LYS D 249 137.02 -23.58 21.48
N ALA D 250 136.87 -23.52 22.80
CA ALA D 250 136.03 -22.53 23.49
C ALA D 250 136.73 -22.26 24.82
N VAL D 251 137.60 -21.25 24.81
CA VAL D 251 138.40 -20.95 25.99
C VAL D 251 137.53 -20.38 27.10
N PHE D 252 136.61 -19.48 26.74
CA PHE D 252 135.74 -18.87 27.74
C PHE D 252 134.77 -19.90 28.32
N GLY D 253 134.14 -20.70 27.46
CA GLY D 253 133.14 -21.63 27.93
C GLY D 253 133.72 -22.70 28.85
N ASP D 254 134.83 -23.31 28.44
CA ASP D 254 135.42 -24.38 29.25
C ASP D 254 136.04 -23.82 30.52
N LEU D 255 136.60 -22.61 30.47
CA LEU D 255 137.18 -22.00 31.66
C LEU D 255 136.12 -21.78 32.72
N GLU D 256 134.94 -21.31 32.31
CA GLU D 256 133.87 -21.01 33.27
C GLU D 256 133.39 -22.27 33.97
N LYS D 257 133.27 -23.37 33.23
CA LYS D 257 132.81 -24.62 33.83
C LYS D 257 133.83 -25.15 34.84
N GLN D 258 135.09 -25.24 34.42
CA GLN D 258 136.12 -25.81 35.30
C GLN D 258 136.33 -24.93 36.53
N THR D 259 136.30 -23.61 36.37
CA THR D 259 136.39 -22.68 37.48
C THR D 259 135.03 -22.41 38.12
N ALA D 260 134.03 -23.26 37.86
CA ALA D 260 132.73 -23.09 38.49
C ALA D 260 132.87 -23.13 40.00
N TYR D 261 131.84 -22.64 40.70
CA TYR D 261 131.92 -22.34 42.13
C TYR D 261 133.08 -21.36 42.28
N ASN D 262 134.02 -21.56 43.22
CA ASN D 262 135.16 -20.66 43.36
C ASN D 262 134.70 -19.20 43.45
N GLY D 263 133.71 -18.95 44.31
CA GLY D 263 133.13 -17.63 44.40
C GLY D 263 134.11 -16.54 44.76
N ILE D 264 135.30 -16.92 45.24
CA ILE D 264 136.36 -15.95 45.50
C ILE D 264 136.74 -15.22 44.21
N VAL D 265 136.53 -15.85 43.07
CA VAL D 265 136.85 -15.29 41.77
C VAL D 265 135.66 -15.47 40.83
N SER D 266 135.32 -14.43 40.10
CA SER D 266 134.29 -14.47 39.06
C SER D 266 134.84 -13.82 37.80
N PHE D 267 134.32 -14.23 36.65
CA PHE D 267 134.90 -13.89 35.36
C PHE D 267 133.89 -13.15 34.49
N GLU D 268 134.37 -12.10 33.84
CA GLU D 268 133.64 -11.41 32.78
C GLU D 268 134.57 -11.24 31.58
N GLN D 269 134.01 -11.39 30.39
CA GLN D 269 134.78 -11.32 29.15
C GLN D 269 134.80 -9.87 28.67
N LEU D 270 135.99 -9.39 28.34
CA LEU D 270 136.18 -7.98 28.02
C LEU D 270 135.67 -7.67 26.61
N ASN D 271 134.84 -6.65 26.50
CA ASN D 271 134.43 -6.12 25.21
C ASN D 271 135.50 -5.13 24.75
N ALA D 272 136.21 -5.46 23.67
CA ALA D 272 137.32 -4.66 23.23
C ALA D 272 136.87 -3.24 22.91
N GLU D 273 137.63 -2.26 23.39
CA GLU D 273 137.33 -0.86 23.16
C GLU D 273 137.38 -0.53 21.68
N THR D 294 129.90 -2.41 17.35
CA THR D 294 130.13 -3.64 18.11
C THR D 294 131.50 -3.61 18.78
N SER D 295 131.51 -3.81 20.10
CA SER D 295 132.74 -3.97 20.86
C SER D 295 133.08 -5.46 20.86
N PRO D 296 133.99 -5.93 20.02
CA PRO D 296 134.15 -7.37 19.83
C PRO D 296 134.71 -8.06 21.07
N ILE D 297 134.40 -9.34 21.18
CA ILE D 297 134.94 -10.18 22.25
C ILE D 297 136.45 -10.31 21.99
N LYS D 298 137.25 -9.70 22.86
CA LYS D 298 138.69 -9.76 22.69
C LYS D 298 139.20 -11.17 22.93
N THR D 299 140.28 -11.51 22.21
CA THR D 299 140.89 -12.82 22.39
C THR D 299 141.47 -12.95 23.79
N ILE D 300 141.32 -14.14 24.38
CA ILE D 300 141.90 -14.39 25.68
C ILE D 300 143.38 -14.65 25.54
N GLU D 301 144.17 -14.06 26.44
CA GLU D 301 145.61 -14.21 26.42
C GLU D 301 146.11 -14.68 27.79
N PRO D 302 147.20 -15.46 27.83
CA PRO D 302 147.80 -15.77 29.14
C PRO D 302 148.46 -14.55 29.74
N PHE D 303 148.50 -14.52 31.07
CA PHE D 303 149.10 -13.41 31.79
C PHE D 303 149.55 -13.91 33.15
N GLU D 304 150.60 -13.29 33.69
CA GLU D 304 151.17 -13.74 34.95
C GLU D 304 150.22 -13.43 36.11
N LEU D 305 150.44 -14.13 37.22
CA LEU D 305 149.57 -13.98 38.39
C LEU D 305 149.58 -12.55 38.87
N THR D 306 148.39 -12.01 39.12
CA THR D 306 148.18 -10.59 39.38
C THR D 306 147.33 -10.42 40.62
N LYS D 307 147.80 -9.56 41.53
CA LYS D 307 146.98 -9.19 42.69
C LYS D 307 145.83 -8.30 42.25
N LEU D 308 144.63 -8.63 42.71
CA LEU D 308 143.47 -7.82 42.39
C LEU D 308 143.55 -6.47 43.09
N LYS D 309 142.79 -5.50 42.57
CA LYS D 309 142.81 -4.15 43.09
C LYS D 309 141.39 -3.60 43.12
N GLY D 310 141.19 -2.58 43.95
CA GLY D 310 139.89 -1.98 44.14
C GLY D 310 139.08 -2.54 45.28
N GLY D 311 139.52 -3.66 45.88
CA GLY D 311 138.84 -4.19 47.04
C GLY D 311 138.97 -3.22 48.20
N THR D 312 137.84 -2.69 48.68
CA THR D 312 137.87 -1.62 49.66
C THR D 312 136.68 -1.77 50.60
N ASN D 313 136.82 -1.16 51.77
CA ASN D 313 135.74 -1.04 52.74
C ASN D 313 135.38 0.44 52.87
N GLY D 314 134.12 0.77 52.62
CA GLY D 314 133.70 2.16 52.64
C GLY D 314 133.54 2.70 54.05
N GLU D 315 133.18 3.98 54.10
CA GLU D 315 132.92 4.63 55.38
C GLU D 315 131.45 4.47 55.77
N PRO D 316 131.12 4.49 57.06
CA PRO D 316 129.72 4.45 57.46
C PRO D 316 129.09 5.83 57.36
N PRO D 317 127.91 5.96 56.75
CA PRO D 317 127.29 7.28 56.65
C PRO D 317 126.79 7.76 58.00
N ALA D 318 126.55 9.07 58.08
CA ALA D 318 126.05 9.66 59.31
C ALA D 318 124.67 9.12 59.66
N THR D 319 123.92 8.68 58.65
CA THR D 319 122.55 8.20 58.83
C THR D 319 122.48 6.76 58.36
N TRP D 320 122.07 5.86 59.26
CA TRP D 320 121.88 4.45 58.95
C TRP D 320 120.41 4.11 58.70
N ALA D 321 119.54 5.13 58.60
CA ALA D 321 118.11 4.89 58.52
C ALA D 321 117.76 4.00 57.34
N ASP D 322 118.44 4.20 56.21
CA ASP D 322 118.21 3.33 55.06
C ASP D 322 118.59 1.89 55.39
N LYS D 323 119.68 1.71 56.14
CA LYS D 323 120.08 0.37 56.56
C LYS D 323 119.02 -0.26 57.46
N LEU D 324 118.50 0.54 58.40
CA LEU D 324 117.55 0.00 59.37
C LEU D 324 116.25 -0.41 58.72
N ASP D 325 115.83 0.30 57.66
CA ASP D 325 114.54 0.03 57.05
C ASP D 325 114.48 -1.38 56.46
N LYS D 326 115.64 -1.97 56.17
CA LYS D 326 115.66 -3.30 55.61
C LYS D 326 115.12 -4.33 56.60
N PHE D 327 115.36 -4.11 57.89
CA PHE D 327 114.89 -5.05 58.90
C PHE D 327 113.38 -4.99 59.07
N ALA D 328 112.71 -3.97 58.52
CA ALA D 328 111.28 -3.86 58.66
C ALA D 328 110.57 -4.98 57.90
N HIS D 329 109.46 -5.46 58.47
CA HIS D 329 108.68 -6.54 57.90
C HIS D 329 109.46 -7.85 57.84
N GLU D 330 110.39 -8.07 58.77
CA GLU D 330 111.20 -9.26 58.81
C GLU D 330 111.08 -10.03 60.12
N GLY D 331 110.15 -9.64 60.98
CA GLY D 331 109.87 -10.41 62.18
C GLY D 331 110.96 -10.39 63.22
N GLY D 332 111.79 -9.35 63.25
CA GLY D 332 112.85 -9.27 64.22
C GLY D 332 112.35 -8.76 65.57
N TYR D 333 113.20 -8.93 66.58
CA TYR D 333 112.94 -8.42 67.91
C TYR D 333 114.26 -8.24 68.64
N TYR D 334 114.29 -7.30 69.58
CA TYR D 334 115.46 -6.97 70.39
C TYR D 334 116.64 -6.63 69.48
N ILE D 335 116.49 -5.55 68.72
CA ILE D 335 117.58 -5.09 67.87
C ILE D 335 118.68 -4.48 68.73
N VAL D 336 119.92 -4.56 68.24
CA VAL D 336 121.06 -4.00 68.95
C VAL D 336 122.01 -3.37 67.94
N PRO D 337 122.11 -2.03 67.87
CA PRO D 337 123.08 -1.41 66.97
C PRO D 337 124.46 -1.36 67.63
N LEU D 338 125.47 -1.79 66.88
CA LEU D 338 126.83 -1.86 67.41
C LEU D 338 127.57 -0.54 67.19
N SER D 339 127.21 0.44 68.01
CA SER D 339 127.84 1.76 67.95
C SER D 339 127.46 2.54 69.19
N SER D 340 128.31 3.50 69.55
CA SER D 340 128.11 4.29 70.75
C SER D 340 127.58 5.68 70.44
N LYS D 341 127.91 6.22 69.26
CA LYS D 341 127.62 7.62 68.96
C LYS D 341 126.12 7.89 68.98
N GLN D 342 125.76 9.09 69.43
CA GLN D 342 124.36 9.43 69.69
C GLN D 342 123.53 9.38 68.42
N SER D 343 124.12 9.70 67.27
CA SER D 343 123.35 9.82 66.04
C SER D 343 122.64 8.51 65.71
N VAL D 344 123.33 7.38 65.86
CA VAL D 344 122.72 6.10 65.57
C VAL D 344 121.57 5.82 66.53
N HIS D 345 121.78 6.08 67.82
CA HIS D 345 120.75 5.80 68.81
C HIS D 345 119.49 6.60 68.55
N ALA D 346 119.65 7.82 68.04
CA ALA D 346 118.49 8.65 67.72
C ALA D 346 117.66 8.02 66.60
N GLU D 347 118.34 7.48 65.58
CA GLU D 347 117.63 6.89 64.45
C GLU D 347 116.81 5.69 64.87
N VAL D 348 117.42 4.76 65.59
CA VAL D 348 116.74 3.51 65.94
C VAL D 348 115.53 3.80 66.82
N ALA D 349 115.64 4.77 67.72
CA ALA D 349 114.53 5.09 68.61
C ALA D 349 113.32 5.54 67.81
N SER D 350 113.53 6.35 66.78
CA SER D 350 112.43 6.73 65.90
C SER D 350 111.95 5.54 65.08
N PHE D 351 112.88 4.67 64.67
CA PHE D 351 112.54 3.54 63.82
C PHE D 351 111.61 2.57 64.54
N VAL D 352 112.00 2.16 65.75
CA VAL D 352 111.20 1.19 66.50
C VAL D 352 109.81 1.74 66.78
N LYS D 353 109.71 3.06 67.02
CA LYS D 353 108.41 3.68 67.23
C LYS D 353 107.47 3.40 66.06
N GLU D 354 107.97 3.57 64.84
CA GLU D 354 107.15 3.30 63.67
C GLU D 354 106.82 1.83 63.54
N ARG D 355 107.75 0.96 63.94
CA ARG D 355 107.49 -0.47 63.91
C ARG D 355 106.34 -0.83 64.84
N SER D 356 106.30 -0.23 66.02
CA SER D 356 105.17 -0.44 66.93
C SER D 356 103.88 0.05 66.31
N ASP D 357 103.92 1.18 65.61
CA ASP D 357 102.72 1.69 64.95
C ASP D 357 102.24 0.75 63.85
N ALA D 358 103.17 0.12 63.14
CA ALA D 358 102.84 -0.67 61.96
C ALA D 358 102.50 -2.12 62.30
N GLY D 359 102.14 -2.41 63.55
CA GLY D 359 101.73 -3.74 63.97
C GLY D 359 102.84 -4.76 64.00
N GLU D 360 104.10 -4.31 63.98
CA GLU D 360 105.25 -5.20 64.09
C GLU D 360 106.19 -4.66 65.18
N PRO D 361 105.78 -4.75 66.44
CA PRO D 361 106.50 -4.02 67.49
C PRO D 361 107.95 -4.46 67.63
N MET D 362 108.80 -3.49 67.99
CA MET D 362 110.22 -3.71 68.15
C MET D 362 110.67 -3.18 69.51
N ARG D 363 111.76 -3.76 70.01
CA ARG D 363 112.44 -3.28 71.20
C ARG D 363 113.92 -3.30 70.93
N ALA D 364 114.66 -2.43 71.60
CA ALA D 364 116.07 -2.24 71.33
C ALA D 364 116.86 -2.15 72.63
N ILE D 365 118.13 -2.54 72.56
CA ILE D 365 119.06 -2.45 73.67
C ILE D 365 120.32 -1.76 73.17
N VAL D 366 120.82 -0.81 73.95
CA VAL D 366 121.87 0.10 73.49
C VAL D 366 122.95 0.26 74.56
N GLY D 367 124.11 0.73 74.12
CA GLY D 367 125.21 1.01 75.03
C GLY D 367 125.98 2.23 74.56
N GLY D 368 126.66 2.86 75.50
CA GLY D 368 127.34 4.12 75.28
C GLY D 368 128.84 4.07 75.14
N GLY D 369 129.43 2.89 74.96
CA GLY D 369 130.87 2.79 74.78
C GLY D 369 131.60 2.39 76.05
N PHE D 370 132.87 2.81 76.14
CA PHE D 370 133.66 2.61 77.36
C PHE D 370 133.41 3.77 78.33
N ASN D 371 132.13 3.98 78.67
CA ASN D 371 131.75 5.14 79.46
C ASN D 371 132.41 5.09 80.83
N GLU D 372 132.24 3.99 81.56
CA GLU D 372 132.82 3.79 82.88
C GLU D 372 132.51 4.95 83.83
N SER D 373 131.40 5.64 83.61
CA SER D 373 131.00 6.77 84.44
C SER D 373 129.50 6.92 84.40
N LYS D 374 128.95 7.62 85.39
CA LYS D 374 127.50 7.70 85.55
C LYS D 374 126.93 8.98 84.96
N GLU D 375 127.66 10.10 85.08
CA GLU D 375 127.10 11.39 84.70
C GLU D 375 126.78 11.43 83.21
N GLN D 376 127.64 10.85 82.38
CA GLN D 376 127.38 10.79 80.95
C GLN D 376 126.10 10.04 80.67
N LEU D 377 125.83 8.99 81.44
CA LEU D 377 124.63 8.20 81.24
C LEU D 377 123.37 9.01 81.53
N PHE D 378 123.42 9.86 82.55
CA PHE D 378 122.27 10.71 82.86
C PHE D 378 121.95 11.63 81.69
N GLY D 379 122.99 12.18 81.05
CA GLY D 379 122.77 12.98 79.86
C GLY D 379 122.20 12.15 78.73
N ARG D 380 122.72 10.93 78.56
CA ARG D 380 122.18 10.04 77.53
C ARG D 380 120.75 9.65 77.85
N GLN D 381 120.48 9.27 79.11
CA GLN D 381 119.12 8.93 79.51
C GLN D 381 118.18 10.11 79.36
N ALA D 382 118.68 11.33 79.54
CA ALA D 382 117.86 12.50 79.28
C ALA D 382 117.49 12.58 77.81
N SER D 383 118.43 12.23 76.93
CA SER D 383 118.15 12.27 75.49
C SER D 383 117.12 11.22 75.11
N LEU D 384 117.27 10.02 75.65
CA LEU D 384 116.44 8.87 75.28
C LEU D 384 115.55 8.48 76.44
N SER D 385 114.23 8.55 76.22
CA SER D 385 113.27 8.08 77.22
C SER D 385 112.13 7.30 76.58
N ASN D 386 112.31 6.83 75.36
CA ASN D 386 111.29 6.02 74.71
C ASN D 386 111.14 4.71 75.47
N PRO D 387 109.93 4.27 75.81
CA PRO D 387 109.79 2.98 76.49
C PRO D 387 110.34 1.81 75.71
N ARG D 388 110.43 1.92 74.39
CA ARG D 388 110.81 0.80 73.54
C ARG D 388 112.31 0.52 73.54
N VAL D 389 113.12 1.36 74.18
CA VAL D 389 114.57 1.20 74.21
C VAL D 389 115.02 1.08 75.65
N SER D 390 116.07 0.30 75.87
CA SER D 390 116.65 0.10 77.19
C SER D 390 118.16 0.30 77.10
N LEU D 391 118.73 0.90 78.14
CA LEU D 391 120.14 1.26 78.18
C LEU D 391 120.84 0.46 79.28
N VAL D 392 122.07 0.05 79.00
CA VAL D 392 122.93 -0.63 79.98
C VAL D 392 124.17 0.21 80.19
N ALA D 393 124.68 0.21 81.42
CA ALA D 393 125.75 1.13 81.80
C ALA D 393 127.11 0.45 81.79
N ASN D 394 127.19 -0.80 82.24
CA ASN D 394 128.46 -1.43 82.54
C ASN D 394 129.21 -1.82 81.27
N SER D 395 130.53 -1.92 81.40
CA SER D 395 131.40 -2.49 80.40
C SER D 395 132.35 -3.46 81.10
N GLY D 396 132.78 -4.49 80.37
CA GLY D 396 133.57 -5.54 80.98
C GLY D 396 134.32 -6.34 79.95
N THR D 397 135.02 -7.38 80.43
CA THR D 397 135.80 -8.26 79.59
C THR D 397 135.14 -9.63 79.52
N PHE D 398 135.10 -10.19 78.32
CA PHE D 398 134.63 -11.55 78.10
C PHE D 398 135.76 -12.40 77.54
N VAL D 399 135.74 -13.69 77.87
CA VAL D 399 136.71 -14.65 77.36
C VAL D 399 136.07 -15.39 76.20
N MET D 400 136.69 -15.32 75.03
CA MET D 400 136.17 -15.98 73.86
C MET D 400 136.53 -17.47 73.90
N ASP D 401 136.07 -18.19 72.88
CA ASP D 401 136.50 -19.58 72.72
C ASP D 401 138.01 -19.65 72.49
N ASP D 402 138.54 -18.70 71.71
CA ASP D 402 139.98 -18.63 71.49
C ASP D 402 140.73 -18.26 72.77
N GLY D 403 140.04 -17.64 73.73
CA GLY D 403 140.66 -17.24 74.97
C GLY D 403 141.15 -15.82 75.02
N ARG D 404 140.90 -15.03 73.98
CA ARG D 404 141.32 -13.64 74.00
C ARG D 404 140.56 -12.87 75.07
N LYS D 405 141.29 -12.03 75.81
CA LYS D 405 140.68 -11.18 76.84
C LYS D 405 140.01 -10.01 76.13
N ASN D 406 138.80 -10.27 75.65
CA ASN D 406 138.06 -9.31 74.84
C ASN D 406 137.48 -8.22 75.75
N HIS D 407 138.20 -7.12 75.87
CA HIS D 407 137.72 -5.95 76.60
C HIS D 407 136.90 -5.11 75.65
N VAL D 408 135.63 -4.88 76.00
CA VAL D 408 134.66 -4.35 75.05
C VAL D 408 133.87 -3.23 75.70
N PRO D 409 133.28 -2.35 74.87
CA PRO D 409 132.46 -1.27 75.42
C PRO D 409 131.14 -1.80 75.97
N ALA D 410 130.30 -0.86 76.41
CA ALA D 410 129.01 -1.22 76.98
C ALA D 410 128.10 -1.87 75.94
N TYR D 411 128.08 -1.35 74.72
CA TYR D 411 127.10 -1.84 73.75
C TYR D 411 127.39 -3.27 73.29
N MET D 412 128.56 -3.81 73.63
CA MET D 412 128.77 -5.25 73.46
C MET D 412 128.14 -6.03 74.60
N VAL D 413 128.16 -5.48 75.81
CA VAL D 413 127.47 -6.12 76.94
C VAL D 413 125.97 -6.17 76.66
N ALA D 414 125.44 -5.12 76.05
CA ALA D 414 124.01 -5.11 75.71
C ALA D 414 123.65 -6.30 74.83
N VAL D 415 124.56 -6.73 73.97
CA VAL D 415 124.30 -7.89 73.12
C VAL D 415 124.09 -9.13 73.96
N ALA D 416 124.92 -9.31 74.99
CA ALA D 416 124.76 -10.45 75.89
C ALA D 416 123.38 -10.43 76.54
N LEU D 417 122.94 -9.26 76.98
CA LEU D 417 121.59 -9.13 77.52
C LEU D 417 120.56 -9.45 76.45
N GLY D 418 120.75 -8.90 75.25
CA GLY D 418 119.83 -9.19 74.16
C GLY D 418 119.84 -10.65 73.77
N GLY D 419 121.02 -11.25 73.72
CA GLY D 419 121.11 -12.67 73.42
C GLY D 419 120.40 -13.52 74.46
N LEU D 420 120.51 -13.15 75.73
CA LEU D 420 119.78 -13.83 76.78
C LEU D 420 118.28 -13.64 76.61
N ALA D 421 117.85 -12.42 76.33
CA ALA D 421 116.44 -12.12 76.27
C ALA D 421 115.74 -12.86 75.14
N SER D 422 116.38 -12.94 73.97
CA SER D 422 115.78 -13.63 72.83
C SER D 422 115.62 -15.13 73.08
N GLY D 423 116.30 -15.68 74.08
CA GLY D 423 116.17 -17.08 74.42
C GLY D 423 115.18 -17.31 75.54
N LEU D 424 115.06 -16.33 76.43
CA LEU D 424 114.17 -16.49 77.58
C LEU D 424 112.71 -16.54 77.12
N GLU D 425 111.88 -17.20 77.91
CA GLU D 425 110.48 -17.35 77.57
C GLU D 425 109.76 -16.00 77.61
N ILE D 426 108.50 -16.02 77.18
CA ILE D 426 107.75 -14.78 77.00
C ILE D 426 107.49 -14.11 78.35
N GLY D 427 107.05 -14.90 79.34
CA GLY D 427 106.54 -14.35 80.57
C GLY D 427 107.53 -14.22 81.71
N GLU D 428 108.83 -14.20 81.43
CA GLU D 428 109.85 -14.11 82.47
C GLU D 428 110.84 -13.02 82.12
N SER D 429 111.41 -12.41 83.15
CA SER D 429 112.32 -11.29 82.97
C SER D 429 113.77 -11.74 82.99
N ILE D 430 114.65 -10.84 82.54
CA ILE D 430 116.09 -11.04 82.64
C ILE D 430 116.62 -10.75 84.03
N THR D 431 115.76 -10.33 84.96
CA THR D 431 116.21 -9.83 86.24
C THR D 431 116.91 -10.90 87.05
N PHE D 432 118.03 -10.52 87.69
CA PHE D 432 118.78 -11.31 88.64
C PHE D 432 119.41 -12.56 88.04
N LYS D 433 119.35 -12.73 86.73
CA LYS D 433 119.94 -13.92 86.15
C LYS D 433 121.45 -13.74 85.94
N PRO D 434 122.22 -14.83 85.88
CA PRO D 434 123.68 -14.69 85.84
C PRO D 434 124.19 -14.19 84.50
N LEU D 435 125.51 -14.15 84.34
CA LEU D 435 126.12 -13.72 83.10
C LEU D 435 127.52 -14.32 83.02
N ARG D 436 128.01 -14.47 81.79
CA ARG D 436 129.30 -15.13 81.56
C ARG D 436 130.48 -14.24 81.94
N VAL D 437 130.26 -12.94 82.15
CA VAL D 437 131.34 -11.97 82.17
C VAL D 437 132.38 -12.35 83.21
N SER D 438 133.66 -12.31 82.81
CA SER D 438 134.74 -12.62 83.73
C SER D 438 134.99 -11.49 84.71
N SER D 439 134.96 -10.24 84.23
CA SER D 439 135.23 -9.10 85.08
C SER D 439 134.59 -7.86 84.48
N LEU D 440 134.42 -6.84 85.32
CA LEU D 440 133.83 -5.58 84.92
C LEU D 440 134.76 -4.42 85.26
N ASP D 441 134.57 -3.31 84.56
CA ASP D 441 135.37 -2.12 84.83
C ASP D 441 134.88 -1.41 86.08
N GLN D 442 133.57 -1.46 86.37
CA GLN D 442 132.98 -0.67 87.44
C GLN D 442 132.09 -1.54 88.32
N ILE D 443 132.14 -1.27 89.62
CA ILE D 443 131.20 -1.81 90.60
C ILE D 443 130.70 -0.65 91.44
N TYR D 444 129.40 -0.63 91.72
CA TYR D 444 128.73 0.54 92.29
C TYR D 444 128.25 0.23 93.71
N GLU D 445 127.99 1.30 94.45
CA GLU D 445 127.42 1.18 95.79
C GLU D 445 125.92 0.94 95.70
N SER D 446 125.34 0.59 96.85
CA SER D 446 123.90 0.37 96.92
C SER D 446 123.14 1.64 96.59
N ILE D 447 123.58 2.78 97.14
CA ILE D 447 122.93 4.04 96.84
C ILE D 447 123.11 4.39 95.37
N ASP D 448 124.31 4.17 94.83
CA ASP D 448 124.55 4.43 93.41
C ASP D 448 123.64 3.56 92.54
N LEU D 449 123.48 2.30 92.92
CA LEU D 449 122.57 1.42 92.18
C LEU D 449 121.14 1.92 92.27
N ASP D 450 120.72 2.35 93.46
CA ASP D 450 119.36 2.84 93.64
C ASP D 450 119.10 4.06 92.77
N GLU D 451 120.02 5.04 92.81
CA GLU D 451 119.87 6.22 91.97
C GLU D 451 119.92 5.84 90.50
N LEU D 452 120.88 4.98 90.13
CA LEU D 452 121.00 4.56 88.75
C LEU D 452 119.76 3.80 88.29
N ASN D 453 119.28 2.89 89.12
CA ASN D 453 118.10 2.10 88.76
C ASN D 453 116.87 2.98 88.61
N GLU D 454 116.65 3.88 89.58
CA GLU D 454 115.48 4.75 89.52
C GLU D 454 115.52 5.67 88.30
N ASN D 455 116.72 6.06 87.87
CA ASN D 455 116.85 6.85 86.66
C ASN D 455 116.36 6.13 85.42
N GLY D 456 116.30 4.80 85.46
CA GLY D 456 115.84 4.01 84.33
C GLY D 456 116.99 3.49 83.49
N ILE D 457 118.02 2.96 84.15
CA ILE D 457 119.21 2.45 83.49
C ILE D 457 119.52 1.07 84.05
N ILE D 458 119.89 0.15 83.17
CA ILE D 458 120.24 -1.20 83.59
C ILE D 458 121.68 -1.23 84.06
N SER D 459 121.94 -2.07 85.07
CA SER D 459 123.27 -2.22 85.64
C SER D 459 123.54 -3.69 85.93
N ILE D 460 124.82 -4.01 86.08
CA ILE D 460 125.27 -5.35 86.42
C ILE D 460 126.00 -5.26 87.75
N GLU D 461 125.64 -6.15 88.67
CA GLU D 461 126.16 -6.16 90.03
C GLU D 461 126.99 -7.41 90.25
N PHE D 462 127.97 -7.32 91.14
CA PHE D 462 128.81 -8.44 91.52
C PHE D 462 128.36 -8.97 92.87
N VAL D 463 128.23 -10.29 92.96
CA VAL D 463 127.79 -10.96 94.18
C VAL D 463 128.79 -12.06 94.51
N ARG D 464 129.21 -12.11 95.77
CA ARG D 464 130.10 -13.17 96.23
C ARG D 464 129.67 -13.59 97.63
N ASN D 465 129.48 -14.89 97.83
CA ASN D 465 129.17 -15.44 99.14
C ASN D 465 129.60 -16.89 99.17
N ARG D 466 130.24 -17.28 100.27
CA ARG D 466 130.72 -18.65 100.45
C ARG D 466 131.67 -19.06 99.33
N THR D 467 132.44 -18.10 98.82
CA THR D 467 133.35 -18.33 97.70
C THR D 467 132.59 -18.81 96.46
N ASN D 468 131.62 -18.00 96.04
CA ASN D 468 130.81 -18.29 94.87
C ASN D 468 130.43 -16.96 94.22
N THR D 469 130.99 -16.68 93.05
CA THR D 469 130.94 -15.36 92.44
C THR D 469 130.14 -15.39 91.15
N PHE D 470 129.22 -14.44 91.01
CA PHE D 470 128.45 -14.27 89.79
C PHE D 470 128.39 -12.78 89.43
N PHE D 471 127.90 -12.53 88.23
CA PHE D 471 127.49 -11.19 87.80
C PHE D 471 126.04 -11.26 87.37
N ARG D 472 125.21 -10.37 87.90
CA ARG D 472 123.77 -10.47 87.78
C ARG D 472 123.17 -9.21 87.17
N ILE D 473 122.04 -9.39 86.51
CA ILE D 473 121.25 -8.26 86.04
C ILE D 473 120.37 -7.79 87.19
N VAL D 474 120.56 -6.53 87.61
CA VAL D 474 119.83 -6.02 88.76
C VAL D 474 118.35 -5.84 88.42
N ASP D 475 118.05 -5.37 87.21
CA ASP D 475 116.68 -5.02 86.87
C ASP D 475 116.51 -5.01 85.36
N ASP D 476 115.26 -4.80 84.93
CA ASP D 476 114.90 -4.76 83.52
C ASP D 476 114.23 -3.45 83.13
N VAL D 477 114.28 -2.43 83.99
CA VAL D 477 113.57 -1.19 83.71
C VAL D 477 114.15 -0.54 82.46
N THR D 478 113.30 0.16 81.73
CA THR D 478 113.68 0.81 80.48
C THR D 478 113.97 2.30 80.73
N THR D 479 114.30 3.00 79.65
CA THR D 479 114.62 4.42 79.73
C THR D 479 113.43 5.27 80.14
N PHE D 480 112.21 4.79 79.92
CA PHE D 480 111.03 5.55 80.31
C PHE D 480 111.00 5.75 81.81
N ASN D 481 110.51 6.90 82.25
CA ASN D 481 110.72 7.33 83.63
C ASN D 481 109.58 6.91 84.55
N ASP D 482 108.33 7.11 84.14
CA ASP D 482 107.20 7.04 85.05
C ASP D 482 107.01 5.60 85.50
N LYS D 483 107.20 5.36 86.79
CA LYS D 483 106.91 4.05 87.37
C LYS D 483 105.42 3.76 87.40
N SER D 484 104.58 4.78 87.22
CA SER D 484 103.14 4.61 87.34
C SER D 484 102.55 3.76 86.22
N ASP D 485 103.32 3.47 85.17
CA ASP D 485 102.86 2.71 84.02
C ASP D 485 103.79 1.51 83.83
N PRO D 486 103.54 0.40 84.51
CA PRO D 486 104.40 -0.78 84.35
C PRO D 486 104.50 -1.26 82.92
N VAL D 487 103.41 -1.14 82.15
CA VAL D 487 103.44 -1.52 80.74
C VAL D 487 104.45 -0.69 79.97
N LYS D 488 104.73 0.53 80.42
CA LYS D 488 105.71 1.38 79.77
C LYS D 488 107.11 1.18 80.35
N ALA D 489 107.19 1.05 81.68
CA ALA D 489 108.49 1.12 82.34
C ALA D 489 109.31 -0.15 82.15
N GLU D 490 108.68 -1.32 82.26
CA GLU D 490 109.41 -2.58 82.42
C GLU D 490 109.23 -3.46 81.19
N MET D 491 110.24 -4.30 80.94
CA MET D 491 110.24 -5.13 79.74
C MET D 491 109.24 -6.27 79.85
N ALA D 492 109.11 -6.85 81.04
CA ALA D 492 108.28 -8.05 81.20
C ALA D 492 106.84 -7.77 80.81
N VAL D 493 106.30 -6.63 81.21
CA VAL D 493 104.92 -6.30 80.87
C VAL D 493 104.80 -6.01 79.38
N GLY D 494 105.74 -5.21 78.85
CA GLY D 494 105.66 -4.84 77.45
C GLY D 494 105.86 -6.02 76.52
N GLU D 495 106.84 -6.87 76.82
CA GLU D 495 107.13 -8.00 75.94
C GLU D 495 105.92 -8.94 75.84
N ALA D 496 105.38 -9.33 76.98
CA ALA D 496 104.21 -10.21 76.98
C ALA D 496 103.02 -9.52 76.34
N ASN D 497 102.83 -8.24 76.62
CA ASN D 497 101.71 -7.50 76.05
C ASN D 497 101.81 -7.44 74.53
N ASP D 498 103.03 -7.25 74.02
CA ASP D 498 103.22 -7.12 72.58
C ASP D 498 102.77 -8.39 71.84
N PHE D 499 103.15 -9.55 72.36
CA PHE D 499 102.78 -10.80 71.71
C PHE D 499 101.28 -11.07 71.86
N LEU D 500 100.71 -10.73 73.02
CA LEU D 500 99.30 -10.99 73.25
C LEU D 500 98.43 -10.28 72.24
N VAL D 501 98.67 -8.98 72.03
CA VAL D 501 97.86 -8.21 71.09
C VAL D 501 98.04 -8.73 69.67
N SER D 502 99.27 -9.14 69.33
CA SER D 502 99.53 -9.66 67.99
C SER D 502 98.70 -10.92 67.73
N GLU D 503 98.64 -11.81 68.71
CA GLU D 503 97.87 -13.05 68.54
C GLU D 503 96.38 -12.74 68.50
N LEU D 504 95.90 -11.93 69.44
CA LEU D 504 94.48 -11.60 69.49
C LEU D 504 94.04 -10.86 68.23
N LYS D 505 94.88 -9.95 67.76
CA LYS D 505 94.53 -9.14 66.59
C LYS D 505 94.33 -10.02 65.36
N VAL D 506 95.21 -11.00 65.17
CA VAL D 506 95.12 -11.85 63.98
C VAL D 506 93.84 -12.69 64.03
N GLN D 507 93.53 -13.28 65.18
CA GLN D 507 92.34 -14.12 65.29
C GLN D 507 91.08 -13.31 65.03
N LEU D 508 90.98 -12.12 65.63
CA LEU D 508 89.79 -11.30 65.47
C LEU D 508 89.57 -10.92 64.01
N GLU D 509 90.66 -10.58 63.31
CA GLU D 509 90.55 -10.18 61.91
C GLU D 509 90.01 -11.34 61.07
N ASP D 510 90.51 -12.55 61.29
CA ASP D 510 90.04 -13.69 60.53
C ASP D 510 88.59 -14.03 60.83
N GLN D 511 88.23 -14.05 62.13
CA GLN D 511 86.91 -14.51 62.53
C GLN D 511 85.81 -13.58 62.01
N PHE D 512 86.04 -12.27 62.09
CA PHE D 512 84.94 -11.31 61.97
C PHE D 512 84.91 -10.62 60.62
N ILE D 513 86.07 -10.19 60.12
CA ILE D 513 86.10 -9.25 59.00
C ILE D 513 85.44 -9.85 57.76
N GLY D 514 85.78 -11.10 57.43
CA GLY D 514 85.23 -11.73 56.25
C GLY D 514 83.87 -12.37 56.46
N THR D 515 82.97 -11.69 57.16
CA THR D 515 81.65 -12.21 57.45
C THR D 515 80.62 -11.09 57.37
N ARG D 516 79.36 -11.51 57.21
CA ARG D 516 78.26 -10.56 57.05
C ARG D 516 77.92 -9.91 58.39
N THR D 517 77.57 -8.62 58.35
CA THR D 517 77.23 -7.92 59.57
C THR D 517 75.92 -8.40 60.16
N ILE D 518 75.01 -8.88 59.31
CA ILE D 518 73.65 -9.14 59.74
C ILE D 518 73.59 -10.26 60.76
N ASN D 519 74.47 -11.26 60.64
CA ASN D 519 74.47 -12.38 61.58
C ASN D 519 75.37 -12.12 62.79
N THR D 520 76.09 -11.00 62.80
CA THR D 520 76.98 -10.67 63.89
C THR D 520 76.34 -9.66 64.82
N SER D 521 76.68 -9.74 66.11
CA SER D 521 76.12 -8.84 67.10
C SER D 521 77.12 -8.69 68.24
N ALA D 522 76.74 -7.87 69.22
CA ALA D 522 77.62 -7.61 70.35
C ALA D 522 77.85 -8.84 71.20
N SER D 523 76.77 -9.57 71.50
CA SER D 523 76.84 -10.66 72.46
C SER D 523 77.80 -11.75 71.99
N ILE D 524 77.72 -12.13 70.72
CA ILE D 524 78.63 -13.16 70.20
C ILE D 524 80.07 -12.70 70.29
N ILE D 525 80.32 -11.41 70.04
CA ILE D 525 81.67 -10.87 70.18
C ILE D 525 82.15 -11.04 71.61
N LYS D 526 81.27 -10.76 72.57
CA LYS D 526 81.65 -10.86 73.98
C LYS D 526 82.00 -12.29 74.34
N ASP D 527 81.24 -13.26 73.85
CA ASP D 527 81.52 -14.65 74.16
C ASP D 527 82.86 -15.08 73.59
N PHE D 528 83.16 -14.65 72.37
CA PHE D 528 84.44 -15.01 71.75
C PHE D 528 85.60 -14.54 72.59
N ILE D 529 85.53 -13.31 73.10
CA ILE D 529 86.63 -12.75 73.89
C ILE D 529 86.82 -13.58 75.16
N GLN D 530 85.73 -13.92 75.83
CA GLN D 530 85.83 -14.70 77.06
C GLN D 530 86.45 -16.05 76.78
N SER D 531 86.08 -16.68 75.67
CA SER D 531 86.66 -17.97 75.31
C SER D 531 88.16 -17.82 75.03
N TYR D 532 88.54 -16.77 74.30
CA TYR D 532 89.95 -16.53 74.03
C TYR D 532 90.72 -16.30 75.32
N LEU D 533 90.16 -15.49 76.22
CA LEU D 533 90.83 -15.28 77.50
C LEU D 533 90.70 -16.51 78.39
N GLY D 534 89.67 -17.33 78.16
CA GLY D 534 89.54 -18.55 78.94
C GLY D 534 90.63 -19.55 78.62
N ARG D 535 90.89 -19.77 77.33
CA ARG D 535 91.94 -20.72 76.94
C ARG D 535 93.32 -20.16 77.25
N LYS D 536 93.46 -18.84 77.18
CA LYS D 536 94.73 -18.21 77.54
C LYS D 536 95.05 -18.47 79.00
N LYS D 537 94.05 -18.35 79.87
CA LYS D 537 94.27 -18.55 81.29
C LYS D 537 94.68 -19.99 81.59
N ARG D 538 94.08 -20.95 80.88
CA ARG D 538 94.45 -22.35 81.08
C ARG D 538 95.92 -22.56 80.78
N ASP D 539 96.42 -21.93 79.72
CA ASP D 539 97.84 -22.00 79.41
C ASP D 539 98.70 -21.29 80.44
N ASN D 540 98.09 -20.49 81.31
CA ASN D 540 98.77 -19.80 82.41
C ASN D 540 99.67 -18.67 81.92
N GLU D 541 99.46 -18.20 80.70
CA GLU D 541 100.26 -17.09 80.20
C GLU D 541 99.85 -15.76 80.83
N ILE D 542 98.71 -15.74 81.52
CA ILE D 542 98.22 -14.53 82.17
C ILE D 542 97.64 -14.90 83.52
N GLN D 543 97.45 -13.88 84.36
CA GLN D 543 96.69 -14.03 85.58
C GLN D 543 95.20 -14.04 85.25
N ASP D 544 94.38 -14.33 86.26
CA ASP D 544 92.94 -14.40 86.05
C ASP D 544 92.41 -13.03 85.64
N PHE D 545 91.27 -13.03 84.94
CA PHE D 545 90.70 -11.82 84.40
C PHE D 545 89.23 -11.66 84.82
N PRO D 546 88.76 -10.42 84.96
CA PRO D 546 87.35 -10.19 85.30
C PRO D 546 86.44 -10.33 84.09
N ALA D 547 85.96 -11.55 83.82
CA ALA D 547 85.17 -11.81 82.63
C ALA D 547 84.01 -10.84 82.49
N GLU D 548 83.36 -10.47 83.60
CA GLU D 548 82.20 -9.59 83.51
C GLU D 548 82.54 -8.22 82.95
N ASP D 549 83.76 -7.74 83.18
CA ASP D 549 84.13 -6.39 82.77
C ASP D 549 84.04 -6.19 81.26
N VAL D 550 84.08 -7.27 80.48
CA VAL D 550 84.07 -7.15 79.03
C VAL D 550 82.69 -6.69 78.57
N GLN D 551 82.66 -5.71 77.68
CA GLN D 551 81.42 -5.19 77.13
C GLN D 551 81.70 -4.57 75.77
N VAL D 552 80.68 -4.52 74.92
CA VAL D 552 80.85 -4.24 73.50
C VAL D 552 79.76 -3.27 73.05
N ILE D 553 80.05 -2.56 71.96
CA ILE D 553 79.07 -1.75 71.24
C ILE D 553 79.21 -2.09 69.76
N VAL D 554 78.07 -2.10 69.05
CA VAL D 554 78.04 -2.41 67.63
C VAL D 554 77.20 -1.35 66.92
N GLU D 555 77.67 -0.93 65.74
CA GLU D 555 76.92 0.00 64.92
C GLU D 555 77.36 -0.19 63.47
N GLY D 556 76.47 -0.74 62.65
CA GLY D 556 76.79 -0.93 61.25
C GLY D 556 78.00 -1.82 61.06
N ASN D 557 78.95 -1.33 60.27
CA ASN D 557 80.18 -2.06 59.98
C ASN D 557 81.23 -1.90 61.05
N GLU D 558 80.95 -1.14 62.11
CA GLU D 558 81.93 -0.76 63.11
C GLU D 558 81.53 -1.32 64.47
N ALA D 559 82.53 -1.67 65.27
CA ALA D 559 82.30 -2.15 66.62
C ALA D 559 83.44 -1.67 67.51
N ARG D 560 83.14 -1.52 68.80
CA ARG D 560 84.08 -1.04 69.79
C ARG D 560 84.08 -2.00 70.98
N ILE D 561 85.25 -2.25 71.54
CA ILE D 561 85.44 -3.23 72.60
C ILE D 561 86.31 -2.61 73.69
N SER D 562 85.97 -2.92 74.94
CA SER D 562 86.80 -2.61 76.09
C SER D 562 86.85 -3.83 77.00
N MET D 563 88.03 -4.11 77.53
CA MET D 563 88.21 -5.26 78.42
C MET D 563 89.19 -4.90 79.52
N THR D 564 89.12 -5.65 80.60
CA THR D 564 90.01 -5.50 81.75
C THR D 564 90.74 -6.82 81.97
N VAL D 565 92.04 -6.72 82.25
CA VAL D 565 92.88 -7.89 82.48
C VAL D 565 93.93 -7.54 83.51
N TYR D 566 94.35 -8.56 84.28
CA TYR D 566 95.39 -8.37 85.29
C TYR D 566 96.72 -8.92 84.78
N PRO D 567 97.85 -8.32 85.16
CA PRO D 567 99.13 -8.71 84.57
C PRO D 567 99.78 -9.85 85.34
N ILE D 568 100.98 -10.19 84.90
CA ILE D 568 101.83 -11.15 85.61
C ILE D 568 102.74 -10.36 86.53
N ARG D 569 102.68 -10.65 87.82
CA ARG D 569 103.48 -9.93 88.80
C ARG D 569 104.88 -10.54 88.90
N SER D 570 105.68 -9.98 89.80
CA SER D 570 107.01 -10.50 90.06
C SER D 570 107.48 -9.97 91.41
N PHE D 571 108.00 -10.88 92.24
CA PHE D 571 108.44 -10.53 93.59
C PHE D 571 109.89 -10.06 93.53
N LYS D 572 110.15 -8.89 94.12
CA LYS D 572 111.43 -8.22 93.97
C LYS D 572 112.20 -8.12 95.29
N LYS D 573 111.60 -7.52 96.32
CA LYS D 573 112.30 -7.19 97.55
C LYS D 573 111.69 -7.90 98.74
N ILE D 574 112.53 -8.19 99.74
CA ILE D 574 112.11 -8.79 100.99
C ILE D 574 112.83 -8.08 102.14
N SER D 575 112.32 -8.30 103.35
CA SER D 575 112.90 -7.71 104.55
C SER D 575 112.90 -8.75 105.66
N VAL D 576 114.02 -8.86 106.36
CA VAL D 576 114.16 -9.79 107.47
C VAL D 576 114.82 -9.08 108.65
N SER D 577 114.62 -9.65 109.83
CA SER D 577 115.21 -9.16 111.06
C SER D 577 115.59 -10.35 111.92
N LEU D 578 116.51 -10.12 112.86
CA LEU D 578 117.01 -11.16 113.73
C LEU D 578 116.97 -10.72 115.18
N VAL D 579 116.83 -11.70 116.06
CA VAL D 579 116.78 -11.47 117.50
C VAL D 579 117.46 -12.63 118.20
N TYR D 580 118.35 -12.32 119.14
CA TYR D 580 119.02 -13.32 119.97
C TYR D 580 118.49 -13.18 121.38
N LYS D 581 117.97 -14.27 121.94
CA LYS D 581 117.40 -14.28 123.28
C LYS D 581 118.33 -14.92 124.29
N GLN D 582 119.57 -15.22 123.91
CA GLN D 582 120.58 -15.79 124.81
C GLN D 582 120.23 -17.20 125.26
N GLN D 583 119.25 -17.84 124.63
CA GLN D 583 118.86 -19.20 124.99
C GLN D 583 118.22 -19.90 123.80
N SER E 49 -113.50 60.96 -65.53
CA SER E 49 -113.24 60.25 -66.78
C SER E 49 -113.68 58.80 -66.68
N LEU E 50 -113.47 58.19 -65.50
CA LEU E 50 -113.74 56.77 -65.33
C LEU E 50 -115.20 56.46 -65.62
N TYR E 51 -116.10 57.24 -65.02
CA TYR E 51 -117.54 57.13 -65.27
C TYR E 51 -118.08 58.29 -66.09
N GLY E 52 -117.53 59.48 -65.91
CA GLY E 52 -117.97 60.66 -66.62
C GLY E 52 -117.43 61.90 -65.93
N GLN E 53 -118.01 63.04 -66.28
CA GLN E 53 -117.67 64.28 -65.60
C GLN E 53 -118.36 64.32 -64.25
N GLN E 54 -117.57 64.50 -63.19
CA GLN E 54 -118.09 64.49 -61.83
C GLN E 54 -117.22 65.37 -60.96
N GLN E 55 -117.75 65.72 -59.79
CA GLN E 55 -117.03 66.58 -58.86
C GLN E 55 -116.09 65.79 -57.95
N ALA E 56 -116.44 64.56 -57.62
CA ALA E 56 -115.66 63.76 -56.69
C ALA E 56 -114.55 63.00 -57.43
N TYR E 57 -113.69 62.37 -56.66
CA TYR E 57 -112.65 61.48 -57.17
C TYR E 57 -113.06 60.03 -56.93
N ALA E 58 -113.05 59.23 -58.00
CA ALA E 58 -113.33 57.81 -57.91
C ALA E 58 -112.22 56.97 -58.53
N GLU E 59 -111.02 57.53 -58.61
CA GLU E 59 -109.85 56.87 -59.17
C GLU E 59 -108.65 57.31 -58.34
N PRO E 60 -107.61 56.48 -58.25
CA PRO E 60 -106.45 56.88 -57.44
C PRO E 60 -105.85 58.20 -57.88
N PHE E 61 -105.68 59.10 -56.92
CA PHE E 61 -105.11 60.42 -57.21
C PHE E 61 -103.67 60.29 -57.71
N ILE E 62 -102.89 59.42 -57.09
CA ILE E 62 -101.49 59.19 -57.44
C ILE E 62 -101.39 57.82 -58.10
N GLU E 63 -100.77 57.78 -59.28
CA GLU E 63 -100.67 56.54 -60.03
C GLU E 63 -99.66 55.60 -59.37
N MET E 64 -99.83 54.31 -59.66
CA MET E 64 -98.84 53.33 -59.25
C MET E 64 -97.59 53.45 -60.12
N MET E 65 -96.44 53.66 -59.48
CA MET E 65 -95.24 54.03 -60.22
C MET E 65 -94.79 52.92 -61.15
N ASP E 66 -94.83 51.67 -60.69
CA ASP E 66 -94.26 50.57 -61.46
C ASP E 66 -95.11 50.19 -62.67
N THR E 67 -96.34 50.69 -62.76
CA THR E 67 -97.21 50.33 -63.87
C THR E 67 -96.82 51.10 -65.13
N ASN E 68 -97.11 50.50 -66.28
CA ASN E 68 -96.80 51.15 -67.55
C ASN E 68 -97.73 52.35 -67.75
N PRO E 69 -97.25 53.43 -68.37
CA PRO E 69 -98.14 54.59 -68.56
C PRO E 69 -99.36 54.31 -69.42
N GLU E 70 -99.27 53.35 -70.34
CA GLU E 70 -100.31 53.17 -71.34
C GLU E 70 -101.61 52.61 -70.76
N PHE E 71 -101.55 51.93 -69.61
CA PHE E 71 -102.73 51.33 -69.02
C PHE E 71 -102.57 51.26 -67.51
N ARG E 72 -103.68 51.02 -66.83
CA ARG E 72 -103.71 50.82 -65.39
C ARG E 72 -103.78 49.32 -65.11
N ASP E 73 -102.85 48.83 -64.30
CA ASP E 73 -102.79 47.41 -63.98
C ASP E 73 -103.89 47.04 -62.99
N LYS E 74 -104.26 45.75 -63.01
CA LYS E 74 -105.17 45.17 -62.03
C LYS E 74 -104.35 44.43 -60.99
N ARG E 75 -104.64 44.68 -59.72
CA ARG E 75 -103.79 44.22 -58.62
C ARG E 75 -104.65 43.53 -57.56
N SER E 76 -103.96 42.87 -56.63
CA SER E 76 -104.62 42.17 -55.54
C SER E 76 -105.33 43.17 -54.62
N TYR E 77 -106.12 42.62 -53.69
CA TYR E 77 -106.85 43.45 -52.76
C TYR E 77 -105.90 44.26 -51.88
N MET E 78 -104.93 43.58 -51.28
CA MET E 78 -104.01 44.19 -50.32
C MET E 78 -102.81 44.85 -50.99
N LYS E 79 -102.77 44.90 -52.32
CA LYS E 79 -101.62 45.36 -53.07
C LYS E 79 -100.39 44.49 -52.84
N ASN E 80 -100.59 43.25 -52.38
CA ASN E 80 -99.46 42.35 -52.17
C ASN E 80 -98.76 42.04 -53.48
N GLU E 81 -99.54 41.82 -54.55
CA GLU E 81 -99.01 41.54 -55.88
C GLU E 81 -99.70 42.44 -56.88
N HIS E 82 -98.91 43.05 -57.77
CA HIS E 82 -99.45 43.87 -58.84
C HIS E 82 -99.87 43.05 -60.05
N ASN E 83 -99.70 41.72 -60.02
CA ASN E 83 -100.07 40.85 -61.11
C ASN E 83 -100.88 39.70 -60.54
N LEU E 84 -102.17 39.66 -60.87
CA LEU E 84 -103.15 38.79 -60.20
C LEU E 84 -103.65 37.67 -61.10
N HIS E 85 -104.07 38.00 -62.33
CA HIS E 85 -104.64 36.98 -63.18
C HIS E 85 -103.64 35.87 -63.51
N ASP E 86 -102.34 36.16 -63.44
CA ASP E 86 -101.35 35.11 -63.63
C ASP E 86 -101.48 34.03 -62.56
N VAL E 87 -101.64 34.42 -61.30
CA VAL E 87 -101.78 33.41 -60.25
C VAL E 87 -103.18 32.81 -60.26
N LEU E 88 -104.20 33.58 -60.65
CA LEU E 88 -105.54 32.99 -60.76
C LEU E 88 -105.59 31.93 -61.85
N LYS E 89 -104.81 32.11 -62.91
CA LYS E 89 -104.76 31.10 -63.97
C LYS E 89 -104.27 29.76 -63.43
N LYS E 90 -103.42 29.79 -62.40
CA LYS E 90 -102.96 28.54 -61.80
C LYS E 90 -104.10 27.81 -61.13
N PHE E 91 -104.93 28.52 -60.37
CA PHE E 91 -106.09 27.91 -59.72
C PHE E 91 -107.21 27.59 -60.69
N GLY E 92 -107.14 28.12 -61.91
CA GLY E 92 -108.13 27.79 -62.93
C GLY E 92 -108.29 26.31 -63.21
N ASN E 93 -107.28 25.50 -62.88
CA ASN E 93 -107.28 24.07 -63.16
C ASN E 93 -107.80 23.23 -62.00
N ASN E 94 -108.21 23.84 -60.89
CA ASN E 94 -108.58 23.07 -59.72
C ASN E 94 -109.86 22.26 -60.02
N PRO E 95 -109.97 21.02 -59.52
CA PRO E 95 -111.16 20.21 -59.83
C PRO E 95 -112.44 20.74 -59.21
N ILE E 96 -112.39 21.11 -57.93
CA ILE E 96 -113.59 21.61 -57.26
C ILE E 96 -114.13 22.83 -58.00
N LEU E 97 -113.25 23.80 -58.27
CA LEU E 97 -113.64 24.98 -59.03
C LEU E 97 -114.16 24.59 -60.40
N ASN E 98 -113.43 23.71 -61.10
CA ASN E 98 -113.88 23.29 -62.42
C ASN E 98 -115.20 22.54 -62.36
N ALA E 99 -115.42 21.78 -61.28
CA ALA E 99 -116.70 21.10 -61.11
C ALA E 99 -117.83 22.11 -60.99
N ILE E 100 -117.63 23.16 -60.20
CA ILE E 100 -118.65 24.20 -60.07
C ILE E 100 -118.90 24.87 -61.41
N ILE E 101 -117.81 25.19 -62.13
CA ILE E 101 -117.94 25.85 -63.43
C ILE E 101 -118.75 24.99 -64.37
N LEU E 102 -118.44 23.70 -64.44
CA LEU E 102 -119.10 22.82 -65.39
C LEU E 102 -120.56 22.61 -65.02
N THR E 103 -120.86 22.47 -63.73
CA THR E 103 -122.25 22.34 -63.31
C THR E 103 -123.05 23.57 -63.69
N ARG E 104 -122.53 24.76 -63.41
CA ARG E 104 -123.25 25.98 -63.75
C ARG E 104 -123.38 26.14 -65.25
N SER E 105 -122.34 25.77 -66.01
CA SER E 105 -122.41 25.86 -67.45
C SER E 105 -123.48 24.93 -68.01
N ASN E 106 -123.56 23.70 -67.49
CA ASN E 106 -124.61 22.78 -67.93
C ASN E 106 -125.98 23.32 -67.57
N GLN E 107 -126.12 23.93 -66.40
CA GLN E 107 -127.40 24.52 -66.03
C GLN E 107 -127.79 25.62 -67.01
N VAL E 108 -126.84 26.48 -67.39
CA VAL E 108 -127.15 27.60 -68.27
C VAL E 108 -127.46 27.10 -69.68
N ALA E 109 -126.77 26.04 -70.12
CA ALA E 109 -126.87 25.61 -71.51
C ALA E 109 -128.30 25.25 -71.90
N MET E 110 -129.11 24.75 -70.96
CA MET E 110 -130.47 24.38 -71.27
C MET E 110 -131.28 25.60 -71.71
N TYR E 111 -131.11 26.73 -71.03
CA TYR E 111 -131.89 27.92 -71.32
C TYR E 111 -131.53 28.55 -72.66
N CYS E 112 -130.38 28.18 -73.24
CA CYS E 112 -129.81 28.92 -74.37
C CYS E 112 -130.40 28.47 -75.70
N GLN E 113 -131.72 28.55 -75.82
CA GLN E 113 -132.40 28.34 -77.09
C GLN E 113 -133.59 29.28 -77.19
N PRO E 114 -133.97 29.68 -78.40
CA PRO E 114 -135.11 30.61 -78.53
C PRO E 114 -136.41 29.94 -78.15
N ALA E 115 -137.34 30.75 -77.63
CA ALA E 115 -138.59 30.21 -77.12
C ALA E 115 -139.50 29.74 -78.25
N ARG E 116 -139.67 30.57 -79.28
CA ARG E 116 -140.66 30.28 -80.31
C ARG E 116 -140.29 29.05 -81.14
N TYR E 117 -139.03 28.65 -81.14
CA TYR E 117 -138.62 27.40 -81.80
C TYR E 117 -138.73 26.19 -80.88
N SER E 118 -139.02 26.39 -79.60
CA SER E 118 -139.09 25.31 -78.62
C SER E 118 -140.55 24.97 -78.35
N GLU E 119 -140.85 23.68 -78.34
CA GLU E 119 -142.22 23.25 -78.06
C GLU E 119 -142.66 23.67 -76.66
N LYS E 120 -141.74 23.63 -75.71
CA LYS E 120 -142.00 24.07 -74.34
C LYS E 120 -141.40 25.45 -74.11
N GLY E 121 -141.87 26.10 -73.04
CA GLY E 121 -141.56 27.50 -72.81
C GLY E 121 -140.11 27.80 -72.49
N LEU E 122 -139.33 26.79 -72.13
CA LEU E 122 -137.94 27.01 -71.75
C LEU E 122 -137.16 27.58 -72.94
N GLY E 123 -136.41 28.64 -72.67
CA GLY E 123 -135.64 29.31 -73.69
C GLY E 123 -135.54 30.79 -73.39
N PHE E 124 -135.15 31.55 -74.41
CA PHE E 124 -135.10 33.00 -74.34
C PHE E 124 -136.01 33.60 -75.41
N GLU E 125 -136.29 34.90 -75.25
CA GLU E 125 -137.26 35.57 -76.09
C GLU E 125 -136.92 37.05 -76.18
N VAL E 126 -137.28 37.67 -77.30
CA VAL E 126 -137.19 39.10 -77.50
C VAL E 126 -138.60 39.63 -77.67
N ARG E 127 -138.89 40.76 -77.01
CA ARG E 127 -140.23 41.33 -77.01
C ARG E 127 -140.11 42.85 -76.98
N LEU E 128 -141.24 43.51 -77.23
CA LEU E 128 -141.31 44.96 -77.08
C LEU E 128 -141.11 45.35 -75.61
N ARG E 129 -140.59 46.56 -75.41
CA ARG E 129 -140.25 47.00 -74.05
C ARG E 129 -141.49 47.04 -73.16
N ASP E 130 -142.63 47.46 -73.71
CA ASP E 130 -143.88 47.54 -72.98
C ASP E 130 -144.70 46.29 -73.26
N LEU E 131 -145.04 45.56 -72.21
CA LEU E 131 -145.83 44.34 -72.38
C LEU E 131 -147.24 44.64 -72.85
N ASP E 132 -147.79 45.79 -72.48
CA ASP E 132 -149.13 46.17 -72.91
C ASP E 132 -149.17 46.66 -74.35
N ALA E 133 -148.03 46.97 -74.95
CA ALA E 133 -148.03 47.46 -76.33
C ALA E 133 -148.33 46.31 -77.28
N GLU E 134 -149.09 46.62 -78.33
CA GLU E 134 -149.45 45.60 -79.30
C GLU E 134 -148.24 45.25 -80.17
N PRO E 135 -148.19 44.02 -80.71
CA PRO E 135 -147.16 43.70 -81.70
C PRO E 135 -147.55 44.09 -83.12
N GLY E 136 -146.69 43.80 -84.08
CA GLY E 136 -146.99 44.08 -85.47
C GLY E 136 -146.20 43.18 -86.38
N ARG E 137 -146.68 43.08 -87.63
CA ARG E 137 -146.03 42.19 -88.59
C ARG E 137 -144.60 42.62 -88.87
N LYS E 138 -144.38 43.93 -88.99
CA LYS E 138 -143.02 44.43 -89.19
C LYS E 138 -142.15 44.17 -87.96
N GLU E 139 -142.66 44.54 -86.78
CA GLU E 139 -141.88 44.39 -85.56
C GLU E 139 -141.65 42.93 -85.23
N LYS E 140 -142.66 42.08 -85.49
CA LYS E 140 -142.48 40.64 -85.26
C LYS E 140 -141.36 40.09 -86.13
N GLU E 141 -141.32 40.48 -87.40
CA GLU E 141 -140.26 40.02 -88.29
C GLU E 141 -138.90 40.54 -87.83
N GLU E 142 -138.84 41.80 -87.39
CA GLU E 142 -137.58 42.35 -86.91
C GLU E 142 -137.09 41.59 -85.67
N MET E 143 -137.99 41.29 -84.75
CA MET E 143 -137.61 40.56 -83.55
C MET E 143 -137.17 39.15 -83.89
N LYS E 144 -137.85 38.49 -84.83
CA LYS E 144 -137.41 37.17 -85.27
C LYS E 144 -136.02 37.23 -85.87
N ARG E 145 -135.75 38.24 -86.70
CA ARG E 145 -134.42 38.39 -87.27
C ARG E 145 -133.37 38.60 -86.19
N ILE E 146 -133.69 39.42 -85.19
CA ILE E 146 -132.72 39.67 -84.11
C ILE E 146 -132.47 38.40 -83.32
N GLU E 147 -133.51 37.62 -83.05
CA GLU E 147 -133.34 36.38 -82.33
C GLU E 147 -132.45 35.41 -83.11
N ASP E 148 -132.68 35.30 -84.42
CA ASP E 148 -131.83 34.44 -85.24
C ASP E 148 -130.39 34.96 -85.25
N PHE E 149 -130.23 36.29 -85.28
CA PHE E 149 -128.89 36.87 -85.24
C PHE E 149 -128.17 36.49 -83.95
N ILE E 150 -128.86 36.56 -82.83
CA ILE E 150 -128.25 36.19 -81.55
C ILE E 150 -127.93 34.70 -81.54
N VAL E 151 -128.82 33.88 -82.08
CA VAL E 151 -128.59 32.44 -82.09
C VAL E 151 -127.35 32.10 -82.90
N ASN E 152 -127.19 32.72 -84.06
CA ASN E 152 -126.03 32.48 -84.92
C ASN E 152 -124.85 33.38 -84.58
N THR E 153 -125.01 34.30 -83.63
CA THR E 153 -123.95 35.24 -83.24
C THR E 153 -123.38 35.96 -84.46
N GLY E 154 -124.26 36.40 -85.34
CA GLY E 154 -123.83 37.16 -86.50
C GLY E 154 -124.95 37.27 -87.51
N LYS E 155 -124.68 38.09 -88.53
CA LYS E 155 -125.71 38.37 -89.54
C LYS E 155 -126.02 37.14 -90.37
N ASP E 156 -125.04 36.27 -90.61
CA ASP E 156 -125.20 35.10 -91.45
C ASP E 156 -124.59 33.89 -90.76
N LYS E 157 -125.09 32.71 -91.11
CA LYS E 157 -124.59 31.48 -90.52
C LYS E 157 -123.12 31.27 -90.87
N ASP E 158 -122.38 30.73 -89.91
CA ASP E 158 -120.97 30.40 -90.11
C ASP E 158 -120.60 29.29 -89.14
N VAL E 159 -120.24 28.12 -89.70
CA VAL E 159 -119.87 26.98 -88.85
C VAL E 159 -118.62 27.29 -88.05
N ASP E 160 -117.75 28.15 -88.57
CA ASP E 160 -116.49 28.46 -87.89
C ASP E 160 -116.68 29.30 -86.63
N ARG E 161 -117.88 29.84 -86.40
CA ARG E 161 -118.12 30.77 -85.30
C ARG E 161 -118.98 30.13 -84.23
N ASP E 162 -118.88 30.70 -83.02
CA ASP E 162 -119.54 30.13 -81.85
C ASP E 162 -121.05 30.29 -81.96
N SER E 163 -121.77 29.23 -81.58
CA SER E 163 -123.17 29.37 -81.24
C SER E 163 -123.31 30.03 -79.87
N PHE E 164 -124.49 30.59 -79.62
CA PHE E 164 -124.68 31.33 -78.37
C PHE E 164 -124.56 30.42 -77.15
N GLN E 165 -124.82 29.12 -77.32
CA GLN E 165 -124.63 28.18 -76.22
C GLN E 165 -123.18 28.17 -75.77
N THR E 166 -122.24 27.99 -76.71
CA THR E 166 -120.83 27.98 -76.36
C THR E 166 -120.38 29.34 -75.85
N PHE E 167 -120.98 30.42 -76.36
CA PHE E 167 -120.64 31.74 -75.86
C PHE E 167 -121.00 31.89 -74.40
N CYS E 168 -122.20 31.43 -74.02
CA CYS E 168 -122.59 31.47 -72.61
C CYS E 168 -121.70 30.57 -71.77
N LYS E 169 -121.33 29.40 -72.30
CA LYS E 169 -120.47 28.50 -71.56
C LYS E 169 -119.10 29.12 -71.31
N LYS E 170 -118.60 29.90 -72.28
CA LYS E 170 -117.37 30.66 -72.06
C LYS E 170 -117.59 31.75 -71.02
N ILE E 171 -118.73 32.44 -71.10
CA ILE E 171 -118.98 33.60 -70.25
C ILE E 171 -119.07 33.18 -68.80
N VAL E 172 -119.70 32.05 -68.52
CA VAL E 172 -119.82 31.62 -67.12
C VAL E 172 -118.45 31.33 -66.53
N ARG E 173 -117.58 30.68 -67.31
CA ARG E 173 -116.23 30.40 -66.83
C ARG E 173 -115.48 31.70 -66.57
N ASP E 174 -115.54 32.64 -67.52
CA ASP E 174 -114.84 33.91 -67.33
C ASP E 174 -115.42 34.70 -66.17
N THR E 175 -116.71 34.53 -65.89
CA THR E 175 -117.37 35.27 -64.83
C THR E 175 -117.00 34.72 -63.46
N TYR E 176 -116.87 33.39 -63.35
CA TYR E 176 -116.63 32.76 -62.06
C TYR E 176 -115.16 32.60 -61.74
N ILE E 177 -114.27 32.61 -62.73
CA ILE E 177 -112.84 32.54 -62.46
C ILE E 177 -112.30 33.95 -62.25
N TYR E 178 -112.39 34.80 -63.26
CA TYR E 178 -111.77 36.12 -63.22
C TYR E 178 -112.70 37.23 -62.74
N ASP E 179 -114.01 36.99 -62.71
CA ASP E 179 -114.98 38.04 -62.39
C ASP E 179 -114.92 39.19 -63.39
N GLN E 180 -114.56 38.88 -64.63
CA GLN E 180 -114.44 39.88 -65.68
C GLN E 180 -114.76 39.20 -67.00
N VAL E 181 -115.63 39.83 -67.80
CA VAL E 181 -116.06 39.28 -69.08
C VAL E 181 -115.96 40.37 -70.13
N ASN E 182 -115.49 39.99 -71.33
CA ASN E 182 -115.34 40.91 -72.44
C ASN E 182 -115.65 40.18 -73.74
N PHE E 183 -116.33 40.88 -74.65
CA PHE E 183 -116.58 40.36 -75.98
C PHE E 183 -116.47 41.49 -77.00
N GLU E 184 -115.84 41.21 -78.14
CA GLU E 184 -115.62 42.20 -79.17
C GLU E 184 -116.82 42.24 -80.11
N LYS E 185 -117.10 43.44 -80.63
CA LYS E 185 -118.09 43.64 -81.67
C LYS E 185 -117.39 43.95 -82.99
N VAL E 186 -118.04 43.56 -84.09
CA VAL E 186 -117.54 43.80 -85.44
C VAL E 186 -118.61 44.58 -86.18
N PHE E 187 -118.46 45.91 -86.22
CA PHE E 187 -119.39 46.73 -86.97
C PHE E 187 -119.13 46.61 -88.46
N ASN E 188 -120.18 46.83 -89.26
CA ASN E 188 -120.04 46.79 -90.70
C ASN E 188 -119.09 47.89 -91.17
N LYS E 189 -118.14 47.52 -92.04
CA LYS E 189 -117.20 48.51 -92.53
C LYS E 189 -117.86 49.47 -93.50
N ASN E 190 -118.78 48.98 -94.33
CA ASN E 190 -119.51 49.86 -95.23
C ASN E 190 -120.38 50.84 -94.46
N ASN E 191 -120.81 50.48 -93.26
CA ASN E 191 -121.66 51.36 -92.44
C ASN E 191 -121.28 51.14 -90.98
N LYS E 192 -120.54 52.09 -90.40
CA LYS E 192 -120.13 52.00 -89.01
C LYS E 192 -121.33 51.94 -88.07
N THR E 193 -122.49 52.45 -88.50
CA THR E 193 -123.62 52.60 -87.59
C THR E 193 -124.17 51.25 -87.12
N LYS E 194 -123.96 50.18 -87.90
CA LYS E 194 -124.64 48.92 -87.69
C LYS E 194 -123.62 47.80 -87.39
N LEU E 195 -124.15 46.67 -86.94
CA LEU E 195 -123.37 45.58 -86.39
C LEU E 195 -123.46 44.36 -87.29
N GLU E 196 -122.36 43.60 -87.36
CA GLU E 196 -122.30 42.36 -88.12
C GLU E 196 -122.09 41.14 -87.24
N LYS E 197 -121.05 41.14 -86.42
CA LYS E 197 -120.67 39.97 -85.63
C LYS E 197 -120.24 40.42 -84.24
N PHE E 198 -120.28 39.47 -83.30
CA PHE E 198 -119.74 39.69 -81.97
C PHE E 198 -119.21 38.36 -81.43
N ILE E 199 -118.06 38.40 -80.77
CA ILE E 199 -117.40 37.22 -80.26
C ILE E 199 -116.71 37.55 -78.94
N ALA E 200 -116.36 36.50 -78.20
CA ALA E 200 -115.76 36.65 -76.89
C ALA E 200 -114.26 36.87 -77.00
N VAL E 201 -113.70 37.55 -76.00
CA VAL E 201 -112.27 37.78 -75.89
C VAL E 201 -111.86 37.50 -74.45
N ASP E 202 -110.68 36.93 -74.27
CA ASP E 202 -110.24 36.52 -72.94
C ASP E 202 -110.06 37.75 -72.06
N PRO E 203 -110.56 37.75 -70.82
CA PRO E 203 -110.44 38.96 -69.99
C PRO E 203 -109.03 39.19 -69.46
N SER E 204 -108.20 38.16 -69.39
CA SER E 204 -106.88 38.31 -68.78
C SER E 204 -106.00 39.28 -69.56
N THR E 205 -106.21 39.39 -70.87
CA THR E 205 -105.36 40.21 -71.72
C THR E 205 -105.85 41.65 -71.85
N ILE E 206 -107.01 41.98 -71.28
CA ILE E 206 -107.65 43.27 -71.48
C ILE E 206 -107.46 44.11 -70.23
N PHE E 207 -107.17 45.40 -70.43
CA PHE E 207 -106.93 46.34 -69.35
C PHE E 207 -107.68 47.64 -69.64
N TYR E 208 -107.72 48.50 -68.63
CA TYR E 208 -108.20 49.87 -68.84
C TYR E 208 -107.05 50.74 -69.36
N ALA E 209 -107.29 51.45 -70.45
CA ALA E 209 -106.29 52.34 -70.99
C ALA E 209 -106.23 53.64 -70.19
N THR E 210 -105.09 54.33 -70.32
CA THR E 210 -104.85 55.56 -69.59
C THR E 210 -104.25 56.61 -70.53
N ASP E 211 -104.42 57.86 -70.16
CA ASP E 211 -103.92 58.98 -70.96
C ASP E 211 -102.45 59.23 -70.62
N LYS E 212 -101.90 60.30 -71.22
CA LYS E 212 -100.52 60.67 -70.92
C LYS E 212 -100.33 61.03 -69.45
N LYS E 213 -101.37 61.57 -68.81
CA LYS E 213 -101.32 61.88 -67.40
C LYS E 213 -101.54 60.65 -66.51
N GLY E 214 -101.86 59.50 -67.11
CA GLY E 214 -102.09 58.29 -66.36
C GLY E 214 -103.53 58.05 -65.94
N LYS E 215 -104.41 59.01 -66.15
CA LYS E 215 -105.81 58.84 -65.81
C LYS E 215 -106.53 58.02 -66.87
N ILE E 216 -107.55 57.27 -66.43
CA ILE E 216 -108.31 56.43 -67.33
C ILE E 216 -109.09 57.29 -68.30
N ILE E 217 -109.15 56.85 -69.56
CA ILE E 217 -109.72 57.64 -70.64
C ILE E 217 -111.20 57.30 -70.76
N LYS E 218 -111.99 58.30 -71.18
CA LYS E 218 -113.40 58.10 -71.51
C LYS E 218 -113.63 58.14 -73.01
N GLY E 219 -113.23 59.21 -73.68
CA GLY E 219 -113.50 59.35 -75.10
C GLY E 219 -112.61 58.46 -75.94
N GLY E 220 -113.14 58.06 -77.09
CA GLY E 220 -112.36 57.26 -78.02
C GLY E 220 -112.02 55.90 -77.44
N LYS E 221 -110.85 55.40 -77.84
CA LYS E 221 -110.41 54.09 -77.40
C LYS E 221 -110.17 54.08 -75.90
N ARG E 222 -110.75 53.09 -75.23
CA ARG E 222 -110.79 53.04 -73.76
C ARG E 222 -110.24 51.72 -73.22
N PHE E 223 -110.40 50.64 -73.97
CA PHE E 223 -109.93 49.32 -73.57
C PHE E 223 -108.79 48.87 -74.48
N VAL E 224 -107.79 48.23 -73.88
CA VAL E 224 -106.56 47.85 -74.57
C VAL E 224 -106.25 46.39 -74.28
N GLN E 225 -105.74 45.70 -75.28
CA GLN E 225 -105.33 44.30 -75.17
C GLN E 225 -103.81 44.23 -75.08
N VAL E 226 -103.31 43.45 -74.13
CA VAL E 226 -101.89 43.30 -73.88
C VAL E 226 -101.55 41.82 -73.93
N VAL E 227 -100.48 41.48 -74.64
CA VAL E 227 -99.99 40.11 -74.75
C VAL E 227 -98.48 40.14 -74.50
N ASP E 228 -98.03 39.35 -73.53
CA ASP E 228 -96.61 39.28 -73.17
C ASP E 228 -96.06 40.67 -72.85
N LYS E 229 -96.88 41.47 -72.16
CA LYS E 229 -96.50 42.81 -71.70
C LYS E 229 -96.29 43.79 -72.85
N ARG E 230 -96.85 43.50 -74.02
CA ARG E 230 -96.78 44.38 -75.17
C ARG E 230 -98.20 44.78 -75.58
N VAL E 231 -98.38 46.05 -75.89
CA VAL E 231 -99.65 46.56 -76.37
C VAL E 231 -99.83 46.11 -77.82
N VAL E 232 -100.97 45.51 -78.11
CA VAL E 232 -101.26 44.96 -79.43
C VAL E 232 -102.36 45.74 -80.13
N ALA E 233 -103.48 45.97 -79.45
CA ALA E 233 -104.61 46.65 -80.04
C ALA E 233 -105.44 47.30 -78.94
N SER E 234 -106.27 48.26 -79.34
CA SER E 234 -107.13 48.99 -78.41
C SER E 234 -108.47 49.23 -79.10
N PHE E 235 -109.51 49.40 -78.28
CA PHE E 235 -110.89 49.35 -78.73
C PHE E 235 -111.68 50.52 -78.17
N THR E 236 -112.68 50.94 -78.94
CA THR E 236 -113.66 51.91 -78.47
C THR E 236 -114.67 51.23 -77.54
N SER E 237 -115.32 52.05 -76.72
CA SER E 237 -116.26 51.52 -75.73
C SER E 237 -117.36 50.70 -76.40
N ARG E 238 -117.93 51.22 -77.50
CA ARG E 238 -118.96 50.49 -78.21
C ARG E 238 -118.42 49.21 -78.83
N GLU E 239 -117.15 49.20 -79.22
CA GLU E 239 -116.55 48.06 -79.91
C GLU E 239 -116.19 46.92 -78.97
N LEU E 240 -116.13 47.17 -77.66
CA LEU E 240 -115.74 46.14 -76.71
C LEU E 240 -116.47 46.38 -75.39
N ALA E 241 -117.16 45.35 -74.91
CA ALA E 241 -117.90 45.42 -73.67
C ALA E 241 -117.03 45.07 -72.47
N MET E 242 -117.53 45.41 -71.29
CA MET E 242 -116.84 45.12 -70.03
C MET E 242 -117.90 44.81 -68.98
N GLY E 243 -118.00 43.55 -68.58
CA GLY E 243 -118.94 43.13 -67.57
C GLY E 243 -118.28 42.79 -66.25
N ILE E 244 -118.67 43.50 -65.19
CA ILE E 244 -118.14 43.27 -63.85
C ILE E 244 -119.30 42.80 -62.98
N ARG E 245 -119.15 41.60 -62.40
CA ARG E 245 -120.20 40.99 -61.60
C ARG E 245 -120.07 41.34 -60.12
N ASN E 246 -118.85 41.57 -59.64
CA ASN E 246 -118.59 41.83 -58.22
C ASN E 246 -117.81 43.14 -58.12
N PRO E 247 -118.47 44.27 -58.37
CA PRO E 247 -117.76 45.56 -58.37
C PRO E 247 -117.44 46.03 -56.96
N ARG E 248 -116.57 47.03 -56.90
CA ARG E 248 -116.17 47.63 -55.64
C ARG E 248 -115.95 49.13 -55.85
N THR E 249 -116.10 49.88 -54.76
CA THR E 249 -116.05 51.34 -54.82
C THR E 249 -114.70 51.92 -54.43
N GLU E 250 -113.85 51.12 -53.77
CA GLU E 250 -112.58 51.64 -53.28
C GLU E 250 -111.67 52.02 -54.44
N LEU E 251 -110.89 53.09 -54.23
CA LEU E 251 -110.03 53.59 -55.29
C LEU E 251 -108.95 52.60 -55.66
N SER E 252 -108.56 51.72 -54.74
CA SER E 252 -107.45 50.80 -55.00
C SER E 252 -107.74 49.90 -56.19
N SER E 253 -108.96 49.37 -56.28
CA SER E 253 -109.29 48.46 -57.37
C SER E 253 -109.51 49.20 -58.68
N SER E 254 -109.94 50.47 -58.61
CA SER E 254 -110.15 51.28 -59.81
C SER E 254 -111.19 50.65 -60.73
N GLY E 255 -112.22 50.07 -60.14
CA GLY E 255 -113.35 49.54 -60.89
C GLY E 255 -113.24 48.08 -61.26
N TYR E 256 -112.05 47.48 -61.19
CA TYR E 256 -111.91 46.07 -61.50
C TYR E 256 -112.66 45.23 -60.48
N GLY E 257 -113.28 44.16 -60.96
CA GLY E 257 -114.04 43.29 -60.09
C GLY E 257 -113.16 42.46 -59.18
N LEU E 258 -113.79 41.93 -58.13
CA LEU E 258 -113.12 41.06 -57.16
C LEU E 258 -113.55 39.63 -57.42
N SER E 259 -112.58 38.75 -57.65
CA SER E 259 -112.85 37.36 -57.94
C SER E 259 -112.83 36.53 -56.66
N GLU E 260 -113.74 35.56 -56.58
CA GLU E 260 -113.83 34.71 -55.40
C GLU E 260 -112.60 33.83 -55.23
N VAL E 261 -111.87 33.57 -56.31
CA VAL E 261 -110.67 32.74 -56.22
C VAL E 261 -109.62 33.41 -55.35
N GLU E 262 -109.47 34.73 -55.50
CA GLU E 262 -108.52 35.45 -54.66
C GLU E 262 -108.92 35.37 -53.19
N ILE E 263 -110.22 35.43 -52.90
CA ILE E 263 -110.68 35.37 -51.53
C ILE E 263 -110.40 33.99 -50.94
N ALA E 264 -110.62 32.94 -51.73
CA ALA E 264 -110.47 31.56 -51.28
C ALA E 264 -109.09 30.99 -51.59
N MET E 265 -108.10 31.84 -51.87
CA MET E 265 -106.78 31.36 -52.24
C MET E 265 -106.18 30.50 -51.15
N LYS E 266 -106.22 30.98 -49.91
CA LYS E 266 -105.69 30.20 -48.79
C LYS E 266 -106.41 28.88 -48.66
N GLU E 267 -107.75 28.90 -48.77
CA GLU E 267 -108.52 27.67 -48.67
C GLU E 267 -108.19 26.72 -49.81
N PHE E 268 -107.98 27.25 -51.01
CA PHE E 268 -107.65 26.40 -52.15
C PHE E 268 -106.30 25.70 -51.95
N ILE E 269 -105.29 26.45 -51.49
CA ILE E 269 -103.99 25.80 -51.28
C ILE E 269 -104.07 24.81 -50.13
N ALA E 270 -104.87 25.11 -49.10
CA ALA E 270 -105.05 24.17 -48.01
C ALA E 270 -105.70 22.88 -48.51
N TYR E 271 -106.71 23.00 -49.36
CA TYR E 271 -107.34 21.81 -49.94
C TYR E 271 -106.34 21.01 -50.77
N ASN E 272 -105.53 21.71 -51.58
CA ASN E 272 -104.57 21.03 -52.44
C ASN E 272 -103.56 20.25 -51.62
N ASN E 273 -102.98 20.89 -50.60
CA ASN E 273 -101.95 20.21 -49.83
C ASN E 273 -102.54 19.16 -48.90
N THR E 274 -103.81 19.30 -48.49
CA THR E 274 -104.47 18.22 -47.77
C THR E 274 -104.63 17.00 -48.64
N GLU E 275 -105.09 17.20 -49.90
CA GLU E 275 -105.20 16.08 -50.82
C GLU E 275 -103.84 15.44 -51.07
N SER E 276 -102.80 16.28 -51.20
CA SER E 276 -101.45 15.74 -51.38
C SER E 276 -101.02 14.91 -50.17
N PHE E 277 -101.35 15.40 -48.97
CA PHE E 277 -101.00 14.66 -47.75
C PHE E 277 -101.70 13.30 -47.73
N ASN E 278 -102.97 13.27 -48.11
CA ASN E 278 -103.69 12.00 -48.13
C ASN E 278 -103.11 11.06 -49.17
N ASP E 279 -102.73 11.58 -50.34
CA ASP E 279 -102.23 10.73 -51.42
C ASP E 279 -100.80 10.27 -51.21
N ARG E 280 -100.02 10.99 -50.38
CA ARG E 280 -98.62 10.64 -50.20
C ARG E 280 -98.43 9.38 -49.37
N PHE E 281 -99.47 8.88 -48.72
CA PHE E 281 -99.37 7.57 -48.08
C PHE E 281 -99.11 6.49 -49.12
N PHE E 282 -99.77 6.59 -50.28
CA PHE E 282 -99.56 5.64 -51.36
C PHE E 282 -98.40 6.05 -52.26
N SER E 283 -98.38 7.30 -52.72
CA SER E 283 -97.34 7.70 -53.66
C SER E 283 -95.97 7.81 -53.00
N HIS E 284 -95.90 7.83 -51.67
CA HIS E 284 -94.65 7.83 -50.93
C HIS E 284 -94.73 6.80 -49.81
N GLY E 285 -93.60 6.58 -49.16
CA GLY E 285 -93.47 5.49 -48.21
C GLY E 285 -94.33 5.68 -46.97
N GLY E 286 -94.02 4.86 -45.96
CA GLY E 286 -94.74 4.89 -44.70
C GLY E 286 -95.92 3.96 -44.61
N THR E 287 -96.02 2.97 -45.51
CA THR E 287 -97.13 2.04 -45.55
C THR E 287 -96.85 0.75 -44.80
N THR E 288 -95.74 0.68 -44.06
CA THR E 288 -95.41 -0.54 -43.34
C THR E 288 -96.43 -0.81 -42.23
N ARG E 289 -96.71 -2.10 -42.01
CA ARG E 289 -97.60 -2.50 -40.94
C ARG E 289 -96.87 -2.65 -39.61
N GLY E 290 -95.66 -3.21 -39.63
CA GLY E 290 -94.89 -3.39 -38.42
C GLY E 290 -93.59 -4.08 -38.73
N ILE E 291 -92.80 -4.28 -37.67
CA ILE E 291 -91.49 -4.92 -37.76
C ILE E 291 -91.50 -6.18 -36.92
N LEU E 292 -90.94 -7.26 -37.46
CA LEU E 292 -90.83 -8.54 -36.78
C LEU E 292 -89.40 -8.67 -36.26
N GLN E 293 -89.23 -8.48 -34.95
CA GLN E 293 -87.92 -8.59 -34.33
C GLN E 293 -87.69 -10.01 -33.84
N ILE E 294 -86.48 -10.51 -34.06
CA ILE E 294 -86.05 -11.82 -33.57
C ILE E 294 -84.73 -11.61 -32.82
N ARG E 295 -84.73 -11.95 -31.54
CA ARG E 295 -83.54 -11.75 -30.72
C ARG E 295 -82.54 -12.88 -30.95
N SER E 296 -81.27 -12.51 -31.02
CA SER E 296 -80.20 -13.49 -31.18
C SER E 296 -78.91 -12.87 -30.65
N ASP E 297 -78.02 -13.75 -30.17
CA ASP E 297 -76.72 -13.27 -29.68
C ASP E 297 -75.90 -12.66 -30.80
N GLN E 298 -75.97 -13.24 -32.00
CA GLN E 298 -75.29 -12.73 -33.18
C GLN E 298 -76.32 -12.40 -34.25
N GLN E 299 -76.09 -11.31 -34.98
CA GLN E 299 -76.89 -11.02 -36.15
C GLN E 299 -76.63 -12.06 -37.24
N GLN E 300 -77.69 -12.70 -37.71
CA GLN E 300 -77.53 -13.77 -38.69
C GLN E 300 -76.93 -13.23 -39.98
N SER E 301 -76.07 -14.04 -40.60
CA SER E 301 -75.46 -13.65 -41.85
C SER E 301 -76.51 -13.49 -42.94
N GLN E 302 -76.24 -12.60 -43.90
CA GLN E 302 -77.23 -12.26 -44.92
C GLN E 302 -77.62 -13.48 -45.75
N HIS E 303 -76.70 -14.42 -45.93
CA HIS E 303 -77.05 -15.65 -46.65
C HIS E 303 -78.14 -16.42 -45.91
N ALA E 304 -78.01 -16.52 -44.59
CA ALA E 304 -79.02 -17.21 -43.79
C ALA E 304 -80.36 -16.49 -43.89
N LEU E 305 -80.34 -15.16 -43.86
CA LEU E 305 -81.58 -14.40 -43.98
C LEU E 305 -82.21 -14.59 -45.35
N GLU E 306 -81.39 -14.70 -46.39
CA GLU E 306 -81.93 -14.93 -47.72
C GLU E 306 -82.59 -16.31 -47.80
N ASN E 307 -81.96 -17.32 -47.21
CA ASN E 307 -82.57 -18.65 -47.19
C ASN E 307 -83.86 -18.64 -46.36
N PHE E 308 -83.85 -17.89 -45.25
CA PHE E 308 -85.04 -17.69 -44.45
C PHE E 308 -86.17 -17.11 -45.30
N LYS E 309 -85.85 -16.10 -46.10
CA LYS E 309 -86.85 -15.49 -46.98
C LYS E 309 -87.33 -16.50 -48.02
N ARG E 310 -86.42 -17.31 -48.56
CA ARG E 310 -86.81 -18.31 -49.54
C ARG E 310 -87.82 -19.27 -48.95
N GLU E 311 -87.55 -19.78 -47.76
CA GLU E 311 -88.47 -20.70 -47.11
C GLU E 311 -89.82 -20.01 -46.83
N TRP E 312 -89.76 -18.78 -46.33
CA TRP E 312 -90.99 -18.05 -46.02
C TRP E 312 -91.84 -17.84 -47.26
N LYS E 313 -91.21 -17.44 -48.36
CA LYS E 313 -91.95 -17.20 -49.59
C LYS E 313 -92.52 -18.49 -50.16
N SER E 314 -91.73 -19.58 -50.10
CA SER E 314 -92.19 -20.84 -50.65
C SER E 314 -93.36 -21.41 -49.86
N SER E 315 -93.38 -21.19 -48.54
CA SER E 315 -94.41 -21.79 -47.71
C SER E 315 -95.66 -20.92 -47.56
N LEU E 316 -95.50 -19.59 -47.45
CA LEU E 316 -96.59 -18.72 -47.04
C LEU E 316 -97.05 -17.72 -48.09
N SER E 317 -96.20 -17.37 -49.05
CA SER E 317 -96.51 -16.24 -49.93
C SER E 317 -97.74 -16.51 -50.79
N GLY E 318 -98.55 -15.48 -50.99
CA GLY E 318 -99.67 -15.54 -51.89
C GLY E 318 -100.84 -16.32 -51.31
N ILE E 319 -101.82 -16.56 -52.18
CA ILE E 319 -102.96 -17.40 -51.82
C ILE E 319 -102.47 -18.79 -51.41
N ASN E 320 -101.49 -19.31 -52.14
CA ASN E 320 -100.91 -20.61 -51.81
C ASN E 320 -100.33 -20.58 -50.41
N GLY E 321 -100.75 -21.53 -49.57
CA GLY E 321 -100.30 -21.58 -48.19
C GLY E 321 -100.65 -20.33 -47.42
N SER E 322 -101.80 -19.71 -47.71
CA SER E 322 -102.17 -18.47 -47.04
C SER E 322 -102.50 -18.70 -45.57
N TRP E 323 -103.23 -19.75 -45.26
CA TRP E 323 -103.73 -20.01 -43.92
C TRP E 323 -102.73 -20.74 -43.03
N GLN E 324 -101.55 -21.09 -43.55
CA GLN E 324 -100.61 -21.88 -42.79
C GLN E 324 -99.95 -21.04 -41.69
N ILE E 325 -99.32 -21.73 -40.75
CA ILE E 325 -98.67 -21.11 -39.60
C ILE E 325 -97.20 -21.54 -39.63
N PRO E 326 -96.24 -20.62 -39.62
CA PRO E 326 -94.84 -21.03 -39.51
C PRO E 326 -94.46 -21.31 -38.06
N VAL E 327 -93.27 -21.90 -37.91
CA VAL E 327 -92.72 -22.23 -36.59
C VAL E 327 -91.27 -21.75 -36.55
N VAL E 328 -90.90 -21.11 -35.45
CA VAL E 328 -89.54 -20.61 -35.24
C VAL E 328 -89.17 -20.89 -33.80
N MET E 329 -87.91 -21.25 -33.58
CA MET E 329 -87.42 -21.70 -32.28
C MET E 329 -86.37 -20.75 -31.71
N ALA E 330 -86.55 -19.44 -31.94
CA ALA E 330 -85.63 -18.46 -31.41
C ALA E 330 -85.91 -18.20 -29.94
N ASP E 331 -85.03 -17.42 -29.32
CA ASP E 331 -85.16 -17.13 -27.89
C ASP E 331 -86.41 -16.32 -27.60
N ASP E 332 -86.61 -15.22 -28.33
CA ASP E 332 -87.75 -14.34 -28.13
C ASP E 332 -88.08 -13.64 -29.44
N ILE E 333 -89.37 -13.44 -29.68
CA ILE E 333 -89.86 -12.80 -30.89
C ILE E 333 -90.86 -11.73 -30.48
N LYS E 334 -90.82 -10.60 -31.18
CA LYS E 334 -91.77 -9.51 -30.96
C LYS E 334 -92.25 -9.00 -32.31
N PHE E 335 -93.46 -8.44 -32.32
CA PHE E 335 -93.97 -7.69 -33.45
C PHE E 335 -94.44 -6.33 -32.96
N VAL E 336 -93.79 -5.28 -33.43
CA VAL E 336 -94.08 -3.91 -33.02
C VAL E 336 -94.82 -3.22 -34.16
N ASN E 337 -95.94 -2.60 -33.82
CA ASN E 337 -96.81 -1.99 -34.83
C ASN E 337 -96.37 -0.55 -35.08
N MET E 338 -96.22 -0.21 -36.36
CA MET E 338 -95.86 1.14 -36.76
C MET E 338 -97.06 1.94 -37.25
N THR E 339 -98.13 1.27 -37.67
CA THR E 339 -99.35 1.89 -38.14
C THR E 339 -100.53 1.21 -37.46
N PRO E 340 -101.67 1.90 -37.36
CA PRO E 340 -102.81 1.31 -36.65
C PRO E 340 -103.38 0.06 -37.33
N THR E 341 -104.40 -0.53 -36.71
CA THR E 341 -104.98 -1.76 -37.23
C THR E 341 -105.61 -1.54 -38.59
N ALA E 342 -106.33 -0.42 -38.75
CA ALA E 342 -107.00 -0.12 -40.02
C ALA E 342 -106.82 1.36 -40.33
N ASN E 343 -106.45 1.65 -41.57
CA ASN E 343 -106.24 3.03 -42.02
C ASN E 343 -107.50 3.57 -42.66
N ASP E 344 -107.54 4.90 -42.78
CA ASP E 344 -108.66 5.58 -43.43
C ASP E 344 -108.23 7.01 -43.73
N MET E 345 -109.10 7.72 -44.44
CA MET E 345 -108.80 9.11 -44.79
C MET E 345 -108.69 9.96 -43.53
N GLN E 346 -107.81 10.95 -43.59
CA GLN E 346 -107.57 11.87 -42.48
C GLN E 346 -108.07 13.27 -42.83
N PHE E 347 -108.41 14.03 -41.80
CA PHE E 347 -108.86 15.41 -41.94
C PHE E 347 -110.10 15.51 -42.83
N GLU E 348 -111.03 14.59 -42.64
CA GLU E 348 -112.24 14.59 -43.46
C GLU E 348 -113.11 15.81 -43.18
N LYS E 349 -113.35 16.10 -41.90
CA LYS E 349 -114.20 17.23 -41.56
C LYS E 349 -113.57 18.56 -41.98
N TRP E 350 -112.23 18.63 -41.95
CA TRP E 350 -111.54 19.82 -42.43
C TRP E 350 -111.84 20.06 -43.90
N LEU E 351 -111.79 19.00 -44.71
CA LEU E 351 -112.11 19.13 -46.13
C LEU E 351 -113.54 19.56 -46.33
N ASN E 352 -114.47 18.96 -45.58
CA ASN E 352 -115.88 19.32 -45.71
C ASN E 352 -116.09 20.79 -45.38
N TYR E 353 -115.45 21.28 -44.31
CA TYR E 353 -115.57 22.68 -43.94
C TYR E 353 -115.04 23.58 -45.04
N LEU E 354 -113.84 23.26 -45.56
CA LEU E 354 -113.24 24.08 -46.60
C LEU E 354 -114.14 24.16 -47.83
N ILE E 355 -114.59 23.00 -48.31
CA ILE E 355 -115.40 22.98 -49.53
C ILE E 355 -116.74 23.66 -49.27
N ASN E 356 -117.27 23.55 -48.04
CA ASN E 356 -118.54 24.20 -47.74
C ASN E 356 -118.41 25.71 -47.83
N ILE E 357 -117.35 26.27 -47.25
CA ILE E 357 -117.20 27.72 -47.31
C ILE E 357 -116.90 28.18 -48.74
N ILE E 358 -116.10 27.40 -49.47
CA ILE E 358 -115.82 27.74 -50.87
C ILE E 358 -117.12 27.75 -51.67
N SER E 359 -117.97 26.75 -51.46
CA SER E 359 -119.26 26.70 -52.15
C SER E 359 -120.13 27.87 -51.76
N ALA E 360 -120.13 28.23 -50.47
CA ALA E 360 -120.95 29.35 -50.02
C ALA E 360 -120.49 30.66 -50.65
N LEU E 361 -119.19 30.79 -50.91
CA LEU E 361 -118.71 32.00 -51.57
C LEU E 361 -119.33 32.13 -52.96
N TYR E 362 -119.38 31.04 -53.72
CA TYR E 362 -119.98 31.06 -55.05
C TYR E 362 -121.49 30.95 -55.02
N GLY E 363 -122.09 30.66 -53.86
CA GLY E 363 -123.53 30.54 -53.76
C GLY E 363 -124.09 29.19 -54.18
N ILE E 364 -123.23 28.22 -54.48
CA ILE E 364 -123.67 26.90 -54.95
C ILE E 364 -123.89 26.00 -53.74
N ASP E 365 -124.90 25.15 -53.84
CA ASP E 365 -125.16 24.18 -52.78
C ASP E 365 -124.06 23.11 -52.76
N PRO E 366 -123.42 22.85 -51.62
CA PRO E 366 -122.39 21.79 -51.61
C PRO E 366 -122.91 20.43 -52.02
N ALA E 367 -124.20 20.15 -51.81
CA ALA E 367 -124.73 18.83 -52.13
C ALA E 367 -124.59 18.52 -53.62
N GLU E 368 -124.56 19.54 -54.48
CA GLU E 368 -124.46 19.30 -55.91
C GLU E 368 -123.09 18.75 -56.29
N ILE E 369 -122.05 19.12 -55.54
CA ILE E 369 -120.69 18.71 -55.86
C ILE E 369 -120.23 17.54 -54.99
N GLY E 370 -121.19 16.75 -54.48
CA GLY E 370 -120.85 15.55 -53.74
C GLY E 370 -120.17 15.80 -52.41
N PHE E 371 -120.67 16.76 -51.64
CA PHE E 371 -120.21 16.99 -50.27
C PHE E 371 -121.43 17.20 -49.38
N PRO E 372 -121.30 16.93 -48.08
CA PRO E 372 -122.43 17.16 -47.18
C PRO E 372 -122.51 18.61 -46.75
N ASN E 373 -123.74 19.08 -46.57
CA ASN E 373 -123.97 20.39 -45.95
C ASN E 373 -123.76 20.27 -44.46
N ARG E 374 -122.82 21.04 -43.91
CA ARG E 374 -122.58 20.99 -42.47
C ARG E 374 -123.80 21.45 -41.67
N GLY E 375 -124.74 22.15 -42.30
CA GLY E 375 -125.99 22.48 -41.67
C GLY E 375 -127.14 22.33 -42.66
N GLY E 376 -128.35 22.31 -42.12
CA GLY E 376 -129.56 22.30 -42.95
C GLY E 376 -130.01 20.87 -43.28
N ALA E 377 -129.89 20.50 -44.56
CA ALA E 377 -130.56 19.30 -45.05
C ALA E 377 -130.02 18.03 -44.40
N THR E 378 -128.72 18.01 -44.07
CA THR E 378 -128.11 16.80 -43.50
C THR E 378 -128.80 16.42 -42.20
N GLN E 395 -134.33 22.18 -53.40
CA GLN E 395 -133.39 22.55 -54.44
C GLN E 395 -133.79 23.86 -55.12
N GLN E 396 -135.08 24.19 -55.06
CA GLN E 396 -135.57 25.40 -55.70
C GLN E 396 -134.94 26.65 -55.08
N GLN E 397 -134.84 26.68 -53.75
CA GLN E 397 -134.26 27.84 -53.09
C GLN E 397 -132.77 27.96 -53.40
N SER E 398 -132.06 26.82 -53.44
CA SER E 398 -130.65 26.85 -53.83
C SER E 398 -130.49 27.37 -55.25
N GLN E 399 -131.33 26.87 -56.16
CA GLN E 399 -131.31 27.38 -57.54
C GLN E 399 -131.63 28.86 -57.59
N ASN E 400 -132.61 29.30 -56.79
CA ASN E 400 -133.06 30.69 -56.84
C ASN E 400 -131.91 31.65 -56.51
N LYS E 401 -131.10 31.31 -55.52
CA LYS E 401 -129.98 32.17 -55.14
C LYS E 401 -128.75 31.92 -56.01
N GLY E 402 -128.59 30.72 -56.57
CA GLY E 402 -127.39 30.39 -57.32
C GLY E 402 -127.43 30.79 -58.77
N LEU E 403 -128.46 30.34 -59.49
CA LEU E 403 -128.48 30.43 -60.95
C LEU E 403 -129.14 31.72 -61.44
N GLN E 404 -130.30 32.06 -60.88
CA GLN E 404 -131.08 33.19 -61.40
C GLN E 404 -130.30 34.50 -61.41
N PRO E 405 -129.54 34.87 -60.38
CA PRO E 405 -128.73 36.10 -60.50
C PRO E 405 -127.76 36.06 -61.66
N LEU E 406 -127.14 34.90 -61.94
CA LEU E 406 -126.23 34.80 -63.06
C LEU E 406 -126.97 34.99 -64.38
N LEU E 407 -128.15 34.38 -64.50
CA LEU E 407 -128.94 34.54 -65.71
C LEU E 407 -129.34 36.00 -65.90
N ARG E 408 -129.72 36.68 -64.82
CA ARG E 408 -130.11 38.08 -64.93
C ARG E 408 -128.92 38.96 -65.29
N PHE E 409 -127.73 38.61 -64.79
CA PHE E 409 -126.53 39.35 -65.15
C PHE E 409 -126.24 39.22 -66.64
N ILE E 410 -126.27 37.99 -67.15
CA ILE E 410 -126.05 37.78 -68.59
C ILE E 410 -127.14 38.51 -69.38
N GLU E 411 -128.38 38.46 -68.89
CA GLU E 411 -129.49 39.11 -69.56
C GLU E 411 -129.25 40.61 -69.69
N ASP E 412 -128.89 41.26 -68.58
CA ASP E 412 -128.67 42.70 -68.60
C ASP E 412 -127.50 43.06 -69.51
N LEU E 413 -126.41 42.29 -69.42
CA LEU E 413 -125.25 42.59 -70.26
C LEU E 413 -125.60 42.49 -71.73
N VAL E 414 -126.18 41.35 -72.14
CA VAL E 414 -126.51 41.13 -73.54
C VAL E 414 -127.50 42.18 -74.01
N ASN E 415 -128.52 42.46 -73.20
CA ASN E 415 -129.50 43.48 -73.57
C ASN E 415 -128.82 44.82 -73.83
N ARG E 416 -128.20 45.39 -72.79
CA ARG E 416 -127.72 46.76 -72.90
C ARG E 416 -126.57 46.90 -73.88
N HIS E 417 -125.90 45.81 -74.27
CA HIS E 417 -124.80 45.94 -75.23
C HIS E 417 -125.20 45.59 -76.66
N ILE E 418 -126.08 44.62 -76.87
CA ILE E 418 -126.48 44.22 -78.21
C ILE E 418 -127.72 44.98 -78.67
N ILE E 419 -128.80 44.94 -77.88
CA ILE E 419 -130.07 45.49 -78.33
C ILE E 419 -130.00 47.01 -78.46
N SER E 420 -129.02 47.63 -77.81
CA SER E 420 -128.83 49.08 -77.98
C SER E 420 -128.53 49.44 -79.41
N GLU E 421 -127.96 48.52 -80.19
CA GLU E 421 -127.61 48.82 -81.57
C GLU E 421 -128.83 48.84 -82.49
N TYR E 422 -129.93 48.19 -82.09
CA TYR E 422 -131.12 48.11 -82.91
C TYR E 422 -132.17 49.14 -82.52
N GLY E 423 -132.46 49.28 -81.22
CA GLY E 423 -133.42 50.26 -80.76
C GLY E 423 -133.76 50.11 -79.29
N ASP E 424 -134.35 51.16 -78.73
CA ASP E 424 -134.75 51.13 -77.31
C ASP E 424 -136.02 50.32 -77.09
N LYS E 425 -136.88 50.22 -78.12
CA LYS E 425 -138.21 49.64 -77.93
C LYS E 425 -138.19 48.14 -77.72
N TYR E 426 -137.04 47.47 -77.89
CA TYR E 426 -136.93 46.04 -77.74
C TYR E 426 -136.11 45.70 -76.50
N THR E 427 -136.28 44.45 -76.03
CA THR E 427 -135.52 43.95 -74.90
C THR E 427 -135.36 42.45 -75.04
N PHE E 428 -134.35 41.93 -74.33
CA PHE E 428 -134.01 40.51 -74.36
C PHE E 428 -134.19 39.94 -72.95
N GLN E 429 -134.85 38.80 -72.84
CA GLN E 429 -135.09 38.18 -71.55
C GLN E 429 -135.23 36.67 -71.70
N PHE E 430 -134.88 35.96 -70.64
CA PHE E 430 -135.07 34.52 -70.56
C PHE E 430 -136.48 34.21 -70.07
N VAL E 431 -136.88 32.95 -70.28
CA VAL E 431 -138.24 32.52 -69.95
C VAL E 431 -138.21 31.01 -69.68
N GLY E 432 -139.10 30.58 -68.78
CA GLY E 432 -139.31 29.17 -68.51
C GLY E 432 -138.64 28.72 -67.23
N GLY E 433 -139.05 27.52 -66.79
CA GLY E 433 -138.49 26.94 -65.58
C GLY E 433 -138.95 27.58 -64.30
N ASP E 434 -140.04 28.36 -64.34
CA ASP E 434 -140.55 29.07 -63.18
C ASP E 434 -142.06 28.91 -63.09
N THR E 435 -142.54 27.66 -63.22
CA THR E 435 -143.98 27.41 -63.19
C THR E 435 -144.59 27.77 -61.84
N LYS E 436 -143.87 27.49 -60.75
CA LYS E 436 -144.44 27.68 -59.42
C LYS E 436 -144.75 29.15 -59.16
N SER E 437 -143.84 30.04 -59.54
CA SER E 437 -144.10 31.48 -59.38
C SER E 437 -145.30 31.92 -60.22
N ALA E 438 -145.34 31.47 -61.48
CA ALA E 438 -146.49 31.79 -62.32
C ALA E 438 -147.77 31.17 -61.77
N THR E 439 -147.66 29.98 -61.17
CA THR E 439 -148.81 29.36 -60.54
C THR E 439 -149.32 30.21 -59.38
N ASP E 440 -148.41 30.73 -58.56
CA ASP E 440 -148.83 31.58 -57.44
C ASP E 440 -149.43 32.90 -57.94
N LYS E 441 -148.88 33.45 -59.02
CA LYS E 441 -149.44 34.65 -59.62
C LYS E 441 -150.87 34.40 -60.09
N LEU E 442 -151.08 33.30 -60.82
CA LEU E 442 -152.42 32.95 -61.27
C LEU E 442 -153.34 32.69 -60.09
N ASN E 443 -152.82 32.14 -59.00
CA ASN E 443 -153.64 31.90 -57.81
C ASN E 443 -154.04 33.22 -57.16
N ILE E 444 -153.11 34.19 -57.14
CA ILE E 444 -153.45 35.53 -56.66
C ILE E 444 -154.61 36.09 -57.47
N LEU E 445 -154.51 35.99 -58.80
CA LEU E 445 -155.58 36.52 -59.65
C LEU E 445 -156.89 35.77 -59.41
N LYS E 446 -156.81 34.44 -59.26
CA LYS E 446 -158.01 33.62 -59.12
C LYS E 446 -158.72 33.90 -57.80
N LEU E 447 -157.95 34.20 -56.74
CA LEU E 447 -158.57 34.57 -55.47
C LEU E 447 -159.10 36.00 -55.52
N GLU E 448 -158.38 36.90 -56.20
CA GLU E 448 -158.81 38.29 -56.24
C GLU E 448 -160.12 38.44 -57.01
N THR E 449 -160.27 37.72 -58.12
CA THR E 449 -161.44 37.91 -58.98
C THR E 449 -162.74 37.50 -58.29
N GLN E 450 -162.67 36.66 -57.26
CA GLN E 450 -163.90 36.16 -56.65
C GLN E 450 -164.73 37.30 -56.06
N ILE E 451 -164.05 38.27 -55.44
CA ILE E 451 -164.70 39.39 -54.77
C ILE E 451 -164.38 40.72 -55.44
N PHE E 452 -163.13 40.91 -55.89
CA PHE E 452 -162.61 42.24 -56.16
C PHE E 452 -162.71 42.62 -57.64
N LYS E 453 -162.10 41.83 -58.52
CA LYS E 453 -161.78 42.26 -59.87
C LYS E 453 -162.76 41.68 -60.87
N THR E 454 -163.19 42.51 -61.81
CA THR E 454 -163.99 42.05 -62.94
C THR E 454 -163.10 41.33 -63.95
N VAL E 455 -163.72 40.50 -64.78
CA VAL E 455 -162.97 39.78 -65.78
C VAL E 455 -162.33 40.74 -66.78
N ASN E 456 -163.10 41.74 -67.22
CA ASN E 456 -162.60 42.67 -68.23
C ASN E 456 -161.51 43.58 -67.66
N GLU E 457 -161.62 43.96 -66.39
CA GLU E 457 -160.56 44.76 -65.78
C GLU E 457 -159.24 44.00 -65.75
N ALA E 458 -159.27 42.73 -65.35
CA ALA E 458 -158.05 41.92 -65.35
C ALA E 458 -157.50 41.75 -66.76
N ARG E 459 -158.39 41.45 -67.72
CA ARG E 459 -157.95 41.25 -69.10
C ARG E 459 -157.30 42.52 -69.64
N GLU E 460 -157.86 43.69 -69.33
CA GLU E 460 -157.22 44.94 -69.71
C GLU E 460 -155.91 45.12 -68.97
N GLU E 461 -155.86 44.72 -67.71
CA GLU E 461 -154.67 44.90 -66.89
C GLU E 461 -153.48 44.13 -67.46
N GLN E 462 -153.73 43.02 -68.13
CA GLN E 462 -152.66 42.16 -68.64
C GLN E 462 -152.52 42.28 -70.15
N GLY E 463 -152.66 43.49 -70.68
CA GLY E 463 -152.38 43.74 -72.09
C GLY E 463 -153.27 42.99 -73.06
N LYS E 464 -154.56 42.90 -72.77
CA LYS E 464 -155.52 42.25 -73.65
C LYS E 464 -156.78 43.10 -73.72
N LYS E 465 -157.64 42.80 -74.72
CA LYS E 465 -158.85 43.58 -74.93
C LYS E 465 -160.05 42.87 -74.34
N PRO E 466 -161.10 43.59 -73.92
CA PRO E 466 -162.20 42.95 -73.20
C PRO E 466 -163.01 42.02 -74.10
N ILE E 467 -163.76 41.13 -73.44
CA ILE E 467 -164.71 40.24 -74.10
C ILE E 467 -166.11 40.71 -73.78
N GLU E 468 -166.98 40.74 -74.78
CA GLU E 468 -168.36 41.13 -74.56
C GLU E 468 -169.05 40.13 -73.64
N GLY E 469 -169.94 40.64 -72.80
CA GLY E 469 -170.58 39.86 -71.76
C GLY E 469 -170.69 40.58 -70.44
N GLY E 470 -170.20 41.81 -70.37
CA GLY E 470 -170.24 42.58 -69.14
C GLY E 470 -168.99 42.40 -68.30
N ASP E 471 -168.66 43.42 -67.52
CA ASP E 471 -167.52 43.39 -66.62
C ASP E 471 -167.94 42.66 -65.32
N ILE E 472 -168.15 41.36 -65.46
CA ILE E 472 -168.72 40.57 -64.39
C ILE E 472 -167.63 40.17 -63.41
N ILE E 473 -168.02 40.08 -62.13
CA ILE E 473 -167.18 39.50 -61.08
C ILE E 473 -167.64 38.06 -60.91
N LEU E 474 -166.71 37.11 -61.04
CA LEU E 474 -167.08 35.71 -61.15
C LEU E 474 -167.46 35.16 -59.78
N ASP E 475 -168.76 35.05 -59.55
CA ASP E 475 -169.30 34.29 -58.43
C ASP E 475 -170.74 33.97 -58.76
N ALA E 476 -171.12 32.70 -58.62
CA ALA E 476 -172.46 32.28 -59.05
C ALA E 476 -173.55 33.06 -58.33
N SER E 477 -173.30 33.48 -57.09
CA SER E 477 -174.26 34.31 -56.39
C SER E 477 -174.39 35.68 -57.04
N PHE E 478 -173.25 36.33 -57.31
CA PHE E 478 -173.28 37.71 -57.80
C PHE E 478 -174.07 37.84 -59.09
N LEU E 479 -173.95 36.85 -59.98
CA LEU E 479 -174.70 36.88 -61.23
C LEU E 479 -176.20 36.85 -60.99
N GLN E 480 -176.64 36.02 -60.03
CA GLN E 480 -178.06 35.98 -59.71
C GLN E 480 -178.55 37.32 -59.18
N GLY E 481 -177.71 38.03 -58.44
CA GLY E 481 -178.10 39.35 -57.96
C GLY E 481 -178.31 40.33 -59.10
N THR E 482 -177.38 40.36 -60.05
CA THR E 482 -177.54 41.23 -61.21
C THR E 482 -178.74 40.79 -62.04
N ALA E 483 -178.90 39.49 -62.26
CA ALA E 483 -180.03 38.99 -63.02
C ALA E 483 -181.34 39.30 -62.32
N GLN E 484 -181.39 39.07 -61.01
CA GLN E 484 -182.60 39.38 -60.25
C GLN E 484 -182.87 40.87 -60.24
N LEU E 485 -181.83 41.69 -60.08
CA LEU E 485 -182.01 43.13 -60.14
C LEU E 485 -182.52 43.55 -61.51
N GLN E 486 -181.93 43.01 -62.58
CA GLN E 486 -182.38 43.34 -63.93
C GLN E 486 -183.81 42.85 -64.15
N GLN E 487 -184.13 41.64 -63.69
CA GLN E 487 -185.48 41.11 -63.87
C GLN E 487 -186.49 41.98 -63.15
N ASP E 488 -186.22 42.33 -61.90
CA ASP E 488 -187.13 43.20 -61.16
C ASP E 488 -187.08 44.63 -61.70
N LYS E 489 -185.93 45.06 -62.21
CA LYS E 489 -185.85 46.39 -62.83
C LYS E 489 -186.78 46.47 -64.03
N GLN E 490 -186.77 45.44 -64.88
CA GLN E 490 -187.65 45.43 -66.04
C GLN E 490 -189.11 45.39 -65.62
N TYR E 491 -189.42 44.70 -64.52
CA TYR E 491 -190.78 44.73 -63.98
C TYR E 491 -191.17 46.15 -63.58
N ASN E 492 -190.30 46.82 -62.81
CA ASN E 492 -190.61 48.17 -62.39
C ASN E 492 -190.63 49.14 -63.57
N ASP E 493 -189.65 49.02 -64.47
CA ASP E 493 -189.63 49.89 -65.64
C ASP E 493 -190.81 49.63 -66.56
N GLY E 494 -191.38 48.42 -66.52
CA GLY E 494 -192.57 48.14 -67.29
C GLY E 494 -193.80 48.87 -66.82
N LYS E 495 -193.80 49.36 -65.58
CA LYS E 495 -194.92 50.12 -65.06
C LYS E 495 -194.99 51.53 -65.63
N GLN E 496 -193.94 52.01 -66.29
CA GLN E 496 -194.04 53.27 -67.01
C GLN E 496 -195.07 53.19 -68.13
N LYS E 497 -195.27 52.00 -68.69
CA LYS E 497 -196.32 51.81 -69.67
C LYS E 497 -197.69 52.10 -69.07
N GLU E 498 -197.93 51.62 -67.84
CA GLU E 498 -199.17 51.95 -67.15
C GLU E 498 -199.22 53.43 -66.79
N ARG E 499 -198.07 54.02 -66.43
CA ARG E 499 -198.05 55.44 -66.11
C ARG E 499 -198.48 56.28 -67.29
N LEU E 500 -198.00 55.93 -68.49
CA LEU E 500 -198.42 56.64 -69.70
C LEU E 500 -199.83 56.27 -70.13
N GLN E 501 -200.30 55.08 -69.74
CA GLN E 501 -201.62 54.63 -70.17
C GLN E 501 -202.72 55.54 -69.63
N MET E 502 -202.59 55.97 -68.37
CA MET E 502 -203.58 56.87 -67.80
C MET E 502 -203.62 58.22 -68.50
N MET E 503 -202.55 58.59 -69.20
CA MET E 503 -202.51 59.88 -69.89
C MET E 503 -203.54 59.94 -71.00
N SER F 49 -126.60 72.84 -35.56
CA SER F 49 -126.06 72.82 -36.92
C SER F 49 -126.11 71.41 -37.50
N LEU F 50 -125.83 70.42 -36.66
CA LEU F 50 -125.74 69.04 -37.14
C LEU F 50 -127.04 68.60 -37.78
N TYR F 51 -128.16 68.83 -37.09
CA TYR F 51 -129.49 68.54 -37.60
C TYR F 51 -130.26 69.80 -37.96
N GLY F 52 -130.05 70.88 -37.22
CA GLY F 52 -130.74 72.13 -37.45
C GLY F 52 -130.59 73.02 -36.23
N GLN F 53 -131.43 74.06 -36.17
CA GLN F 53 -131.47 74.91 -34.99
C GLN F 53 -132.23 74.20 -33.89
N GLN F 54 -131.59 74.06 -32.74
CA GLN F 54 -132.19 73.35 -31.61
C GLN F 54 -131.63 73.91 -30.31
N GLN F 55 -132.32 73.60 -29.22
CA GLN F 55 -131.92 74.09 -27.90
C GLN F 55 -130.87 73.20 -27.25
N ALA F 56 -130.90 71.90 -27.53
CA ALA F 56 -130.00 70.95 -26.89
C ALA F 56 -128.69 70.84 -27.67
N TYR F 57 -127.75 70.11 -27.07
CA TYR F 57 -126.48 69.79 -27.72
C TYR F 57 -126.52 68.33 -28.16
N ALA F 58 -126.22 68.10 -29.44
CA ALA F 58 -126.13 66.76 -30.00
C ALA F 58 -124.79 66.53 -30.71
N GLU F 59 -123.78 67.30 -30.34
CA GLU F 59 -122.44 67.21 -30.91
C GLU F 59 -121.45 67.48 -29.77
N PRO F 60 -120.24 66.93 -29.85
CA PRO F 60 -119.28 67.16 -28.75
C PRO F 60 -119.04 68.63 -28.50
N PHE F 61 -119.16 69.04 -27.23
CA PHE F 61 -118.94 70.43 -26.86
C PHE F 61 -117.50 70.83 -27.11
N ILE F 62 -116.56 69.96 -26.78
CA ILE F 62 -115.13 70.21 -26.94
C ILE F 62 -114.63 69.32 -28.07
N GLU F 63 -113.94 69.93 -29.03
CA GLU F 63 -113.46 69.20 -30.20
C GLU F 63 -112.29 68.30 -29.82
N MET F 64 -112.08 67.25 -30.63
CA MET F 64 -110.90 66.41 -30.49
C MET F 64 -109.69 67.17 -31.00
N MET F 65 -108.68 67.30 -30.13
CA MET F 65 -107.56 68.21 -30.43
C MET F 65 -106.78 67.74 -31.65
N ASP F 66 -106.51 66.44 -31.75
CA ASP F 66 -105.63 65.94 -32.80
C ASP F 66 -106.26 65.95 -34.18
N THR F 67 -107.57 66.17 -34.28
CA THR F 67 -108.25 66.18 -35.57
C THR F 67 -107.97 67.48 -36.32
N ASN F 68 -108.01 67.41 -37.64
CA ASN F 68 -107.81 68.59 -38.46
C ASN F 68 -109.00 69.53 -38.31
N PRO F 69 -108.78 70.85 -38.33
CA PRO F 69 -109.93 71.77 -38.19
C PRO F 69 -110.96 71.64 -39.28
N GLU F 70 -110.56 71.23 -40.49
CA GLU F 70 -111.46 71.30 -41.64
C GLU F 70 -112.60 70.30 -41.57
N PHE F 71 -112.44 69.20 -40.81
CA PHE F 71 -113.46 68.17 -40.75
C PHE F 71 -113.39 67.49 -39.39
N ARG F 72 -114.45 66.75 -39.08
CA ARG F 72 -114.52 65.92 -37.87
C ARG F 72 -114.22 64.48 -38.25
N ASP F 73 -113.25 63.89 -37.56
CA ASP F 73 -112.85 62.51 -37.85
C ASP F 73 -113.87 61.53 -37.31
N LYS F 74 -113.89 60.34 -37.91
CA LYS F 74 -114.67 59.22 -37.43
C LYS F 74 -113.76 58.27 -36.65
N ARG F 75 -114.19 57.87 -35.48
CA ARG F 75 -113.35 57.16 -34.52
C ARG F 75 -114.06 55.92 -34.01
N SER F 76 -113.29 55.08 -33.32
CA SER F 76 -113.81 53.86 -32.75
C SER F 76 -114.82 54.17 -31.65
N TYR F 77 -115.50 53.11 -31.18
CA TYR F 77 -116.49 53.28 -30.13
C TYR F 77 -115.84 53.79 -28.84
N MET F 78 -114.77 53.14 -28.41
CA MET F 78 -114.12 53.44 -27.15
C MET F 78 -113.08 54.56 -27.26
N LYS F 79 -112.97 55.19 -28.43
CA LYS F 79 -111.92 56.17 -28.71
C LYS F 79 -110.53 55.56 -28.64
N ASN F 80 -110.43 54.24 -28.77
CA ASN F 80 -109.13 53.58 -28.76
C ASN F 80 -108.28 54.03 -29.94
N GLU F 81 -108.90 54.15 -31.11
CA GLU F 81 -108.22 54.59 -32.32
C GLU F 81 -109.05 55.69 -32.98
N HIS F 82 -108.40 56.77 -33.38
CA HIS F 82 -109.05 57.85 -34.10
C HIS F 82 -109.16 57.58 -35.61
N ASN F 83 -108.65 56.45 -36.08
CA ASN F 83 -108.70 56.08 -37.49
C ASN F 83 -109.23 54.65 -37.58
N LEU F 84 -110.43 54.50 -38.12
CA LEU F 84 -111.19 53.25 -38.06
C LEU F 84 -111.31 52.56 -39.41
N HIS F 85 -111.72 53.30 -40.44
CA HIS F 85 -111.95 52.67 -41.74
C HIS F 85 -110.68 52.05 -42.29
N ASP F 86 -109.50 52.54 -41.88
CA ASP F 86 -108.26 51.92 -42.31
C ASP F 86 -108.17 50.47 -41.82
N VAL F 87 -108.52 50.22 -40.56
CA VAL F 87 -108.46 48.84 -40.06
C VAL F 87 -109.64 48.03 -40.56
N LEU F 88 -110.80 48.67 -40.79
CA LEU F 88 -111.93 47.93 -41.34
C LEU F 88 -111.64 47.47 -42.77
N LYS F 89 -110.86 48.25 -43.51
CA LYS F 89 -110.47 47.85 -44.86
C LYS F 89 -109.69 46.55 -44.84
N LYS F 90 -108.95 46.29 -43.76
CA LYS F 90 -108.21 45.03 -43.65
C LYS F 90 -109.17 43.85 -43.56
N PHE F 91 -110.21 43.97 -42.72
CA PHE F 91 -111.20 42.91 -42.58
C PHE F 91 -112.13 42.84 -43.79
N GLY F 92 -112.12 43.86 -44.66
CA GLY F 92 -112.92 43.81 -45.87
C GLY F 92 -112.67 42.60 -46.75
N ASN F 93 -111.51 41.96 -46.61
CA ASN F 93 -111.12 40.83 -47.45
C ASN F 93 -111.47 39.48 -46.85
N ASN F 94 -112.09 39.44 -45.68
CA ASN F 94 -112.34 38.17 -45.01
C ASN F 94 -113.33 37.34 -45.84
N PRO F 95 -113.16 36.00 -45.91
CA PRO F 95 -114.07 35.19 -46.73
C PRO F 95 -115.48 35.12 -46.18
N ILE F 96 -115.62 34.88 -44.88
CA ILE F 96 -116.96 34.79 -44.28
C ILE F 96 -117.74 36.07 -44.54
N LEU F 97 -117.12 37.21 -44.23
CA LEU F 97 -117.76 38.49 -44.49
C LEU F 97 -118.06 38.65 -45.98
N ASN F 98 -117.09 38.34 -46.83
CA ASN F 98 -117.31 38.47 -48.26
C ASN F 98 -118.39 37.51 -48.74
N ALA F 99 -118.48 36.33 -48.13
CA ALA F 99 -119.54 35.39 -48.48
C ALA F 99 -120.91 35.99 -48.16
N ILE F 100 -121.04 36.60 -46.99
CA ILE F 100 -122.31 37.25 -46.62
C ILE F 100 -122.62 38.37 -47.60
N ILE F 101 -121.61 39.19 -47.92
CA ILE F 101 -121.82 40.32 -48.83
C ILE F 101 -122.31 39.80 -50.17
N LEU F 102 -121.66 38.77 -50.70
CA LEU F 102 -122.01 38.29 -52.03
C LEU F 102 -123.38 37.65 -52.05
N THR F 103 -123.72 36.88 -51.00
CA THR F 103 -125.06 36.30 -50.92
C THR F 103 -126.13 37.38 -50.89
N ARG F 104 -125.94 38.41 -50.06
CA ARG F 104 -126.95 39.47 -49.99
C ARG F 104 -127.01 40.25 -51.31
N SER F 105 -125.87 40.46 -51.94
CA SER F 105 -125.84 41.16 -53.22
C SER F 105 -126.60 40.38 -54.29
N ASN F 106 -126.39 39.06 -54.33
CA ASN F 106 -127.12 38.23 -55.28
C ASN F 106 -128.61 38.26 -54.99
N GLN F 107 -128.99 38.25 -53.71
CA GLN F 107 -130.41 38.35 -53.36
C GLN F 107 -131.00 39.66 -53.86
N VAL F 108 -130.29 40.77 -53.67
CA VAL F 108 -130.82 42.07 -54.07
C VAL F 108 -130.88 42.19 -55.58
N ALA F 109 -129.92 41.59 -56.29
CA ALA F 109 -129.80 41.81 -57.73
C ALA F 109 -131.06 41.38 -58.49
N MET F 110 -131.75 40.36 -57.98
CA MET F 110 -132.97 39.89 -58.66
C MET F 110 -134.03 40.98 -58.70
N TYR F 111 -134.20 41.70 -57.58
CA TYR F 111 -135.26 42.72 -57.49
C TYR F 111 -134.98 43.94 -58.37
N CYS F 112 -133.74 44.09 -58.84
CA CYS F 112 -133.30 45.35 -59.45
C CYS F 112 -133.66 45.43 -60.94
N GLN F 113 -134.94 45.28 -61.23
CA GLN F 113 -135.45 45.52 -62.59
C GLN F 113 -136.83 46.14 -62.49
N PRO F 114 -137.23 46.94 -63.48
CA PRO F 114 -138.55 47.57 -63.42
C PRO F 114 -139.66 46.55 -63.58
N ALA F 115 -140.80 46.85 -62.94
CA ALA F 115 -141.90 45.89 -62.93
C ALA F 115 -142.58 45.79 -64.29
N ARG F 116 -142.89 46.94 -64.91
CA ARG F 116 -143.69 46.93 -66.12
C ARG F 116 -142.96 46.30 -67.30
N TYR F 117 -141.64 46.20 -67.26
CA TYR F 117 -140.87 45.49 -68.27
C TYR F 117 -140.72 44.00 -67.97
N SER F 118 -141.14 43.55 -66.79
CA SER F 118 -140.99 42.17 -66.36
C SER F 118 -142.33 41.45 -66.51
N GLU F 119 -142.28 40.25 -67.09
CA GLU F 119 -143.51 39.47 -67.26
C GLU F 119 -144.13 39.13 -65.91
N LYS F 120 -143.31 38.87 -64.90
CA LYS F 120 -143.77 38.60 -63.55
C LYS F 120 -143.57 39.82 -62.67
N GLY F 121 -144.26 39.83 -61.53
CA GLY F 121 -144.35 41.01 -60.70
C GLY F 121 -143.06 41.42 -60.03
N LEU F 122 -142.06 40.54 -60.00
CA LEU F 122 -140.81 40.87 -59.32
C LEU F 122 -140.12 42.04 -60.00
N GLY F 123 -139.70 43.01 -59.20
CA GLY F 123 -139.05 44.20 -59.71
C GLY F 123 -139.36 45.39 -58.81
N PHE F 124 -139.12 46.59 -59.35
CA PHE F 124 -139.46 47.83 -58.69
C PHE F 124 -140.43 48.63 -59.55
N GLU F 125 -141.04 49.64 -58.94
CA GLU F 125 -142.09 50.39 -59.58
C GLU F 125 -142.13 51.79 -58.99
N VAL F 126 -142.57 52.75 -59.81
CA VAL F 126 -142.85 54.12 -59.38
C VAL F 126 -144.35 54.36 -59.56
N ARG F 127 -144.96 55.00 -58.56
CA ARG F 127 -146.40 55.23 -58.57
C ARG F 127 -146.68 56.56 -57.89
N LEU F 128 -147.92 57.01 -58.03
CA LEU F 128 -148.37 58.20 -57.32
C LEU F 128 -148.39 57.94 -55.83
N ARG F 129 -148.23 59.01 -55.04
CA ARG F 129 -148.10 58.87 -53.60
C ARG F 129 -149.37 58.27 -53.00
N ASP F 130 -150.54 58.65 -53.52
CA ASP F 130 -151.81 58.13 -53.05
C ASP F 130 -152.25 56.99 -53.96
N LEU F 131 -152.47 55.81 -53.38
CA LEU F 131 -152.88 54.65 -54.16
C LEU F 131 -154.29 54.83 -54.72
N ASP F 132 -155.15 55.56 -54.00
CA ASP F 132 -156.51 55.81 -54.47
C ASP F 132 -156.59 56.87 -55.56
N ALA F 133 -155.53 57.64 -55.77
CA ALA F 133 -155.55 58.66 -56.81
C ALA F 133 -155.47 58.03 -58.19
N GLU F 134 -156.21 58.60 -59.14
CA GLU F 134 -156.23 58.06 -60.48
C GLU F 134 -154.92 58.39 -61.20
N PRO F 135 -154.51 57.55 -62.17
CA PRO F 135 -153.36 57.92 -63.01
C PRO F 135 -153.75 58.81 -64.18
N GLY F 136 -152.78 59.16 -65.02
CA GLY F 136 -153.04 59.96 -66.19
C GLY F 136 -151.98 59.73 -67.25
N ARG F 137 -152.32 60.08 -68.48
CA ARG F 137 -151.40 59.87 -69.60
C ARG F 137 -150.12 60.67 -69.42
N LYS F 138 -150.24 61.92 -68.96
CA LYS F 138 -149.05 62.71 -68.69
C LYS F 138 -148.24 62.12 -67.55
N GLU F 139 -148.90 61.84 -66.42
CA GLU F 139 -148.19 61.32 -65.25
C GLU F 139 -147.61 59.94 -65.52
N LYS F 140 -148.34 59.11 -66.28
CA LYS F 140 -147.81 57.79 -66.62
C LYS F 140 -146.53 57.92 -67.44
N GLU F 141 -146.51 58.82 -68.41
CA GLU F 141 -145.30 59.03 -69.20
C GLU F 141 -144.17 59.56 -68.34
N GLU F 142 -144.46 60.49 -67.43
CA GLU F 142 -143.43 61.01 -66.54
C GLU F 142 -142.85 59.91 -65.67
N MET F 143 -143.70 59.05 -65.12
CA MET F 143 -143.22 57.96 -64.27
C MET F 143 -142.40 56.96 -65.07
N LYS F 144 -142.82 56.67 -66.31
CA LYS F 144 -142.02 55.80 -67.17
C LYS F 144 -140.65 56.40 -67.44
N ARG F 145 -140.60 57.70 -67.71
CA ARG F 145 -139.33 58.37 -67.94
C ARG F 145 -138.45 58.29 -66.69
N ILE F 146 -139.03 58.50 -65.51
CA ILE F 146 -138.25 58.45 -64.28
C ILE F 146 -137.72 57.04 -64.05
N GLU F 147 -138.54 56.03 -64.31
CA GLU F 147 -138.09 54.65 -64.14
C GLU F 147 -136.94 54.33 -65.09
N ASP F 148 -137.04 54.76 -66.34
CA ASP F 148 -135.94 54.55 -67.28
C ASP F 148 -134.69 55.31 -66.83
N PHE F 149 -134.87 56.52 -66.28
CA PHE F 149 -133.75 57.29 -65.77
C PHE F 149 -133.04 56.54 -64.65
N ILE F 150 -133.81 55.95 -63.73
CA ILE F 150 -133.20 55.20 -62.64
C ILE F 150 -132.51 53.96 -63.18
N VAL F 151 -133.11 53.29 -64.16
CA VAL F 151 -132.52 52.08 -64.72
C VAL F 151 -131.17 52.40 -65.36
N ASN F 152 -131.10 53.49 -66.12
CA ASN F 152 -129.87 53.90 -66.78
C ASN F 152 -128.98 54.77 -65.90
N THR F 153 -129.45 55.13 -64.70
CA THR F 153 -128.70 56.00 -63.78
C THR F 153 -128.25 57.29 -64.48
N GLY F 154 -129.16 57.88 -65.25
CA GLY F 154 -128.87 59.14 -65.89
C GLY F 154 -129.89 59.45 -66.94
N LYS F 155 -129.78 60.66 -67.49
CA LYS F 155 -130.77 61.13 -68.45
C LYS F 155 -130.70 60.37 -69.76
N ASP F 156 -129.51 59.91 -70.14
CA ASP F 156 -129.31 59.22 -71.41
C ASP F 156 -128.44 58.00 -71.19
N LYS F 157 -128.59 57.01 -72.07
CA LYS F 157 -127.83 55.78 -71.96
C LYS F 157 -126.34 56.05 -72.09
N ASP F 158 -125.55 55.31 -71.32
CA ASP F 158 -124.09 55.40 -71.40
C ASP F 158 -123.51 54.08 -70.92
N VAL F 159 -122.82 53.38 -71.83
CA VAL F 159 -122.22 52.09 -71.47
C VAL F 159 -121.16 52.26 -70.40
N ASP F 160 -120.50 53.42 -70.35
CA ASP F 160 -119.43 53.65 -69.41
C ASP F 160 -119.91 53.80 -67.98
N ARG F 161 -121.23 53.91 -67.75
CA ARG F 161 -121.77 54.20 -66.44
C ARG F 161 -122.51 52.99 -65.89
N ASP F 162 -122.65 52.97 -64.56
CA ASP F 162 -123.22 51.84 -63.85
C ASP F 162 -124.71 51.70 -64.15
N SER F 163 -125.14 50.46 -64.37
CA SER F 163 -126.56 50.14 -64.26
C SER F 163 -126.96 50.10 -62.78
N PHE F 164 -128.25 50.22 -62.53
CA PHE F 164 -128.72 50.28 -61.15
C PHE F 164 -128.45 48.98 -60.41
N GLN F 165 -128.34 47.87 -61.13
CA GLN F 165 -127.99 46.59 -60.51
C GLN F 165 -126.61 46.69 -59.84
N THR F 166 -125.61 47.13 -60.60
CA THR F 166 -124.27 47.26 -60.04
C THR F 166 -124.23 48.32 -58.95
N PHE F 167 -125.05 49.37 -59.08
CA PHE F 167 -125.10 50.38 -58.03
C PHE F 167 -125.59 49.78 -56.71
N CYS F 168 -126.65 48.98 -56.78
CA CYS F 168 -127.13 48.31 -55.57
C CYS F 168 -126.10 47.33 -55.03
N LYS F 169 -125.40 46.62 -55.92
CA LYS F 169 -124.39 45.68 -55.47
C LYS F 169 -123.24 46.40 -54.76
N LYS F 170 -122.91 47.61 -55.22
CA LYS F 170 -121.94 48.43 -54.49
C LYS F 170 -122.51 48.88 -53.15
N ILE F 171 -123.78 49.28 -53.15
CA ILE F 171 -124.38 49.87 -51.96
C ILE F 171 -124.46 48.85 -50.84
N VAL F 172 -124.78 47.60 -51.16
CA VAL F 172 -124.90 46.59 -50.11
C VAL F 172 -123.53 46.36 -49.45
N ARG F 173 -122.47 46.31 -50.27
CA ARG F 173 -121.13 46.14 -49.72
C ARG F 173 -120.76 47.31 -48.82
N ASP F 174 -121.00 48.53 -49.30
CA ASP F 174 -120.68 49.71 -48.49
C ASP F 174 -121.52 49.77 -47.22
N THR F 175 -122.74 49.23 -47.27
CA THR F 175 -123.64 49.27 -46.13
C THR F 175 -123.22 48.26 -45.06
N TYR F 176 -122.77 47.09 -45.49
CA TYR F 176 -122.47 46.02 -44.55
C TYR F 176 -121.02 46.04 -44.07
N ILE F 177 -120.10 46.67 -44.81
CA ILE F 177 -118.73 46.79 -44.34
C ILE F 177 -118.58 48.03 -43.46
N TYR F 178 -118.83 49.20 -44.04
CA TYR F 178 -118.58 50.46 -43.36
C TYR F 178 -119.81 51.04 -42.64
N ASP F 179 -121.01 50.54 -42.94
CA ASP F 179 -122.24 51.10 -42.40
C ASP F 179 -122.41 52.57 -42.80
N GLN F 180 -121.89 52.92 -43.99
CA GLN F 180 -121.97 54.28 -44.49
C GLN F 180 -122.01 54.21 -46.01
N VAL F 181 -122.95 54.92 -46.61
CA VAL F 181 -123.14 54.92 -48.06
C VAL F 181 -123.25 56.36 -48.55
N ASN F 182 -122.62 56.64 -49.68
CA ASN F 182 -122.64 57.97 -50.27
C ASN F 182 -122.65 57.85 -51.79
N PHE F 183 -123.43 58.72 -52.45
CA PHE F 183 -123.44 58.79 -53.90
C PHE F 183 -123.57 60.25 -54.32
N GLU F 184 -122.80 60.63 -55.34
CA GLU F 184 -122.79 62.00 -55.83
C GLU F 184 -123.89 62.21 -56.87
N LYS F 185 -124.42 63.43 -56.89
CA LYS F 185 -125.37 63.87 -57.91
C LYS F 185 -124.69 64.85 -58.85
N VAL F 186 -125.14 64.86 -60.09
CA VAL F 186 -124.62 65.76 -61.12
C VAL F 186 -125.79 66.56 -61.65
N PHE F 187 -126.00 67.75 -61.12
CA PHE F 187 -127.06 68.62 -61.62
C PHE F 187 -126.67 69.23 -62.96
N ASN F 188 -127.68 69.55 -63.75
CA ASN F 188 -127.44 70.17 -65.05
C ASN F 188 -126.78 71.54 -64.84
N LYS F 189 -125.72 71.80 -65.61
CA LYS F 189 -125.03 73.07 -65.48
C LYS F 189 -125.86 74.21 -66.07
N ASN F 190 -126.55 73.95 -67.17
CA ASN F 190 -127.42 74.97 -67.75
C ASN F 190 -128.58 75.31 -66.82
N ASN F 191 -128.98 74.37 -65.96
CA ASN F 191 -130.08 74.60 -65.02
C ASN F 191 -129.76 73.84 -63.73
N LYS F 192 -129.34 74.58 -62.70
CA LYS F 192 -129.01 73.96 -61.41
C LYS F 192 -130.22 73.26 -60.81
N THR F 193 -131.43 73.65 -61.17
CA THR F 193 -132.63 73.15 -60.51
C THR F 193 -132.83 71.65 -60.73
N LYS F 194 -132.30 71.10 -61.84
CA LYS F 194 -132.63 69.76 -62.28
C LYS F 194 -131.39 68.87 -62.30
N LEU F 195 -131.63 67.57 -62.45
CA LEU F 195 -130.63 66.53 -62.26
C LEU F 195 -130.34 65.84 -63.59
N GLU F 196 -129.08 65.44 -63.77
CA GLU F 196 -128.64 64.71 -64.95
C GLU F 196 -128.18 63.29 -64.62
N LYS F 197 -127.23 63.14 -63.70
CA LYS F 197 -126.62 61.85 -63.40
C LYS F 197 -126.41 61.72 -61.91
N PHE F 198 -126.27 60.48 -61.46
CA PHE F 198 -125.88 60.19 -60.08
C PHE F 198 -125.08 58.90 -60.05
N ILE F 199 -124.03 58.89 -59.24
CA ILE F 199 -123.11 57.76 -59.16
C ILE F 199 -122.63 57.62 -57.72
N ALA F 200 -122.07 56.44 -57.43
CA ALA F 200 -121.62 56.12 -56.08
C ALA F 200 -120.22 56.67 -55.82
N VAL F 201 -119.94 56.94 -54.56
CA VAL F 201 -118.62 57.39 -54.11
C VAL F 201 -118.26 56.59 -52.87
N ASP F 202 -116.98 56.26 -52.74
CA ASP F 202 -116.55 55.41 -51.64
C ASP F 202 -116.75 56.14 -50.31
N PRO F 203 -117.32 55.49 -49.29
CA PRO F 203 -117.58 56.20 -48.02
C PRO F 203 -116.32 56.46 -47.21
N SER F 204 -115.25 55.69 -47.42
CA SER F 204 -114.06 55.83 -46.59
C SER F 204 -113.41 57.20 -46.73
N THR F 205 -113.56 57.83 -47.89
CA THR F 205 -112.90 59.10 -48.18
C THR F 205 -113.73 60.31 -47.78
N ILE F 206 -114.98 60.11 -47.35
CA ILE F 206 -115.92 61.20 -47.11
C ILE F 206 -116.04 61.43 -45.61
N PHE F 207 -116.08 62.69 -45.20
CA PHE F 207 -116.17 63.09 -43.81
C PHE F 207 -117.21 64.20 -43.67
N TYR F 208 -117.56 64.50 -42.43
CA TYR F 208 -118.35 65.69 -42.13
C TYR F 208 -117.43 66.90 -42.05
N ALA F 209 -117.79 67.97 -42.77
CA ALA F 209 -117.01 69.19 -42.72
C ALA F 209 -117.34 69.98 -41.46
N THR F 210 -116.43 70.88 -41.09
CA THR F 210 -116.56 71.69 -39.88
C THR F 210 -116.20 73.13 -40.20
N ASP F 211 -116.72 74.04 -39.38
CA ASP F 211 -116.47 75.46 -39.55
C ASP F 211 -115.15 75.85 -38.89
N LYS F 212 -114.85 77.15 -38.88
CA LYS F 212 -113.64 77.62 -38.23
C LYS F 212 -113.66 77.34 -36.74
N LYS F 213 -114.85 77.32 -36.13
CA LYS F 213 -114.98 76.97 -34.72
C LYS F 213 -114.92 75.46 -34.47
N GLY F 214 -114.90 74.65 -35.53
CA GLY F 214 -114.84 73.21 -35.39
C GLY F 214 -116.19 72.53 -35.38
N LYS F 215 -117.29 73.29 -35.31
CA LYS F 215 -118.62 72.69 -35.33
C LYS F 215 -119.01 72.28 -36.74
N ILE F 216 -119.84 71.24 -36.82
CA ILE F 216 -120.27 70.73 -38.12
C ILE F 216 -121.19 71.76 -38.77
N ILE F 217 -121.05 71.92 -40.09
CA ILE F 217 -121.73 72.97 -40.84
C ILE F 217 -123.07 72.41 -41.34
N LYS F 218 -124.06 73.30 -41.45
CA LYS F 218 -125.33 72.99 -42.07
C LYS F 218 -125.46 73.64 -43.44
N GLY F 219 -125.31 74.95 -43.53
CA GLY F 219 -125.51 75.64 -44.79
C GLY F 219 -124.36 75.42 -45.75
N GLY F 220 -124.69 75.47 -47.04
CA GLY F 220 -123.67 75.33 -48.06
C GLY F 220 -123.02 73.97 -48.04
N LYS F 221 -121.73 73.95 -48.39
CA LYS F 221 -120.99 72.69 -48.47
C LYS F 221 -120.87 72.07 -47.08
N ARG F 222 -121.21 70.78 -46.98
CA ARG F 222 -121.34 70.10 -45.70
C ARG F 222 -120.50 68.82 -45.65
N PHE F 223 -120.32 68.16 -46.79
CA PHE F 223 -119.55 66.94 -46.90
C PHE F 223 -118.28 67.18 -47.70
N VAL F 224 -117.18 66.56 -47.25
CA VAL F 224 -115.86 66.79 -47.80
C VAL F 224 -115.21 65.45 -48.09
N GLN F 225 -114.45 65.38 -49.19
CA GLN F 225 -113.70 64.20 -49.59
C GLN F 225 -112.23 64.41 -49.26
N VAL F 226 -111.62 63.40 -48.64
CA VAL F 226 -110.21 63.46 -48.23
C VAL F 226 -109.50 62.26 -48.83
N VAL F 227 -108.33 62.50 -49.42
CA VAL F 227 -107.49 61.45 -49.99
C VAL F 227 -106.06 61.67 -49.49
N ASP F 228 -105.49 60.65 -48.86
CA ASP F 228 -104.13 60.73 -48.32
C ASP F 228 -103.99 61.91 -47.36
N LYS F 229 -105.03 62.14 -46.56
CA LYS F 229 -105.04 63.18 -45.53
C LYS F 229 -105.02 64.59 -46.13
N ARG F 230 -105.39 64.74 -47.40
CA ARG F 230 -105.49 66.03 -48.06
C ARG F 230 -106.93 66.27 -48.51
N VAL F 231 -107.41 67.48 -48.29
CA VAL F 231 -108.75 67.86 -48.74
C VAL F 231 -108.70 68.09 -50.25
N VAL F 232 -109.62 67.45 -50.96
CA VAL F 232 -109.66 67.49 -52.41
C VAL F 232 -110.88 68.26 -52.91
N ALA F 233 -112.06 67.92 -52.40
CA ALA F 233 -113.29 68.55 -52.85
C ALA F 233 -114.33 68.45 -51.74
N SER F 234 -115.36 69.31 -51.85
CA SER F 234 -116.44 69.35 -50.89
C SER F 234 -117.75 69.59 -51.64
N PHE F 235 -118.85 69.17 -51.01
CA PHE F 235 -120.13 69.04 -51.68
C PHE F 235 -121.24 69.65 -50.84
N THR F 236 -122.26 70.15 -51.52
CA THR F 236 -123.48 70.59 -50.87
C THR F 236 -124.34 69.38 -50.50
N SER F 237 -125.25 69.59 -49.54
CA SER F 237 -126.08 68.50 -49.05
C SER F 237 -126.88 67.86 -50.17
N ARG F 238 -127.47 68.67 -51.04
CA ARG F 238 -128.24 68.12 -52.16
C ARG F 238 -127.34 67.40 -53.15
N GLU F 239 -126.08 67.83 -53.27
CA GLU F 239 -125.17 67.26 -54.25
C GLU F 239 -124.57 65.92 -53.81
N LEU F 240 -124.68 65.57 -52.53
CA LEU F 240 -124.09 64.34 -52.03
C LEU F 240 -124.94 63.82 -50.88
N ALA F 241 -125.37 62.57 -50.99
CA ALA F 241 -126.20 61.93 -49.99
C ALA F 241 -125.35 61.27 -48.90
N MET F 242 -126.00 60.94 -47.78
CA MET F 242 -125.35 60.28 -46.66
C MET F 242 -126.36 59.34 -46.03
N GLY F 243 -126.15 58.04 -46.20
CA GLY F 243 -127.03 57.03 -45.64
C GLY F 243 -126.38 56.29 -44.48
N ILE F 244 -127.02 56.35 -43.31
CA ILE F 244 -126.55 55.67 -42.11
C ILE F 244 -127.59 54.63 -41.72
N ARG F 245 -127.17 53.38 -41.68
CA ARG F 245 -128.07 52.26 -41.39
C ARG F 245 -128.15 51.95 -39.90
N ASN F 246 -127.08 52.19 -39.16
CA ASN F 246 -126.98 51.85 -37.74
C ASN F 246 -126.58 53.11 -36.97
N PRO F 247 -127.49 54.07 -36.85
CA PRO F 247 -127.15 55.34 -36.21
C PRO F 247 -127.07 55.20 -34.70
N ARG F 248 -126.49 56.23 -34.07
CA ARG F 248 -126.34 56.28 -32.63
C ARG F 248 -126.52 57.72 -32.17
N THR F 249 -126.94 57.87 -30.91
CA THR F 249 -127.27 59.19 -30.36
C THR F 249 -126.13 59.79 -29.53
N GLU F 250 -125.16 58.99 -29.11
CA GLU F 250 -124.11 59.49 -28.24
C GLU F 250 -123.26 60.52 -28.97
N LEU F 251 -122.79 61.51 -28.21
CA LEU F 251 -122.03 62.61 -28.80
C LEU F 251 -120.69 62.13 -29.36
N SER F 252 -120.16 61.03 -28.82
CA SER F 252 -118.83 60.57 -29.23
C SER F 252 -118.79 60.24 -30.72
N SER F 253 -119.82 59.57 -31.23
CA SER F 253 -119.83 59.18 -32.63
C SER F 253 -120.15 60.36 -33.54
N SER F 254 -120.88 61.36 -33.04
CA SER F 254 -121.22 62.55 -33.82
C SER F 254 -122.00 62.19 -35.09
N GLY F 255 -122.88 61.20 -34.97
CA GLY F 255 -123.77 60.85 -36.06
C GLY F 255 -123.27 59.75 -36.96
N TYR F 256 -121.97 59.45 -36.93
CA TYR F 256 -121.44 58.38 -37.77
C TYR F 256 -122.02 57.04 -37.33
N GLY F 257 -122.29 56.17 -38.32
CA GLY F 257 -122.86 54.89 -38.02
C GLY F 257 -121.85 53.94 -37.39
N LEU F 258 -122.40 52.89 -36.78
CA LEU F 258 -121.60 51.84 -36.15
C LEU F 258 -121.62 50.61 -37.05
N SER F 259 -120.43 50.15 -37.44
CA SER F 259 -120.31 49.00 -38.31
C SER F 259 -120.16 47.72 -37.51
N GLU F 260 -120.79 46.65 -37.99
CA GLU F 260 -120.74 45.37 -37.30
C GLU F 260 -119.33 44.78 -37.28
N VAL F 261 -118.48 45.18 -38.24
CA VAL F 261 -117.12 44.65 -38.29
C VAL F 261 -116.35 45.07 -37.04
N GLU F 262 -116.54 46.32 -36.61
CA GLU F 262 -115.87 46.79 -35.39
C GLU F 262 -116.33 45.98 -34.19
N ILE F 263 -117.62 45.64 -34.13
CA ILE F 263 -118.15 44.89 -33.00
C ILE F 263 -117.55 43.48 -33.00
N ALA F 264 -117.43 42.86 -34.18
CA ALA F 264 -116.96 41.50 -34.32
C ALA F 264 -115.46 41.41 -34.57
N MET F 265 -114.72 42.48 -34.30
CA MET F 265 -113.29 42.51 -34.60
C MET F 265 -112.55 41.38 -33.87
N LYS F 266 -112.80 41.26 -32.57
CA LYS F 266 -112.17 40.19 -31.79
C LYS F 266 -112.54 38.82 -32.35
N GLU F 267 -113.82 38.62 -32.68
CA GLU F 267 -114.25 37.34 -33.22
C GLU F 267 -113.59 37.09 -34.57
N PHE F 268 -113.46 38.12 -35.39
CA PHE F 268 -112.84 37.95 -36.71
C PHE F 268 -111.37 37.52 -36.57
N ILE F 269 -110.62 38.18 -35.69
CA ILE F 269 -109.22 37.80 -35.53
C ILE F 269 -109.12 36.40 -34.93
N ALA F 270 -110.04 36.05 -34.02
CA ALA F 270 -110.04 34.70 -33.46
C ALA F 270 -110.28 33.67 -34.55
N TYR F 271 -111.24 33.94 -35.45
CA TYR F 271 -111.49 33.02 -36.56
C TYR F 271 -110.26 32.90 -37.44
N ASN F 272 -109.61 34.03 -37.74
CA ASN F 272 -108.45 34.01 -38.62
C ASN F 272 -107.32 33.19 -38.03
N ASN F 273 -107.01 33.41 -36.75
CA ASN F 273 -105.89 32.68 -36.17
C ASN F 273 -106.25 31.24 -35.87
N THR F 274 -107.53 30.92 -35.66
CA THR F 274 -107.94 29.52 -35.57
C THR F 274 -107.71 28.81 -36.90
N GLU F 275 -108.12 29.44 -38.01
CA GLU F 275 -107.87 28.86 -39.31
C GLU F 275 -106.37 28.69 -39.56
N SER F 276 -105.58 29.68 -39.15
CA SER F 276 -104.13 29.57 -39.30
C SER F 276 -103.58 28.41 -38.48
N PHE F 277 -104.10 28.23 -37.27
CA PHE F 277 -103.66 27.13 -36.42
C PHE F 277 -103.99 25.79 -37.07
N ASN F 278 -105.18 25.65 -37.64
CA ASN F 278 -105.54 24.40 -38.31
C ASN F 278 -104.65 24.16 -39.53
N ASP F 279 -104.35 25.21 -40.30
CA ASP F 279 -103.57 25.05 -41.52
C ASP F 279 -102.09 24.85 -41.26
N ARG F 280 -101.58 25.27 -40.10
CA ARG F 280 -100.16 25.18 -39.83
C ARG F 280 -99.69 23.75 -39.57
N PHE F 281 -100.62 22.81 -39.37
CA PHE F 281 -100.21 21.41 -39.32
C PHE F 281 -99.61 20.97 -40.64
N PHE F 282 -100.18 21.43 -41.76
CA PHE F 282 -99.67 21.13 -43.08
C PHE F 282 -98.59 22.12 -43.51
N SER F 283 -98.87 23.42 -43.42
CA SER F 283 -97.91 24.40 -43.91
C SER F 283 -96.67 24.48 -43.03
N HIS F 284 -96.70 23.93 -41.82
CA HIS F 284 -95.55 23.86 -40.93
C HIS F 284 -95.43 22.45 -40.37
N GLY F 285 -94.33 22.20 -39.67
CA GLY F 285 -93.98 20.86 -39.25
C GLY F 285 -94.95 20.30 -38.22
N GLY F 286 -94.51 19.21 -37.59
CA GLY F 286 -95.30 18.53 -36.58
C GLY F 286 -96.19 17.43 -37.10
N THR F 287 -95.96 16.94 -38.32
CA THR F 287 -96.79 15.92 -38.93
C THR F 287 -96.23 14.52 -38.74
N THR F 288 -95.20 14.35 -37.91
CA THR F 288 -94.61 13.04 -37.70
C THR F 288 -95.59 12.11 -37.00
N ARG F 289 -95.54 10.83 -37.38
CA ARG F 289 -96.37 9.82 -36.74
C ARG F 289 -95.72 9.27 -35.48
N GLY F 290 -94.41 9.03 -35.52
CA GLY F 290 -93.70 8.50 -34.37
C GLY F 290 -92.25 8.31 -34.70
N ILE F 291 -91.51 7.81 -33.70
CA ILE F 291 -90.07 7.58 -33.81
C ILE F 291 -89.81 6.10 -33.58
N LEU F 292 -88.95 5.51 -34.41
CA LEU F 292 -88.56 4.12 -34.30
C LEU F 292 -87.18 4.06 -33.64
N GLN F 293 -87.16 3.70 -32.36
CA GLN F 293 -85.91 3.59 -31.62
C GLN F 293 -85.35 2.18 -31.73
N ILE F 294 -84.04 2.09 -31.91
CA ILE F 294 -83.32 0.83 -31.94
C ILE F 294 -82.17 0.95 -30.95
N ARG F 295 -82.16 0.09 -29.93
CA ARG F 295 -81.12 0.14 -28.91
C ARG F 295 -79.85 -0.53 -29.40
N SER F 296 -78.71 0.08 -29.08
CA SER F 296 -77.42 -0.48 -29.44
C SER F 296 -76.37 0.08 -28.50
N ASP F 297 -75.31 -0.70 -28.27
CA ASP F 297 -74.23 -0.25 -27.41
C ASP F 297 -73.52 0.97 -28.02
N GLN F 298 -73.35 0.96 -29.34
CA GLN F 298 -72.75 2.07 -30.07
C GLN F 298 -73.75 2.61 -31.08
N GLN F 299 -73.77 3.93 -31.24
CA GLN F 299 -74.54 4.55 -32.32
C GLN F 299 -73.94 4.16 -33.66
N GLN F 300 -74.76 3.59 -34.54
CA GLN F 300 -74.26 3.13 -35.82
C GLN F 300 -73.73 4.28 -36.65
N SER F 301 -72.65 4.03 -37.38
CA SER F 301 -72.07 5.05 -38.24
C SER F 301 -73.05 5.44 -39.33
N GLN F 302 -72.95 6.70 -39.78
CA GLN F 302 -73.93 7.24 -40.72
C GLN F 302 -73.93 6.47 -42.03
N HIS F 303 -72.78 5.91 -42.43
CA HIS F 303 -72.75 5.08 -43.63
C HIS F 303 -73.65 3.86 -43.48
N ALA F 304 -73.59 3.21 -42.31
CA ALA F 304 -74.44 2.05 -42.06
C ALA F 304 -75.91 2.45 -42.08
N LEU F 305 -76.24 3.61 -41.52
CA LEU F 305 -77.63 4.06 -41.52
C LEU F 305 -78.09 4.37 -42.94
N GLU F 306 -77.20 4.90 -43.77
CA GLU F 306 -77.57 5.17 -45.16
C GLU F 306 -77.83 3.87 -45.90
N ASN F 307 -77.00 2.86 -45.68
CA ASN F 307 -77.25 1.56 -46.32
C ASN F 307 -78.54 0.93 -45.79
N PHE F 308 -78.80 1.11 -44.50
CA PHE F 308 -80.07 0.67 -43.90
C PHE F 308 -81.24 1.32 -44.63
N LYS F 309 -81.15 2.64 -44.87
CA LYS F 309 -82.20 3.35 -45.58
C LYS F 309 -82.33 2.83 -47.00
N ARG F 310 -81.21 2.54 -47.66
CA ARG F 310 -81.25 2.02 -49.02
C ARG F 310 -82.02 0.71 -49.08
N GLU F 311 -81.70 -0.21 -48.15
CA GLU F 311 -82.40 -1.49 -48.12
C GLU F 311 -83.88 -1.28 -47.83
N TRP F 312 -84.20 -0.41 -46.86
CA TRP F 312 -85.59 -0.18 -46.49
C TRP F 312 -86.37 0.38 -47.68
N LYS F 313 -85.80 1.35 -48.38
CA LYS F 313 -86.49 1.95 -49.51
C LYS F 313 -86.66 0.95 -50.64
N SER F 314 -85.62 0.15 -50.90
CA SER F 314 -85.70 -0.81 -52.00
C SER F 314 -86.73 -1.90 -51.72
N SER F 315 -86.90 -2.29 -50.45
CA SER F 315 -87.79 -3.39 -50.13
C SER F 315 -89.22 -2.96 -49.87
N LEU F 316 -89.43 -1.81 -49.20
CA LEU F 316 -90.73 -1.45 -48.66
C LEU F 316 -91.36 -0.22 -49.28
N SER F 317 -90.58 0.70 -49.85
CA SER F 317 -91.11 2.00 -50.22
C SER F 317 -92.16 1.88 -51.33
N GLY F 318 -93.20 2.71 -51.22
CA GLY F 318 -94.20 2.82 -52.25
C GLY F 318 -95.16 1.64 -52.25
N ILE F 319 -95.98 1.61 -53.31
CA ILE F 319 -96.88 0.48 -53.52
C ILE F 319 -96.08 -0.81 -53.64
N ASN F 320 -94.94 -0.74 -54.34
CA ASN F 320 -94.07 -1.90 -54.47
C ASN F 320 -93.61 -2.38 -53.10
N GLY F 321 -93.83 -3.66 -52.82
CA GLY F 321 -93.49 -4.21 -51.52
C GLY F 321 -94.19 -3.53 -50.37
N SER F 322 -95.44 -3.11 -50.58
CA SER F 322 -96.17 -2.39 -49.54
C SER F 322 -96.53 -3.30 -48.37
N TRP F 323 -96.98 -4.51 -48.66
CA TRP F 323 -97.48 -5.43 -47.64
C TRP F 323 -96.39 -6.26 -46.98
N GLN F 324 -95.13 -6.08 -47.38
CA GLN F 324 -94.07 -6.91 -46.85
C GLN F 324 -93.73 -6.52 -45.42
N ILE F 325 -93.01 -7.41 -44.74
CA ILE F 325 -92.62 -7.25 -43.35
C ILE F 325 -91.10 -7.30 -43.30
N PRO F 326 -90.41 -6.30 -42.74
CA PRO F 326 -88.96 -6.43 -42.56
C PRO F 326 -88.62 -7.23 -41.31
N VAL F 327 -87.34 -7.58 -41.20
CA VAL F 327 -86.80 -8.33 -40.07
C VAL F 327 -85.54 -7.63 -39.59
N VAL F 328 -85.43 -7.47 -38.27
CA VAL F 328 -84.27 -6.85 -37.64
C VAL F 328 -83.94 -7.65 -36.39
N MET F 329 -82.64 -7.81 -36.13
CA MET F 329 -82.14 -8.67 -35.06
C MET F 329 -81.42 -7.87 -33.98
N ALA F 330 -81.92 -6.67 -33.69
CA ALA F 330 -81.33 -5.85 -32.64
C ALA F 330 -81.76 -6.32 -31.27
N ASP F 331 -81.16 -5.73 -30.23
CA ASP F 331 -81.46 -6.15 -28.86
C ASP F 331 -82.90 -5.81 -28.49
N ASP F 332 -83.32 -4.58 -28.74
CA ASP F 332 -84.67 -4.13 -28.39
C ASP F 332 -85.08 -3.01 -29.34
N ILE F 333 -86.36 -3.00 -29.70
CA ILE F 333 -86.92 -2.00 -30.60
C ILE F 333 -88.19 -1.45 -29.96
N LYS F 334 -88.40 -0.15 -30.12
CA LYS F 334 -89.61 0.50 -29.66
C LYS F 334 -90.11 1.45 -30.74
N PHE F 335 -91.42 1.70 -30.73
CA PHE F 335 -92.03 2.74 -31.53
C PHE F 335 -92.88 3.61 -30.61
N VAL F 336 -92.49 4.88 -30.48
CA VAL F 336 -93.15 5.84 -29.61
C VAL F 336 -93.97 6.79 -30.48
N ASN F 337 -95.24 6.95 -30.12
CA ASN F 337 -96.16 7.74 -30.92
C ASN F 337 -96.10 9.20 -30.48
N MET F 338 -95.95 10.10 -31.46
CA MET F 338 -95.94 11.53 -31.20
C MET F 338 -97.26 12.19 -31.53
N THR F 339 -98.09 11.57 -32.36
CA THR F 339 -99.40 12.07 -32.74
C THR F 339 -100.41 10.93 -32.62
N PRO F 340 -101.69 11.25 -32.46
CA PRO F 340 -102.68 10.19 -32.25
C PRO F 340 -102.86 9.29 -33.47
N THR F 341 -103.73 8.29 -33.33
CA THR F 341 -103.93 7.32 -34.40
C THR F 341 -104.49 7.99 -35.65
N ALA F 342 -105.47 8.88 -35.47
CA ALA F 342 -106.10 9.56 -36.59
C ALA F 342 -106.30 11.03 -36.23
N ASN F 343 -105.94 11.91 -37.16
CA ASN F 343 -106.05 13.35 -36.96
C ASN F 343 -107.37 13.86 -37.53
N ASP F 344 -107.74 15.06 -37.10
CA ASP F 344 -108.96 15.70 -37.59
C ASP F 344 -108.90 17.17 -37.20
N MET F 345 -109.87 17.93 -37.70
CA MET F 345 -109.92 19.36 -37.40
C MET F 345 -110.13 19.58 -35.91
N GLN F 346 -109.54 20.65 -35.40
CA GLN F 346 -109.62 21.01 -33.99
C GLN F 346 -110.45 22.28 -33.81
N PHE F 347 -111.04 22.42 -32.64
CA PHE F 347 -111.82 23.61 -32.27
C PHE F 347 -112.98 23.82 -33.25
N GLU F 348 -113.66 22.74 -33.62
CA GLU F 348 -114.76 22.84 -34.56
C GLU F 348 -115.94 23.62 -33.97
N LYS F 349 -116.34 23.26 -32.74
CA LYS F 349 -117.48 23.93 -32.12
C LYS F 349 -117.18 25.39 -31.84
N TRP F 350 -115.92 25.72 -31.55
CA TRP F 350 -115.52 27.11 -31.37
C TRP F 350 -115.78 27.91 -32.65
N LEU F 351 -115.40 27.35 -33.80
CA LEU F 351 -115.64 28.02 -35.07
C LEU F 351 -117.12 28.19 -35.33
N ASN F 352 -117.91 27.15 -35.06
CA ASN F 352 -119.34 27.23 -35.28
C ASN F 352 -119.96 28.33 -34.42
N TYR F 353 -119.53 28.42 -33.16
CA TYR F 353 -120.05 29.45 -32.27
C TYR F 353 -119.70 30.84 -32.80
N LEU F 354 -118.43 31.03 -33.18
CA LEU F 354 -117.99 32.34 -33.66
C LEU F 354 -118.79 32.75 -34.90
N ILE F 355 -118.89 31.86 -35.88
CA ILE F 355 -119.58 32.21 -37.12
C ILE F 355 -121.07 32.40 -36.85
N ASN F 356 -121.63 31.66 -35.88
CA ASN F 356 -123.05 31.84 -35.57
C ASN F 356 -123.31 33.23 -35.00
N ILE F 357 -122.47 33.68 -34.07
CA ILE F 357 -122.70 35.01 -33.50
C ILE F 357 -122.43 36.09 -34.54
N ILE F 358 -121.41 35.90 -35.38
CA ILE F 358 -121.15 36.88 -36.44
C ILE F 358 -122.34 36.96 -37.39
N SER F 359 -122.91 35.81 -37.76
CA SER F 359 -124.09 35.81 -38.62
C SER F 359 -125.26 36.49 -37.93
N ALA F 360 -125.45 36.24 -36.64
CA ALA F 360 -126.56 36.84 -35.92
C ALA F 360 -126.41 38.36 -35.87
N LEU F 361 -125.18 38.85 -35.82
CA LEU F 361 -124.99 40.30 -35.84
C LEU F 361 -125.53 40.90 -37.14
N TYR F 362 -125.24 40.28 -38.27
CA TYR F 362 -125.72 40.75 -39.55
C TYR F 362 -127.16 40.33 -39.84
N GLY F 363 -127.73 39.44 -39.03
CA GLY F 363 -129.09 39.00 -39.24
C GLY F 363 -129.25 37.89 -40.26
N ILE F 364 -128.15 37.36 -40.78
CA ILE F 364 -128.20 36.32 -41.80
C ILE F 364 -128.25 34.95 -41.14
N ASP F 365 -128.99 34.03 -41.75
CA ASP F 365 -129.07 32.67 -41.25
C ASP F 365 -127.73 31.96 -41.47
N PRO F 366 -127.12 31.36 -40.44
CA PRO F 366 -125.86 30.65 -40.68
C PRO F 366 -125.96 29.53 -41.70
N ALA F 367 -127.15 28.93 -41.86
CA ALA F 367 -127.30 27.81 -42.78
C ALA F 367 -126.98 28.21 -44.22
N GLU F 368 -127.17 29.49 -44.56
CA GLU F 368 -126.90 29.93 -45.92
C GLU F 368 -125.41 29.90 -46.25
N ILE F 369 -124.56 30.10 -45.25
CA ILE F 369 -123.12 30.17 -45.46
C ILE F 369 -122.44 28.85 -45.08
N GLY F 370 -123.18 27.75 -45.12
CA GLY F 370 -122.59 26.44 -44.88
C GLY F 370 -122.10 26.21 -43.46
N PHE F 371 -122.88 26.62 -42.47
CA PHE F 371 -122.60 26.30 -41.08
C PHE F 371 -123.88 25.85 -40.40
N PRO F 372 -123.78 25.06 -39.34
CA PRO F 372 -124.99 24.64 -38.62
C PRO F 372 -125.48 25.70 -37.66
N ASN F 373 -126.80 25.78 -37.53
CA ASN F 373 -127.39 26.61 -36.48
C ASN F 373 -127.27 25.88 -35.15
N ARG F 374 -126.61 26.51 -34.18
CA ARG F 374 -126.46 25.88 -32.88
C ARG F 374 -127.80 25.67 -32.19
N GLY F 375 -128.85 26.38 -32.63
CA GLY F 375 -130.19 26.13 -32.15
C GLY F 375 -131.18 26.20 -33.30
N GLY F 376 -132.37 25.70 -33.03
CA GLY F 376 -133.48 25.79 -33.98
C GLY F 376 -133.52 24.61 -34.95
N ALA F 377 -133.23 24.87 -36.22
CA ALA F 377 -133.52 23.90 -37.27
C ALA F 377 -132.71 22.61 -37.12
N THR F 378 -131.49 22.71 -36.60
CA THR F 378 -130.62 21.53 -36.48
C THR F 378 -131.27 20.48 -35.59
N GLN F 395 -137.33 29.31 -44.24
CA GLN F 395 -136.45 30.29 -44.84
C GLN F 395 -137.13 31.65 -44.99
N GLN F 396 -138.46 31.64 -45.03
CA GLN F 396 -139.21 32.88 -45.19
C GLN F 396 -138.97 33.82 -44.02
N GLN F 397 -138.98 33.29 -42.78
CA GLN F 397 -138.76 34.14 -41.62
C GLN F 397 -137.34 34.68 -41.59
N SER F 398 -136.35 33.85 -41.95
CA SER F 398 -134.98 34.34 -42.05
C SER F 398 -134.87 35.45 -43.09
N GLN F 399 -135.48 35.25 -44.26
CA GLN F 399 -135.49 36.30 -45.28
C GLN F 399 -136.19 37.55 -44.77
N ASN F 400 -137.31 37.38 -44.05
CA ASN F 400 -138.09 38.52 -43.61
C ASN F 400 -137.27 39.45 -42.71
N LYS F 401 -136.46 38.88 -41.82
CA LYS F 401 -135.63 39.70 -40.94
C LYS F 401 -134.32 40.13 -41.60
N GLY F 402 -133.83 39.35 -42.56
CA GLY F 402 -132.53 39.64 -43.15
C GLY F 402 -132.57 40.63 -44.30
N LEU F 403 -133.39 40.34 -45.32
CA LEU F 403 -133.34 41.06 -46.58
C LEU F 403 -134.27 42.26 -46.60
N GLN F 404 -135.53 42.07 -46.18
CA GLN F 404 -136.53 43.11 -46.32
C GLN F 404 -136.13 44.43 -45.65
N PRO F 405 -135.55 44.46 -44.44
CA PRO F 405 -135.10 45.75 -43.91
C PRO F 405 -134.07 46.43 -44.80
N LEU F 406 -133.16 45.67 -45.40
CA LEU F 406 -132.18 46.26 -46.29
C LEU F 406 -132.84 46.86 -47.53
N LEU F 407 -133.81 46.14 -48.10
CA LEU F 407 -134.53 46.65 -49.25
C LEU F 407 -135.28 47.92 -48.89
N ARG F 408 -135.90 47.95 -47.71
CA ARG F 408 -136.64 49.15 -47.30
C ARG F 408 -135.68 50.32 -47.06
N PHE F 409 -134.48 50.05 -46.54
CA PHE F 409 -133.50 51.10 -46.35
C PHE F 409 -133.09 51.70 -47.69
N ILE F 410 -132.76 50.84 -48.65
CA ILE F 410 -132.40 51.33 -49.99
C ILE F 410 -133.57 52.09 -50.59
N GLU F 411 -134.79 51.58 -50.38
CA GLU F 411 -135.99 52.22 -50.91
C GLU F 411 -136.13 53.63 -50.38
N ASP F 412 -136.05 53.78 -49.06
CA ASP F 412 -136.21 55.10 -48.45
C ASP F 412 -135.11 56.05 -48.91
N LEU F 413 -133.86 55.58 -48.95
CA LEU F 413 -132.77 56.44 -49.37
C LEU F 413 -132.97 56.92 -50.80
N VAL F 414 -133.20 55.99 -51.72
CA VAL F 414 -133.38 56.34 -53.13
C VAL F 414 -134.57 57.27 -53.30
N ASN F 415 -135.68 56.96 -52.64
CA ASN F 415 -136.87 57.80 -52.72
C ASN F 415 -136.53 59.22 -52.29
N ARG F 416 -136.17 59.39 -51.01
CA ARG F 416 -136.06 60.74 -50.46
C ARG F 416 -134.92 61.53 -51.09
N HIS F 417 -133.96 60.89 -51.77
CA HIS F 417 -132.87 61.64 -52.38
C HIS F 417 -133.07 61.89 -53.86
N ILE F 418 -133.65 60.94 -54.61
CA ILE F 418 -133.84 61.11 -56.04
C ILE F 418 -135.20 61.72 -56.36
N ILE F 419 -136.28 61.11 -55.86
CA ILE F 419 -137.61 61.53 -56.26
C ILE F 419 -137.93 62.92 -55.74
N SER F 420 -137.19 63.40 -54.73
CA SER F 420 -137.38 64.76 -54.25
C SER F 420 -137.09 65.78 -55.35
N GLU F 421 -136.24 65.44 -56.31
CA GLU F 421 -135.89 66.37 -57.37
C GLU F 421 -137.00 66.54 -58.39
N TYR F 422 -137.92 65.57 -58.49
CA TYR F 422 -139.00 65.62 -59.48
C TYR F 422 -140.31 66.14 -58.88
N GLY F 423 -140.70 65.62 -57.73
CA GLY F 423 -141.92 66.08 -57.08
C GLY F 423 -142.31 65.24 -55.88
N ASP F 424 -143.20 65.78 -55.04
CA ASP F 424 -143.66 65.05 -53.87
C ASP F 424 -144.69 63.99 -54.22
N LYS F 425 -145.42 64.17 -55.33
CA LYS F 425 -146.56 63.31 -55.63
C LYS F 425 -146.16 61.90 -56.05
N TYR F 426 -144.88 61.64 -56.27
CA TYR F 426 -144.40 60.34 -56.72
C TYR F 426 -143.61 59.66 -55.60
N THR F 427 -143.48 58.34 -55.72
CA THR F 427 -142.69 57.56 -54.77
C THR F 427 -142.13 56.33 -55.49
N PHE F 428 -141.08 55.77 -54.90
CA PHE F 428 -140.37 54.61 -55.43
C PHE F 428 -140.50 53.47 -54.43
N GLN F 429 -140.84 52.29 -54.92
CA GLN F 429 -141.00 51.12 -54.06
C GLN F 429 -140.73 49.85 -54.84
N PHE F 430 -140.27 48.83 -54.12
CA PHE F 430 -140.08 47.50 -54.68
C PHE F 430 -141.40 46.72 -54.62
N VAL F 431 -141.44 45.63 -55.38
CA VAL F 431 -142.66 44.82 -55.51
C VAL F 431 -142.25 43.39 -55.87
N GLY F 432 -143.06 42.43 -55.40
CA GLY F 432 -142.91 41.05 -55.77
C GLY F 432 -142.24 40.22 -54.69
N GLY F 433 -142.35 38.91 -54.86
CA GLY F 433 -141.74 37.98 -53.92
C GLY F 433 -142.44 37.87 -52.59
N ASP F 434 -143.69 38.34 -52.50
CA ASP F 434 -144.45 38.36 -51.26
C ASP F 434 -145.87 37.86 -51.51
N THR F 435 -145.99 36.73 -52.21
CA THR F 435 -147.31 36.20 -52.54
C THR F 435 -148.08 35.79 -51.30
N LYS F 436 -147.39 35.21 -50.31
CA LYS F 436 -148.09 34.68 -49.14
C LYS F 436 -148.79 35.79 -48.36
N SER F 437 -148.13 36.93 -48.17
CA SER F 437 -148.76 38.05 -47.49
C SER F 437 -149.96 38.56 -48.27
N ALA F 438 -149.81 38.72 -49.59
CA ALA F 438 -150.94 39.13 -50.42
C ALA F 438 -152.05 38.08 -50.39
N THR F 439 -151.66 36.80 -50.33
CA THR F 439 -152.66 35.74 -50.22
C THR F 439 -153.45 35.87 -48.93
N ASP F 440 -152.77 36.15 -47.82
CA ASP F 440 -153.47 36.32 -46.55
C ASP F 440 -154.34 37.56 -46.56
N LYS F 441 -153.89 38.63 -47.20
CA LYS F 441 -154.71 39.83 -47.34
C LYS F 441 -155.99 39.53 -48.12
N LEU F 442 -155.85 38.84 -49.25
CA LEU F 442 -157.02 38.46 -50.03
C LEU F 442 -157.92 37.52 -49.25
N ASN F 443 -157.35 36.67 -48.41
CA ASN F 443 -158.16 35.78 -47.59
C ASN F 443 -158.93 36.56 -46.53
N ILE F 444 -158.30 37.58 -45.95
CA ILE F 444 -159.00 38.48 -45.04
C ILE F 444 -160.21 39.07 -45.74
N LEU F 445 -160.00 39.60 -46.95
CA LEU F 445 -161.11 40.21 -47.67
C LEU F 445 -162.19 39.18 -48.00
N LYS F 446 -161.78 37.98 -48.41
CA LYS F 446 -162.73 36.96 -48.81
C LYS F 446 -163.57 36.47 -47.65
N LEU F 447 -162.99 36.42 -46.44
CA LEU F 447 -163.76 36.06 -45.27
C LEU F 447 -164.64 37.22 -44.82
N GLU F 448 -164.15 38.44 -44.93
CA GLU F 448 -164.91 39.60 -44.47
C GLU F 448 -166.16 39.80 -45.33
N THR F 449 -166.04 39.63 -46.64
CA THR F 449 -167.16 39.92 -47.54
C THR F 449 -168.35 39.00 -47.32
N GLN F 450 -168.14 37.82 -46.72
CA GLN F 450 -169.24 36.86 -46.60
C GLN F 450 -170.36 37.43 -45.75
N ILE F 451 -170.01 38.14 -44.67
CA ILE F 451 -170.98 38.70 -43.74
C ILE F 451 -170.97 40.23 -43.74
N PHE F 452 -169.78 40.83 -43.84
CA PHE F 452 -169.62 42.23 -43.45
C PHE F 452 -169.70 43.19 -44.63
N LYS F 453 -168.85 43.01 -45.63
CA LYS F 453 -168.57 44.06 -46.61
C LYS F 453 -169.29 43.78 -47.92
N THR F 454 -169.86 44.83 -48.50
CA THR F 454 -170.43 44.76 -49.83
C THR F 454 -169.31 44.75 -50.86
N VAL F 455 -169.64 44.27 -52.07
CA VAL F 455 -168.65 44.24 -53.14
C VAL F 455 -168.23 45.65 -53.51
N ASN F 456 -169.19 46.56 -53.63
CA ASN F 456 -168.88 47.92 -54.06
C ASN F 456 -168.12 48.69 -53.01
N GLU F 457 -168.41 48.44 -51.73
CA GLU F 457 -167.64 49.09 -50.67
C GLU F 457 -166.17 48.69 -50.72
N ALA F 458 -165.89 47.39 -50.90
CA ALA F 458 -164.51 46.94 -51.01
C ALA F 458 -163.84 47.52 -52.25
N ARG F 459 -164.54 47.49 -53.38
CA ARG F 459 -163.98 48.03 -54.61
C ARG F 459 -163.64 49.50 -54.46
N GLU F 460 -164.52 50.27 -53.81
CA GLU F 460 -164.20 51.67 -53.53
C GLU F 460 -163.04 51.77 -52.56
N GLU F 461 -162.97 50.87 -51.59
CA GLU F 461 -161.93 50.91 -50.57
C GLU F 461 -160.55 50.73 -51.19
N GLN F 462 -160.44 50.00 -52.29
CA GLN F 462 -159.15 49.71 -52.91
C GLN F 462 -158.95 50.49 -54.20
N GLY F 463 -159.36 51.76 -54.20
CA GLY F 463 -159.06 52.66 -55.30
C GLY F 463 -159.66 52.24 -56.64
N LYS F 464 -160.90 51.77 -56.63
CA LYS F 464 -161.59 51.39 -57.86
C LYS F 464 -163.01 51.91 -57.79
N LYS F 465 -163.70 51.90 -58.96
CA LYS F 465 -165.05 52.44 -59.04
C LYS F 465 -166.07 51.30 -59.02
N PRO F 466 -167.29 51.54 -58.54
CA PRO F 466 -168.22 50.43 -58.35
C PRO F 466 -168.70 49.85 -59.66
N ILE F 467 -169.24 48.64 -59.58
CA ILE F 467 -169.86 47.94 -60.69
C ILE F 467 -171.37 47.92 -60.45
N GLU F 468 -172.14 48.21 -61.50
CA GLU F 468 -173.58 48.17 -61.39
C GLU F 468 -174.06 46.76 -61.09
N GLY F 469 -175.11 46.64 -60.28
CA GLY F 469 -175.58 45.37 -59.79
C GLY F 469 -175.98 45.40 -58.33
N GLY F 470 -175.83 46.54 -57.68
CA GLY F 470 -176.16 46.67 -56.26
C GLY F 470 -174.96 46.39 -55.38
N ASP F 471 -174.97 47.02 -54.19
CA ASP F 471 -173.92 46.81 -53.19
C ASP F 471 -174.22 45.53 -52.41
N ILE F 472 -174.08 44.42 -53.11
CA ILE F 472 -174.50 43.13 -52.57
C ILE F 472 -173.41 42.58 -51.66
N ILE F 473 -173.84 41.85 -50.63
CA ILE F 473 -172.95 41.06 -49.78
C ILE F 473 -173.03 39.63 -50.29
N LEU F 474 -171.89 39.05 -50.63
CA LEU F 474 -171.86 37.80 -51.38
C LEU F 474 -172.18 36.64 -50.43
N ASP F 475 -173.42 36.17 -50.50
CA ASP F 475 -173.82 34.91 -49.90
C ASP F 475 -175.10 34.47 -50.58
N ALA F 476 -175.14 33.22 -51.06
CA ALA F 476 -176.29 32.76 -51.84
C ALA F 476 -177.59 32.91 -51.07
N SER F 477 -177.55 32.78 -49.74
CA SER F 477 -178.74 33.00 -48.94
C SER F 477 -179.18 34.45 -48.99
N PHE F 478 -178.23 35.38 -48.76
CA PHE F 478 -178.59 36.80 -48.64
C PHE F 478 -179.30 37.30 -49.89
N LEU F 479 -178.86 36.86 -51.07
CA LEU F 479 -179.50 37.29 -52.30
C LEU F 479 -180.96 36.84 -52.36
N GLN F 480 -181.23 35.61 -51.92
CA GLN F 480 -182.60 35.13 -51.90
C GLN F 480 -183.46 35.97 -50.97
N GLY F 481 -182.89 36.45 -49.86
CA GLY F 481 -183.65 37.30 -48.96
C GLY F 481 -184.03 38.62 -49.61
N THR F 482 -183.07 39.25 -50.30
CA THR F 482 -183.37 40.48 -51.00
C THR F 482 -184.36 40.23 -52.13
N ALA F 483 -184.15 39.15 -52.89
CA ALA F 483 -185.06 38.83 -53.98
C ALA F 483 -186.46 38.51 -53.44
N GLN F 484 -186.53 37.72 -52.38
CA GLN F 484 -187.82 37.41 -51.78
C GLN F 484 -188.48 38.65 -51.21
N LEU F 485 -187.70 39.51 -50.55
CA LEU F 485 -188.24 40.76 -50.05
C LEU F 485 -188.75 41.64 -51.19
N GLN F 486 -187.98 41.74 -52.27
CA GLN F 486 -188.40 42.53 -53.42
C GLN F 486 -189.64 41.91 -54.06
N GLN F 487 -189.65 40.58 -54.21
CA GLN F 487 -190.79 39.92 -54.82
C GLN F 487 -192.06 40.15 -54.01
N ASP F 488 -191.97 39.97 -52.68
CA ASP F 488 -193.13 40.23 -51.83
C ASP F 488 -193.42 41.72 -51.72
N LYS F 489 -192.39 42.55 -51.79
CA LYS F 489 -192.60 44.00 -51.80
C LYS F 489 -193.44 44.41 -53.00
N GLN F 490 -193.11 43.87 -54.18
CA GLN F 490 -193.87 44.20 -55.38
C GLN F 490 -195.30 43.69 -55.27
N TYR F 491 -195.49 42.53 -54.63
CA TYR F 491 -196.84 42.05 -54.38
C TYR F 491 -197.61 43.03 -53.51
N ASN F 492 -197.02 43.45 -52.38
CA ASN F 492 -197.69 44.39 -51.50
C ASN F 492 -197.89 45.74 -52.18
N ASP F 493 -196.85 46.25 -52.85
CA ASP F 493 -196.98 47.52 -53.54
C ASP F 493 -197.98 47.45 -54.68
N GLY F 494 -198.21 46.26 -55.23
CA GLY F 494 -199.23 46.10 -56.26
C GLY F 494 -200.64 46.30 -55.74
N LYS F 495 -200.85 46.18 -54.43
CA LYS F 495 -202.17 46.38 -53.85
C LYS F 495 -202.57 47.85 -53.80
N GLN F 496 -201.63 48.77 -54.01
CA GLN F 496 -202.01 50.18 -54.15
C GLN F 496 -202.90 50.38 -55.37
N LYS F 497 -202.75 49.54 -56.40
CA LYS F 497 -203.65 49.59 -57.54
C LYS F 497 -205.08 49.30 -57.11
N GLU F 498 -205.26 48.29 -56.26
CA GLU F 498 -206.58 48.02 -55.72
C GLU F 498 -207.06 49.14 -54.81
N ARG F 499 -206.13 49.72 -54.04
CA ARG F 499 -206.50 50.83 -53.15
C ARG F 499 -207.05 52.01 -53.95
N LEU F 500 -206.42 52.34 -55.09
CA LEU F 500 -206.93 53.40 -55.94
C LEU F 500 -208.15 52.96 -56.73
N GLN F 501 -208.32 51.65 -56.96
CA GLN F 501 -209.44 51.19 -57.76
C GLN F 501 -210.78 51.51 -57.10
N MET F 502 -210.85 51.36 -55.77
CA MET F 502 -212.08 51.69 -55.06
C MET F 502 -212.42 53.17 -55.14
N MET F 503 -211.45 54.02 -55.43
CA MET F 503 -211.69 55.47 -55.51
C MET F 503 -212.63 55.79 -56.67
N GLU G 2 -76.43 -61.61 -24.43
CA GLU G 2 -77.87 -62.00 -24.57
C GLU G 2 -78.54 -61.99 -23.21
N LYS G 3 -78.15 -62.93 -22.35
CA LYS G 3 -78.71 -62.98 -21.01
C LYS G 3 -78.37 -61.70 -20.25
N PRO G 4 -79.24 -61.24 -19.36
CA PRO G 4 -78.90 -60.09 -18.53
C PRO G 4 -77.70 -60.37 -17.62
N TYR G 5 -76.91 -59.33 -17.42
CA TYR G 5 -75.72 -59.39 -16.56
C TYR G 5 -76.10 -59.10 -15.11
N MET G 6 -75.95 -60.11 -14.26
CA MET G 6 -76.33 -60.07 -12.85
C MET G 6 -75.11 -60.32 -11.98
N ILE G 7 -75.14 -59.73 -10.79
CA ILE G 7 -74.00 -59.78 -9.87
C ILE G 7 -73.67 -61.23 -9.51
N GLY G 8 -74.67 -61.97 -9.05
CA GLY G 8 -74.54 -63.32 -8.53
C GLY G 8 -73.94 -63.36 -7.14
N ALA G 9 -73.37 -64.52 -6.81
CA ALA G 9 -72.87 -64.78 -5.47
C ALA G 9 -71.40 -64.43 -5.31
N ASN G 10 -70.99 -64.28 -4.06
CA ASN G 10 -69.61 -64.02 -3.68
C ASN G 10 -68.78 -65.29 -3.80
N SER G 11 -67.47 -65.11 -3.99
CA SER G 11 -66.53 -66.20 -4.23
C SER G 11 -65.34 -66.19 -3.29
N ASN G 12 -65.10 -65.12 -2.54
CA ASN G 12 -63.91 -65.02 -1.70
C ASN G 12 -64.00 -66.00 -0.53
N PRO G 13 -63.04 -66.91 -0.35
CA PRO G 13 -63.07 -67.76 0.84
C PRO G 13 -62.54 -67.05 2.07
N ASN G 14 -62.83 -67.65 3.22
CA ASN G 14 -62.35 -67.16 4.50
C ASN G 14 -60.91 -67.59 4.74
N VAL G 15 -60.13 -66.68 5.32
CA VAL G 15 -58.74 -66.93 5.67
C VAL G 15 -58.51 -66.50 7.11
N ILE G 16 -57.75 -67.30 7.85
CA ILE G 16 -57.51 -67.11 9.27
C ILE G 16 -56.02 -67.17 9.56
N ASN G 17 -55.56 -66.28 10.43
CA ASN G 17 -54.17 -66.22 10.90
C ASN G 17 -53.20 -65.87 9.77
N LYS G 18 -53.47 -64.75 9.11
CA LYS G 18 -52.62 -64.26 8.04
C LYS G 18 -51.33 -63.69 8.62
N SER G 19 -50.20 -64.20 8.16
CA SER G 19 -48.89 -63.73 8.61
C SER G 19 -48.37 -62.62 7.72
N THR G 20 -47.54 -61.77 8.32
CA THR G 20 -46.95 -60.64 7.60
C THR G 20 -45.96 -61.12 6.54
N THR G 21 -45.75 -60.25 5.55
CA THR G 21 -44.73 -60.44 4.52
C THR G 21 -43.43 -59.74 4.88
N TYR G 22 -42.34 -60.49 4.85
CA TYR G 22 -41.00 -59.98 5.07
C TYR G 22 -40.25 -59.94 3.75
N THR G 23 -39.72 -58.77 3.41
CA THR G 23 -38.87 -58.63 2.23
C THR G 23 -37.64 -59.53 2.36
N THR G 24 -37.44 -60.37 1.36
CA THR G 24 -36.37 -61.37 1.38
C THR G 24 -35.05 -60.76 0.96
N THR G 25 -34.02 -61.02 1.76
CA THR G 25 -32.67 -60.58 1.44
C THR G 25 -32.09 -61.44 0.32
N THR G 26 -31.49 -60.78 -0.67
CA THR G 26 -30.90 -61.46 -1.81
C THR G 26 -29.88 -60.53 -2.45
N GLN G 27 -28.76 -61.10 -2.90
CA GLN G 27 -27.73 -60.33 -3.57
C GLN G 27 -28.09 -59.99 -5.00
N ALA G 28 -29.12 -60.63 -5.56
CA ALA G 28 -29.49 -60.41 -6.95
C ALA G 28 -29.99 -58.99 -7.18
N ASP G 29 -29.89 -58.55 -8.43
CA ASP G 29 -30.36 -57.24 -8.84
C ASP G 29 -31.87 -57.20 -8.95
N GLU G 30 -32.41 -55.97 -8.98
CA GLU G 30 -33.83 -55.73 -9.10
C GLU G 30 -34.05 -54.50 -9.97
N GLN G 31 -35.31 -54.07 -10.11
CA GLN G 31 -35.64 -52.79 -10.72
C GLN G 31 -36.64 -52.02 -9.87
N ASP G 32 -36.31 -50.76 -9.61
CA ASP G 32 -37.04 -49.92 -8.65
C ASP G 32 -38.28 -49.33 -9.30
N LYS G 33 -39.46 -49.78 -8.85
CA LYS G 33 -40.71 -49.42 -9.52
C LYS G 33 -40.98 -47.92 -9.40
N PRO G 34 -41.14 -47.19 -10.52
CA PRO G 34 -41.12 -45.73 -10.48
C PRO G 34 -42.48 -45.12 -10.12
N LYS G 35 -42.45 -43.80 -9.85
CA LYS G 35 -43.61 -42.94 -9.96
C LYS G 35 -43.23 -41.66 -10.70
N TYR G 36 -43.93 -41.41 -11.80
CA TYR G 36 -43.75 -40.23 -12.64
C TYR G 36 -44.71 -39.10 -12.23
N THR G 37 -44.15 -38.00 -11.73
CA THR G 37 -44.96 -36.91 -11.21
C THR G 37 -44.13 -35.64 -11.15
N THR G 38 -44.74 -34.55 -10.68
CA THR G 38 -44.07 -33.27 -10.55
C THR G 38 -42.81 -33.33 -9.70
N ARG G 39 -41.84 -32.50 -10.08
CA ARG G 39 -40.58 -32.32 -9.38
C ARG G 39 -40.45 -30.88 -8.88
N LEU G 40 -39.91 -30.72 -7.67
CA LEU G 40 -39.65 -29.42 -7.08
C LEU G 40 -38.16 -29.08 -7.16
N GLU G 41 -37.86 -27.83 -7.54
CA GLU G 41 -36.49 -27.37 -7.72
C GLU G 41 -36.40 -25.91 -7.28
N PHE G 42 -35.20 -25.50 -6.85
CA PHE G 42 -34.91 -24.10 -6.64
C PHE G 42 -34.77 -23.32 -7.94
N ASP G 43 -35.10 -22.03 -7.87
CA ASP G 43 -34.88 -21.05 -8.93
C ASP G 43 -33.46 -20.50 -8.81
N THR G 44 -32.48 -21.30 -9.24
CA THR G 44 -31.07 -20.96 -9.04
C THR G 44 -30.71 -19.60 -9.65
N ILE G 45 -31.32 -19.25 -10.78
CA ILE G 45 -31.13 -17.93 -11.36
C ILE G 45 -31.52 -16.86 -10.35
N ASP G 46 -32.70 -16.99 -9.76
CA ASP G 46 -33.12 -16.06 -8.72
C ASP G 46 -32.23 -16.13 -7.49
N MET G 47 -31.67 -17.30 -7.18
CA MET G 47 -30.68 -17.36 -6.11
C MET G 47 -29.45 -16.50 -6.41
N ILE G 48 -28.94 -16.58 -7.65
CA ILE G 48 -27.87 -15.69 -8.07
C ILE G 48 -28.26 -14.23 -7.86
N ARG G 49 -29.44 -13.85 -8.34
CA ARG G 49 -29.94 -12.50 -8.11
C ARG G 49 -29.95 -12.15 -6.62
N PHE G 50 -30.48 -13.05 -5.80
CA PHE G 50 -30.56 -12.85 -4.36
C PHE G 50 -29.18 -12.56 -3.76
N ILE G 51 -28.20 -13.40 -4.08
CA ILE G 51 -26.84 -13.22 -3.56
C ILE G 51 -26.23 -11.92 -4.05
N ASN G 52 -26.36 -11.62 -5.33
CA ASN G 52 -25.85 -10.36 -5.86
C ASN G 52 -26.54 -9.17 -5.22
N ASP G 53 -27.76 -9.35 -4.74
CA ASP G 53 -28.53 -8.26 -4.14
C ASP G 53 -28.09 -7.99 -2.71
N ARG G 54 -28.09 -9.02 -1.86
CA ARG G 54 -27.76 -8.87 -0.45
C ARG G 54 -26.27 -8.82 -0.17
N GLY G 55 -25.42 -9.18 -1.13
CA GLY G 55 -23.99 -9.26 -0.89
C GLY G 55 -23.29 -7.91 -0.92
N ILE G 56 -21.99 -7.96 -0.67
CA ILE G 56 -21.10 -6.82 -0.79
C ILE G 56 -19.95 -7.17 -1.73
N LYS G 57 -19.55 -6.20 -2.55
CA LYS G 57 -18.38 -6.36 -3.41
C LYS G 57 -17.12 -6.65 -2.60
N VAL G 58 -16.37 -7.67 -3.03
CA VAL G 58 -15.25 -8.19 -2.27
C VAL G 58 -14.27 -8.82 -3.26
N LEU G 59 -12.98 -8.72 -2.94
CA LEU G 59 -11.92 -9.32 -3.75
C LEU G 59 -11.54 -10.70 -3.22
N TRP G 60 -11.72 -11.71 -4.06
CA TRP G 60 -11.41 -13.09 -3.73
C TRP G 60 -10.07 -13.48 -4.34
N GLU G 61 -9.10 -13.82 -3.50
CA GLU G 61 -7.78 -14.25 -3.91
C GLU G 61 -7.50 -15.62 -3.29
N GLU G 62 -7.20 -16.59 -4.13
CA GLU G 62 -6.95 -17.95 -3.66
C GLU G 62 -5.58 -18.07 -3.02
N ALA G 63 -5.43 -19.11 -2.20
CA ALA G 63 -4.24 -19.34 -1.40
C ALA G 63 -3.49 -20.59 -1.87
N TYR G 64 -2.16 -20.52 -1.81
CA TYR G 64 -1.32 -21.65 -2.14
C TYR G 64 0.04 -21.49 -1.46
N PHE G 65 0.56 -22.61 -0.97
CA PHE G 65 1.86 -22.63 -0.30
C PHE G 65 2.96 -22.08 -1.19
N CYS G 66 3.75 -21.17 -0.63
CA CYS G 66 4.83 -20.55 -1.38
C CYS G 66 5.95 -21.55 -1.63
N PRO G 67 6.62 -21.49 -2.78
CA PRO G 67 7.82 -22.33 -2.98
C PRO G 67 8.95 -22.01 -2.03
N CYS G 68 8.95 -20.84 -1.39
CA CYS G 68 10.06 -20.44 -0.54
C CYS G 68 10.15 -21.22 0.76
N LEU G 69 9.24 -22.16 1.01
CA LEU G 69 9.31 -22.95 2.23
C LEU G 69 10.61 -23.72 2.32
N ASN G 70 11.17 -23.76 3.52
CA ASN G 70 12.44 -24.46 3.74
C ASN G 70 12.22 -25.95 3.57
N PRO G 71 12.92 -26.63 2.65
CA PRO G 71 12.63 -28.05 2.42
C PRO G 71 12.88 -28.94 3.61
N ASP G 72 13.74 -28.55 4.56
CA ASP G 72 14.11 -29.41 5.67
C ASP G 72 13.30 -29.12 6.94
N THR G 73 13.28 -27.88 7.40
CA THR G 73 12.45 -27.55 8.56
C THR G 73 10.96 -27.55 8.22
N GLY G 74 10.61 -27.20 6.99
CA GLY G 74 9.22 -27.10 6.61
C GLY G 74 8.55 -25.82 7.04
N HIS G 75 9.33 -24.75 7.25
CA HIS G 75 8.80 -23.47 7.67
C HIS G 75 9.38 -22.36 6.79
N PRO G 76 8.68 -21.24 6.67
CA PRO G 76 8.92 -20.32 5.55
C PRO G 76 10.03 -19.30 5.82
N ARG G 77 10.46 -18.68 4.73
CA ARG G 77 11.38 -17.56 4.79
C ARG G 77 10.70 -16.35 5.42
N VAL G 78 11.50 -15.56 6.13
CA VAL G 78 10.93 -14.44 6.88
C VAL G 78 10.38 -13.36 5.95
N ASP G 79 11.02 -13.16 4.80
CA ASP G 79 10.58 -12.14 3.86
C ASP G 79 10.83 -12.61 2.44
N CYS G 80 9.80 -12.54 1.61
CA CYS G 80 9.93 -12.75 0.18
C CYS G 80 8.79 -12.03 -0.52
N PRO G 81 8.94 -11.73 -1.82
CA PRO G 81 7.89 -10.95 -2.50
C PRO G 81 6.51 -11.60 -2.45
N ARG G 82 6.44 -12.92 -2.60
CA ARG G 82 5.14 -13.58 -2.72
C ARG G 82 4.38 -13.55 -1.40
N CYS G 83 5.05 -13.92 -0.30
CA CYS G 83 4.44 -13.94 1.02
C CYS G 83 5.36 -13.22 2.00
N HIS G 84 4.80 -12.28 2.75
CA HIS G 84 5.58 -11.47 3.70
C HIS G 84 5.66 -12.19 5.05
N GLY G 85 6.45 -13.26 5.06
CA GLY G 85 6.71 -14.06 6.24
C GLY G 85 5.72 -15.17 6.47
N LYS G 86 4.44 -14.90 6.20
CA LYS G 86 3.43 -15.95 6.23
C LYS G 86 3.83 -17.06 5.27
N GLY G 87 3.57 -18.30 5.65
CA GLY G 87 4.00 -19.40 4.82
C GLY G 87 3.13 -19.67 3.62
N ILE G 88 2.10 -18.87 3.40
CA ILE G 88 1.11 -19.09 2.35
C ILE G 88 1.12 -17.86 1.43
N ALA G 89 1.29 -18.10 0.14
CA ALA G 89 1.17 -17.05 -0.86
C ALA G 89 -0.27 -16.95 -1.36
N TYR G 90 -0.48 -16.09 -2.34
CA TYR G 90 -1.82 -15.81 -2.87
C TYR G 90 -1.75 -15.55 -4.37
N LEU G 91 -2.86 -15.85 -5.05
CA LEU G 91 -3.01 -15.65 -6.47
C LEU G 91 -3.57 -14.26 -6.76
N PRO G 92 -3.69 -13.85 -8.02
CA PRO G 92 -4.31 -12.57 -8.30
C PRO G 92 -5.75 -12.55 -7.85
N PRO G 93 -6.26 -11.39 -7.41
CA PRO G 93 -7.64 -11.32 -6.91
C PRO G 93 -8.67 -11.46 -8.01
N LYS G 94 -9.86 -11.90 -7.60
CA LYS G 94 -11.02 -12.02 -8.48
C LYS G 94 -12.17 -11.25 -7.85
N GLU G 95 -12.69 -10.27 -8.57
CA GLU G 95 -13.82 -9.48 -8.09
C GLU G 95 -15.06 -10.35 -7.90
N THR G 96 -15.70 -10.22 -6.74
CA THR G 96 -16.78 -11.11 -6.35
C THR G 96 -17.72 -10.38 -5.40
N ILE G 97 -19.00 -10.77 -5.45
CA ILE G 97 -20.01 -10.33 -4.49
C ILE G 97 -20.30 -11.46 -3.51
N MET G 98 -20.27 -11.14 -2.22
CA MET G 98 -20.46 -12.11 -1.16
C MET G 98 -21.27 -11.49 -0.03
N ALA G 99 -22.10 -12.31 0.61
CA ALA G 99 -22.85 -11.93 1.80
C ALA G 99 -22.07 -12.27 3.06
N ILE G 100 -22.18 -11.40 4.07
CA ILE G 100 -21.45 -11.53 5.32
C ILE G 100 -22.37 -11.22 6.49
N GLN G 101 -22.16 -11.94 7.60
CA GLN G 101 -23.04 -11.88 8.77
C GLN G 101 -22.20 -12.00 10.05
N SER G 102 -22.82 -11.62 11.16
CA SER G 102 -22.33 -11.93 12.51
C SER G 102 -20.95 -11.37 12.81
N GLN G 103 -20.50 -10.36 12.05
CA GLN G 103 -19.11 -9.90 12.12
C GLN G 103 -18.77 -9.49 13.55
N GLU G 104 -17.67 -10.03 14.09
CA GLU G 104 -17.30 -9.81 15.49
C GLU G 104 -15.83 -9.41 15.59
N LYS G 105 -15.57 -8.34 16.34
CA LYS G 105 -14.21 -7.90 16.67
C LYS G 105 -13.81 -8.33 18.08
N GLY G 106 -13.69 -9.63 18.28
CA GLY G 106 -13.43 -10.16 19.61
C GLY G 106 -12.05 -9.81 20.11
N THR G 107 -11.97 -9.12 21.25
CA THR G 107 -10.69 -8.69 21.83
C THR G 107 -10.32 -9.58 23.01
N ASN G 108 -9.09 -10.09 23.00
CA ASN G 108 -8.51 -10.84 24.12
C ASN G 108 -7.35 -10.05 24.69
N GLN G 109 -7.45 -9.64 25.95
CA GLN G 109 -6.34 -8.99 26.65
C GLN G 109 -5.49 -9.97 27.48
N LEU G 110 -4.23 -10.08 27.11
CA LEU G 110 -3.28 -11.07 27.62
C LEU G 110 -1.95 -10.41 27.98
N ASP G 111 -1.10 -11.21 28.62
CA ASP G 111 0.26 -10.78 28.93
C ASP G 111 1.05 -10.41 27.68
N ILE G 112 0.81 -11.07 26.54
CA ILE G 112 1.54 -10.66 25.34
C ILE G 112 1.03 -9.32 24.84
N GLY G 113 -0.21 -8.97 25.17
CA GLY G 113 -0.88 -7.78 24.69
C GLY G 113 -2.28 -8.04 24.22
N ILE G 114 -2.91 -6.98 23.71
CA ILE G 114 -4.24 -7.08 23.12
C ILE G 114 -4.16 -7.77 21.76
N LEU G 115 -5.25 -8.43 21.38
CA LEU G 115 -5.29 -9.19 20.15
C LEU G 115 -6.71 -9.16 19.61
N ASP G 116 -6.84 -8.92 18.30
CA ASP G 116 -8.13 -8.84 17.63
C ASP G 116 -8.39 -10.13 16.88
N THR G 117 -9.45 -10.84 17.26
CA THR G 117 -9.83 -12.08 16.59
C THR G 117 -11.31 -12.30 16.80
N GLY G 118 -12.02 -12.63 15.73
CA GLY G 118 -13.44 -12.88 15.84
C GLY G 118 -13.98 -13.60 14.62
N THR G 119 -15.21 -14.09 14.79
CA THR G 119 -15.90 -14.87 13.77
C THR G 119 -16.79 -13.99 12.90
N ALA G 120 -16.74 -14.24 11.60
CA ALA G 120 -17.64 -13.63 10.62
C ALA G 120 -18.09 -14.72 9.65
N ILE G 121 -19.41 -14.84 9.46
CA ILE G 121 -19.99 -15.90 8.66
C ILE G 121 -20.41 -15.33 7.32
N GLY G 122 -19.92 -15.94 6.24
CA GLY G 122 -20.18 -15.51 4.88
C GLY G 122 -20.86 -16.55 4.02
N THR G 123 -21.55 -16.09 2.97
CA THR G 123 -22.24 -16.99 2.04
C THR G 123 -21.96 -16.53 0.62
N THR G 124 -21.44 -17.45 -0.18
CA THR G 124 -20.97 -17.17 -1.53
C THR G 124 -22.08 -17.27 -2.58
N GLN G 125 -21.68 -17.11 -3.84
CA GLN G 125 -22.51 -17.41 -5.00
C GLN G 125 -22.43 -18.90 -5.35
N LEU G 126 -23.17 -19.28 -6.38
CA LEU G 126 -23.07 -20.62 -6.95
C LEU G 126 -21.80 -20.79 -7.77
N GLU G 127 -21.39 -22.05 -7.92
CA GLU G 127 -20.32 -22.58 -8.75
C GLU G 127 -18.92 -22.23 -8.25
N LYS G 128 -18.82 -21.57 -7.10
CA LYS G 128 -17.56 -21.10 -6.53
C LYS G 128 -17.13 -22.10 -5.45
N ARG G 129 -15.92 -22.61 -5.57
CA ARG G 129 -15.36 -23.61 -4.66
C ARG G 129 -14.19 -23.00 -3.91
N ILE G 130 -14.50 -22.41 -2.76
CA ILE G 130 -13.51 -21.81 -1.87
C ILE G 130 -12.66 -22.91 -1.25
N SER G 131 -11.46 -22.53 -0.81
CA SER G 131 -10.52 -23.44 -0.18
C SER G 131 -10.05 -22.88 1.16
N TYR G 132 -9.49 -23.77 1.97
CA TYR G 132 -9.02 -23.41 3.29
C TYR G 132 -7.94 -22.34 3.25
N ARG G 133 -8.09 -21.36 4.13
CA ARG G 133 -7.19 -20.20 4.25
C ARG G 133 -7.17 -19.32 3.00
N ASP G 134 -8.27 -19.28 2.27
CA ASP G 134 -8.45 -18.24 1.26
C ASP G 134 -8.62 -16.89 1.95
N ARG G 135 -8.37 -15.82 1.18
CA ARG G 135 -8.31 -14.46 1.71
C ARG G 135 -9.27 -13.54 0.98
N PHE G 136 -9.95 -12.69 1.75
CA PHE G 136 -10.88 -11.69 1.25
C PHE G 136 -10.54 -10.34 1.84
N THR G 137 -10.84 -9.28 1.07
CA THR G 137 -10.65 -7.92 1.53
C THR G 137 -11.78 -7.05 1.00
N VAL G 138 -12.34 -6.23 1.88
CA VAL G 138 -13.49 -5.38 1.60
C VAL G 138 -13.04 -3.93 1.59
N PRO G 139 -12.66 -3.35 0.43
CA PRO G 139 -12.21 -1.95 0.43
C PRO G 139 -13.24 -0.98 0.98
N GLU G 140 -14.52 -1.24 0.75
CA GLU G 140 -15.57 -0.29 1.15
C GLU G 140 -15.55 -0.05 2.65
N VAL G 141 -15.42 -1.11 3.45
CA VAL G 141 -15.56 -1.02 4.89
C VAL G 141 -14.21 -0.73 5.53
N LEU G 142 -14.17 0.33 6.33
CA LEU G 142 -12.99 0.77 7.07
C LEU G 142 -13.17 0.47 8.55
N MET G 143 -12.08 0.12 9.22
CA MET G 143 -12.09 -0.28 10.62
C MET G 143 -11.19 0.66 11.41
N PRO G 144 -11.66 1.24 12.52
CA PRO G 144 -10.77 2.03 13.38
C PRO G 144 -9.85 1.18 14.24
N GLN G 145 -8.59 1.60 14.30
CA GLN G 145 -7.61 1.04 15.22
C GLN G 145 -6.81 2.18 15.84
N GLN G 146 -6.25 1.91 17.01
CA GLN G 146 -5.39 2.83 17.72
C GLN G 146 -4.08 2.13 18.09
N MET G 147 -2.99 2.89 18.03
CA MET G 147 -1.66 2.34 18.25
C MET G 147 -0.73 3.43 18.73
N ILE G 148 0.41 3.02 19.27
CA ILE G 148 1.42 3.93 19.79
C ILE G 148 2.80 3.37 19.49
N TYR G 149 3.75 4.27 19.25
CA TYR G 149 5.13 3.91 18.97
C TYR G 149 6.05 4.85 19.72
N PHE G 150 7.26 4.35 20.01
CA PHE G 150 8.31 5.12 20.66
C PHE G 150 9.42 5.41 19.66
N VAL G 151 9.83 6.66 19.58
CA VAL G 151 10.80 7.12 18.60
C VAL G 151 12.19 7.16 19.22
N ASN G 152 13.19 6.89 18.40
CA ASN G 152 14.59 7.01 18.80
C ASN G 152 15.38 7.58 17.62
N LYS G 153 16.67 7.81 17.84
CA LYS G 153 17.50 8.41 16.79
C LYS G 153 17.64 7.51 15.57
N ASP G 154 17.36 6.21 15.71
CA ASP G 154 17.47 5.29 14.59
C ASP G 154 16.17 5.17 13.82
N ARG G 155 15.03 5.10 14.52
CA ARG G 155 13.75 4.94 13.85
C ARG G 155 13.38 6.17 13.03
N ILE G 156 13.93 7.33 13.37
CA ILE G 156 13.53 8.57 12.70
C ILE G 156 13.92 8.53 11.24
N LYS G 157 15.05 7.92 10.90
CA LYS G 157 15.55 7.90 9.54
C LYS G 157 15.03 6.70 8.76
N LYS G 158 15.01 5.53 9.38
CA LYS G 158 14.52 4.34 8.68
C LYS G 158 13.04 4.48 8.34
N GLY G 159 12.26 5.02 9.25
CA GLY G 159 10.81 5.06 9.12
C GLY G 159 10.14 4.06 10.03
N ILE G 160 9.11 4.49 10.74
CA ILE G 160 8.42 3.65 11.71
C ILE G 160 7.70 2.52 10.99
N PRO G 161 7.97 1.24 11.29
CA PRO G 161 7.15 0.17 10.69
C PRO G 161 5.84 0.00 11.44
N LEU G 162 4.74 0.15 10.72
CA LEU G 162 3.41 0.13 11.34
C LEU G 162 2.92 -1.30 11.51
N TYR G 163 2.26 -1.57 12.64
CA TYR G 163 1.71 -2.90 12.86
C TYR G 163 0.54 -3.19 11.92
N TYR G 164 -0.27 -2.18 11.64
CA TYR G 164 -1.39 -2.29 10.73
C TYR G 164 -1.05 -1.71 9.36
N ASP G 165 -1.98 -1.90 8.42
CA ASP G 165 -1.97 -1.17 7.17
C ASP G 165 -2.56 0.22 7.37
N VAL G 166 -2.52 1.02 6.30
CA VAL G 166 -2.99 2.40 6.32
C VAL G 166 -3.91 2.65 5.14
N LYS G 167 -5.06 3.27 5.41
CA LYS G 167 -5.87 3.95 4.42
C LYS G 167 -5.84 5.47 4.59
N GLU G 168 -6.06 5.95 5.82
CA GLU G 168 -5.96 7.36 6.12
C GLU G 168 -5.84 7.50 7.63
N ILE G 169 -5.30 8.64 8.06
CA ILE G 169 -5.06 8.91 9.47
C ILE G 169 -6.11 9.88 9.97
N THR G 170 -6.69 9.56 11.14
CA THR G 170 -7.69 10.38 11.79
C THR G 170 -7.09 11.46 12.68
N TYR G 171 -6.10 11.09 13.50
CA TYR G 171 -5.62 11.99 14.54
C TYR G 171 -4.25 11.52 15.02
N ILE G 172 -3.30 12.44 15.07
CA ILE G 172 -1.95 12.19 15.56
C ILE G 172 -1.72 13.09 16.76
N ALA G 173 -0.88 12.62 17.68
CA ALA G 173 -0.57 13.41 18.87
C ALA G 173 0.74 12.94 19.46
N THR G 174 1.33 13.81 20.28
CA THR G 174 2.55 13.51 21.01
C THR G 174 2.53 14.35 22.29
N GLN G 175 3.64 14.30 23.04
CA GLN G 175 3.70 15.04 24.29
C GLN G 175 3.58 16.54 24.07
N ASP G 176 4.09 17.03 22.94
CA ASP G 176 4.01 18.44 22.60
C ASP G 176 2.68 18.84 22.00
N GLY G 177 1.73 17.93 21.90
CA GLY G 177 0.42 18.19 21.34
C GLY G 177 0.18 17.46 20.03
N THR G 178 -0.74 18.01 19.24
CA THR G 178 -1.08 17.40 17.97
C THR G 178 0.04 17.63 16.96
N VAL G 179 -0.11 17.02 15.79
CA VAL G 179 0.85 17.11 14.71
C VAL G 179 0.11 17.48 13.43
N TYR G 180 0.75 18.28 12.59
CA TYR G 180 0.16 18.77 11.36
C TYR G 180 0.72 18.02 10.16
N GLU G 181 0.07 18.19 9.01
CA GLU G 181 0.48 17.49 7.80
C GLU G 181 1.85 17.91 7.32
N GLU G 182 2.36 19.06 7.77
CA GLU G 182 3.64 19.55 7.28
C GLU G 182 4.84 18.82 7.89
N ASP G 183 4.61 17.99 8.91
CA ASP G 183 5.71 17.41 9.68
C ASP G 183 5.87 15.91 9.49
N TYR G 184 4.89 15.22 8.92
CA TYR G 184 4.92 13.77 8.79
C TYR G 184 4.51 13.35 7.38
N GLU G 185 4.99 12.18 6.98
CA GLU G 185 4.68 11.60 5.70
C GLU G 185 4.70 10.08 5.82
N ILE G 186 3.97 9.42 4.95
CA ILE G 186 3.85 7.96 4.95
C ILE G 186 4.20 7.45 3.56
N LYS G 187 5.03 6.41 3.50
CA LYS G 187 5.43 5.80 2.24
C LYS G 187 5.54 4.29 2.44
N ASN G 188 4.88 3.52 1.59
CA ASN G 188 4.95 2.06 1.61
C ASN G 188 4.60 1.51 2.98
N ASN G 189 3.59 2.11 3.61
CA ASN G 189 3.06 1.65 4.89
C ASN G 189 4.09 1.78 6.01
N ARG G 190 4.95 2.79 5.94
CA ARG G 190 5.81 3.17 7.05
C ARG G 190 5.84 4.68 7.16
N LEU G 191 6.12 5.17 8.36
CA LEU G 191 5.90 6.56 8.73
C LEU G 191 7.24 7.25 8.98
N TYR G 192 7.35 8.48 8.47
CA TYR G 192 8.53 9.32 8.67
C TYR G 192 8.15 10.55 9.47
N LEU G 193 9.08 11.02 10.28
CA LEU G 193 8.91 12.22 11.08
C LEU G 193 10.15 13.09 10.97
N ASN G 194 9.96 14.39 11.21
CA ASN G 194 11.07 15.32 11.20
C ASN G 194 11.83 15.25 12.53
N GLU G 195 12.96 15.96 12.59
CA GLU G 195 13.89 15.82 13.70
C GLU G 195 13.37 16.40 15.01
N LYS G 196 12.26 17.14 14.98
CA LYS G 196 11.76 17.76 16.20
C LYS G 196 11.32 16.73 17.24
N TYR G 197 11.02 15.50 16.82
CA TYR G 197 10.47 14.49 17.72
C TYR G 197 11.44 13.32 17.85
N GLU G 198 12.72 13.62 18.08
CA GLU G 198 13.74 12.58 18.12
C GLU G 198 13.46 11.57 19.24
N ASN G 199 13.12 12.06 20.43
CA ASN G 199 12.90 11.21 21.59
C ASN G 199 11.50 11.39 22.18
N HIS G 200 10.54 11.78 21.35
CA HIS G 200 9.16 11.90 21.76
C HIS G 200 8.40 10.62 21.45
N THR G 201 7.24 10.48 22.08
CA THR G 201 6.29 9.43 21.73
C THR G 201 5.28 9.94 20.71
N VAL G 202 4.71 9.02 19.96
CA VAL G 202 3.71 9.33 18.94
C VAL G 202 2.60 8.29 18.98
N THR G 203 1.36 8.76 18.87
CA THR G 203 0.19 7.88 18.85
C THR G 203 -0.74 8.28 17.72
N LEU G 204 -1.48 7.29 17.21
CA LEU G 204 -2.29 7.49 16.01
C LEU G 204 -3.62 6.75 16.15
N LYS G 205 -4.69 7.41 15.71
CA LYS G 205 -5.98 6.78 15.43
C LYS G 205 -6.13 6.59 13.92
N ILE G 206 -6.28 5.34 13.50
CA ILE G 206 -6.07 4.94 12.11
C ILE G 206 -7.27 4.15 11.62
N LEU G 207 -7.58 4.32 10.34
CA LEU G 207 -8.60 3.55 9.63
C LEU G 207 -7.95 2.60 8.64
N MET G 208 -8.37 1.34 8.67
CA MET G 208 -7.83 0.29 7.80
C MET G 208 -8.96 -0.52 7.19
N THR G 209 -8.68 -1.04 5.99
CA THR G 209 -9.65 -1.87 5.28
C THR G 209 -9.95 -3.16 6.03
N LEU G 210 -11.22 -3.54 6.03
CA LEU G 210 -11.65 -4.82 6.56
C LEU G 210 -11.12 -5.98 5.73
N ARG G 211 -10.68 -7.04 6.41
CA ARG G 211 -10.10 -8.20 5.77
C ARG G 211 -10.47 -9.46 6.54
N TYR G 212 -10.47 -10.59 5.82
CA TYR G 212 -10.87 -11.87 6.39
C TYR G 212 -10.08 -12.99 5.72
N VAL G 213 -9.96 -14.10 6.45
CA VAL G 213 -9.46 -15.36 5.91
C VAL G 213 -10.43 -16.48 6.28
N VAL G 214 -10.46 -17.51 5.43
CA VAL G 214 -11.34 -18.65 5.61
C VAL G 214 -10.69 -19.64 6.59
N SER G 215 -11.22 -19.69 7.81
CA SER G 215 -10.67 -20.57 8.83
C SER G 215 -11.40 -21.90 8.91
N ASP G 216 -12.58 -22.01 8.32
CA ASP G 216 -13.24 -23.28 8.10
C ASP G 216 -14.31 -23.09 7.03
N ILE G 217 -14.62 -24.19 6.34
CA ILE G 217 -15.72 -24.24 5.38
C ILE G 217 -16.82 -25.12 5.94
N LEU G 218 -18.03 -24.58 5.98
CA LEU G 218 -19.13 -25.08 6.81
C LEU G 218 -20.36 -25.23 5.94
N LYS G 219 -21.14 -26.29 6.19
CA LYS G 219 -22.22 -26.70 5.28
C LYS G 219 -21.77 -26.63 3.83
N GLU G 220 -20.65 -27.30 3.58
CA GLU G 220 -19.71 -26.95 2.51
C GLU G 220 -20.32 -27.09 1.12
N SER G 221 -21.14 -28.12 0.88
CA SER G 221 -21.74 -28.31 -0.43
C SER G 221 -23.22 -28.64 -0.35
N ARG G 222 -23.98 -27.97 -1.21
CA ARG G 222 -25.41 -28.16 -1.38
C ARG G 222 -25.71 -28.20 -2.87
N TYR G 223 -26.61 -29.08 -3.29
CA TYR G 223 -26.68 -29.56 -4.67
C TYR G 223 -28.11 -29.56 -5.19
N GLN G 224 -28.24 -29.44 -6.50
CA GLN G 224 -29.53 -29.56 -7.18
C GLN G 224 -29.33 -30.11 -8.57
N TYR G 225 -30.02 -31.22 -8.90
CA TYR G 225 -30.21 -31.62 -10.29
C TYR G 225 -31.34 -30.80 -10.92
N THR G 226 -30.98 -29.62 -11.42
CA THR G 226 -31.92 -28.79 -12.16
C THR G 226 -32.25 -29.42 -13.52
N LYS G 227 -33.54 -29.69 -13.76
CA LYS G 227 -33.99 -30.38 -14.96
C LYS G 227 -35.09 -29.60 -15.67
N PHE G 228 -35.91 -28.87 -14.92
CA PHE G 228 -37.00 -28.11 -15.51
C PHE G 228 -36.48 -27.06 -16.48
N ASN G 229 -37.05 -27.07 -17.69
CA ASN G 229 -36.76 -26.07 -18.72
C ASN G 229 -35.30 -26.13 -19.14
N GLN G 230 -34.78 -27.34 -19.26
CA GLN G 230 -33.42 -27.64 -19.68
C GLN G 230 -33.47 -28.73 -20.76
N PRO G 231 -32.53 -28.72 -21.72
CA PRO G 231 -32.47 -29.86 -22.64
C PRO G 231 -32.20 -31.17 -21.91
N LYS G 232 -31.42 -31.14 -20.83
CA LYS G 232 -31.05 -32.34 -20.12
C LYS G 232 -30.73 -31.96 -18.67
N SER G 233 -30.66 -32.99 -17.83
CA SER G 233 -30.32 -32.80 -16.42
C SER G 233 -28.98 -32.09 -16.26
N LYS G 234 -28.94 -31.11 -15.36
CA LYS G 234 -27.77 -30.30 -15.10
C LYS G 234 -27.52 -30.26 -13.59
N PHE G 235 -26.25 -30.28 -13.20
CA PHE G 235 -25.84 -30.23 -11.80
C PHE G 235 -25.31 -28.85 -11.46
N GLU G 236 -25.87 -28.24 -10.42
CA GLU G 236 -25.49 -26.90 -9.96
C GLU G 236 -25.13 -26.93 -8.48
N ASN G 237 -23.96 -26.38 -8.15
CA ASN G 237 -23.48 -26.25 -6.77
C ASN G 237 -24.06 -24.99 -6.12
N LEU G 238 -24.86 -25.18 -5.07
CA LEU G 238 -25.46 -24.07 -4.34
C LEU G 238 -24.47 -23.46 -3.34
N PRO G 239 -24.78 -22.29 -2.79
CA PRO G 239 -23.81 -21.52 -2.00
C PRO G 239 -23.19 -22.29 -0.83
N GLN G 240 -21.87 -22.14 -0.69
CA GLN G 240 -21.15 -22.52 0.51
C GLN G 240 -21.35 -21.50 1.62
N LYS G 241 -21.24 -21.96 2.87
CA LYS G 241 -21.11 -21.07 4.03
C LYS G 241 -19.67 -21.13 4.55
N LEU G 242 -19.08 -19.95 4.77
CA LEU G 242 -17.70 -19.80 5.22
C LEU G 242 -17.66 -19.23 6.64
N LEU G 243 -16.81 -19.79 7.49
CA LEU G 243 -16.50 -19.21 8.80
C LEU G 243 -15.19 -18.41 8.69
N LEU G 244 -15.33 -17.10 8.58
CA LEU G 244 -14.23 -16.18 8.33
C LEU G 244 -13.54 -15.72 9.62
N LYS G 245 -12.26 -15.39 9.51
CA LYS G 245 -11.42 -14.95 10.62
C LYS G 245 -10.65 -13.69 10.22
N ARG G 246 -10.58 -12.74 11.14
CA ARG G 246 -9.91 -11.46 10.88
C ARG G 246 -8.38 -11.62 10.86
N GLU G 247 -7.73 -10.71 10.13
CA GLU G 247 -6.28 -10.65 9.99
C GLU G 247 -5.70 -9.57 10.89
N ASP G 248 -5.24 -9.99 12.07
CA ASP G 248 -4.60 -9.12 13.05
C ASP G 248 -3.16 -9.51 13.31
N VAL G 249 -2.90 -10.79 13.58
CA VAL G 249 -1.56 -11.22 13.98
C VAL G 249 -0.57 -10.98 12.83
N ILE G 250 -0.97 -11.28 11.60
CA ILE G 250 -0.16 -11.03 10.41
C ILE G 250 -1.01 -10.23 9.43
N VAL G 251 -0.43 -9.15 8.90
CA VAL G 251 -1.11 -8.23 8.02
C VAL G 251 -0.34 -8.15 6.70
N LEU G 252 -1.06 -8.31 5.60
CA LEU G 252 -0.52 -8.10 4.26
C LEU G 252 -1.30 -6.99 3.58
N GLN G 253 -0.62 -6.26 2.70
CA GLN G 253 -1.24 -5.14 2.02
C GLN G 253 -2.36 -5.62 1.10
N ASP G 254 -3.19 -4.67 0.68
CA ASP G 254 -4.27 -4.98 -0.25
C ASP G 254 -3.70 -5.54 -1.56
N PRO G 255 -4.37 -6.50 -2.18
CA PRO G 255 -3.82 -7.12 -3.39
C PRO G 255 -3.72 -6.11 -4.53
N TYR G 256 -2.74 -6.34 -5.40
CA TYR G 256 -2.47 -5.47 -6.54
C TYR G 256 -3.37 -5.88 -7.70
N LYS G 257 -4.56 -5.29 -7.74
CA LYS G 257 -5.50 -5.56 -8.82
C LYS G 257 -5.09 -4.82 -10.09
N VAL G 258 -5.35 -5.45 -11.23
CA VAL G 258 -5.11 -4.82 -12.52
C VAL G 258 -6.24 -3.84 -12.79
N ASN G 259 -5.88 -2.59 -13.05
CA ASN G 259 -6.87 -1.55 -13.29
C ASN G 259 -7.35 -1.56 -14.74
N ASP G 260 -8.49 -0.94 -14.96
CA ASP G 260 -9.08 -0.75 -16.28
C ASP G 260 -9.06 0.74 -16.62
N GLY G 261 -8.79 1.04 -17.88
CA GLY G 261 -8.72 2.42 -18.34
C GLY G 261 -10.05 3.07 -18.61
N ILE G 262 -11.16 2.38 -18.33
CA ILE G 262 -12.48 2.98 -18.51
C ILE G 262 -12.73 3.96 -17.38
N GLU G 263 -12.91 5.23 -17.74
CA GLU G 263 -13.25 6.25 -16.76
C GLU G 263 -14.62 5.96 -16.14
N GLU G 264 -14.67 6.05 -14.82
CA GLU G 264 -15.92 5.88 -14.09
C GLU G 264 -16.82 7.10 -14.23
N ASP G 265 -18.11 6.84 -14.40
CA ASP G 265 -19.12 7.89 -14.58
C ASP G 265 -18.85 8.71 -15.84
N LEU G 266 -18.77 7.97 -16.94
CA LEU G 266 -18.34 8.49 -18.24
C LEU G 266 -19.57 8.88 -19.05
N GLU G 267 -19.57 10.11 -19.57
CA GLU G 267 -20.65 10.54 -20.44
C GLU G 267 -20.53 9.87 -21.80
N ILE G 268 -21.68 9.58 -22.40
CA ILE G 268 -21.78 8.93 -23.70
C ILE G 268 -22.77 9.69 -24.56
N GLN G 269 -22.41 9.90 -25.82
CA GLN G 269 -23.30 10.52 -26.79
C GLN G 269 -22.90 10.17 -28.21
N ALA H 2 20.23 -1.45 49.34
CA ALA H 2 20.02 -1.19 47.88
C ALA H 2 19.05 -2.20 47.30
N ILE H 3 17.77 -1.83 47.25
CA ILE H 3 16.76 -2.71 46.69
C ILE H 3 17.05 -2.94 45.22
N THR H 4 16.84 -4.18 44.76
CA THR H 4 17.19 -4.61 43.41
C THR H 4 15.93 -4.78 42.58
N SER H 5 15.91 -4.15 41.40
CA SER H 5 14.85 -4.32 40.41
C SER H 5 15.46 -5.07 39.24
N VAL H 6 15.30 -6.39 39.25
CA VAL H 6 15.96 -7.23 38.27
C VAL H 6 15.43 -6.95 36.86
N ASP H 7 14.12 -6.66 36.74
CA ASP H 7 13.53 -6.48 35.43
C ASP H 7 14.11 -5.25 34.73
N SER H 8 14.23 -4.13 35.45
CA SER H 8 14.77 -2.93 34.84
C SER H 8 16.23 -3.12 34.43
N TYR H 9 17.01 -3.78 35.28
CA TYR H 9 18.40 -4.07 34.93
C TYR H 9 18.47 -4.94 33.69
N LEU H 10 17.60 -5.95 33.60
CA LEU H 10 17.56 -6.80 32.42
C LEU H 10 17.26 -5.99 31.17
N LEU H 11 16.27 -5.11 31.25
CA LEU H 11 15.90 -4.30 30.08
C LEU H 11 17.06 -3.40 29.66
N SER H 12 17.69 -2.74 30.64
CA SER H 12 18.76 -1.80 30.33
C SER H 12 19.97 -2.53 29.74
N GLU H 13 20.26 -3.73 30.22
CA GLU H 13 21.36 -4.51 29.67
C GLU H 13 21.02 -5.04 28.28
N ILE H 14 19.76 -5.42 28.07
CA ILE H 14 19.39 -6.10 26.84
C ILE H 14 19.33 -5.12 25.67
N LYS H 15 18.72 -3.96 25.87
CA LYS H 15 18.40 -3.11 24.73
C LYS H 15 19.64 -2.65 23.97
N PRO H 16 20.58 -1.90 24.57
CA PRO H 16 21.77 -1.49 23.79
C PRO H 16 22.60 -2.67 23.32
N ARG H 17 22.74 -3.69 24.15
CA ARG H 17 23.55 -4.84 23.79
C ARG H 17 22.93 -5.60 22.62
N LEU H 18 21.61 -5.80 22.66
CA LEU H 18 20.93 -6.46 21.55
C LEU H 18 21.05 -5.65 20.28
N ASN H 19 20.89 -4.33 20.38
CA ASN H 19 21.02 -3.49 19.19
C ASN H 19 22.42 -3.59 18.60
N THR H 20 23.45 -3.57 19.47
CA THR H 20 24.82 -3.66 18.98
C THR H 20 25.08 -5.01 18.34
N VAL H 21 24.56 -6.09 18.93
CA VAL H 21 24.78 -7.41 18.38
C VAL H 21 24.12 -7.53 17.01
N LEU H 22 22.88 -7.04 16.88
CA LEU H 22 22.20 -7.09 15.60
C LEU H 22 22.75 -6.07 14.61
N GLU H 23 23.60 -5.15 15.07
CA GLU H 23 24.13 -4.13 14.16
C GLU H 23 24.99 -4.75 13.06
N ASN H 24 25.87 -5.68 13.42
CA ASN H 24 26.86 -6.21 12.49
C ASN H 24 26.57 -7.67 12.17
N CYS H 25 27.05 -8.09 11.01
CA CYS H 25 26.80 -9.45 10.50
C CYS H 25 27.79 -10.47 11.01
N TYR H 26 29.02 -10.06 11.30
CA TYR H 26 30.05 -11.02 11.71
C TYR H 26 29.68 -11.71 13.01
N ILE H 27 29.23 -10.94 14.00
CA ILE H 27 28.85 -11.50 15.28
C ILE H 27 27.67 -12.45 15.12
N ILE H 28 26.69 -12.06 14.29
CA ILE H 28 25.52 -12.90 14.08
C ILE H 28 25.92 -14.21 13.42
N ASP H 29 26.81 -14.15 12.43
CA ASP H 29 27.30 -15.37 11.79
C ASP H 29 28.02 -16.25 12.79
N GLU H 30 28.81 -15.65 13.68
CA GLU H 30 29.45 -16.43 14.74
C GLU H 30 28.41 -17.11 15.61
N VAL H 31 27.35 -16.39 15.95
CA VAL H 31 26.32 -16.93 16.84
C VAL H 31 25.60 -18.10 16.17
N LEU H 32 25.20 -17.93 14.92
CA LEU H 32 24.35 -18.88 14.22
C LEU H 32 25.16 -19.89 13.40
N LYS H 33 26.34 -20.26 13.90
CA LYS H 33 27.21 -21.17 13.16
C LYS H 33 26.54 -22.53 12.95
N ASP H 34 25.86 -23.04 13.97
CA ASP H 34 25.32 -24.38 13.92
C ASP H 34 24.02 -24.49 13.15
N PHE H 35 23.33 -23.37 12.92
CA PHE H 35 22.06 -23.42 12.23
C PHE H 35 22.24 -23.63 10.74
N ASP H 36 21.17 -24.04 10.08
CA ASP H 36 21.20 -24.28 8.65
C ASP H 36 21.32 -22.97 7.89
N TYR H 37 21.63 -23.10 6.60
CA TYR H 37 21.83 -21.92 5.75
C TYR H 37 20.54 -21.12 5.62
N GLN H 38 19.41 -21.80 5.44
CA GLN H 38 18.17 -21.13 5.10
C GLN H 38 17.73 -20.19 6.22
N THR H 39 17.53 -20.74 7.42
CA THR H 39 17.03 -19.92 8.52
C THR H 39 18.03 -18.84 8.90
N ARG H 40 19.31 -19.18 8.91
CA ARG H 40 20.36 -18.20 9.21
C ARG H 40 20.27 -17.01 8.28
N GLU H 41 20.25 -17.27 6.96
CA GLU H 41 20.25 -16.18 6.00
C GLU H 41 18.94 -15.41 6.04
N SER H 42 17.82 -16.10 6.29
CA SER H 42 16.54 -15.39 6.37
C SER H 42 16.53 -14.43 7.55
N PHE H 43 16.98 -14.88 8.71
CA PHE H 43 17.04 -14.01 9.87
C PHE H 43 18.00 -12.85 9.64
N LYS H 44 19.15 -13.12 9.01
CA LYS H 44 20.09 -12.05 8.71
C LYS H 44 19.48 -11.02 7.78
N GLU H 45 18.76 -11.47 6.75
CA GLU H 45 18.10 -10.56 5.84
C GLU H 45 17.05 -9.73 6.54
N ALA H 46 16.28 -10.35 7.44
CA ALA H 46 15.15 -9.65 8.05
C ALA H 46 15.64 -8.63 9.09
N PHE H 47 16.45 -9.07 10.04
CA PHE H 47 16.75 -8.27 11.22
C PHE H 47 18.17 -7.73 11.27
N CYS H 48 19.13 -8.43 10.68
CA CYS H 48 20.53 -8.07 10.85
C CYS H 48 20.91 -6.92 9.93
N GLY H 49 21.90 -6.16 10.36
CA GLY H 49 22.45 -5.07 9.58
C GLY H 49 21.97 -3.72 10.08
N LYS H 50 22.76 -2.68 9.80
CA LYS H 50 22.39 -1.33 10.20
C LYS H 50 21.10 -0.89 9.52
N ASN H 51 20.96 -1.19 8.23
CA ASN H 51 19.83 -0.74 7.43
C ASN H 51 18.67 -1.73 7.44
N ALA H 52 18.56 -2.56 8.47
CA ALA H 52 17.47 -3.53 8.53
C ALA H 52 16.13 -2.82 8.58
N GLN H 53 15.20 -3.29 7.74
CA GLN H 53 13.86 -2.71 7.72
C GLN H 53 13.03 -3.23 8.90
N HIS H 54 13.07 -4.54 9.12
CA HIS H 54 12.38 -5.13 10.28
C HIS H 54 13.23 -4.96 11.52
N GLU H 55 12.57 -4.89 12.67
CA GLU H 55 13.22 -4.61 13.93
C GLU H 55 12.54 -5.38 15.05
N VAL H 56 13.35 -5.82 16.02
CA VAL H 56 12.84 -6.51 17.20
C VAL H 56 12.53 -5.49 18.28
N THR H 57 11.79 -5.92 19.30
CA THR H 57 11.41 -5.06 20.41
C THR H 57 11.40 -5.87 21.69
N VAL H 58 11.41 -5.16 22.81
CA VAL H 58 11.40 -5.80 24.12
C VAL H 58 10.56 -4.94 25.06
N GLY H 59 9.83 -5.60 25.95
CA GLY H 59 8.97 -4.89 26.89
C GLY H 59 8.40 -5.85 27.90
N PHE H 60 7.72 -5.27 28.90
CA PHE H 60 7.14 -6.06 29.96
C PHE H 60 5.80 -6.63 29.54
N ASN H 61 5.24 -7.47 30.40
CA ASN H 61 4.01 -8.16 30.09
C ASN H 61 2.79 -7.30 30.42
N PHE H 62 1.65 -7.74 29.92
CA PHE H 62 0.39 -7.01 30.01
C PHE H 62 0.52 -5.55 29.55
N PRO H 63 0.93 -5.31 28.31
CA PRO H 63 0.83 -3.97 27.75
C PRO H 63 -0.56 -3.71 27.18
N LYS H 64 -1.14 -2.57 27.53
CA LYS H 64 -2.48 -2.25 27.07
C LYS H 64 -2.54 -2.03 25.56
N PHE H 65 -1.42 -1.70 24.93
CA PHE H 65 -1.36 -1.51 23.49
C PHE H 65 -1.03 -2.81 22.78
N LYS H 66 -1.34 -2.86 21.49
CA LYS H 66 -0.89 -3.96 20.65
C LYS H 66 0.63 -4.00 20.61
N ASN H 67 1.16 -5.22 20.61
CA ASN H 67 2.60 -5.48 20.63
C ASN H 67 2.98 -6.29 19.41
N ASN H 68 4.10 -5.93 18.79
CA ASN H 68 4.52 -6.57 17.55
C ASN H 68 4.91 -8.01 17.82
N TYR H 69 4.33 -8.93 17.03
CA TYR H 69 4.52 -10.36 17.21
C TYR H 69 5.36 -10.98 16.08
N GLU H 70 6.05 -10.15 15.30
CA GLU H 70 7.02 -10.69 14.35
C GLU H 70 8.25 -11.19 15.09
N ALA H 71 8.75 -10.40 16.03
CA ALA H 71 9.87 -10.81 16.86
C ALA H 71 9.91 -9.88 18.07
N HIS H 72 9.72 -10.43 19.26
CA HIS H 72 9.67 -9.61 20.46
C HIS H 72 10.18 -10.42 21.64
N TYR H 73 10.86 -9.73 22.56
CA TYR H 73 11.31 -10.30 23.82
C TYR H 73 10.34 -9.88 24.92
N LEU H 74 9.74 -10.86 25.59
CA LEU H 74 8.73 -10.62 26.60
C LEU H 74 9.28 -11.03 27.97
N ILE H 75 9.13 -10.15 28.95
CA ILE H 75 9.67 -10.33 30.29
C ILE H 75 8.52 -10.34 31.29
N GLN H 76 8.64 -11.20 32.30
CA GLN H 76 7.73 -11.20 33.42
C GLN H 76 8.51 -11.60 34.67
N LEU H 77 8.04 -11.13 35.83
CA LEU H 77 8.89 -11.01 37.00
C LEU H 77 9.19 -12.36 37.65
N GLY H 78 8.16 -13.18 37.83
CA GLY H 78 8.36 -14.51 38.39
C GLY H 78 8.44 -14.51 39.91
N GLN H 79 8.89 -15.64 40.44
CA GLN H 79 8.89 -15.90 41.87
C GLN H 79 10.19 -15.42 42.51
N GLY H 80 10.24 -15.52 43.83
CA GLY H 80 11.44 -15.20 44.58
C GLY H 80 11.44 -15.90 45.91
N GLN H 81 12.63 -16.06 46.47
CA GLN H 81 12.79 -16.80 47.72
C GLN H 81 14.01 -16.29 48.47
N GLU H 82 13.95 -16.38 49.79
CA GLU H 82 15.08 -16.06 50.67
C GLU H 82 15.84 -17.33 50.99
N THR H 83 17.17 -17.29 50.79
CA THR H 83 17.99 -18.49 50.84
C THR H 83 19.02 -18.49 51.97
N LYS H 84 19.63 -17.35 52.28
CA LYS H 84 20.69 -17.30 53.27
C LYS H 84 20.61 -16.00 54.05
N ASN H 85 21.11 -16.05 55.29
CA ASN H 85 21.09 -14.91 56.19
C ASN H 85 22.39 -14.90 56.99
N SER H 86 22.71 -13.73 57.53
CA SER H 86 23.86 -13.54 58.41
C SER H 86 23.38 -13.18 59.81
N LEU H 87 24.30 -13.22 60.76
CA LEU H 87 23.96 -12.94 62.14
C LEU H 87 23.49 -11.49 62.28
N GLY H 88 22.33 -11.31 62.90
CA GLY H 88 21.75 -9.99 63.01
C GLY H 88 21.41 -9.36 61.68
N SER H 89 21.33 -10.15 60.61
CA SER H 89 21.07 -9.66 59.26
C SER H 89 22.16 -8.69 58.80
N ILE H 90 23.34 -8.77 59.39
CA ILE H 90 24.43 -7.85 59.07
C ILE H 90 25.13 -8.35 57.81
N GLN H 91 25.28 -7.46 56.83
CA GLN H 91 25.97 -7.76 55.58
C GLN H 91 27.34 -7.11 55.50
N SER H 92 27.45 -5.83 55.87
CA SER H 92 28.70 -5.11 55.78
C SER H 92 28.61 -3.86 56.64
N SER H 93 29.78 -3.27 56.89
CA SER H 93 29.90 -2.03 57.64
C SER H 93 30.67 -1.02 56.80
N TYR H 94 30.20 0.22 56.79
CA TYR H 94 30.78 1.28 55.98
C TYR H 94 30.97 2.53 56.83
N PHE H 95 32.09 3.21 56.64
CA PHE H 95 32.35 4.48 57.29
C PHE H 95 31.88 5.67 56.48
N GLU H 96 31.81 5.54 55.15
CA GLU H 96 31.40 6.60 54.26
C GLU H 96 30.33 6.08 53.32
N ALA H 97 29.22 6.80 53.22
CA ALA H 97 28.14 6.39 52.34
C ALA H 97 28.63 6.30 50.90
N THR H 98 28.29 5.20 50.24
CA THR H 98 28.76 4.90 48.90
C THR H 98 27.59 4.48 48.02
N GLY H 99 27.58 4.96 46.78
CA GLY H 99 26.55 4.61 45.84
C GLY H 99 26.95 3.49 44.89
N ASP H 100 26.70 3.68 43.60
CA ASP H 100 27.07 2.67 42.61
C ASP H 100 28.56 2.69 42.34
N THR H 101 29.04 1.60 41.74
CA THR H 101 30.40 1.51 41.25
C THR H 101 30.47 1.96 39.79
N LEU H 102 31.34 2.91 39.50
CA LEU H 102 31.44 3.54 38.18
C LEU H 102 32.76 3.19 37.54
N VAL H 103 32.74 3.08 36.22
CA VAL H 103 33.95 2.95 35.40
C VAL H 103 34.02 4.16 34.46
N GLU H 104 35.14 4.89 34.52
CA GLU H 104 35.34 6.08 33.71
C GLU H 104 36.74 6.05 33.08
N SER H 105 36.80 6.37 31.80
CA SER H 105 38.06 6.67 31.13
C SER H 105 38.53 8.08 31.47
N SER H 106 39.84 8.24 31.65
CA SER H 106 40.40 9.53 32.06
C SER H 106 41.86 9.60 31.65
N THR H 107 42.17 10.52 30.74
CA THR H 107 43.55 10.72 30.32
C THR H 107 44.36 11.43 31.42
N ALA H 108 45.60 10.98 31.60
CA ALA H 108 46.49 11.59 32.57
C ALA H 108 46.72 13.08 32.28
N ILE H 109 47.03 13.82 33.34
CA ILE H 109 47.22 15.27 33.30
C ILE H 109 48.43 15.59 34.14
N ARG H 110 49.11 16.71 33.82
CA ARG H 110 50.29 17.14 34.55
C ARG H 110 49.91 18.21 35.56
N GLU H 111 50.32 18.01 36.81
CA GLU H 111 50.27 19.02 37.85
C GLU H 111 51.67 19.22 38.43
N ASP H 112 51.89 20.42 38.95
CA ASP H 112 53.24 20.91 39.26
C ASP H 112 54.06 19.91 40.09
N ASP H 113 53.40 19.11 40.93
CA ASP H 113 54.09 18.08 41.70
C ASP H 113 53.64 16.66 41.38
N LYS H 114 52.52 16.47 40.69
CA LYS H 114 51.90 15.16 40.55
C LYS H 114 51.30 15.02 39.17
N LEU H 115 51.34 13.82 38.63
CA LEU H 115 50.40 13.42 37.58
C LEU H 115 49.06 13.08 38.23
N VAL H 116 47.97 13.43 37.55
CA VAL H 116 46.63 13.26 38.08
C VAL H 116 45.68 12.76 37.00
N PHE H 117 44.59 12.14 37.46
CA PHE H 117 43.41 11.86 36.63
C PHE H 117 42.21 12.57 37.24
N THR H 118 41.46 13.27 36.40
CA THR H 118 40.15 13.82 36.77
C THR H 118 39.05 12.80 36.54
N VAL H 119 37.95 12.98 37.29
CA VAL H 119 36.79 12.10 37.22
C VAL H 119 35.54 12.98 37.22
N SER H 120 34.41 12.38 36.85
CA SER H 120 33.15 13.11 36.83
C SER H 120 32.70 13.52 38.22
N LYS H 121 32.76 12.60 39.17
CA LYS H 121 32.19 12.76 40.50
C LYS H 121 33.26 12.45 41.54
N PRO H 122 33.09 12.92 42.78
CA PRO H 122 34.02 12.53 43.86
C PRO H 122 34.19 11.02 44.03
N ILE H 123 35.21 10.68 44.82
CA ILE H 123 35.63 9.31 45.07
C ILE H 123 35.37 8.96 46.53
N GLY H 124 34.66 7.85 46.74
CA GLY H 124 34.57 7.25 48.06
C GLY H 124 35.65 6.20 48.25
N GLU H 125 35.91 5.39 47.23
CA GLU H 125 36.99 4.42 47.29
C GLU H 125 37.45 4.11 45.88
N LEU H 126 38.77 4.00 45.72
CA LEU H 126 39.39 3.59 44.46
C LEU H 126 39.68 2.10 44.46
N ILE H 127 39.06 1.38 43.53
CA ILE H 127 39.24 -0.07 43.45
C ILE H 127 40.47 -0.39 42.61
N LYS H 128 40.53 0.12 41.38
CA LYS H 128 41.58 -0.26 40.45
C LYS H 128 41.82 0.82 39.42
N VAL H 129 43.09 0.98 39.06
CA VAL H 129 43.52 1.75 37.90
C VAL H 129 44.15 0.79 36.91
N GLU H 130 43.70 0.85 35.66
CA GLU H 130 44.07 -0.14 34.66
C GLU H 130 45.58 -0.19 34.45
N ASP H 131 46.12 -1.41 34.59
CA ASP H 131 47.53 -1.70 34.30
C ASP H 131 48.50 -0.89 35.14
N ILE H 132 48.13 -0.58 36.38
CA ILE H 132 48.98 0.17 37.29
C ILE H 132 48.95 -0.51 38.66
N GLU H 133 50.10 -0.57 39.30
CA GLU H 133 50.25 -1.02 40.68
C GLU H 133 51.15 -0.01 41.40
N PHE H 134 50.55 1.05 41.93
CA PHE H 134 51.32 2.11 42.54
C PHE H 134 52.11 1.61 43.74
N ALA H 135 53.38 1.99 43.77
CA ALA H 135 54.29 1.72 44.87
C ALA H 135 54.26 2.85 45.90
N LYS H 136 55.01 2.65 46.98
CA LYS H 136 55.13 3.67 48.01
C LYS H 136 55.75 4.95 47.45
N TYR H 137 56.75 4.83 46.58
CA TYR H 137 57.39 6.00 45.99
C TYR H 137 56.37 6.88 45.28
N ASP H 138 55.41 6.29 44.57
CA ASP H 138 54.43 7.09 43.84
C ASP H 138 53.43 7.77 44.79
N ASN H 139 53.28 7.25 46.00
CA ASN H 139 52.44 7.84 47.04
C ASN H 139 51.05 8.21 46.51
N LEU H 140 50.31 7.17 46.12
CA LEU H 140 48.97 7.33 45.60
C LEU H 140 48.07 8.03 46.61
N GLN H 141 47.45 9.14 46.20
CA GLN H 141 46.52 9.87 47.04
C GLN H 141 45.30 10.29 46.25
N VAL H 142 44.14 10.20 46.88
CA VAL H 142 42.85 10.63 46.34
C VAL H 142 42.38 11.85 47.13
N GLU H 143 42.05 12.92 46.41
CA GLU H 143 41.59 14.17 47.02
C GLU H 143 40.32 14.62 46.31
N GLY H 144 39.20 14.09 46.79
CA GLY H 144 37.89 14.33 46.20
C GLY H 144 37.67 13.80 44.80
N ASN H 145 37.65 14.71 43.82
CA ASN H 145 37.38 14.32 42.43
C ASN H 145 38.55 13.60 41.78
N LYS H 146 39.77 13.89 42.18
CA LYS H 146 40.96 13.52 41.42
C LYS H 146 41.90 12.66 42.24
N VAL H 147 42.63 11.79 41.54
CA VAL H 147 43.64 10.89 42.07
C VAL H 147 44.99 11.29 41.47
N SER H 148 46.06 11.11 42.24
CA SER H 148 47.33 11.75 41.96
C SER H 148 48.50 10.87 42.38
N PHE H 149 49.62 11.02 41.67
CA PHE H 149 50.86 10.31 41.97
C PHE H 149 52.05 11.14 41.52
N LYS H 150 53.21 10.84 42.12
CA LYS H 150 54.41 11.65 41.96
C LYS H 150 54.83 11.85 40.50
N TYR H 151 55.12 13.11 40.19
CA TYR H 151 55.43 13.60 38.85
C TYR H 151 56.78 13.12 38.33
N GLN H 152 57.83 13.21 39.14
CA GLN H 152 59.20 13.18 38.62
C GLN H 152 59.56 11.84 37.97
N THR H 153 59.52 10.76 38.75
CA THR H 153 59.96 9.46 38.26
C THR H 153 59.01 8.82 37.25
N ASN H 154 57.82 9.38 37.05
CA ASN H 154 56.84 8.85 36.12
C ASN H 154 56.64 9.73 34.89
N GLU H 155 57.50 10.73 34.69
CA GLU H 155 57.28 11.79 33.73
C GLU H 155 57.15 11.30 32.30
N ASP H 156 57.54 10.05 32.02
CA ASP H 156 57.34 9.49 30.68
C ASP H 156 55.88 9.30 30.31
N TYR H 157 54.99 9.23 31.30
CA TYR H 157 53.59 8.83 31.12
C TYR H 157 52.63 10.01 31.23
N GLU H 158 53.07 11.20 30.80
CA GLU H 158 52.34 12.44 31.03
C GLU H 158 50.94 12.44 30.42
N ASN H 159 50.67 11.55 29.46
CA ASN H 159 49.42 11.57 28.72
C ASN H 159 48.80 10.18 28.66
N TYR H 160 49.10 9.36 29.68
CA TYR H 160 48.64 7.97 29.74
C TYR H 160 47.13 7.87 29.63
N ASN H 161 46.67 7.12 28.65
CA ASN H 161 45.26 7.05 28.24
C ASN H 161 44.45 6.13 29.15
N ALA H 162 44.61 6.26 30.47
CA ALA H 162 44.13 5.26 31.41
C ALA H 162 42.61 5.22 31.47
N ASN H 163 42.09 4.24 32.21
CA ASN H 163 40.70 4.20 32.64
C ASN H 163 40.63 3.75 34.09
N ILE H 164 39.54 4.12 34.76
CA ILE H 164 39.44 4.01 36.21
C ILE H 164 38.13 3.29 36.57
N ILE H 165 38.23 2.36 37.51
CA ILE H 165 37.09 1.78 38.21
C ILE H 165 37.07 2.32 39.64
N PHE H 166 35.99 3.00 40.01
CA PHE H 166 35.91 3.71 41.27
C PHE H 166 34.50 3.62 41.82
N THR H 167 34.27 4.26 42.97
CA THR H 167 32.98 4.30 43.63
C THR H 167 32.60 5.73 44.01
N GLU H 168 31.34 6.06 43.79
CA GLU H 168 30.82 7.38 44.13
C GLU H 168 30.86 7.62 45.64
N LYS H 169 30.94 8.89 46.00
CA LYS H 169 30.85 9.34 47.38
C LYS H 169 29.57 10.13 47.57
N LYS H 170 28.83 9.81 48.63
CA LYS H 170 27.53 10.40 48.92
C LYS H 170 27.56 11.27 50.16
N ASN H 171 28.03 10.73 51.29
CA ASN H 171 28.07 11.45 52.56
C ASN H 171 29.28 10.99 53.34
N ASP H 172 29.61 11.73 54.38
CA ASP H 172 30.65 11.35 55.31
C ASP H 172 30.12 10.56 56.51
N SER H 173 28.82 10.34 56.58
CA SER H 173 28.25 9.60 57.70
C SER H 173 28.63 8.12 57.61
N LYS H 174 28.41 7.42 58.72
CA LYS H 174 28.71 6.00 58.83
C LYS H 174 27.50 5.25 59.37
N GLY H 175 27.39 3.99 59.00
CA GLY H 175 26.27 3.19 59.45
C GLY H 175 26.50 1.72 59.19
N LEU H 176 25.45 0.94 59.40
CA LEU H 176 25.47 -0.50 59.22
C LEU H 176 24.56 -0.91 58.08
N VAL H 177 24.93 -1.99 57.41
CA VAL H 177 24.16 -2.55 56.30
C VAL H 177 23.39 -3.75 56.83
N LYS H 178 22.07 -3.65 56.84
CA LYS H 178 21.19 -4.72 57.30
C LYS H 178 20.40 -5.26 56.12
N GLY H 179 20.35 -6.57 55.98
CA GLY H 179 19.67 -7.17 54.86
C GLY H 179 19.90 -8.66 54.81
N PHE H 180 19.50 -9.26 53.70
CA PHE H 180 19.66 -10.68 53.47
C PHE H 180 19.88 -10.92 51.99
N THR H 181 20.04 -12.20 51.63
CA THR H 181 20.16 -12.63 50.24
C THR H 181 18.83 -13.18 49.77
N VAL H 182 18.50 -12.91 48.50
CA VAL H 182 17.27 -13.38 47.89
C VAL H 182 17.61 -14.12 46.60
N GLU H 183 17.00 -15.28 46.43
CA GLU H 183 17.16 -16.09 45.22
C GLU H 183 15.91 -15.90 44.37
N GLU H 184 16.07 -15.20 43.25
CA GLU H 184 14.95 -14.77 42.43
C GLU H 184 14.96 -15.46 41.07
N GLN H 185 13.77 -15.70 40.54
CA GLN H 185 13.57 -16.27 39.22
C GLN H 185 12.82 -15.27 38.36
N VAL H 186 13.31 -15.06 37.13
CA VAL H 186 12.68 -14.17 36.17
C VAL H 186 12.53 -14.92 34.85
N THR H 187 11.38 -14.77 34.22
CA THR H 187 11.04 -15.50 33.01
C THR H 187 11.16 -14.59 31.81
N VAL H 188 11.79 -15.09 30.75
CA VAL H 188 11.95 -14.38 29.49
C VAL H 188 11.56 -15.32 28.36
N VAL H 189 10.75 -14.82 27.43
CA VAL H 189 10.25 -15.61 26.32
C VAL H 189 10.28 -14.77 25.05
N GLY H 190 10.68 -15.38 23.94
CA GLY H 190 10.62 -14.75 22.64
C GLY H 190 9.37 -15.17 21.89
N LEU H 191 8.76 -14.23 21.18
CA LEU H 191 7.51 -14.45 20.49
C LEU H 191 7.70 -14.22 19.00
N SER H 192 7.11 -15.11 18.20
CA SER H 192 7.14 -14.98 16.75
C SER H 192 6.16 -15.97 16.15
N PHE H 193 5.40 -15.51 15.15
CA PHE H 193 4.54 -16.43 14.40
C PHE H 193 5.33 -17.36 13.50
N ASN H 194 6.62 -17.12 13.32
CA ASN H 194 7.51 -18.02 12.60
C ASN H 194 8.43 -18.69 13.61
N VAL H 195 8.40 -20.03 13.63
CA VAL H 195 9.11 -20.77 14.68
C VAL H 195 10.61 -20.63 14.52
N ASP H 196 11.11 -20.61 13.28
CA ASP H 196 12.55 -20.49 13.07
C ASP H 196 13.08 -19.17 13.61
N VAL H 197 12.32 -18.09 13.41
CA VAL H 197 12.71 -16.81 13.98
C VAL H 197 12.77 -16.90 15.49
N ALA H 198 11.84 -17.63 16.10
CA ALA H 198 11.87 -17.80 17.55
C ALA H 198 13.12 -18.55 17.98
N ARG H 199 13.49 -19.60 17.25
CA ARG H 199 14.70 -20.35 17.59
C ARG H 199 15.94 -19.45 17.52
N CYS H 200 16.08 -18.69 16.44
CA CYS H 200 17.23 -17.82 16.31
C CYS H 200 17.23 -16.75 17.40
N LEU H 201 16.04 -16.22 17.72
CA LEU H 201 15.92 -15.23 18.77
C LEU H 201 16.36 -15.80 20.12
N ASP H 202 15.98 -17.05 20.39
CA ASP H 202 16.41 -17.69 21.63
C ASP H 202 17.92 -17.85 21.67
N ALA H 203 18.53 -18.22 20.54
CA ALA H 203 19.98 -18.36 20.51
C ALA H 203 20.65 -17.02 20.79
N VAL H 204 20.14 -15.94 20.19
CA VAL H 204 20.70 -14.62 20.43
C VAL H 204 20.55 -14.25 21.90
N LEU H 205 19.40 -14.57 22.48
CA LEU H 205 19.19 -14.31 23.90
C LEU H 205 20.23 -15.03 24.76
N LYS H 206 20.47 -16.30 24.44
CA LYS H 206 21.47 -17.06 25.18
C LYS H 206 22.84 -16.41 25.07
N MET H 207 23.21 -15.96 23.86
CA MET H 207 24.52 -15.35 23.70
C MET H 207 24.64 -14.06 24.51
N ILE H 208 23.60 -13.23 24.52
CA ILE H 208 23.72 -11.99 25.26
C ILE H 208 23.75 -12.26 26.76
N LEU H 209 23.03 -13.30 27.22
CA LEU H 209 23.15 -13.69 28.62
C LEU H 209 24.57 -14.12 28.95
N ILE H 210 25.21 -14.86 28.04
CA ILE H 210 26.61 -15.22 28.25
C ILE H 210 27.47 -13.98 28.34
N SER H 211 27.25 -13.03 27.43
CA SER H 211 28.09 -11.84 27.40
C SER H 211 27.90 -10.98 28.64
N MET H 212 26.70 -11.00 29.23
CA MET H 212 26.42 -10.14 30.37
C MET H 212 27.27 -10.48 31.59
N ARG H 213 27.77 -11.71 31.69
CA ARG H 213 28.47 -12.14 32.90
C ARG H 213 29.72 -11.33 33.19
N ASP H 214 30.27 -10.63 32.19
CA ASP H 214 31.39 -9.73 32.41
C ASP H 214 30.97 -8.35 32.86
N SER H 215 29.67 -8.07 32.92
CA SER H 215 29.19 -6.75 33.34
C SER H 215 29.53 -6.49 34.80
N ILE H 216 29.83 -5.23 35.09
CA ILE H 216 30.18 -4.83 36.45
C ILE H 216 29.03 -5.11 37.41
N GLU H 217 27.82 -4.68 37.05
CA GLU H 217 26.71 -4.67 38.00
C GLU H 217 26.37 -6.08 38.48
N GLU H 218 26.19 -7.02 37.55
CA GLU H 218 25.85 -8.38 37.96
C GLU H 218 27.07 -9.13 38.49
N GLN H 219 28.28 -8.67 38.19
CA GLN H 219 29.46 -9.18 38.88
C GLN H 219 29.44 -8.78 40.34
N GLN H 220 28.89 -7.61 40.65
CA GLN H 220 28.86 -7.09 42.01
C GLN H 220 27.55 -7.34 42.74
N THR H 221 26.46 -7.59 42.02
CA THR H 221 25.12 -7.57 42.60
C THR H 221 24.31 -8.83 42.34
N PHE H 222 24.44 -9.44 41.16
CA PHE H 222 23.54 -10.48 40.69
C PHE H 222 24.31 -11.75 40.31
N GLN H 223 25.17 -12.20 41.23
CA GLN H 223 25.98 -13.38 40.97
C GLN H 223 25.10 -14.62 40.84
N LEU H 224 25.74 -15.74 40.47
CA LEU H 224 25.12 -17.06 40.42
C LEU H 224 23.92 -17.06 39.46
N GLN H 225 24.24 -16.87 38.20
CA GLN H 225 23.23 -16.90 37.13
C GLN H 225 23.01 -18.34 36.68
N ASN H 226 21.75 -18.76 36.66
CA ASN H 226 21.34 -20.06 36.17
C ASN H 226 20.24 -19.89 35.14
N LEU H 227 20.19 -20.82 34.19
CA LEU H 227 19.26 -20.74 33.07
C LEU H 227 18.47 -22.04 32.96
N SER H 228 17.26 -21.92 32.43
CA SER H 228 16.39 -23.07 32.19
C SER H 228 15.46 -22.73 31.05
N PHE H 229 15.28 -23.68 30.13
CA PHE H 229 14.52 -23.46 28.91
C PHE H 229 13.29 -24.37 28.90
N GLY H 230 12.17 -23.81 28.45
CA GLY H 230 10.97 -24.58 28.27
C GLY H 230 10.85 -25.13 26.86
N ASP H 231 9.72 -25.78 26.60
CA ASP H 231 9.46 -26.37 25.29
C ASP H 231 8.80 -25.36 24.37
N ILE H 232 9.08 -25.51 23.07
CA ILE H 232 8.39 -24.71 22.08
C ILE H 232 6.91 -25.08 22.10
N ALA H 233 6.06 -24.08 22.34
CA ALA H 233 4.64 -24.30 22.51
C ALA H 233 3.89 -23.21 21.74
N PRO H 234 2.66 -23.50 21.31
CA PRO H 234 1.82 -22.44 20.71
C PRO H 234 1.27 -21.54 21.80
N ILE H 235 1.73 -20.29 21.83
CA ILE H 235 1.28 -19.38 22.87
C ILE H 235 -0.20 -19.08 22.70
N ILE H 236 -0.64 -18.88 21.46
CA ILE H 236 -2.04 -18.56 21.17
C ILE H 236 -2.49 -19.34 19.94
N GLU H 237 -3.72 -19.84 20.00
CA GLU H 237 -4.34 -20.58 18.90
C GLU H 237 -5.56 -19.89 18.33
N ASP H 238 -6.10 -18.86 19.00
CA ASP H 238 -7.33 -18.21 18.60
C ASP H 238 -7.16 -17.21 17.47
N GLY H 239 -5.93 -16.85 17.13
CA GLY H 239 -5.72 -16.00 15.97
C GLY H 239 -5.76 -16.77 14.67
N ASP H 240 -5.68 -16.02 13.57
CA ASP H 240 -5.57 -16.64 12.25
C ASP H 240 -4.36 -17.55 12.16
N SER H 241 -3.28 -17.22 12.86
CA SER H 241 -2.10 -18.06 12.90
C SER H 241 -1.52 -18.04 14.31
N MET H 242 -0.90 -19.16 14.66
CA MET H 242 -0.41 -19.37 16.02
C MET H 242 0.79 -18.49 16.33
N ILE H 243 0.93 -18.17 17.61
CA ILE H 243 2.14 -17.56 18.15
C ILE H 243 2.96 -18.65 18.80
N PHE H 244 4.25 -18.71 18.45
CA PHE H 244 5.17 -19.71 18.94
C PHE H 244 6.24 -19.04 19.77
N GLY H 245 6.52 -19.61 20.95
CA GLY H 245 7.53 -19.07 21.83
C GLY H 245 8.05 -20.13 22.76
N ARG H 246 9.31 -19.95 23.18
CA ARG H 246 10.00 -20.89 24.07
C ARG H 246 10.41 -20.15 25.33
N PRO H 247 9.67 -20.25 26.43
CA PRO H 247 10.04 -19.50 27.63
C PRO H 247 11.37 -19.97 28.20
N THR H 248 12.10 -19.01 28.76
CA THR H 248 13.36 -19.25 29.45
C THR H 248 13.27 -18.64 30.83
N ILE H 249 13.82 -19.34 31.82
CA ILE H 249 13.82 -18.90 33.21
C ILE H 249 15.25 -18.57 33.60
N ILE H 250 15.45 -17.35 34.10
CA ILE H 250 16.75 -16.89 34.56
C ILE H 250 16.69 -16.74 36.08
N LYS H 251 17.73 -17.21 36.75
CA LYS H 251 17.85 -17.11 38.19
C LYS H 251 19.00 -16.20 38.56
N TYR H 252 18.85 -15.51 39.69
CA TYR H 252 19.87 -14.61 40.18
C TYR H 252 19.87 -14.62 41.70
N THR H 253 21.00 -14.22 42.27
CA THR H 253 21.14 -14.04 43.71
C THR H 253 21.60 -12.62 43.99
N SER H 254 20.84 -11.91 44.81
CA SER H 254 21.14 -10.52 45.13
C SER H 254 20.89 -10.29 46.60
N SER H 255 21.50 -9.22 47.12
CA SER H 255 21.45 -8.87 48.53
C SER H 255 20.58 -7.64 48.72
N LEU H 256 19.32 -7.86 49.09
CA LEU H 256 18.47 -6.76 49.52
C LEU H 256 18.97 -6.25 50.86
N ASP H 257 19.22 -4.94 50.94
CA ASP H 257 19.84 -4.38 52.13
C ASP H 257 19.44 -2.92 52.30
N LEU H 258 19.59 -2.43 53.52
CA LEU H 258 19.29 -1.06 53.88
C LEU H 258 20.41 -0.54 54.77
N ASP H 259 20.75 0.74 54.60
CA ASP H 259 21.81 1.36 55.39
C ASP H 259 21.22 2.00 56.64
N TYR H 260 21.67 1.54 57.80
CA TYR H 260 21.24 2.05 59.09
C TYR H 260 22.32 2.97 59.64
N THR H 261 22.04 4.27 59.68
CA THR H 261 23.05 5.24 60.10
C THR H 261 23.24 5.19 61.62
N ILE H 262 24.42 5.66 62.04
CA ILE H 262 24.80 5.74 63.45
C ILE H 262 25.24 7.15 63.75
N THR H 263 24.68 7.74 64.81
CA THR H 263 25.03 9.09 65.25
C THR H 263 26.03 9.10 66.40
N GLN H 264 26.41 7.94 66.92
CA GLN H 264 27.32 7.87 68.06
C GLN H 264 28.76 7.99 67.60
N ASP H 265 29.46 9.01 68.10
CA ASP H 265 30.87 9.21 67.78
C ASP H 265 31.59 9.61 69.05
N ILE H 266 32.57 8.81 69.44
CA ILE H 266 33.33 9.02 70.67
C ILE H 266 34.57 9.85 70.36
N ASN H 267 34.80 10.89 71.16
CA ASN H 267 35.96 11.75 70.97
C ASN H 267 36.65 12.16 72.27
N LYS H 268 36.21 11.63 73.41
CA LYS H 268 36.80 12.02 74.69
C LYS H 268 36.65 10.86 75.67
N LEU H 269 37.55 10.84 76.67
CA LEU H 269 37.62 9.76 77.64
C LEU H 269 37.75 10.34 79.04
N THR H 270 37.12 9.66 80.00
CA THR H 270 36.87 10.18 81.35
C THR H 270 37.38 9.23 82.42
N PHE H 271 38.60 8.73 82.25
CA PHE H 271 39.18 7.73 83.16
C PHE H 271 39.46 8.35 84.52
N LYS H 272 38.62 8.03 85.50
CA LYS H 272 38.76 8.52 86.87
C LYS H 272 38.60 7.36 87.84
N GLU H 273 39.34 7.42 88.94
CA GLU H 273 39.32 6.43 89.99
C GLU H 273 38.20 6.69 90.98
N ARG H 274 38.05 5.78 91.94
CA ARG H 274 37.04 5.88 92.99
C ARG H 274 37.71 5.73 94.36
N LYS H 275 37.03 6.26 95.37
CA LYS H 275 37.52 6.24 96.74
C LYS H 275 36.42 5.78 97.68
N ASP H 276 36.82 5.15 98.78
CA ASP H 276 35.89 4.64 99.78
C ASP H 276 36.45 4.80 101.19
N SER I 2 39.52 23.16 16.63
CA SER I 2 39.20 22.19 15.55
C SER I 2 38.23 21.13 16.05
N ILE I 3 36.98 21.53 16.25
CA ILE I 3 35.94 20.64 16.74
C ILE I 3 35.45 19.80 15.55
N GLU I 4 35.89 18.55 15.50
CA GLU I 4 35.46 17.67 14.42
C GLU I 4 33.96 17.40 14.50
N LYS I 5 33.47 17.07 15.69
CA LYS I 5 32.06 16.79 15.91
C LYS I 5 31.69 17.16 17.33
N LYS I 6 30.40 17.40 17.53
CA LYS I 6 29.89 17.81 18.83
C LYS I 6 28.54 17.18 19.08
N GLU I 7 28.25 16.91 20.36
CA GLU I 7 26.99 16.32 20.76
C GLU I 7 26.66 16.80 22.16
N GLU I 8 25.36 16.85 22.47
CA GLU I 8 24.87 17.31 23.76
C GLU I 8 23.87 16.31 24.31
N VAL I 9 23.84 16.20 25.63
CA VAL I 9 22.93 15.30 26.33
C VAL I 9 22.40 16.01 27.57
N ILE I 10 21.14 15.77 27.88
CA ILE I 10 20.49 16.30 29.08
C ILE I 10 20.31 15.17 30.06
N ALA I 11 20.91 15.30 31.25
CA ALA I 11 20.81 14.29 32.29
C ALA I 11 19.61 14.54 33.20
N HIS I 12 19.46 15.77 33.68
CA HIS I 12 18.36 16.14 34.56
C HIS I 12 17.81 17.49 34.13
N ASN I 13 16.52 17.67 34.37
CA ASN I 13 15.85 18.94 34.08
C ASN I 13 14.68 19.07 35.04
N GLU I 14 14.86 19.87 36.09
CA GLU I 14 13.90 19.96 37.17
C GLU I 14 13.87 21.39 37.69
N VAL I 15 12.76 21.73 38.34
CA VAL I 15 12.52 23.08 38.84
C VAL I 15 12.95 23.17 40.30
N VAL I 16 13.51 24.31 40.67
CA VAL I 16 13.90 24.59 42.05
C VAL I 16 13.52 26.03 42.36
N PHE I 17 13.07 26.25 43.59
CA PHE I 17 12.49 27.52 44.00
C PHE I 17 13.41 28.23 44.98
N ARG I 18 13.47 29.56 44.87
CA ARG I 18 14.29 30.40 45.73
C ARG I 18 13.44 31.50 46.32
N SER I 19 13.66 31.79 47.61
CA SER I 19 13.04 32.94 48.23
C SER I 19 13.71 34.21 47.73
N LEU I 20 12.90 35.20 47.36
CA LEU I 20 13.46 36.41 46.76
C LEU I 20 14.34 37.15 47.75
N THR I 21 13.90 37.25 49.00
CA THR I 21 14.62 38.03 50.01
C THR I 21 15.63 37.20 50.77
N GLN I 22 15.22 36.03 51.26
CA GLN I 22 16.10 35.24 52.12
C GLN I 22 17.24 34.60 51.33
N GLY I 23 17.03 34.34 50.04
CA GLY I 23 18.06 33.73 49.24
C GLY I 23 18.23 32.24 49.46
N LEU I 24 17.34 31.61 50.21
CA LEU I 24 17.41 30.18 50.48
C LEU I 24 16.57 29.41 49.48
N TYR I 25 16.80 28.09 49.43
CA TYR I 25 16.07 27.18 48.57
C TYR I 25 15.19 26.26 49.41
N VAL I 26 13.96 26.05 48.94
CA VAL I 26 13.00 25.25 49.69
C VAL I 26 13.44 23.80 49.70
N LYS I 27 13.10 23.10 50.80
CA LYS I 27 13.38 21.67 50.91
C LYS I 27 12.18 20.88 51.40
N GLU I 28 11.29 21.51 52.17
CA GLU I 28 10.19 20.80 52.79
C GLU I 28 8.99 21.70 52.92
N VAL I 29 7.80 21.09 52.92
CA VAL I 29 6.53 21.79 53.06
C VAL I 29 5.63 20.98 53.99
N ASP I 30 4.60 21.65 54.50
CA ASP I 30 3.66 21.04 55.43
C ASP I 30 2.48 20.45 54.66
N ILE I 31 1.44 20.03 55.39
CA ILE I 31 0.26 19.47 54.74
C ILE I 31 -0.46 20.53 53.93
N TYR I 32 -0.50 21.77 54.43
CA TYR I 32 -1.04 22.89 53.67
C TYR I 32 -0.14 23.34 52.54
N SER I 33 1.06 22.75 52.41
CA SER I 33 2.01 23.07 51.35
C SER I 33 2.69 24.41 51.56
N ASP I 34 2.67 24.93 52.78
CA ASP I 34 3.48 26.08 53.14
C ASP I 34 4.89 25.63 53.52
N VAL I 35 5.86 26.52 53.27
CA VAL I 35 7.25 26.15 53.48
C VAL I 35 7.51 25.90 54.96
N VAL I 36 8.25 24.84 55.25
CA VAL I 36 8.60 24.47 56.61
C VAL I 36 10.10 24.63 56.86
N SER I 37 10.92 24.32 55.86
CA SER I 37 12.36 24.27 56.00
C SER I 37 13.03 24.99 54.83
N TYR I 38 14.34 25.15 54.94
CA TYR I 38 15.13 25.82 53.92
C TYR I 38 16.52 25.20 53.88
N THR I 39 17.22 25.42 52.77
CA THR I 39 18.62 25.09 52.65
C THR I 39 19.31 26.13 51.78
N LYS I 40 20.62 26.29 51.99
CA LYS I 40 21.46 27.08 51.11
C LYS I 40 22.28 26.20 50.16
N ASP I 41 21.76 25.03 49.82
CA ASP I 41 22.45 24.07 48.97
C ASP I 41 21.55 23.71 47.80
N VAL I 42 22.04 23.91 46.58
CA VAL I 42 21.27 23.57 45.39
C VAL I 42 21.10 22.07 45.27
N ASP I 43 22.14 21.31 45.65
CA ASP I 43 22.08 19.85 45.50
C ASP I 43 21.00 19.22 46.38
N GLU I 44 20.53 19.94 47.40
CA GLU I 44 19.46 19.45 48.27
C GLU I 44 18.33 20.48 48.25
N ALA I 45 17.32 20.22 47.42
CA ALA I 45 16.20 21.13 47.28
C ALA I 45 14.97 20.32 46.91
N LEU I 46 13.81 20.95 47.08
CA LEU I 46 12.52 20.32 46.77
C LEU I 46 12.36 20.31 45.25
N ALA I 47 13.06 19.37 44.61
CA ALA I 47 13.07 19.30 43.16
C ALA I 47 11.72 18.86 42.63
N MET I 48 11.24 19.58 41.61
CA MET I 48 10.06 19.19 40.86
C MET I 48 10.51 18.70 39.49
N PRO I 49 10.21 17.46 39.08
CA PRO I 49 10.65 17.02 37.76
C PRO I 49 10.06 17.90 36.66
N ASN I 50 10.88 18.16 35.63
CA ASN I 50 10.47 19.01 34.53
C ASN I 50 10.86 18.42 33.19
N THR I 51 10.94 17.09 33.10
CA THR I 51 11.15 16.43 31.82
C THR I 51 9.89 16.57 30.97
N ILE I 52 9.94 15.95 29.78
CA ILE I 52 8.85 16.11 28.83
C ILE I 52 7.56 15.53 29.40
N ASN I 53 7.65 14.39 30.08
CA ASN I 53 6.45 13.71 30.54
C ASN I 53 5.79 14.40 31.72
N PHE I 54 6.58 15.11 32.54
CA PHE I 54 6.13 15.57 33.84
C PHE I 54 5.67 17.03 33.83
N LYS I 55 5.52 17.64 32.65
CA LYS I 55 5.06 19.01 32.59
C LYS I 55 3.60 19.10 33.05
N ASN I 56 3.19 20.32 33.41
CA ASN I 56 1.84 20.60 33.89
C ASN I 56 1.51 19.75 35.12
N SER I 57 2.25 20.00 36.18
CA SER I 57 2.06 19.27 37.44
C SER I 57 0.92 19.89 38.24
N ARG I 58 0.61 19.24 39.36
CA ARG I 58 -0.42 19.70 40.30
C ARG I 58 0.04 19.74 41.74
N LYS I 59 1.16 19.10 42.07
CA LYS I 59 1.57 18.96 43.47
C LYS I 59 1.89 20.30 44.10
N TYR I 60 2.32 21.29 43.32
CA TYR I 60 2.90 22.52 43.83
C TYR I 60 2.22 23.75 43.24
N LYS I 61 0.89 23.72 43.14
CA LYS I 61 0.18 24.89 42.62
C LYS I 61 0.17 26.01 43.65
N LYS I 62 -0.08 25.68 44.92
CA LYS I 62 -0.06 26.71 45.96
C LYS I 62 1.33 27.31 46.10
N LEU I 63 2.36 26.48 46.00
CA LEU I 63 3.73 26.97 46.11
C LEU I 63 4.06 27.93 44.98
N ILE I 64 3.62 27.62 43.77
CA ILE I 64 3.96 28.44 42.61
C ILE I 64 3.39 29.83 42.76
N MET I 65 2.12 29.94 43.18
CA MET I 65 1.47 31.24 43.23
C MET I 65 2.04 32.16 44.30
N ASN I 66 2.86 31.65 45.21
CA ASN I 66 3.47 32.49 46.23
C ASN I 66 4.44 33.46 45.57
N LEU I 67 4.21 34.76 45.76
CA LEU I 67 5.03 35.76 45.10
C LEU I 67 6.42 35.84 45.68
N ASP I 68 6.65 35.33 46.89
CA ASP I 68 7.95 35.40 47.52
C ASP I 68 8.96 34.42 46.92
N LEU I 69 8.51 33.50 46.08
CA LEU I 69 9.35 32.41 45.59
C LEU I 69 9.69 32.65 44.12
N GLU I 70 10.92 32.29 43.76
CA GLU I 70 11.44 32.50 42.40
C GLU I 70 11.77 31.14 41.77
N PRO I 71 10.93 30.61 40.89
CA PRO I 71 11.27 29.32 40.25
C PRO I 71 12.54 29.42 39.43
N LEU I 72 13.29 28.32 39.41
CA LEU I 72 14.51 28.21 38.63
C LEU I 72 14.54 26.85 37.94
N ASN I 73 14.92 26.86 36.65
CA ASN I 73 15.00 25.65 35.85
C ASN I 73 16.41 25.08 35.94
N LYS I 74 16.64 24.22 36.93
CA LYS I 74 17.93 23.56 37.07
C LYS I 74 18.06 22.48 36.01
N ILE I 75 19.05 22.64 35.12
CA ILE I 75 19.29 21.72 34.02
C ILE I 75 20.75 21.30 34.04
N GLN I 76 20.98 20.00 33.89
CA GLN I 76 22.32 19.41 33.89
C GLN I 76 22.60 18.80 32.53
N LYS I 77 23.79 19.06 31.99
CA LYS I 77 24.14 18.66 30.64
C LYS I 77 25.51 18.00 30.61
N VAL I 78 25.71 17.14 29.61
CA VAL I 78 27.01 16.56 29.28
C VAL I 78 27.21 16.68 27.77
N ILE I 79 28.29 17.34 27.36
CA ILE I 79 28.58 17.61 25.95
C ILE I 79 29.89 16.95 25.57
N TYR I 80 29.87 16.20 24.47
CA TYR I 80 31.03 15.48 23.95
C TYR I 80 31.57 16.20 22.72
N GLU I 81 32.87 16.51 22.73
CA GLU I 81 33.54 17.22 21.66
C GLU I 81 34.73 16.41 21.18
N THR I 82 34.78 16.16 19.88
CA THR I 82 35.87 15.42 19.23
C THR I 82 36.76 16.40 18.46
N HIS I 83 38.04 16.37 18.79
CA HIS I 83 39.06 17.25 18.22
C HIS I 83 39.98 16.46 17.32
N LEU I 84 40.24 16.98 16.12
CA LEU I 84 41.30 16.50 15.23
C LEU I 84 42.36 17.60 15.12
N GLU I 85 43.55 17.32 15.66
CA GLU I 85 44.62 18.29 15.80
C GLU I 85 45.75 18.08 14.81
N GLY I 86 45.47 17.42 13.69
CA GLY I 86 46.52 17.11 12.75
C GLY I 86 47.51 16.10 13.30
N LEU I 87 48.70 16.07 12.69
CA LEU I 87 49.74 15.14 13.08
C LEU I 87 50.18 15.39 14.52
N SER J 2 22.99 31.34 32.98
CA SER J 2 24.48 31.32 33.06
C SER J 2 24.96 30.03 33.68
N ILE J 3 26.27 29.92 33.87
CA ILE J 3 26.89 28.72 34.40
C ILE J 3 27.03 28.84 35.90
N GLU J 4 26.63 27.79 36.62
CA GLU J 4 26.82 27.69 38.06
C GLU J 4 28.03 26.85 38.44
N LYS J 5 28.35 25.85 37.63
CA LYS J 5 29.45 24.94 37.94
C LYS J 5 29.85 24.24 36.65
N LYS J 6 31.16 24.03 36.48
CA LYS J 6 31.68 23.44 35.25
C LYS J 6 32.96 22.69 35.55
N GLU J 7 33.19 21.62 34.77
CA GLU J 7 34.45 20.89 34.83
C GLU J 7 34.67 20.18 33.50
N GLU J 8 35.92 20.18 33.05
CA GLU J 8 36.33 19.54 31.80
C GLU J 8 37.34 18.43 32.05
N VAL J 9 37.15 17.30 31.36
CA VAL J 9 38.07 16.17 31.43
C VAL J 9 38.27 15.63 30.02
N ILE J 10 39.43 15.02 29.79
CA ILE J 10 39.81 14.45 28.50
C ILE J 10 39.67 12.93 28.59
N ALA J 11 38.56 12.42 28.04
CA ALA J 11 38.28 10.98 28.14
C ALA J 11 39.31 10.15 27.39
N HIS J 12 39.72 10.58 26.20
CA HIS J 12 40.68 9.84 25.40
C HIS J 12 41.58 10.78 24.61
N ASN J 13 42.78 10.27 24.28
CA ASN J 13 43.75 11.02 23.50
C ASN J 13 44.56 10.01 22.68
N GLU J 14 44.33 9.98 21.37
CA GLU J 14 44.83 8.92 20.50
C GLU J 14 45.32 9.50 19.19
N VAL J 15 45.93 8.63 18.37
CA VAL J 15 46.43 8.99 17.04
C VAL J 15 45.72 8.13 16.00
N VAL J 16 45.03 8.77 15.07
CA VAL J 16 44.27 8.12 14.02
C VAL J 16 45.05 8.16 12.70
N PHE J 17 45.01 7.05 11.96
CA PHE J 17 45.69 6.92 10.68
C PHE J 17 44.69 7.08 9.54
N ARG J 18 45.11 7.80 8.50
CA ARG J 18 44.25 8.16 7.38
C ARG J 18 45.04 8.09 6.08
N SER J 19 44.38 7.63 5.03
CA SER J 19 44.96 7.58 3.69
C SER J 19 44.99 8.99 3.09
N LEU J 20 46.02 9.24 2.28
CA LEU J 20 46.20 10.54 1.65
C LEU J 20 45.41 10.69 0.35
N THR J 21 45.19 9.59 -0.37
CA THR J 21 44.50 9.65 -1.66
C THR J 21 43.00 9.43 -1.50
N GLN J 22 42.60 8.28 -0.97
CA GLN J 22 41.19 7.96 -0.82
C GLN J 22 40.53 8.83 0.25
N GLY J 23 41.27 9.17 1.30
CA GLY J 23 40.73 9.94 2.40
C GLY J 23 40.03 9.12 3.46
N LEU J 24 39.95 7.81 3.30
CA LEU J 24 39.30 6.94 4.28
C LEU J 24 40.28 6.52 5.34
N TYR J 25 39.79 6.41 6.57
CA TYR J 25 40.62 6.00 7.69
C TYR J 25 40.76 4.49 7.71
N VAL J 26 41.76 4.01 8.46
CA VAL J 26 42.04 2.58 8.55
C VAL J 26 41.10 1.94 9.56
N LYS J 27 40.60 0.76 9.21
CA LYS J 27 39.69 0.00 10.07
C LYS J 27 40.33 -1.29 10.57
N GLU J 28 40.81 -2.15 9.66
CA GLU J 28 41.42 -3.42 10.00
C GLU J 28 42.77 -3.52 9.30
N VAL J 29 43.65 -4.35 9.85
CA VAL J 29 45.02 -4.48 9.37
C VAL J 29 45.44 -5.94 9.43
N ASP J 30 46.59 -6.22 8.82
CA ASP J 30 47.12 -7.57 8.70
C ASP J 30 48.09 -7.85 9.86
N ILE J 31 48.87 -8.93 9.72
CA ILE J 31 49.76 -9.37 10.79
C ILE J 31 50.79 -8.29 11.09
N TYR J 32 51.42 -7.73 10.05
CA TYR J 32 52.37 -6.66 10.22
C TYR J 32 51.72 -5.31 10.49
N SER J 33 50.38 -5.26 10.53
CA SER J 33 49.58 -4.06 10.71
C SER J 33 49.53 -3.22 9.44
N ASP J 34 49.81 -3.81 8.28
CA ASP J 34 49.49 -3.16 7.02
C ASP J 34 47.98 -3.19 6.80
N VAL J 35 47.49 -2.21 6.04
CA VAL J 35 46.05 -2.00 5.95
C VAL J 35 45.43 -3.09 5.07
N VAL J 36 44.30 -3.61 5.52
CA VAL J 36 43.47 -4.48 4.70
C VAL J 36 42.05 -3.95 4.53
N SER J 37 41.60 -3.03 5.39
CA SER J 37 40.26 -2.47 5.30
C SER J 37 40.32 -0.98 5.62
N TYR J 38 39.38 -0.25 5.04
CA TYR J 38 39.21 1.18 5.29
C TYR J 38 37.77 1.45 5.70
N THR J 39 37.57 2.58 6.38
CA THR J 39 36.24 3.00 6.82
C THR J 39 36.13 4.50 6.74
N LYS J 40 34.90 4.97 6.50
CA LYS J 40 34.62 6.40 6.47
C LYS J 40 34.38 6.99 7.85
N ASP J 41 34.18 6.16 8.87
CA ASP J 41 33.92 6.66 10.20
C ASP J 41 35.16 7.33 10.79
N VAL J 42 34.93 8.32 11.64
CA VAL J 42 36.02 9.04 12.28
C VAL J 42 36.42 8.39 13.61
N ASP J 43 35.46 7.81 14.33
CA ASP J 43 35.68 7.22 15.65
C ASP J 43 36.07 5.75 15.57
N GLU J 44 35.43 4.98 14.70
CA GLU J 44 35.73 3.56 14.58
C GLU J 44 37.11 3.29 13.99
N ALA J 45 37.78 4.31 13.46
CA ALA J 45 39.06 4.11 12.79
C ALA J 45 40.10 3.58 13.77
N LEU J 46 41.05 2.82 13.24
CA LEU J 46 42.16 2.31 14.05
C LEU J 46 42.93 3.47 14.68
N ALA J 47 43.27 3.30 15.96
CA ALA J 47 43.95 4.34 16.70
C ALA J 47 44.79 3.72 17.81
N MET J 48 45.77 4.48 18.27
CA MET J 48 46.73 4.05 19.28
C MET J 48 46.91 5.17 20.30
N PRO J 49 47.34 4.85 21.52
CA PRO J 49 47.58 5.90 22.51
C PRO J 49 48.58 6.94 22.03
N ASN J 50 48.26 8.20 22.33
CA ASN J 50 49.06 9.35 21.92
C ASN J 50 50.03 9.76 23.03
N THR J 51 51.07 8.94 23.21
CA THR J 51 52.13 9.28 24.15
C THR J 51 53.47 8.85 23.57
N ILE J 52 54.51 9.58 23.99
CA ILE J 52 55.84 9.45 23.40
C ILE J 52 56.39 8.03 23.57
N ASN J 53 56.10 7.39 24.70
CA ASN J 53 56.60 6.03 24.92
C ASN J 53 56.13 5.07 23.84
N PHE J 54 54.83 5.08 23.53
CA PHE J 54 54.33 4.24 22.45
C PHE J 54 54.98 4.58 21.11
N LYS J 55 55.08 5.87 20.78
CA LYS J 55 55.72 6.29 19.54
C LYS J 55 57.14 5.76 19.42
N ASN J 56 57.89 5.78 20.52
CA ASN J 56 59.21 5.15 20.55
C ASN J 56 59.11 3.62 20.52
N SER J 57 57.97 3.06 20.91
CA SER J 57 57.73 1.62 20.91
C SER J 57 56.98 1.16 19.67
N ARG J 58 57.16 1.85 18.55
CA ARG J 58 56.44 1.54 17.31
C ARG J 58 54.95 1.77 17.50
N LEU J 63 53.00 5.27 10.20
CA LEU J 63 54.42 5.58 10.32
C LEU J 63 55.27 4.35 10.01
N ILE J 64 55.04 3.28 10.78
CA ILE J 64 55.83 2.07 10.62
C ILE J 64 55.26 1.13 9.55
N MET J 65 54.01 1.33 9.15
CA MET J 65 53.31 0.39 8.28
C MET J 65 53.32 0.80 6.81
N ASN J 66 53.12 2.08 6.52
CA ASN J 66 52.93 2.53 5.15
C ASN J 66 53.52 3.92 4.99
N LEU J 67 53.73 4.30 3.74
CA LEU J 67 54.24 5.63 3.40
C LEU J 67 53.15 6.69 3.35
N ASP J 68 51.87 6.32 3.52
CA ASP J 68 50.78 7.29 3.59
C ASP J 68 50.86 7.97 4.96
N LEU J 69 51.79 8.93 5.06
CA LEU J 69 52.22 9.49 6.34
C LEU J 69 51.34 10.69 6.72
N GLU J 70 50.09 10.39 7.07
CA GLU J 70 49.17 11.39 7.62
C GLU J 70 48.44 10.81 8.83
N PRO J 71 49.13 10.65 9.95
CA PRO J 71 48.43 10.39 11.21
C PRO J 71 47.66 11.63 11.69
N LEU J 72 46.72 11.39 12.60
CA LEU J 72 45.83 12.44 13.09
C LEU J 72 45.64 12.29 14.60
N ASN J 73 46.20 13.23 15.35
CA ASN J 73 46.01 13.27 16.81
C ASN J 73 44.55 13.57 17.14
N LYS J 74 43.86 12.57 17.68
CA LYS J 74 42.45 12.67 18.05
C LYS J 74 42.31 12.82 19.56
N ILE J 75 41.65 13.90 19.98
CA ILE J 75 41.45 14.22 21.40
C ILE J 75 39.96 14.41 21.65
N GLN J 76 39.44 13.72 22.66
CA GLN J 76 38.04 13.74 23.04
C GLN J 76 37.83 14.53 24.33
N LYS J 77 37.07 15.63 24.23
CA LYS J 77 36.71 16.47 25.36
C LYS J 77 35.27 16.22 25.76
N VAL J 78 35.06 15.82 27.01
CA VAL J 78 33.73 15.63 27.59
C VAL J 78 33.59 16.57 28.79
N ILE J 79 32.53 17.36 28.78
CA ILE J 79 32.35 18.48 29.71
C ILE J 79 31.04 18.30 30.47
N TYR J 80 31.11 18.49 31.79
CA TYR J 80 29.97 18.48 32.68
C TYR J 80 29.69 19.89 33.16
N GLU J 81 28.43 20.31 33.08
CA GLU J 81 28.05 21.68 33.43
C GLU J 81 26.60 21.70 33.89
N THR J 82 26.24 22.80 34.56
CA THR J 82 24.88 23.04 35.01
C THR J 82 24.53 24.51 34.81
N HIS J 83 23.23 24.78 34.72
CA HIS J 83 22.71 26.13 34.54
C HIS J 83 21.57 26.37 35.52
N LEU J 84 21.39 27.64 35.88
CA LEU J 84 20.25 28.11 36.66
C LEU J 84 19.60 29.25 35.87
N GLU J 85 18.72 28.89 34.95
CA GLU J 85 18.07 29.86 34.06
C GLU J 85 16.82 30.40 34.73
N GLY J 86 16.75 31.72 34.84
CA GLY J 86 15.65 32.36 35.54
C GLY J 86 14.39 32.46 34.70
N LEU J 87 13.32 32.87 35.37
CA LEU J 87 12.04 33.09 34.72
C LEU J 87 11.88 34.56 34.36
N ILE K 5 -34.14 -30.22 -59.06
CA ILE K 5 -35.18 -30.23 -57.99
C ILE K 5 -34.51 -30.26 -56.63
N SER K 6 -33.82 -29.19 -56.27
CA SER K 6 -33.15 -29.09 -54.99
C SER K 6 -32.71 -27.65 -54.77
N LEU K 7 -32.07 -27.42 -53.62
CA LEU K 7 -31.49 -26.15 -53.25
C LEU K 7 -29.98 -26.29 -53.16
N ASN K 8 -29.27 -25.20 -53.49
CA ASN K 8 -27.82 -25.25 -53.58
C ASN K 8 -27.20 -25.46 -52.21
N PRO K 9 -25.93 -25.89 -52.15
CA PRO K 9 -25.31 -26.17 -50.85
C PRO K 9 -25.24 -24.96 -49.94
N ILE K 10 -25.29 -25.24 -48.64
CA ILE K 10 -25.34 -24.24 -47.58
C ILE K 10 -24.01 -24.27 -46.82
N GLN K 11 -23.38 -23.10 -46.70
CA GLN K 11 -22.09 -23.02 -46.02
C GLN K 11 -22.28 -23.13 -44.51
N ASP K 12 -21.38 -23.87 -43.86
CA ASP K 12 -21.32 -23.90 -42.41
C ASP K 12 -20.62 -22.67 -41.86
N ALA K 13 -21.00 -22.29 -40.64
CA ALA K 13 -20.37 -21.18 -39.94
C ALA K 13 -18.96 -21.56 -39.50
N LYS K 14 -17.97 -21.11 -40.26
CA LYS K 14 -16.58 -21.42 -39.98
C LYS K 14 -16.18 -20.84 -38.63
N PRO K 15 -15.77 -21.65 -37.66
CA PRO K 15 -15.13 -21.07 -36.47
C PRO K 15 -13.82 -20.38 -36.81
N ILE K 16 -13.52 -19.33 -36.06
CA ILE K 16 -12.30 -18.55 -36.19
C ILE K 16 -11.35 -18.92 -35.07
N ASP K 17 -10.16 -19.37 -35.44
CA ASP K 17 -9.14 -19.81 -34.48
C ASP K 17 -8.09 -18.73 -34.21
N ASP K 18 -7.60 -18.08 -35.26
CA ASP K 18 -6.54 -17.08 -35.07
C ASP K 18 -7.10 -15.86 -34.35
N ILE K 19 -6.44 -15.50 -33.25
CA ILE K 19 -6.82 -14.31 -32.49
C ILE K 19 -6.62 -13.04 -33.31
N VAL K 20 -5.62 -13.01 -34.18
CA VAL K 20 -5.31 -11.79 -34.92
C VAL K 20 -6.48 -11.38 -35.81
N ASP K 21 -7.04 -12.32 -36.56
CA ASP K 21 -8.18 -11.97 -37.40
C ASP K 21 -9.39 -11.58 -36.56
N ILE K 22 -9.58 -12.21 -35.40
CA ILE K 22 -10.67 -11.83 -34.50
C ILE K 22 -10.53 -10.37 -34.09
N MET K 23 -9.35 -9.99 -33.61
CA MET K 23 -9.12 -8.61 -33.22
C MET K 23 -9.26 -7.66 -34.40
N THR K 24 -8.80 -8.05 -35.58
CA THR K 24 -8.96 -7.17 -36.74
C THR K 24 -10.43 -6.93 -37.06
N TYR K 25 -11.23 -8.00 -37.08
CA TYR K 25 -12.67 -7.84 -37.30
C TYR K 25 -13.29 -6.95 -36.24
N LEU K 26 -12.94 -7.18 -34.98
CA LEU K 26 -13.46 -6.35 -33.89
C LEU K 26 -13.11 -4.88 -34.08
N LYS K 27 -11.85 -4.60 -34.43
CA LYS K 27 -11.45 -3.22 -34.70
C LYS K 27 -12.25 -2.64 -35.87
N ASN K 28 -12.54 -3.46 -36.88
CA ASN K 28 -13.42 -3.03 -37.95
C ASN K 28 -14.85 -2.80 -37.48
N GLY K 29 -15.20 -3.29 -36.28
CA GLY K 29 -16.54 -3.16 -35.74
C GLY K 29 -17.51 -4.27 -36.09
N LYS K 30 -17.09 -5.28 -36.84
CA LYS K 30 -18.00 -6.38 -37.17
C LYS K 30 -18.33 -7.18 -35.92
N VAL K 31 -19.61 -7.56 -35.79
CA VAL K 31 -20.08 -8.26 -34.60
C VAL K 31 -19.49 -9.66 -34.53
N LEU K 32 -19.24 -10.10 -33.29
CA LEU K 32 -18.76 -11.44 -32.96
C LEU K 32 -19.71 -12.12 -32.00
N ARG K 33 -19.81 -13.44 -32.12
CA ARG K 33 -20.67 -14.26 -31.27
C ARG K 33 -19.82 -15.31 -30.58
N VAL K 34 -19.85 -15.31 -29.24
CA VAL K 34 -18.98 -16.13 -28.40
C VAL K 34 -19.81 -17.19 -27.69
N LYS K 35 -19.45 -18.46 -27.91
CA LYS K 35 -20.10 -19.60 -27.26
C LYS K 35 -19.44 -19.91 -25.93
N GLN K 36 -19.91 -19.24 -24.88
CA GLN K 36 -19.38 -19.52 -23.55
C GLN K 36 -19.89 -20.88 -23.07
N ASP K 37 -18.97 -21.67 -22.53
CA ASP K 37 -19.30 -23.00 -22.04
C ASP K 37 -20.30 -22.96 -20.88
N ASN K 38 -20.07 -22.05 -19.92
CA ASN K 38 -20.83 -22.08 -18.68
C ASN K 38 -22.19 -21.39 -18.78
N GLN K 39 -22.28 -20.26 -19.49
CA GLN K 39 -23.43 -19.37 -19.39
C GLN K 39 -23.94 -18.95 -20.76
N GLY K 40 -23.91 -19.87 -21.71
CA GLY K 40 -24.57 -19.68 -22.98
C GLY K 40 -23.84 -18.78 -23.96
N ASP K 41 -24.60 -18.35 -24.96
CA ASP K 41 -24.09 -17.72 -26.17
C ASP K 41 -24.35 -16.21 -26.12
N ILE K 42 -23.31 -15.43 -26.39
CA ILE K 42 -23.36 -13.98 -26.26
C ILE K 42 -22.74 -13.32 -27.49
N LEU K 43 -23.14 -12.07 -27.72
CA LEU K 43 -22.58 -11.22 -28.75
C LEU K 43 -21.56 -10.25 -28.17
N VAL K 44 -20.54 -9.94 -28.97
CA VAL K 44 -19.46 -9.03 -28.58
C VAL K 44 -19.26 -8.00 -29.67
N ARG K 45 -19.00 -6.76 -29.27
CA ARG K 45 -18.99 -5.62 -30.18
C ARG K 45 -18.02 -4.57 -29.65
N MET K 46 -17.48 -3.78 -30.57
CA MET K 46 -16.71 -2.59 -30.24
C MET K 46 -17.58 -1.35 -30.31
N SER K 47 -17.51 -0.52 -29.28
CA SER K 47 -18.34 0.68 -29.23
C SER K 47 -18.01 1.60 -30.41
N PRO K 48 -19.00 2.14 -31.10
CA PRO K 48 -18.72 3.20 -32.08
C PRO K 48 -18.35 4.52 -31.42
N GLY K 49 -17.79 5.40 -32.23
CA GLY K 49 -17.36 6.71 -31.78
C GLY K 49 -15.98 6.71 -31.17
N LYS K 50 -15.63 7.87 -30.60
CA LYS K 50 -14.28 8.06 -30.09
C LYS K 50 -14.04 7.25 -28.82
N HIS K 51 -15.03 7.19 -27.93
CA HIS K 51 -14.90 6.45 -26.67
C HIS K 51 -14.96 4.95 -26.95
N LYS K 52 -13.81 4.41 -27.35
CA LYS K 52 -13.72 3.00 -27.69
C LYS K 52 -13.80 2.13 -26.45
N PHE K 53 -14.64 1.11 -26.50
CA PHE K 53 -14.71 0.09 -25.47
C PHE K 53 -15.54 -1.07 -25.99
N THR K 54 -15.28 -2.25 -25.44
CA THR K 54 -16.03 -3.44 -25.79
C THR K 54 -17.41 -3.46 -25.13
N GLU K 55 -18.39 -3.98 -25.86
CA GLU K 55 -19.77 -4.10 -25.38
C GLU K 55 -20.26 -5.52 -25.60
N VAL K 56 -21.19 -5.94 -24.74
CA VAL K 56 -21.80 -7.26 -24.84
C VAL K 56 -23.31 -7.09 -24.95
N SER K 57 -23.95 -7.99 -25.70
CA SER K 57 -25.40 -8.11 -25.72
C SER K 57 -25.79 -9.58 -25.74
N ARG K 58 -26.84 -9.90 -24.98
CA ARG K 58 -27.50 -11.19 -25.01
C ARG K 58 -28.78 -11.17 -25.84
N ASP K 59 -28.99 -10.14 -26.64
CA ASP K 59 -30.10 -10.08 -27.59
C ASP K 59 -29.77 -10.96 -28.80
N LEU K 60 -29.80 -12.27 -28.53
CA LEU K 60 -29.16 -13.29 -29.37
C LEU K 60 -30.05 -13.63 -30.57
N ASP K 61 -30.12 -12.69 -31.50
CA ASP K 61 -30.78 -12.93 -32.79
C ASP K 61 -30.23 -11.93 -33.79
N LYS K 62 -30.48 -12.21 -35.07
CA LYS K 62 -30.17 -11.24 -36.10
C LYS K 62 -30.95 -9.95 -35.85
N GLU K 63 -30.28 -8.82 -36.05
CA GLU K 63 -30.91 -7.52 -35.92
C GLU K 63 -32.07 -7.36 -36.90
N SER K 64 -33.17 -6.79 -36.43
CA SER K 64 -34.36 -6.61 -37.24
C SER K 64 -35.00 -5.28 -36.91
N PHE K 65 -35.83 -4.79 -37.84
CA PHE K 65 -36.51 -3.51 -37.64
C PHE K 65 -37.35 -3.50 -36.37
N TYR K 66 -37.98 -4.63 -36.06
CA TYR K 66 -38.80 -4.81 -34.86
C TYR K 66 -38.04 -5.37 -33.68
N TYR K 67 -36.72 -5.58 -33.78
CA TYR K 67 -35.99 -6.22 -32.70
C TYR K 67 -34.56 -5.68 -32.73
N LYS K 68 -34.33 -4.63 -31.93
CA LYS K 68 -33.07 -3.90 -31.90
C LYS K 68 -32.26 -4.30 -30.67
N ARG K 69 -31.00 -4.67 -30.89
CA ARG K 69 -30.16 -5.23 -29.84
C ARG K 69 -29.60 -4.14 -28.92
N HIS K 70 -29.57 -4.45 -27.62
CA HIS K 70 -29.11 -3.54 -26.58
C HIS K 70 -27.73 -3.96 -26.10
N TRP K 71 -26.80 -3.01 -26.02
CA TRP K 71 -25.38 -3.29 -25.80
C TRP K 71 -24.92 -2.73 -24.46
N VAL K 72 -24.34 -3.60 -23.63
CA VAL K 72 -23.82 -3.24 -22.32
C VAL K 72 -22.30 -3.29 -22.34
N LEU K 73 -21.66 -2.28 -21.75
CA LEU K 73 -20.21 -2.27 -21.63
C LEU K 73 -19.72 -3.47 -20.83
N TYR K 74 -18.69 -4.14 -21.34
CA TYR K 74 -18.09 -5.25 -20.60
C TYR K 74 -16.61 -5.36 -20.91
N ASN K 75 -15.86 -5.83 -19.92
CA ASN K 75 -14.41 -6.01 -20.02
C ASN K 75 -14.08 -7.42 -20.51
N VAL K 76 -14.34 -7.64 -21.81
CA VAL K 76 -14.08 -8.95 -22.40
C VAL K 76 -12.60 -9.30 -22.30
N SER K 77 -12.34 -10.57 -21.98
CA SER K 77 -10.99 -11.07 -21.75
C SER K 77 -10.43 -11.76 -22.99
N VAL K 78 -9.13 -11.61 -23.18
CA VAL K 78 -8.42 -12.30 -24.26
C VAL K 78 -8.55 -13.82 -24.11
N ASN K 79 -8.31 -14.33 -22.91
CA ASN K 79 -8.41 -15.77 -22.67
C ASN K 79 -9.78 -16.31 -23.04
N SER K 80 -10.83 -15.55 -22.75
CA SER K 80 -12.17 -15.94 -23.14
C SER K 80 -12.26 -16.17 -24.64
N LEU K 81 -11.74 -15.23 -25.43
CA LEU K 81 -11.72 -15.40 -26.88
C LEU K 81 -10.92 -16.63 -27.30
N ILE K 82 -9.72 -16.80 -26.73
CA ILE K 82 -8.85 -17.90 -27.15
C ILE K 82 -9.49 -19.25 -26.85
N THR K 83 -9.93 -19.46 -25.61
CA THR K 83 -10.43 -20.78 -25.22
C THR K 83 -11.82 -21.08 -25.77
N PHE K 84 -12.62 -20.07 -26.10
CA PHE K 84 -13.98 -20.27 -26.60
C PHE K 84 -14.02 -20.02 -28.09
N ASP K 85 -14.66 -20.94 -28.81
CA ASP K 85 -14.93 -20.73 -30.24
C ASP K 85 -15.77 -19.48 -30.45
N VAL K 86 -15.42 -18.72 -31.49
CA VAL K 86 -16.09 -17.48 -31.84
C VAL K 86 -16.47 -17.53 -33.31
N TYR K 87 -17.63 -16.97 -33.63
CA TYR K 87 -18.17 -16.94 -34.98
C TYR K 87 -18.59 -15.52 -35.33
N LEU K 88 -18.54 -15.22 -36.63
CA LEU K 88 -19.14 -14.01 -37.16
C LEU K 88 -20.66 -14.12 -37.11
N ASP K 89 -21.31 -13.10 -36.54
CA ASP K 89 -22.75 -13.11 -36.37
C ASP K 89 -23.49 -13.03 -37.70
N GLU K 90 -22.81 -12.60 -38.76
CA GLU K 90 -23.42 -12.63 -40.09
C GLU K 90 -23.63 -14.05 -40.60
N GLU K 91 -22.89 -15.02 -40.06
CA GLU K 91 -22.96 -16.41 -40.53
C GLU K 91 -23.73 -17.31 -39.57
N TYR K 92 -23.40 -17.29 -38.28
CA TYR K 92 -23.97 -18.25 -37.35
C TYR K 92 -25.46 -18.01 -37.21
N SER K 93 -26.26 -19.06 -37.44
CA SER K 93 -27.69 -18.88 -37.59
C SER K 93 -28.39 -20.22 -37.37
N GLU K 94 -29.70 -20.12 -37.12
CA GLU K 94 -30.59 -21.27 -36.97
C GLU K 94 -30.88 -21.97 -38.29
N THR K 95 -30.50 -21.36 -39.42
CA THR K 95 -30.88 -21.87 -40.74
C THR K 95 -30.56 -23.36 -40.90
N THR K 96 -29.37 -23.79 -40.46
CA THR K 96 -28.97 -25.19 -40.61
C THR K 96 -28.14 -25.65 -39.41
N LYS K 97 -28.81 -26.24 -38.43
CA LYS K 97 -28.20 -26.95 -37.31
C LYS K 97 -28.07 -28.44 -37.64
N VAL K 98 -27.21 -28.72 -38.63
CA VAL K 98 -27.09 -30.06 -39.18
C VAL K 98 -26.51 -31.00 -38.13
N LYS K 99 -27.08 -32.20 -38.05
CA LYS K 99 -26.61 -33.19 -37.07
C LYS K 99 -25.17 -33.59 -37.34
N TYR K 100 -24.76 -33.67 -38.61
CA TYR K 100 -23.42 -34.08 -39.00
C TYR K 100 -22.78 -32.97 -39.80
N PRO K 101 -22.07 -32.04 -39.15
CA PRO K 101 -21.49 -30.90 -39.89
C PRO K 101 -20.36 -31.33 -40.81
N LYS K 102 -19.93 -30.38 -41.63
CA LYS K 102 -18.87 -30.64 -42.59
C LYS K 102 -17.57 -30.98 -41.88
N ASP K 103 -16.77 -31.82 -42.53
CA ASP K 103 -15.49 -32.33 -42.03
C ASP K 103 -15.66 -33.31 -40.87
N THR K 104 -16.90 -33.70 -40.55
CA THR K 104 -17.15 -34.66 -39.48
C THR K 104 -17.04 -36.07 -40.04
N ILE K 105 -16.34 -36.94 -39.30
CA ILE K 105 -16.23 -38.35 -39.68
C ILE K 105 -17.48 -39.06 -39.21
N VAL K 106 -18.17 -39.71 -40.16
CA VAL K 106 -19.43 -40.39 -39.87
C VAL K 106 -19.35 -41.81 -40.45
N GLU K 107 -20.14 -42.70 -39.85
CA GLU K 107 -20.19 -44.09 -40.26
C GLU K 107 -21.39 -44.32 -41.16
N TYR K 108 -21.16 -44.90 -42.34
CA TYR K 108 -22.19 -45.11 -43.34
C TYR K 108 -22.14 -46.55 -43.84
N THR K 109 -23.30 -47.12 -44.07
CA THR K 109 -23.43 -48.49 -44.56
C THR K 109 -23.32 -48.51 -46.08
N ARG K 110 -22.37 -49.28 -46.59
CA ARG K 110 -22.20 -49.43 -48.03
C ARG K 110 -23.06 -50.57 -48.55
N GLU K 111 -23.19 -50.62 -49.88
CA GLU K 111 -24.06 -51.61 -50.52
C GLU K 111 -23.59 -53.04 -50.27
N ASP K 112 -22.31 -53.24 -49.95
CA ASP K 112 -21.78 -54.58 -49.68
C ASP K 112 -21.95 -55.00 -48.23
N GLN K 113 -22.81 -54.32 -47.47
CA GLN K 113 -23.07 -54.66 -46.07
C GLN K 113 -21.81 -54.55 -45.22
N GLU K 114 -20.93 -53.60 -45.55
CA GLU K 114 -19.72 -53.35 -44.81
C GLU K 114 -19.71 -51.88 -44.37
N LYS K 115 -19.76 -51.66 -43.07
CA LYS K 115 -19.78 -50.30 -42.55
C LYS K 115 -18.41 -49.64 -42.72
N ASP K 116 -18.42 -48.43 -43.27
CA ASP K 116 -17.20 -47.66 -43.49
C ASP K 116 -17.38 -46.29 -42.88
N VAL K 117 -16.26 -45.64 -42.55
CA VAL K 117 -16.25 -44.30 -41.99
C VAL K 117 -15.65 -43.36 -43.03
N ALA K 118 -16.35 -42.26 -43.28
CA ALA K 118 -15.91 -41.26 -44.24
C ALA K 118 -16.21 -39.88 -43.68
N MET K 119 -15.47 -38.89 -44.19
CA MET K 119 -15.60 -37.51 -43.74
C MET K 119 -16.52 -36.75 -44.69
N ILE K 120 -17.48 -36.03 -44.12
CA ILE K 120 -18.44 -35.28 -44.94
C ILE K 120 -17.74 -34.09 -45.56
N LYS K 121 -17.65 -34.08 -46.89
CA LYS K 121 -16.99 -32.99 -47.60
C LYS K 121 -17.95 -31.92 -48.08
N GLU K 122 -19.20 -32.27 -48.37
CA GLU K 122 -20.17 -31.32 -48.88
C GLU K 122 -21.55 -31.70 -48.35
N ILE K 123 -22.34 -30.69 -48.01
CA ILE K 123 -23.71 -30.87 -47.54
C ILE K 123 -24.60 -29.87 -48.26
N LEU K 124 -25.79 -30.32 -48.66
CA LEU K 124 -26.77 -29.45 -49.31
C LEU K 124 -28.16 -29.81 -48.80
N THR K 125 -29.17 -29.14 -49.35
CA THR K 125 -30.54 -29.32 -48.93
C THR K 125 -31.45 -29.28 -50.16
N ASP K 126 -32.68 -29.76 -49.96
CA ASP K 126 -33.66 -29.87 -51.03
C ASP K 126 -34.96 -29.14 -50.65
N ASN K 127 -36.02 -29.37 -51.43
CA ASN K 127 -37.29 -28.67 -51.18
C ASN K 127 -37.82 -28.98 -49.79
N ASN K 128 -37.75 -30.22 -49.36
CA ASN K 128 -38.29 -30.62 -48.07
C ASN K 128 -37.41 -30.19 -46.90
N GLY K 129 -36.28 -29.54 -47.16
CA GLY K 129 -35.32 -29.22 -46.12
C GLY K 129 -34.46 -30.36 -45.66
N ASN K 130 -34.43 -31.47 -46.39
CA ASN K 130 -33.59 -32.58 -46.00
C ASN K 130 -32.11 -32.19 -46.08
N TYR K 131 -31.27 -33.04 -45.51
CA TYR K 131 -29.82 -32.84 -45.44
C TYR K 131 -29.13 -33.94 -46.27
N PHE K 132 -28.83 -33.62 -47.52
CA PHE K 132 -28.08 -34.54 -48.36
C PHE K 132 -26.61 -34.44 -48.02
N TYR K 133 -25.96 -35.59 -47.84
CA TYR K 133 -24.58 -35.67 -47.38
C TYR K 133 -23.71 -36.27 -48.48
N ALA K 134 -22.58 -35.63 -48.75
CA ALA K 134 -21.59 -36.13 -49.69
C ALA K 134 -20.40 -36.68 -48.93
N LEU K 135 -20.01 -37.91 -49.28
CA LEU K 135 -18.91 -38.60 -48.63
C LEU K 135 -17.80 -38.88 -49.65
N ILE K 136 -16.55 -38.76 -49.20
CA ILE K 136 -15.41 -38.91 -50.09
C ILE K 136 -15.35 -40.35 -50.61
N GLY K 137 -15.09 -40.49 -51.91
CA GLY K 137 -15.01 -41.78 -52.55
C GLY K 137 -16.33 -42.27 -53.13
N GLU K 138 -17.43 -41.55 -52.92
CA GLU K 138 -18.73 -41.94 -53.43
C GLU K 138 -19.42 -40.71 -54.01
N THR K 139 -20.22 -40.94 -55.06
CA THR K 139 -20.96 -39.88 -55.72
C THR K 139 -22.38 -39.74 -55.21
N MET K 140 -23.05 -40.85 -54.93
CA MET K 140 -24.42 -40.79 -54.42
C MET K 140 -24.45 -40.12 -53.06
N LEU K 141 -25.43 -39.25 -52.87
CA LEU K 141 -25.56 -38.48 -51.64
C LEU K 141 -26.48 -39.21 -50.67
N PHE K 142 -26.00 -39.43 -49.45
CA PHE K 142 -26.74 -40.18 -48.46
C PHE K 142 -27.75 -39.27 -47.74
N ASP K 143 -28.57 -39.90 -46.90
CA ASP K 143 -29.60 -39.23 -46.14
C ASP K 143 -29.28 -39.27 -44.64
N GLU K 144 -30.09 -38.56 -43.87
CA GLU K 144 -29.84 -38.43 -42.43
C GLU K 144 -29.97 -39.79 -41.74
N ASN K 145 -31.02 -40.55 -42.07
CA ASN K 145 -31.30 -41.78 -41.32
C ASN K 145 -30.22 -42.83 -41.57
N LYS K 146 -29.69 -42.90 -42.79
CA LYS K 146 -28.74 -43.95 -43.12
C LYS K 146 -27.45 -43.82 -42.32
N LEU K 147 -27.02 -42.59 -42.05
CA LEU K 147 -25.71 -42.36 -41.49
C LEU K 147 -25.69 -42.58 -39.98
N ASN K 148 -24.49 -42.53 -39.42
CA ASN K 148 -24.29 -42.70 -37.99
C ASN K 148 -22.99 -42.01 -37.61
N LYS K 149 -22.92 -41.55 -36.36
CA LYS K 149 -21.74 -40.87 -35.84
C LYS K 149 -21.03 -41.75 -34.83
N VAL K 150 -19.70 -41.69 -34.84
CA VAL K 150 -18.85 -42.39 -33.88
C VAL K 150 -18.07 -41.34 -33.10
N LYS K 151 -18.19 -41.37 -31.78
CA LYS K 151 -17.59 -40.37 -30.90
C LYS K 151 -16.56 -41.04 -30.01
N ASP K 152 -15.37 -40.44 -29.95
CA ASP K 152 -14.29 -40.93 -29.10
C ASP K 152 -13.87 -42.35 -29.50
N PRO L 9 15.22 15.36 -31.34
CA PRO L 9 14.25 14.45 -30.73
C PRO L 9 14.92 13.54 -29.69
N ILE L 10 14.09 12.73 -29.04
CA ILE L 10 14.55 11.77 -28.04
C ILE L 10 13.91 10.43 -28.35
N GLN L 11 14.67 9.35 -28.15
CA GLN L 11 14.24 8.01 -28.50
C GLN L 11 13.71 7.25 -27.28
N ASP L 12 13.25 7.97 -26.26
CA ASP L 12 12.90 7.36 -24.99
C ASP L 12 11.49 6.77 -24.97
N ALA L 13 10.72 6.93 -26.04
CA ALA L 13 9.36 6.41 -26.07
C ALA L 13 9.00 6.02 -27.50
N LYS L 14 8.29 4.90 -27.63
CA LYS L 14 7.81 4.42 -28.93
C LYS L 14 6.47 3.73 -28.71
N PRO L 15 5.43 4.48 -28.37
CA PRO L 15 4.15 3.85 -28.05
C PRO L 15 3.51 3.19 -29.26
N ILE L 16 2.78 2.12 -29.00
CA ILE L 16 2.04 1.39 -30.03
C ILE L 16 0.65 1.99 -30.14
N ASP L 17 0.19 2.15 -31.37
CA ASP L 17 -1.12 2.75 -31.64
C ASP L 17 -2.20 1.69 -31.77
N ASP L 18 -2.03 0.75 -32.70
CA ASP L 18 -3.06 -0.22 -32.99
C ASP L 18 -2.97 -1.40 -32.04
N ILE L 19 -4.13 -1.86 -31.57
CA ILE L 19 -4.21 -3.08 -30.78
C ILE L 19 -3.87 -4.29 -31.64
N VAL L 20 -4.12 -4.22 -32.95
CA VAL L 20 -3.80 -5.34 -33.83
C VAL L 20 -2.32 -5.62 -33.81
N ASP L 21 -1.49 -4.57 -33.86
CA ASP L 21 -0.04 -4.78 -33.76
C ASP L 21 0.32 -5.38 -32.41
N ILE L 22 -0.38 -4.98 -31.35
CA ILE L 22 -0.13 -5.52 -30.02
C ILE L 22 -0.38 -7.03 -30.02
N MET L 23 -1.52 -7.44 -30.58
CA MET L 23 -1.84 -8.86 -30.63
C MET L 23 -0.85 -9.60 -31.51
N THR L 24 -0.41 -8.98 -32.60
CA THR L 24 0.58 -9.62 -33.46
C THR L 24 1.89 -9.87 -32.72
N TYR L 25 2.33 -8.87 -31.94
CA TYR L 25 3.55 -9.04 -31.16
C TYR L 25 3.37 -10.07 -30.06
N LEU L 26 2.17 -10.12 -29.46
CA LEU L 26 1.90 -11.13 -28.45
C LEU L 26 1.97 -12.52 -29.05
N LYS L 27 1.47 -12.69 -30.27
CA LYS L 27 1.60 -13.98 -30.95
C LYS L 27 3.07 -14.34 -31.14
N ASN L 28 3.90 -13.36 -31.45
CA ASN L 28 5.33 -13.59 -31.56
C ASN L 28 5.97 -13.90 -30.21
N GLY L 29 5.29 -13.59 -29.11
CA GLY L 29 5.77 -13.93 -27.78
C GLY L 29 6.59 -12.85 -27.09
N LYS L 30 6.74 -11.68 -27.69
CA LYS L 30 7.54 -10.62 -27.09
C LYS L 30 6.78 -9.96 -25.95
N VAL L 31 7.51 -9.60 -24.90
CA VAL L 31 6.89 -9.05 -23.70
C VAL L 31 6.48 -7.60 -23.96
N LEU L 32 5.49 -7.14 -23.20
CA LEU L 32 4.96 -5.79 -23.31
C LEU L 32 4.99 -5.12 -21.94
N ARG L 33 5.01 -3.79 -21.96
CA ARG L 33 4.93 -2.97 -20.75
C ARG L 33 3.69 -2.10 -20.85
N VAL L 34 2.85 -2.15 -19.81
CA VAL L 34 1.54 -1.51 -19.82
C VAL L 34 1.45 -0.59 -18.61
N LYS L 35 1.32 0.70 -18.86
CA LYS L 35 1.28 1.68 -17.79
C LYS L 35 -0.07 1.66 -17.08
N GLN L 36 -0.10 2.30 -15.92
CA GLN L 36 -1.31 2.42 -15.11
C GLN L 36 -1.41 3.83 -14.58
N ASP L 37 -2.53 4.12 -13.92
CA ASP L 37 -2.83 5.44 -13.38
C ASP L 37 -2.69 5.41 -11.88
N ASN L 38 -1.73 6.17 -11.35
CA ASN L 38 -1.47 6.23 -9.91
C ASN L 38 -1.27 4.83 -9.34
N GLN L 39 -0.53 4.00 -10.08
CA GLN L 39 -0.45 2.58 -9.77
C GLN L 39 0.80 2.02 -10.42
N GLY L 40 1.21 0.84 -9.96
CA GLY L 40 2.44 0.25 -10.45
C GLY L 40 2.35 -0.16 -11.90
N ASP L 41 3.49 -0.14 -12.57
CA ASP L 41 3.56 -0.59 -13.95
C ASP L 41 3.42 -2.10 -14.02
N ILE L 42 3.00 -2.59 -15.18
CA ILE L 42 2.70 -4.00 -15.41
C ILE L 42 3.44 -4.48 -16.64
N LEU L 43 3.88 -5.74 -16.60
CA LEU L 43 4.37 -6.46 -17.77
C LEU L 43 3.38 -7.57 -18.11
N VAL L 44 3.16 -7.77 -19.41
CA VAL L 44 2.19 -8.74 -19.90
C VAL L 44 2.89 -9.67 -20.88
N ARG L 45 2.40 -10.90 -20.95
CA ARG L 45 3.07 -11.96 -21.69
C ARG L 45 2.06 -13.03 -22.07
N MET L 46 2.36 -13.75 -23.15
CA MET L 46 1.57 -14.89 -23.59
C MET L 46 2.26 -16.17 -23.15
N SER L 47 1.50 -17.06 -22.52
CA SER L 47 2.09 -18.28 -22.00
C SER L 47 2.56 -19.19 -23.15
N PRO L 48 3.64 -19.94 -22.95
CA PRO L 48 4.07 -20.88 -23.99
C PRO L 48 3.40 -22.25 -23.85
N GLY L 49 3.72 -23.15 -24.77
CA GLY L 49 3.25 -24.52 -24.66
C GLY L 49 1.94 -24.77 -25.37
N LYS L 50 1.29 -25.86 -24.97
CA LYS L 50 0.04 -26.27 -25.61
C LYS L 50 -1.05 -25.22 -25.40
N HIS L 51 -1.27 -24.83 -24.16
CA HIS L 51 -2.36 -23.92 -23.82
C HIS L 51 -1.87 -22.48 -23.86
N LYS L 52 -2.61 -21.64 -24.58
CA LYS L 52 -2.28 -20.23 -24.73
C LYS L 52 -3.18 -19.41 -23.83
N PHE L 53 -2.58 -18.60 -22.97
CA PHE L 53 -3.33 -17.69 -22.14
C PHE L 53 -2.40 -16.58 -21.65
N THR L 54 -2.99 -15.43 -21.34
CA THR L 54 -2.21 -14.28 -20.93
C THR L 54 -1.61 -14.48 -19.54
N GLU L 55 -0.45 -13.88 -19.33
CA GLU L 55 0.21 -13.87 -18.04
C GLU L 55 0.73 -12.47 -17.76
N VAL L 56 0.87 -12.15 -16.47
CA VAL L 56 1.25 -10.82 -16.03
C VAL L 56 2.37 -10.93 -15.02
N SER L 57 3.09 -9.83 -14.83
CA SER L 57 4.15 -9.74 -13.85
C SER L 57 4.16 -8.35 -13.24
N ARG L 58 4.24 -8.28 -11.92
CA ARG L 58 4.36 -7.02 -11.23
C ARG L 58 5.80 -6.49 -11.22
N ASP L 59 6.78 -7.34 -11.55
CA ASP L 59 8.17 -6.93 -11.61
C ASP L 59 8.46 -6.26 -12.95
N LEU L 60 9.52 -5.45 -12.97
CA LEU L 60 9.82 -4.61 -14.12
C LEU L 60 11.28 -4.74 -14.56
N ASP L 61 12.18 -5.00 -13.62
CA ASP L 61 13.60 -4.98 -13.94
C ASP L 61 13.97 -6.13 -14.87
N LYS L 62 15.09 -5.95 -15.56
CA LYS L 62 15.56 -6.95 -16.50
C LYS L 62 15.95 -8.25 -15.79
N GLU L 63 15.72 -9.36 -16.46
CA GLU L 63 16.11 -10.65 -15.92
C GLU L 63 17.62 -10.75 -15.83
N SER L 64 18.10 -11.43 -14.79
CA SER L 64 19.53 -11.56 -14.54
C SER L 64 19.75 -12.78 -13.66
N PHE L 65 21.02 -13.05 -13.38
CA PHE L 65 21.36 -14.13 -12.46
C PHE L 65 20.85 -13.85 -11.04
N TYR L 66 20.66 -12.58 -10.70
CA TYR L 66 20.24 -12.17 -9.36
C TYR L 66 18.80 -11.69 -9.32
N TYR L 67 18.07 -11.77 -10.42
CA TYR L 67 16.73 -11.21 -10.49
C TYR L 67 15.95 -11.96 -11.57
N LYS L 68 14.83 -12.58 -11.18
CA LYS L 68 14.01 -13.35 -12.10
C LYS L 68 12.57 -12.89 -11.98
N ARG L 69 11.90 -12.79 -13.13
CA ARG L 69 10.52 -12.32 -13.16
C ARG L 69 9.56 -13.44 -12.78
N HIS L 70 8.44 -13.04 -12.19
CA HIS L 70 7.40 -13.97 -11.76
C HIS L 70 6.17 -13.76 -12.62
N TRP L 71 5.61 -14.86 -13.13
CA TRP L 71 4.49 -14.82 -14.05
C TRP L 71 3.33 -15.64 -13.49
N VAL L 72 2.12 -15.10 -13.64
CA VAL L 72 0.90 -15.76 -13.20
C VAL L 72 -0.21 -15.46 -14.21
N LEU L 73 -1.24 -16.30 -14.20
CA LEU L 73 -2.38 -16.10 -15.07
C LEU L 73 -3.20 -14.89 -14.63
N TYR L 74 -3.83 -14.24 -15.59
CA TYR L 74 -4.80 -13.19 -15.29
C TYR L 74 -5.68 -12.96 -16.51
N ASN L 75 -6.96 -12.67 -16.26
CA ASN L 75 -7.93 -12.37 -17.31
C ASN L 75 -7.80 -10.90 -17.73
N VAL L 76 -6.72 -10.63 -18.47
CA VAL L 76 -6.46 -9.28 -18.93
C VAL L 76 -7.59 -8.80 -19.83
N SER L 77 -7.99 -7.54 -19.64
CA SER L 77 -9.06 -6.92 -20.41
C SER L 77 -8.50 -6.13 -21.57
N VAL L 78 -9.10 -6.33 -22.76
CA VAL L 78 -8.72 -5.58 -23.96
C VAL L 78 -8.90 -4.09 -23.75
N ASN L 79 -9.85 -3.69 -22.89
CA ASN L 79 -10.05 -2.27 -22.61
C ASN L 79 -8.76 -1.63 -22.09
N SER L 80 -8.08 -2.29 -21.17
CA SER L 80 -6.80 -1.77 -20.68
C SER L 80 -5.81 -1.58 -21.82
N LEU L 81 -5.64 -2.60 -22.66
CA LEU L 81 -4.70 -2.51 -23.77
C LEU L 81 -5.04 -1.36 -24.72
N ILE L 82 -6.29 -1.30 -25.18
CA ILE L 82 -6.69 -0.27 -26.15
C ILE L 82 -6.56 1.12 -25.54
N THR L 83 -6.94 1.28 -24.27
CA THR L 83 -6.90 2.59 -23.63
C THR L 83 -5.49 2.95 -23.18
N PHE L 84 -4.90 2.15 -22.30
CA PHE L 84 -3.61 2.51 -21.73
C PHE L 84 -2.51 2.41 -22.78
N ASP L 85 -1.41 3.13 -22.51
CA ASP L 85 -0.25 3.10 -23.38
C ASP L 85 0.52 1.80 -23.22
N VAL L 86 1.15 1.38 -24.32
CA VAL L 86 1.84 0.09 -24.40
C VAL L 86 3.17 0.28 -25.09
N TYR L 87 4.19 -0.44 -24.62
CA TYR L 87 5.53 -0.40 -25.19
C TYR L 87 6.09 -1.81 -25.27
N LEU L 88 7.13 -1.96 -26.07
CA LEU L 88 7.94 -3.16 -26.02
C LEU L 88 8.84 -3.12 -24.78
N ASP L 89 8.88 -4.23 -24.03
CA ASP L 89 9.60 -4.22 -22.77
C ASP L 89 11.09 -3.98 -22.96
N GLU L 90 11.69 -4.61 -23.98
CA GLU L 90 13.13 -4.54 -24.14
C GLU L 90 13.59 -3.14 -24.51
N GLU L 91 12.78 -2.38 -25.24
CA GLU L 91 13.18 -1.11 -25.80
C GLU L 91 12.66 0.08 -25.00
N TYR L 92 12.08 -0.15 -23.82
CA TYR L 92 11.53 0.93 -23.02
C TYR L 92 12.64 1.66 -22.28
N SER L 93 12.49 2.98 -22.17
CA SER L 93 13.42 3.82 -21.43
C SER L 93 12.80 4.22 -20.10
N GLU L 94 13.57 4.10 -19.03
CA GLU L 94 13.02 4.30 -17.69
C GLU L 94 12.52 5.72 -17.51
N THR L 95 13.36 6.71 -17.82
CA THR L 95 13.02 8.10 -17.57
C THR L 95 13.76 8.98 -18.55
N THR L 96 13.10 10.07 -18.96
CA THR L 96 13.73 11.19 -19.62
C THR L 96 13.76 12.35 -18.63
N LYS L 97 14.96 12.82 -18.30
CA LYS L 97 15.14 13.79 -17.22
C LYS L 97 14.68 15.16 -17.70
N VAL L 98 13.36 15.37 -17.63
CA VAL L 98 12.74 16.65 -17.93
C VAL L 98 11.80 17.00 -16.79
N LYS L 99 11.62 18.31 -16.57
CA LYS L 99 10.79 18.76 -15.46
C LYS L 99 9.35 18.32 -15.63
N TYR L 100 8.82 18.43 -16.85
CA TYR L 100 7.41 18.18 -17.12
C TYR L 100 7.26 16.90 -17.93
N PRO L 101 6.38 15.97 -17.56
CA PRO L 101 6.14 14.81 -18.43
C PRO L 101 5.26 15.18 -19.62
N LYS L 102 5.29 14.30 -20.62
CA LYS L 102 4.41 14.44 -21.76
C LYS L 102 2.95 14.25 -21.34
N ASP L 103 2.05 14.97 -22.00
CA ASP L 103 0.63 14.95 -21.69
C ASP L 103 0.40 15.35 -20.23
N THR L 104 0.82 16.57 -19.91
CA THR L 104 0.68 17.14 -18.57
C THR L 104 0.12 18.54 -18.69
N ILE L 105 -0.76 18.90 -17.75
CA ILE L 105 -1.39 20.21 -17.78
C ILE L 105 -0.35 21.27 -17.46
N VAL L 106 -0.24 22.28 -18.31
CA VAL L 106 0.73 23.35 -18.16
C VAL L 106 0.07 24.68 -18.50
N GLU L 107 0.69 25.76 -18.03
CA GLU L 107 0.23 27.11 -18.25
C GLU L 107 1.34 27.93 -18.89
N TYR L 108 0.95 28.89 -19.73
CA TYR L 108 1.91 29.71 -20.46
C TYR L 108 1.25 31.03 -20.79
N THR L 109 1.97 31.86 -21.56
CA THR L 109 1.48 33.15 -22.03
C THR L 109 1.61 33.20 -23.54
N ARG L 110 0.59 33.75 -24.20
CA ARG L 110 0.57 33.81 -25.65
C ARG L 110 1.41 34.99 -26.13
N GLU L 111 1.44 35.18 -27.46
CA GLU L 111 2.27 36.22 -28.04
C GLU L 111 1.77 37.60 -27.67
N ASP L 112 0.47 37.76 -27.44
CA ASP L 112 -0.12 39.04 -27.06
C ASP L 112 -0.18 39.23 -25.55
N GLN L 113 0.72 38.58 -24.80
CA GLN L 113 0.78 38.71 -23.35
C GLN L 113 -0.52 38.26 -22.68
N GLU L 114 -1.20 37.28 -23.28
CA GLU L 114 -2.41 36.70 -22.71
C GLU L 114 -2.09 35.32 -22.14
N LYS L 115 -2.54 35.07 -20.92
CA LYS L 115 -2.28 33.79 -20.27
C LYS L 115 -3.25 32.73 -20.80
N ASP L 116 -2.74 31.52 -20.99
CA ASP L 116 -3.53 30.41 -21.51
C ASP L 116 -2.97 29.11 -20.97
N VAL L 117 -3.84 28.11 -20.89
CA VAL L 117 -3.45 26.77 -20.44
C VAL L 117 -3.33 25.87 -21.66
N ALA L 118 -2.59 24.77 -21.49
CA ALA L 118 -2.39 23.81 -22.56
C ALA L 118 -1.72 22.58 -21.97
N MET L 119 -1.59 21.56 -22.80
CA MET L 119 -0.83 20.35 -22.49
C MET L 119 0.39 20.27 -23.39
N ILE L 120 1.42 19.59 -22.91
CA ILE L 120 2.67 19.51 -23.67
C ILE L 120 2.45 18.63 -24.90
N LYS L 121 2.83 19.14 -26.06
CA LYS L 121 2.68 18.43 -27.31
C LYS L 121 3.91 17.63 -27.69
N GLU L 122 5.10 18.15 -27.37
CA GLU L 122 6.35 17.49 -27.71
C GLU L 122 7.42 17.91 -26.70
N ILE L 123 8.35 16.99 -26.45
CA ILE L 123 9.49 17.22 -25.56
C ILE L 123 10.76 17.08 -26.40
N LEU L 124 11.59 18.12 -26.37
CA LEU L 124 12.74 18.22 -27.25
C LEU L 124 13.95 18.70 -26.45
N THR L 125 15.12 18.59 -27.06
CA THR L 125 16.36 19.06 -26.45
C THR L 125 17.35 19.37 -27.54
N ASP L 126 18.32 20.23 -27.20
CA ASP L 126 19.43 20.51 -28.09
C ASP L 126 20.60 19.58 -27.76
N ASN L 127 21.72 19.79 -28.45
CA ASN L 127 22.89 18.95 -28.22
C ASN L 127 23.56 19.29 -26.89
N ASN L 128 23.34 20.48 -26.35
CA ASN L 128 23.92 20.89 -25.08
C ASN L 128 23.08 20.51 -23.87
N GLY L 129 21.96 19.81 -24.07
CA GLY L 129 21.12 19.40 -22.98
C GLY L 129 20.01 20.37 -22.62
N ASN L 130 19.98 21.56 -23.22
CA ASN L 130 18.90 22.49 -22.97
C ASN L 130 17.60 21.93 -23.55
N TYR L 131 16.55 21.95 -22.74
CA TYR L 131 15.27 21.32 -23.09
C TYR L 131 14.28 22.36 -23.56
N PHE L 132 13.67 22.12 -24.72
CA PHE L 132 12.61 22.95 -25.27
C PHE L 132 11.31 22.17 -25.32
N TYR L 133 10.20 22.88 -25.14
CA TYR L 133 8.88 22.27 -25.06
C TYR L 133 7.92 22.97 -26.01
N ALA L 134 7.09 22.17 -26.67
CA ALA L 134 6.06 22.66 -27.57
C ALA L 134 4.69 22.31 -27.01
N LEU L 135 3.80 23.29 -26.96
CA LEU L 135 2.47 23.14 -26.40
C LEU L 135 1.43 23.02 -27.51
N ILE L 136 0.25 22.54 -27.14
CA ILE L 136 -0.84 22.39 -28.09
C ILE L 136 -1.33 23.78 -28.49
N GLY L 137 -1.52 23.98 -29.79
CA GLY L 137 -1.92 25.28 -30.29
C GLY L 137 -0.82 26.30 -30.37
N GLU L 138 0.44 25.89 -30.12
CA GLU L 138 1.59 26.79 -30.17
C GLU L 138 2.70 26.10 -30.94
N THR L 139 3.01 26.62 -32.13
CA THR L 139 4.07 26.01 -32.93
C THR L 139 5.45 26.33 -32.39
N MET L 140 5.62 27.51 -31.78
CA MET L 140 6.92 27.92 -31.27
C MET L 140 7.29 27.09 -30.04
N LEU L 141 8.58 27.13 -29.71
CA LEU L 141 9.11 26.40 -28.58
C LEU L 141 9.14 27.31 -27.34
N PHE L 142 9.06 26.68 -26.18
CA PHE L 142 9.00 27.38 -24.89
C PHE L 142 10.11 26.89 -23.98
N ASP L 143 10.68 27.83 -23.22
CA ASP L 143 11.70 27.47 -22.24
C ASP L 143 11.07 26.73 -21.07
N GLU L 144 11.91 26.03 -20.32
CA GLU L 144 11.44 25.35 -19.11
C GLU L 144 10.91 26.35 -18.10
N ASN L 145 11.58 27.50 -17.97
CA ASN L 145 11.13 28.52 -17.03
C ASN L 145 9.82 29.15 -17.48
N LYS L 146 9.67 29.38 -18.80
CA LYS L 146 8.48 30.05 -19.30
C LYS L 146 7.22 29.24 -19.04
N LEU L 147 7.35 27.91 -18.96
CA LEU L 147 6.20 27.08 -18.64
C LEU L 147 5.92 27.11 -17.13
N ASN L 148 4.72 26.68 -16.78
CA ASN L 148 4.32 26.55 -15.38
C ASN L 148 3.49 25.29 -15.22
N LYS L 149 3.84 24.49 -14.22
CA LYS L 149 3.16 23.22 -13.97
C LYS L 149 1.87 23.50 -13.21
N VAL L 150 0.73 23.25 -13.86
CA VAL L 150 -0.56 23.53 -13.25
C VAL L 150 -0.87 22.49 -12.19
N LYS L 151 -1.42 22.94 -11.07
CA LYS L 151 -1.76 22.03 -9.98
C LYS L 151 -3.12 21.39 -10.24
N ASP L 152 -3.22 20.11 -9.91
CA ASP L 152 -4.46 19.37 -10.10
C ASP L 152 -5.51 19.78 -9.08
N SER M 16 -65.60 10.75 -73.86
CA SER M 16 -65.02 9.39 -74.01
C SER M 16 -64.27 8.99 -72.75
N LEU M 17 -63.92 7.70 -72.65
CA LEU M 17 -63.24 7.19 -71.47
C LEU M 17 -62.58 5.87 -71.84
N ASN M 18 -61.52 5.54 -71.09
CA ASN M 18 -60.75 4.32 -71.29
C ASN M 18 -60.83 3.46 -70.04
N TYR M 19 -61.10 2.17 -70.23
CA TYR M 19 -61.20 1.25 -69.11
C TYR M 19 -61.36 -0.16 -69.66
N GLU M 20 -61.00 -1.14 -68.83
CA GLU M 20 -61.35 -2.52 -69.12
C GLU M 20 -62.86 -2.68 -69.06
N TYR M 21 -63.41 -3.45 -69.99
CA TYR M 21 -64.86 -3.47 -70.19
C TYR M 21 -65.64 -3.79 -68.92
N PRO M 22 -65.29 -4.81 -68.14
CA PRO M 22 -66.05 -5.06 -66.90
C PRO M 22 -66.00 -3.90 -65.91
N TYR M 23 -64.88 -3.18 -65.87
CA TYR M 23 -64.65 -2.15 -64.85
C TYR M 23 -64.93 -0.77 -65.43
N HIS M 24 -65.85 -0.04 -64.79
CA HIS M 24 -66.12 1.35 -65.10
C HIS M 24 -65.56 2.22 -63.98
N PRO M 25 -64.78 3.26 -64.26
CA PRO M 25 -64.30 4.11 -63.16
C PRO M 25 -65.41 4.71 -62.33
N SER M 26 -66.55 5.02 -62.94
CA SER M 26 -67.72 5.49 -62.22
C SER M 26 -68.54 4.29 -61.77
N GLY M 27 -68.83 4.23 -60.48
CA GLY M 27 -69.62 3.14 -59.93
C GLY M 27 -68.80 2.00 -59.39
N ASN M 28 -68.06 1.31 -60.26
CA ASN M 28 -67.30 0.12 -59.89
C ASN M 28 -65.87 0.23 -60.40
N PRO M 29 -65.10 1.18 -59.88
CA PRO M 29 -63.70 1.30 -60.32
C PRO M 29 -62.90 0.07 -59.93
N LYS M 30 -61.96 -0.29 -60.79
CA LYS M 30 -61.10 -1.43 -60.51
C LYS M 30 -60.17 -1.12 -59.34
N HIS M 31 -60.00 -2.11 -58.47
CA HIS M 31 -59.19 -2.02 -57.27
C HIS M 31 -58.08 -3.04 -57.22
N ILE M 32 -58.35 -4.29 -57.60
CA ILE M 32 -57.40 -5.38 -57.48
C ILE M 32 -57.40 -6.18 -58.78
N ASP M 33 -56.20 -6.50 -59.27
CA ASP M 33 -56.04 -7.45 -60.36
C ASP M 33 -56.36 -8.86 -59.87
N VAL M 34 -57.07 -9.61 -60.72
CA VAL M 34 -57.47 -10.97 -60.38
C VAL M 34 -56.27 -11.84 -60.01
N SER M 35 -55.17 -11.70 -60.76
CA SER M 35 -54.00 -12.54 -60.51
C SER M 35 -53.40 -12.29 -59.13
N GLU M 36 -53.36 -11.03 -58.70
CA GLU M 36 -52.75 -10.70 -57.41
C GLU M 36 -53.50 -11.30 -56.22
N ILE M 37 -54.75 -11.74 -56.41
CA ILE M 37 -55.51 -12.32 -55.30
C ILE M 37 -54.77 -13.51 -54.70
N ASP M 38 -54.18 -14.35 -55.54
CA ASP M 38 -53.41 -15.48 -55.02
C ASP M 38 -52.15 -15.02 -54.31
N ASN M 39 -51.53 -13.94 -54.79
CA ASN M 39 -50.27 -13.49 -54.21
C ASN M 39 -50.47 -12.97 -52.78
N LEU M 40 -51.49 -12.16 -52.55
CA LEU M 40 -51.74 -11.59 -51.23
C LEU M 40 -51.91 -12.69 -50.18
N THR M 41 -51.21 -12.53 -49.07
CA THR M 41 -51.19 -13.51 -47.99
C THR M 41 -51.31 -12.80 -46.65
N LEU M 42 -51.45 -13.61 -45.60
CA LEU M 42 -51.57 -13.10 -44.23
C LEU M 42 -50.40 -12.18 -43.86
N ALA M 43 -49.20 -12.49 -44.33
CA ALA M 43 -48.03 -11.68 -43.97
C ALA M 43 -48.20 -10.24 -44.45
N ASP M 44 -48.79 -10.06 -45.63
CA ASP M 44 -49.00 -8.72 -46.17
C ASP M 44 -49.89 -7.88 -45.26
N TYR M 45 -50.84 -8.51 -44.58
CA TYR M 45 -51.76 -7.83 -43.69
C TYR M 45 -51.19 -7.64 -42.28
N GLY M 46 -49.92 -7.95 -42.06
CA GLY M 46 -49.30 -7.86 -40.76
C GLY M 46 -49.53 -9.01 -39.80
N TRP M 47 -50.19 -10.08 -40.22
CA TRP M 47 -50.40 -11.23 -39.34
C TRP M 47 -49.22 -12.20 -39.39
N SER M 48 -48.03 -11.65 -39.14
CA SER M 48 -46.84 -12.46 -38.93
C SER M 48 -46.77 -12.93 -37.47
N PRO M 49 -46.13 -14.07 -37.21
CA PRO M 49 -45.85 -14.43 -35.81
C PRO M 49 -45.06 -13.39 -35.04
N ASP M 50 -44.23 -12.60 -35.74
CA ASP M 50 -43.45 -11.55 -35.07
C ASP M 50 -44.36 -10.59 -34.29
N ALA M 51 -45.45 -10.16 -34.91
CA ALA M 51 -46.40 -9.27 -34.24
C ALA M 51 -46.91 -9.88 -32.93
N VAL M 52 -47.32 -11.13 -32.98
CA VAL M 52 -47.76 -11.83 -31.76
C VAL M 52 -46.67 -11.81 -30.71
N LYS M 53 -45.44 -12.17 -31.10
CA LYS M 53 -44.32 -12.14 -30.16
C LYS M 53 -44.11 -10.73 -29.60
N ALA M 54 -44.22 -9.71 -30.44
CA ALA M 54 -44.07 -8.33 -29.97
C ALA M 54 -45.05 -8.02 -28.84
N TYR M 55 -46.32 -8.37 -29.03
CA TYR M 55 -47.31 -8.19 -27.96
C TYR M 55 -46.96 -8.98 -26.71
N MET M 56 -46.22 -10.08 -26.84
CA MET M 56 -45.75 -10.85 -25.70
C MET M 56 -44.32 -10.52 -25.30
N PHE M 57 -43.86 -9.31 -25.64
CA PHE M 57 -42.47 -8.91 -25.40
C PHE M 57 -42.05 -9.17 -23.97
N GLY M 58 -40.93 -9.87 -23.80
CA GLY M 58 -40.44 -10.27 -22.51
C GLY M 58 -40.96 -11.59 -22.00
N ILE M 59 -41.93 -12.20 -22.67
CA ILE M 59 -42.41 -13.54 -22.33
C ILE M 59 -42.02 -14.50 -23.44
N VAL M 60 -41.37 -15.59 -23.07
CA VAL M 60 -40.92 -16.62 -24.00
C VAL M 60 -41.49 -17.95 -23.54
N VAL M 61 -42.00 -18.72 -24.50
CA VAL M 61 -42.69 -19.98 -24.23
C VAL M 61 -41.86 -21.13 -24.79
N GLN M 62 -41.64 -22.13 -23.95
CA GLN M 62 -40.83 -23.30 -24.30
C GLN M 62 -41.46 -24.56 -23.73
N ASN M 63 -41.14 -25.68 -24.35
CA ASN M 63 -41.42 -26.99 -23.78
C ASN M 63 -40.48 -27.27 -22.62
N PRO M 64 -40.97 -27.35 -21.37
CA PRO M 64 -40.04 -27.47 -20.23
C PRO M 64 -39.16 -28.70 -20.27
N ASP M 65 -39.59 -29.76 -20.95
CA ASP M 65 -38.79 -30.97 -21.05
C ASP M 65 -37.63 -30.84 -22.03
N THR M 66 -37.65 -29.83 -22.91
CA THR M 66 -36.60 -29.65 -23.91
C THR M 66 -36.25 -28.17 -23.98
N GLY M 67 -35.39 -27.83 -24.94
CA GLY M 67 -35.11 -26.45 -25.27
C GLY M 67 -35.89 -25.93 -26.46
N GLN M 68 -36.96 -26.61 -26.83
CA GLN M 68 -37.68 -26.31 -28.07
C GLN M 68 -38.78 -25.29 -27.82
N PRO M 69 -38.65 -24.04 -28.29
CA PRO M 69 -39.83 -23.18 -28.41
C PRO M 69 -40.68 -23.52 -29.62
N MET M 70 -41.97 -23.25 -29.49
CA MET M 70 -42.91 -23.45 -30.59
C MET M 70 -42.52 -22.63 -31.81
N GLY M 71 -42.51 -23.29 -32.96
CA GLY M 71 -42.17 -22.65 -34.21
C GLY M 71 -43.29 -21.79 -34.78
N ASP M 72 -42.96 -21.12 -35.89
CA ASP M 72 -43.91 -20.27 -36.59
C ASP M 72 -45.09 -21.04 -37.15
N GLU M 73 -44.95 -22.34 -37.39
CA GLU M 73 -46.05 -23.15 -37.91
C GLU M 73 -47.29 -23.06 -37.02
N PHE M 74 -47.11 -23.25 -35.72
CA PHE M 74 -48.22 -23.12 -34.78
C PHE M 74 -48.83 -21.73 -34.85
N TYR M 75 -48.00 -20.69 -34.82
CA TYR M 75 -48.50 -19.32 -34.85
C TYR M 75 -49.32 -19.05 -36.10
N ASN M 76 -48.81 -19.40 -37.28
CA ASN M 76 -49.58 -19.24 -38.52
C ASN M 76 -50.89 -20.02 -38.44
N HIS M 77 -50.82 -21.26 -38.00
CA HIS M 77 -52.03 -22.07 -37.84
C HIS M 77 -53.04 -21.38 -36.92
N ILE M 78 -52.59 -20.93 -35.75
CA ILE M 78 -53.47 -20.21 -34.83
C ILE M 78 -54.02 -18.95 -35.48
N LEU M 79 -53.15 -18.17 -36.11
CA LEU M 79 -53.58 -16.91 -36.74
C LEU M 79 -54.62 -17.16 -37.83
N GLU M 80 -54.48 -18.23 -38.61
CA GLU M 80 -55.46 -18.53 -39.64
C GLU M 80 -56.83 -18.82 -39.03
N ARG M 81 -56.88 -19.61 -37.97
CA ARG M 81 -58.15 -19.86 -37.30
C ARG M 81 -58.65 -18.64 -36.54
N ALA M 82 -57.75 -17.78 -36.06
CA ALA M 82 -58.18 -16.51 -35.46
C ALA M 82 -58.85 -15.59 -36.48
N VAL M 83 -58.26 -15.42 -37.65
CA VAL M 83 -58.88 -14.60 -38.68
C VAL M 83 -60.17 -15.23 -39.19
N GLY M 84 -60.25 -16.55 -39.21
CA GLY M 84 -61.53 -17.19 -39.43
C GLY M 84 -62.58 -16.85 -38.38
N LYS M 85 -62.19 -16.94 -37.10
CA LYS M 85 -63.13 -16.61 -36.03
C LYS M 85 -63.64 -15.19 -36.11
N ALA M 86 -62.75 -14.22 -36.37
CA ALA M 86 -63.20 -12.85 -36.53
C ALA M 86 -64.11 -12.69 -37.74
N GLU M 87 -63.82 -13.42 -38.82
CA GLU M 87 -64.67 -13.39 -40.00
C GLU M 87 -66.10 -13.87 -39.69
N ARG M 88 -66.26 -14.80 -38.77
CA ARG M 88 -67.61 -15.14 -38.30
C ARG M 88 -68.16 -14.11 -37.32
N ALA M 89 -67.30 -13.51 -36.49
CA ALA M 89 -67.77 -12.60 -35.45
C ALA M 89 -68.44 -11.36 -36.02
N LEU M 90 -68.05 -10.94 -37.22
CA LEU M 90 -68.84 -10.06 -38.07
C LEU M 90 -69.09 -10.76 -39.39
N ASP M 91 -70.29 -10.63 -39.94
CA ASP M 91 -70.65 -11.35 -41.16
C ASP M 91 -69.94 -10.70 -42.36
N ILE M 92 -68.71 -11.15 -42.60
CA ILE M 92 -67.75 -10.43 -43.41
C ILE M 92 -67.00 -11.44 -44.28
N SER M 93 -66.40 -10.95 -45.35
CA SER M 93 -65.26 -11.60 -45.99
C SER M 93 -64.02 -10.76 -45.73
N ILE M 94 -62.96 -11.41 -45.26
CA ILE M 94 -61.83 -10.71 -44.63
C ILE M 94 -60.54 -10.89 -45.41
N LEU M 95 -60.53 -11.76 -46.43
CA LEU M 95 -59.45 -11.82 -47.40
C LEU M 95 -60.02 -11.76 -48.81
N PRO M 96 -59.27 -11.17 -49.75
CA PRO M 96 -59.76 -11.10 -51.13
C PRO M 96 -60.02 -12.47 -51.72
N ASP M 97 -61.23 -12.64 -52.27
CA ASP M 97 -61.69 -13.96 -52.69
C ASP M 97 -62.79 -13.79 -53.73
N THR M 98 -62.63 -14.47 -54.87
CA THR M 98 -63.64 -14.47 -55.92
C THR M 98 -64.84 -15.33 -55.56
N GLN M 99 -66.03 -14.86 -55.95
CA GLN M 99 -67.29 -15.54 -55.64
C GLN M 99 -68.09 -15.72 -56.93
N HIS M 100 -68.63 -16.92 -57.12
CA HIS M 100 -69.59 -17.25 -58.17
C HIS M 100 -70.96 -17.50 -57.54
N GLU M 101 -71.84 -16.49 -57.61
CA GLU M 101 -73.07 -16.47 -56.85
C GLU M 101 -74.28 -16.53 -57.79
N MET M 102 -75.21 -17.42 -57.50
CA MET M 102 -76.52 -17.50 -58.13
C MET M 102 -77.60 -17.00 -57.17
N ARG M 103 -78.37 -16.02 -57.60
CA ARG M 103 -79.39 -15.37 -56.78
C ARG M 103 -80.76 -15.45 -57.44
N ASP M 104 -81.78 -15.50 -56.60
CA ASP M 104 -83.17 -15.65 -57.01
C ASP M 104 -83.78 -14.34 -57.44
N TYR M 105 -84.91 -14.44 -58.16
CA TYR M 105 -85.67 -13.28 -58.61
C TYR M 105 -86.82 -13.00 -57.64
N HIS M 106 -86.71 -11.89 -56.93
CA HIS M 106 -87.76 -11.35 -56.07
C HIS M 106 -88.27 -10.05 -56.70
N GLU M 107 -89.57 -9.99 -56.95
CA GLU M 107 -90.10 -8.93 -57.81
C GLU M 107 -89.89 -7.55 -57.21
N THR M 108 -90.14 -7.37 -55.91
CA THR M 108 -90.13 -6.03 -55.35
C THR M 108 -88.73 -5.42 -55.40
N GLU M 109 -87.70 -6.20 -55.10
CA GLU M 109 -86.33 -5.69 -55.23
C GLU M 109 -85.94 -5.54 -56.69
N PHE M 110 -86.42 -6.44 -57.54
CA PHE M 110 -86.14 -6.34 -58.97
C PHE M 110 -86.67 -5.04 -59.55
N ASN M 111 -87.90 -4.68 -59.19
CA ASN M 111 -88.45 -3.41 -59.64
C ASN M 111 -87.71 -2.24 -58.99
N SER M 112 -87.08 -2.46 -57.84
CA SER M 112 -86.30 -1.42 -57.16
C SER M 112 -84.87 -1.37 -57.71
N TYR M 113 -84.78 -1.12 -59.01
CA TYR M 113 -83.50 -0.99 -59.70
C TYR M 113 -82.64 -2.24 -59.58
N MET M 114 -83.27 -3.40 -59.48
CA MET M 114 -82.56 -4.68 -59.40
C MET M 114 -81.60 -4.71 -58.21
N PHE M 115 -82.10 -4.31 -57.04
CA PHE M 115 -81.28 -4.31 -55.84
C PHE M 115 -80.86 -5.73 -55.49
N VAL M 116 -79.59 -5.89 -55.15
CA VAL M 116 -79.01 -7.18 -54.77
C VAL M 116 -78.10 -6.97 -53.56
N HIS M 117 -78.25 -7.84 -52.56
CA HIS M 117 -77.42 -7.83 -51.36
C HIS M 117 -76.51 -9.06 -51.38
N ALA M 118 -75.25 -8.85 -51.75
CA ALA M 118 -74.28 -9.94 -51.85
C ALA M 118 -74.11 -10.64 -50.50
N TYR M 119 -73.87 -11.95 -50.57
CA TYR M 119 -73.64 -12.73 -49.36
C TYR M 119 -72.35 -12.35 -48.66
N ARG M 120 -71.28 -12.11 -49.41
CA ARG M 120 -69.97 -11.78 -48.85
C ARG M 120 -69.62 -10.34 -49.17
N LYS M 121 -69.36 -9.55 -48.13
CA LYS M 121 -69.02 -8.14 -48.21
C LYS M 121 -67.74 -7.87 -47.44
N PRO M 122 -66.99 -6.82 -47.80
CA PRO M 122 -67.20 -5.86 -48.90
C PRO M 122 -67.01 -6.41 -50.30
N ILE M 123 -67.51 -5.69 -51.29
CA ILE M 123 -67.29 -5.97 -52.70
C ILE M 123 -66.21 -5.05 -53.23
N LEU M 124 -65.04 -5.62 -53.57
CA LEU M 124 -64.00 -4.82 -54.20
C LEU M 124 -64.41 -4.42 -55.62
N GLN M 125 -64.95 -5.36 -56.39
CA GLN M 125 -65.29 -5.08 -57.78
C GLN M 125 -66.19 -6.19 -58.30
N VAL M 126 -66.94 -5.84 -59.34
CA VAL M 126 -67.89 -6.75 -59.99
C VAL M 126 -67.45 -6.98 -61.43
N GLU M 127 -67.31 -8.25 -61.79
CA GLU M 127 -66.85 -8.68 -63.11
C GLU M 127 -68.02 -8.97 -64.06
N ASN M 128 -69.01 -9.74 -63.61
CA ASN M 128 -70.12 -10.18 -64.45
C ASN M 128 -71.42 -10.06 -63.69
N LEU M 129 -72.48 -9.76 -64.44
CA LEU M 129 -73.84 -9.70 -63.90
C LEU M 129 -74.80 -9.96 -65.05
N GLN M 130 -75.33 -11.18 -65.10
CA GLN M 130 -76.12 -11.67 -66.22
C GLN M 130 -77.40 -12.29 -65.72
N LEU M 131 -78.40 -12.32 -66.61
CA LEU M 131 -79.66 -12.99 -66.37
C LEU M 131 -79.76 -14.18 -67.31
N GLN M 132 -79.99 -15.36 -66.74
CA GLN M 132 -80.03 -16.61 -67.49
C GLN M 132 -81.24 -17.43 -67.10
N PHE M 133 -81.62 -18.33 -68.01
CA PHE M 133 -82.83 -19.13 -67.88
C PHE M 133 -82.54 -20.61 -67.69
N ASN M 134 -81.67 -21.19 -68.52
CA ASN M 134 -81.31 -22.60 -68.44
C ASN M 134 -79.82 -22.80 -68.66
N GLY M 135 -79.01 -21.84 -68.22
CA GLY M 135 -77.59 -21.82 -68.51
C GLY M 135 -77.23 -21.01 -69.74
N ARG M 136 -78.21 -20.62 -70.55
CA ARG M 136 -77.98 -19.79 -71.73
C ARG M 136 -78.24 -18.34 -71.34
N PRO M 137 -77.28 -17.41 -71.49
CA PRO M 137 -77.55 -16.03 -71.08
C PRO M 137 -78.66 -15.38 -71.89
N ILE M 138 -79.78 -15.09 -71.23
CA ILE M 138 -80.87 -14.42 -71.90
C ILE M 138 -80.51 -12.97 -72.21
N TYR M 139 -79.90 -12.28 -71.26
CA TYR M 139 -79.61 -10.86 -71.40
C TYR M 139 -78.46 -10.50 -70.49
N LYS M 140 -77.43 -9.88 -71.05
CA LYS M 140 -76.26 -9.44 -70.30
C LYS M 140 -76.21 -7.92 -70.31
N TYR M 141 -76.11 -7.33 -69.12
CA TYR M 141 -76.26 -5.89 -69.00
C TYR M 141 -74.99 -5.17 -69.45
N PRO M 142 -75.10 -3.93 -69.94
CA PRO M 142 -73.90 -3.14 -70.19
C PRO M 142 -73.14 -2.88 -68.90
N ALA M 143 -71.82 -2.73 -69.05
CA ALA M 143 -70.98 -2.52 -67.89
C ALA M 143 -71.31 -1.20 -67.19
N ASN M 144 -71.54 -0.14 -67.95
CA ASN M 144 -71.80 1.17 -67.37
C ASN M 144 -73.12 1.22 -66.62
N TRP M 145 -74.07 0.33 -66.94
CA TRP M 145 -75.37 0.39 -66.30
C TRP M 145 -75.27 0.08 -64.81
N TRP M 146 -74.61 -1.01 -64.46
CA TRP M 146 -74.63 -1.49 -63.09
C TRP M 146 -73.68 -0.69 -62.20
N LYS M 147 -74.09 -0.49 -60.95
CA LYS M 147 -73.32 0.27 -59.98
C LYS M 147 -73.36 -0.45 -58.64
N VAL M 148 -72.35 -0.19 -57.82
CA VAL M 148 -72.12 -0.96 -56.59
C VAL M 148 -71.98 -0.02 -55.40
N GLU M 149 -72.28 -0.57 -54.22
CA GLU M 149 -71.93 0.02 -52.93
C GLU M 149 -70.96 -0.92 -52.23
N HIS M 150 -69.69 -0.52 -52.17
CA HIS M 150 -68.62 -1.45 -51.80
C HIS M 150 -68.82 -2.01 -50.40
N LEU M 151 -68.93 -1.14 -49.40
CA LEU M 151 -68.97 -1.60 -48.01
C LEU M 151 -70.21 -2.45 -47.75
N ALA M 152 -71.39 -1.93 -48.06
CA ALA M 152 -72.62 -2.67 -47.82
C ALA M 152 -72.79 -3.81 -48.81
N GLY M 153 -72.08 -3.78 -49.94
CA GLY M 153 -72.23 -4.76 -50.98
C GLY M 153 -73.46 -4.65 -51.85
N HIS M 154 -74.22 -3.57 -51.74
CA HIS M 154 -75.39 -3.42 -52.58
C HIS M 154 -74.97 -3.31 -54.05
N VAL M 155 -75.63 -4.07 -54.90
CA VAL M 155 -75.48 -4.00 -56.35
C VAL M 155 -76.80 -3.55 -56.93
N GLN M 156 -76.77 -2.43 -57.65
CA GLN M 156 -77.96 -1.82 -58.21
C GLN M 156 -77.71 -1.42 -59.65
N LEU M 157 -78.79 -1.37 -60.42
CA LEU M 157 -78.73 -1.17 -61.87
C LEU M 157 -79.51 0.09 -62.24
N PHE M 158 -78.90 0.89 -63.12
CA PHE M 158 -79.44 2.18 -63.56
C PHE M 158 -79.46 2.22 -65.08
N PRO M 159 -80.52 1.68 -65.71
CA PRO M 159 -80.55 1.63 -67.18
C PRO M 159 -80.48 3.02 -67.81
N THR M 160 -79.83 3.08 -68.97
CA THR M 160 -79.70 4.31 -69.74
C THR M 160 -79.91 3.96 -71.21
N ALA M 161 -79.61 4.91 -72.09
CA ALA M 161 -79.74 4.70 -73.52
C ALA M 161 -78.50 4.01 -74.08
N ALA M 190 -96.05 -16.29 -61.16
CA ALA M 190 -95.89 -16.08 -59.73
C ALA M 190 -95.03 -14.85 -59.46
N THR M 191 -94.78 -14.58 -58.18
CA THR M 191 -94.06 -13.39 -57.77
C THR M 191 -92.56 -13.59 -57.62
N PHE M 192 -92.06 -14.82 -57.82
CA PHE M 192 -90.63 -15.06 -57.66
C PHE M 192 -90.23 -16.30 -58.44
N ALA M 193 -88.93 -16.40 -58.72
CA ALA M 193 -88.36 -17.54 -59.41
C ALA M 193 -86.95 -17.77 -58.88
N PRO M 194 -86.44 -19.00 -59.00
CA PRO M 194 -85.13 -19.30 -58.41
C PRO M 194 -83.96 -19.15 -59.37
N GLN M 195 -82.86 -18.61 -58.84
CA GLN M 195 -81.55 -18.59 -59.50
C GLN M 195 -81.62 -18.04 -60.92
N MET M 196 -82.32 -16.91 -61.07
CA MET M 196 -82.50 -16.34 -62.39
C MET M 196 -81.24 -15.61 -62.86
N ILE M 197 -80.57 -14.93 -61.94
CA ILE M 197 -79.43 -14.07 -62.25
C ILE M 197 -78.14 -14.73 -61.77
N ARG M 198 -77.05 -14.41 -62.47
CA ARG M 198 -75.72 -14.95 -62.20
C ARG M 198 -74.77 -13.80 -61.89
N LEU M 199 -74.16 -13.84 -60.71
CA LEU M 199 -73.31 -12.77 -60.19
C LEU M 199 -71.91 -13.29 -59.90
N GLU M 200 -70.91 -12.60 -60.44
CA GLU M 200 -69.50 -12.87 -60.19
C GLU M 200 -68.83 -11.61 -59.67
N TYR M 201 -68.14 -11.73 -58.54
CA TYR M 201 -67.52 -10.57 -57.91
C TYR M 201 -66.41 -11.02 -56.98
N VAL M 202 -65.59 -10.05 -56.57
CA VAL M 202 -64.46 -10.25 -55.67
C VAL M 202 -64.76 -9.63 -54.31
N SER M 203 -64.68 -10.45 -53.27
CA SER M 203 -65.02 -10.06 -51.90
C SER M 203 -63.76 -10.06 -51.05
N GLY M 204 -63.71 -9.15 -50.07
CA GLY M 204 -62.63 -9.07 -49.11
C GLY M 204 -62.19 -7.63 -48.91
N MET M 205 -60.98 -7.46 -48.35
CA MET M 205 -60.41 -6.15 -48.09
C MET M 205 -58.94 -6.09 -48.51
N LEU M 206 -58.58 -4.99 -49.16
CA LEU M 206 -57.19 -4.72 -49.49
C LEU M 206 -56.40 -4.31 -48.25
N PRO M 207 -55.08 -4.59 -48.21
CA PRO M 207 -54.25 -4.04 -47.13
C PRO M 207 -54.22 -2.52 -47.16
N ARG M 208 -54.18 -1.93 -45.97
CA ARG M 208 -54.13 -0.48 -45.83
C ARG M 208 -52.85 0.11 -46.40
N LYS M 209 -53.00 1.11 -47.27
CA LYS M 209 -51.88 1.74 -47.97
C LYS M 209 -51.25 2.85 -47.15
N LYS M 210 -52.06 3.73 -46.56
CA LYS M 210 -51.59 4.90 -45.85
C LYS M 210 -51.83 4.76 -44.35
N ALA M 211 -50.93 5.35 -43.58
CA ALA M 211 -50.94 5.26 -42.13
C ALA M 211 -52.21 5.84 -41.53
N GLY M 212 -52.77 5.12 -40.55
CA GLY M 212 -53.87 5.60 -39.75
C GLY M 212 -55.15 5.88 -40.48
N ARG M 213 -55.30 5.35 -41.69
CA ARG M 213 -56.42 5.70 -42.56
C ARG M 213 -56.88 4.42 -43.24
N ASN M 214 -58.14 4.41 -43.67
CA ASN M 214 -58.58 3.35 -44.56
C ASN M 214 -59.81 3.79 -45.36
N LYS M 215 -59.81 3.41 -46.64
CA LYS M 215 -60.98 3.51 -47.48
C LYS M 215 -62.03 2.47 -47.08
N PRO M 216 -63.30 2.68 -47.43
CA PRO M 216 -64.30 1.63 -47.19
C PRO M 216 -63.93 0.27 -47.77
N TRP M 217 -63.25 0.25 -48.91
CA TRP M 217 -62.72 -0.97 -49.50
C TRP M 217 -61.42 -1.44 -48.86
N GLU M 218 -61.00 -0.85 -47.74
CA GLU M 218 -59.68 -1.01 -47.18
C GLU M 218 -59.82 -1.51 -45.75
N MET M 219 -58.87 -2.35 -45.34
CA MET M 219 -58.89 -2.97 -44.01
C MET M 219 -58.60 -1.99 -42.87
N PRO M 220 -59.50 -1.79 -41.91
CA PRO M 220 -59.15 -0.96 -40.75
C PRO M 220 -58.14 -1.69 -39.89
N PRO M 221 -57.21 -0.98 -39.26
CA PRO M 221 -56.14 -1.68 -38.52
C PRO M 221 -56.64 -2.56 -37.38
N GLU M 222 -57.82 -2.30 -36.83
CA GLU M 222 -58.30 -3.08 -35.69
C GLU M 222 -58.62 -4.52 -36.07
N LEU M 223 -59.15 -4.79 -37.26
CA LEU M 223 -59.38 -6.18 -37.60
C LEU M 223 -58.06 -6.93 -37.51
N GLU M 224 -56.97 -6.27 -37.90
CA GLU M 224 -55.65 -6.85 -37.70
C GLU M 224 -55.41 -7.12 -36.23
N GLN M 225 -55.64 -6.10 -35.39
CA GLN M 225 -55.47 -6.23 -33.94
C GLN M 225 -56.45 -7.22 -33.32
N LEU M 226 -57.71 -7.19 -33.76
CA LEU M 226 -58.70 -8.12 -33.23
C LEU M 226 -58.29 -9.57 -33.45
N VAL M 227 -57.85 -9.88 -34.66
CA VAL M 227 -57.37 -11.22 -34.97
C VAL M 227 -56.15 -11.55 -34.12
N ILE M 228 -55.27 -10.58 -33.91
CA ILE M 228 -54.13 -10.78 -33.02
C ILE M 228 -54.60 -11.15 -31.62
N LYS M 229 -55.58 -10.41 -31.10
CA LYS M 229 -56.07 -10.68 -29.74
C LYS M 229 -56.77 -12.03 -29.65
N TYR M 230 -57.50 -12.42 -30.69
CA TYR M 230 -58.04 -13.78 -30.72
C TYR M 230 -56.93 -14.83 -30.75
N ALA M 231 -55.84 -14.54 -31.45
CA ALA M 231 -54.70 -15.44 -31.45
C ALA M 231 -54.06 -15.54 -30.08
N LEU M 232 -53.85 -14.39 -29.43
CA LEU M 232 -53.25 -14.38 -28.09
C LEU M 232 -54.08 -15.14 -27.07
N LYS M 233 -55.41 -15.11 -27.19
CA LYS M 233 -56.24 -15.95 -26.35
C LYS M 233 -55.81 -17.41 -26.40
N GLU M 234 -55.56 -17.94 -27.60
CA GLU M 234 -55.09 -19.31 -27.70
C GLU M 234 -53.70 -19.47 -27.10
N ILE M 235 -52.80 -18.52 -27.38
CA ILE M 235 -51.43 -18.60 -26.90
C ILE M 235 -51.39 -18.61 -25.38
N TYR M 236 -52.09 -17.68 -24.74
CA TYR M 236 -52.13 -17.65 -23.29
C TYR M 236 -52.81 -18.89 -22.71
N GLN M 237 -53.81 -19.43 -23.41
CA GLN M 237 -54.39 -20.70 -23.00
C GLN M 237 -53.38 -21.84 -23.05
N VAL M 238 -52.31 -21.70 -23.83
CA VAL M 238 -51.20 -22.64 -23.86
C VAL M 238 -50.16 -22.30 -22.81
N TRP M 239 -49.65 -21.07 -22.87
CA TRP M 239 -48.54 -20.66 -22.02
C TRP M 239 -48.87 -20.72 -20.54
N GLY M 240 -50.13 -20.52 -20.17
CA GLY M 240 -50.50 -20.55 -18.76
C GLY M 240 -50.23 -21.86 -18.06
N ASN M 241 -50.12 -22.96 -18.81
CA ASN M 241 -49.92 -24.28 -18.21
C ASN M 241 -48.46 -24.56 -17.82
N LEU M 242 -47.50 -23.90 -18.45
CA LEU M 242 -46.10 -24.34 -18.44
C LEU M 242 -45.21 -23.57 -17.49
N ILE M 243 -45.74 -22.64 -16.69
CA ILE M 243 -44.88 -21.80 -15.87
C ILE M 243 -44.15 -22.64 -14.81
N ILE M 244 -44.86 -23.53 -14.12
CA ILE M 244 -44.25 -24.41 -13.13
C ILE M 244 -44.98 -25.76 -13.17
N GLY M 245 -44.28 -26.77 -13.68
CA GLY M 245 -44.83 -28.13 -13.71
C GLY M 245 -46.19 -28.21 -14.37
N ALA M 246 -47.14 -28.83 -13.67
CA ALA M 246 -48.53 -28.75 -14.06
C ALA M 246 -49.43 -28.95 -12.85
N GLY M 247 -50.47 -28.13 -12.75
CA GLY M 247 -51.40 -28.22 -11.64
C GLY M 247 -50.85 -27.85 -10.29
N ILE M 248 -49.72 -27.14 -10.23
CA ILE M 248 -49.08 -26.79 -8.98
C ILE M 248 -49.45 -25.35 -8.66
N ALA M 249 -50.12 -25.15 -7.53
CA ALA M 249 -50.49 -23.81 -7.06
C ALA M 249 -49.46 -23.23 -6.11
N ASN M 250 -49.16 -23.96 -5.04
CA ASN M 250 -48.24 -23.53 -3.99
C ASN M 250 -47.17 -24.59 -3.79
N LYS M 251 -45.95 -24.14 -3.50
CA LYS M 251 -44.86 -25.04 -3.17
C LYS M 251 -43.88 -24.34 -2.24
N THR M 252 -43.25 -25.13 -1.37
CA THR M 252 -42.13 -24.66 -0.58
C THR M 252 -41.20 -25.82 -0.27
N LEU M 253 -39.90 -25.55 -0.36
CA LEU M 253 -38.86 -26.57 -0.30
C LEU M 253 -37.75 -26.06 0.61
N GLU M 254 -37.35 -26.90 1.57
CA GLU M 254 -36.31 -26.58 2.54
C GLU M 254 -35.29 -27.71 2.58
N VAL M 255 -34.05 -27.39 2.26
CA VAL M 255 -32.94 -28.34 2.30
C VAL M 255 -31.74 -27.66 2.96
N ASP M 256 -31.22 -28.29 4.00
CA ASP M 256 -29.89 -27.99 4.55
C ASP M 256 -29.69 -26.50 4.81
N GLY M 257 -30.69 -25.88 5.43
CA GLY M 257 -30.62 -24.48 5.80
C GLY M 257 -30.95 -23.47 4.74
N ILE M 258 -31.27 -23.89 3.51
CA ILE M 258 -31.79 -23.00 2.48
C ILE M 258 -33.23 -23.40 2.15
N THR M 259 -34.11 -22.40 2.09
CA THR M 259 -35.54 -22.61 1.93
C THR M 259 -36.08 -21.65 0.88
N GLU M 260 -37.08 -22.12 0.12
CA GLU M 260 -37.75 -21.30 -0.87
C GLU M 260 -39.23 -21.61 -0.86
N THR M 261 -40.04 -20.56 -1.06
CA THR M 261 -41.49 -20.65 -1.19
C THR M 261 -41.97 -19.84 -2.37
N ILE M 262 -42.87 -20.43 -3.16
CA ILE M 262 -43.44 -19.79 -4.34
C ILE M 262 -44.94 -20.04 -4.33
N GLY M 263 -45.71 -19.00 -4.61
CA GLY M 263 -47.13 -19.12 -4.85
C GLY M 263 -47.60 -18.61 -6.19
N THR M 264 -47.99 -19.53 -7.07
CA THR M 264 -48.32 -19.21 -8.46
C THR M 264 -49.71 -18.58 -8.55
N THR M 265 -49.98 -17.98 -9.71
CA THR M 265 -51.33 -17.55 -10.03
C THR M 265 -52.30 -18.71 -10.24
N GLN M 266 -51.79 -19.93 -10.42
CA GLN M 266 -52.68 -21.08 -10.55
C GLN M 266 -53.54 -21.23 -9.32
N SER M 267 -54.79 -21.64 -9.52
CA SER M 267 -55.68 -21.94 -8.42
C SER M 267 -56.73 -22.93 -8.91
N ALA M 268 -57.40 -23.57 -7.95
CA ALA M 268 -58.50 -24.47 -8.27
C ALA M 268 -59.59 -23.77 -9.08
N MET M 269 -59.86 -22.50 -8.78
CA MET M 269 -60.93 -21.78 -9.45
C MET M 269 -60.51 -21.13 -10.76
N TYR M 270 -59.25 -20.77 -10.92
CA TYR M 270 -58.81 -20.06 -12.12
C TYR M 270 -57.40 -20.47 -12.51
N GLY M 271 -57.18 -20.53 -13.82
CA GLY M 271 -55.89 -20.90 -14.36
C GLY M 271 -54.88 -19.78 -14.30
N GLY M 272 -53.62 -20.16 -14.50
CA GLY M 272 -52.51 -19.24 -14.30
C GLY M 272 -52.54 -18.02 -15.21
N ALA M 273 -53.02 -18.18 -16.44
CA ALA M 273 -53.15 -17.08 -17.38
C ALA M 273 -54.53 -16.45 -17.40
N SER M 274 -55.43 -16.85 -16.50
CA SER M 274 -56.81 -16.39 -16.55
C SER M 274 -56.93 -14.88 -16.51
N ALA M 275 -56.03 -14.22 -15.78
CA ALA M 275 -56.04 -12.75 -15.74
C ALA M 275 -55.79 -12.13 -17.11
N GLN M 276 -54.81 -12.65 -17.84
CA GLN M 276 -54.55 -12.13 -19.19
C GLN M 276 -55.72 -12.40 -20.13
N ILE M 277 -56.25 -13.61 -20.13
CA ILE M 277 -57.40 -13.93 -20.97
C ILE M 277 -58.58 -13.01 -20.66
N LEU M 278 -58.89 -12.84 -19.38
CA LEU M 278 -60.04 -12.04 -19.00
C LEU M 278 -59.88 -10.56 -19.37
N GLN M 279 -58.64 -10.05 -19.33
CA GLN M 279 -58.39 -8.71 -19.86
C GLN M 279 -58.49 -8.64 -21.38
N ILE M 280 -58.03 -9.68 -22.07
CA ILE M 280 -58.21 -9.76 -23.51
C ILE M 280 -59.69 -9.72 -23.89
N ASN M 281 -60.53 -10.45 -23.16
CA ASN M 281 -61.97 -10.39 -23.41
C ASN M 281 -62.52 -8.98 -23.22
N GLU M 282 -62.12 -8.30 -22.14
CA GLU M 282 -62.59 -6.95 -21.88
C GLU M 282 -62.27 -6.00 -23.02
N ASP M 283 -61.09 -6.16 -23.63
CA ASP M 283 -60.73 -5.34 -24.78
C ASP M 283 -61.46 -5.76 -26.05
N ILE M 284 -61.52 -7.06 -26.32
CA ILE M 284 -62.21 -7.56 -27.51
C ILE M 284 -63.68 -7.13 -27.52
N LYS M 285 -64.37 -7.21 -26.38
CA LYS M 285 -65.77 -6.79 -26.36
C LYS M 285 -65.93 -5.33 -26.75
N GLU M 286 -65.11 -4.45 -26.17
CA GLU M 286 -65.15 -3.04 -26.56
C GLU M 286 -64.78 -2.90 -28.03
N LEU M 287 -63.71 -3.57 -28.44
CA LEU M 287 -63.22 -3.48 -29.81
C LEU M 287 -64.25 -3.99 -30.81
N LEU M 288 -64.93 -5.09 -30.47
CA LEU M 288 -65.89 -5.71 -31.38
C LEU M 288 -67.21 -4.96 -31.44
N ASP M 289 -67.72 -4.51 -30.28
CA ASP M 289 -68.94 -3.71 -30.27
C ASP M 289 -68.78 -2.42 -31.05
N GLY M 290 -67.65 -1.74 -30.88
CA GLY M 290 -67.39 -0.54 -31.66
C GLY M 290 -67.30 -0.78 -33.15
N LEU M 291 -66.66 -1.89 -33.54
CA LEU M 291 -66.50 -2.17 -34.96
C LEU M 291 -67.81 -2.57 -35.63
N ARG M 292 -68.70 -3.26 -34.91
CA ARG M 292 -70.01 -3.57 -35.48
C ARG M 292 -70.77 -2.33 -35.91
N ALA M 293 -70.52 -1.20 -35.26
CA ALA M 293 -71.12 0.07 -35.67
C ALA M 293 -70.60 0.56 -37.01
N TYR M 294 -69.43 0.07 -37.45
CA TYR M 294 -68.92 0.43 -38.77
C TYR M 294 -69.66 -0.30 -39.88
N PHE M 295 -70.14 -1.51 -39.62
CA PHE M 295 -70.87 -2.31 -40.60
C PHE M 295 -72.38 -2.21 -40.43
N GLY M 296 -72.85 -2.19 -39.18
CA GLY M 296 -74.26 -2.09 -38.88
C GLY M 296 -75.02 -3.40 -38.90
N TYR M 297 -76.28 -3.30 -38.50
CA TYR M 297 -77.19 -4.42 -38.45
C TYR M 297 -77.62 -4.87 -39.84
N ASN M 298 -78.07 -6.11 -39.91
CA ASN M 298 -78.51 -6.75 -41.15
C ASN M 298 -80.04 -6.75 -41.21
N MET M 299 -80.58 -6.46 -42.39
CA MET M 299 -82.01 -6.41 -42.62
C MET M 299 -82.35 -7.15 -43.90
N ILE M 300 -83.49 -7.83 -43.90
CA ILE M 300 -84.03 -8.48 -45.08
C ILE M 300 -85.55 -8.34 -45.07
N GLY M 301 -86.11 -8.01 -46.23
CA GLY M 301 -87.55 -7.91 -46.35
C GLY M 301 -88.23 -9.26 -46.32
N LEU M 302 -89.52 -9.21 -46.02
CA LEU M 302 -90.35 -10.42 -45.94
C LEU M 302 -91.82 -10.09 -46.16
N SER N 16 -66.70 42.58 -55.08
CA SER N 16 -65.77 41.58 -55.67
C SER N 16 -65.07 40.79 -54.58
N LEU N 17 -64.44 39.68 -54.96
CA LEU N 17 -63.75 38.83 -54.00
C LEU N 17 -62.72 38.00 -54.75
N ASN N 18 -61.65 37.64 -54.04
CA ASN N 18 -60.56 36.85 -54.60
C ASN N 18 -60.49 35.51 -53.88
N TYR N 19 -60.41 34.44 -54.64
CA TYR N 19 -60.34 33.10 -54.07
C TYR N 19 -60.10 32.10 -55.19
N GLU N 20 -59.53 30.95 -54.80
CA GLU N 20 -59.50 29.81 -55.71
C GLU N 20 -60.92 29.34 -55.96
N TYR N 21 -61.21 28.98 -57.21
CA TYR N 21 -62.59 28.73 -57.63
C TYR N 21 -63.32 27.71 -56.77
N PRO N 22 -62.75 26.55 -56.44
CA PRO N 22 -63.48 25.60 -55.58
C PRO N 22 -63.80 26.15 -54.21
N TYR N 23 -62.96 27.03 -53.68
CA TYR N 23 -63.08 27.50 -52.30
C TYR N 23 -63.67 28.90 -52.29
N HIS N 24 -64.77 29.07 -51.55
CA HIS N 24 -65.36 30.37 -51.30
C HIS N 24 -65.16 30.74 -49.83
N PRO N 25 -64.67 31.94 -49.51
CA PRO N 25 -64.53 32.28 -48.08
C PRO N 25 -65.81 32.17 -47.29
N SER N 26 -66.95 32.51 -47.90
CA SER N 26 -68.24 32.31 -47.28
C SER N 26 -68.72 30.89 -47.56
N GLY N 27 -69.14 30.20 -46.52
CA GLY N 27 -69.62 28.84 -46.65
C GLY N 27 -68.56 27.78 -46.47
N ASN N 28 -67.61 27.69 -47.39
CA ASN N 28 -66.57 26.66 -47.37
C ASN N 28 -65.20 27.29 -47.56
N PRO N 29 -64.74 28.08 -46.59
CA PRO N 29 -63.41 28.68 -46.70
C PRO N 29 -62.33 27.61 -46.70
N LYS N 30 -61.26 27.89 -47.43
CA LYS N 30 -60.14 26.95 -47.45
C LYS N 30 -59.44 26.89 -46.10
N HIS N 31 -59.06 25.67 -45.72
CA HIS N 31 -58.39 25.39 -44.45
C HIS N 31 -57.08 24.66 -44.63
N ILE N 32 -57.00 23.70 -45.55
CA ILE N 32 -55.84 22.84 -45.71
C ILE N 32 -55.49 22.74 -47.19
N ASP N 33 -54.21 22.90 -47.50
CA ASP N 33 -53.68 22.60 -48.81
C ASP N 33 -53.69 21.09 -49.06
N VAL N 34 -54.06 20.72 -50.28
CA VAL N 34 -54.15 19.30 -50.65
C VAL N 34 -52.80 18.61 -50.49
N SER N 35 -51.71 19.27 -50.89
CA SER N 35 -50.40 18.64 -50.82
C SER N 35 -49.98 18.35 -49.38
N GLU N 36 -50.30 19.24 -48.46
CA GLU N 36 -49.92 19.05 -47.05
C GLU N 36 -50.60 17.84 -46.40
N ILE N 37 -51.66 17.30 -47.01
CA ILE N 37 -52.32 16.13 -46.45
C ILE N 37 -51.33 14.99 -46.23
N ASP N 38 -50.47 14.74 -47.22
CA ASP N 38 -49.46 13.70 -47.07
C ASP N 38 -48.48 14.04 -45.95
N ASN N 39 -48.04 15.29 -45.88
CA ASN N 39 -47.01 15.68 -44.91
C ASN N 39 -47.49 15.45 -43.47
N LEU N 40 -48.71 15.88 -43.16
CA LEU N 40 -49.21 15.76 -41.79
C LEU N 40 -49.22 14.31 -41.33
N THR N 41 -48.70 14.08 -40.12
CA THR N 41 -48.56 12.75 -39.55
C THR N 41 -48.86 12.80 -38.06
N LEU N 42 -48.72 11.64 -37.40
CA LEU N 42 -49.00 11.51 -35.97
C LEU N 42 -48.15 12.45 -35.12
N ALA N 43 -46.88 12.64 -35.48
CA ALA N 43 -46.00 13.50 -34.68
C ALA N 43 -46.56 14.91 -34.56
N ASP N 44 -47.17 15.42 -35.63
CA ASP N 44 -47.73 16.76 -35.61
C ASP N 44 -48.77 16.93 -34.51
N TYR N 45 -49.56 15.89 -34.26
CA TYR N 45 -50.61 15.95 -33.26
C TYR N 45 -50.13 15.58 -31.86
N GLY N 46 -48.82 15.47 -31.66
CA GLY N 46 -48.26 15.10 -30.37
C GLY N 46 -48.28 13.64 -30.01
N TRP N 47 -48.76 12.75 -30.88
CA TRP N 47 -48.75 11.31 -30.60
C TRP N 47 -47.36 10.75 -30.93
N SER N 48 -46.39 11.14 -30.09
CA SER N 48 -45.06 10.56 -30.11
C SER N 48 -44.92 9.51 -29.02
N PRO N 49 -44.01 8.53 -29.19
CA PRO N 49 -43.72 7.61 -28.08
C PRO N 49 -43.32 8.30 -26.79
N ASP N 50 -42.62 9.44 -26.88
CA ASP N 50 -42.24 10.19 -25.68
C ASP N 50 -43.46 10.57 -24.85
N ALA N 51 -44.56 10.93 -25.51
CA ALA N 51 -45.81 11.21 -24.81
C ALA N 51 -46.25 10.03 -23.96
N VAL N 52 -46.26 8.83 -24.55
CA VAL N 52 -46.58 7.63 -23.78
C VAL N 52 -45.63 7.47 -22.59
N LYS N 53 -44.33 7.60 -22.83
CA LYS N 53 -43.36 7.51 -21.74
C LYS N 53 -43.64 8.54 -20.66
N ALA N 54 -43.95 9.78 -21.04
CA ALA N 54 -44.21 10.83 -20.06
C ALA N 54 -45.31 10.43 -19.09
N TYR N 55 -46.43 9.93 -19.60
CA TYR N 55 -47.48 9.42 -18.71
C TYR N 55 -47.02 8.24 -17.88
N MET N 56 -46.00 7.51 -18.31
CA MET N 56 -45.39 6.44 -17.53
C MET N 56 -44.12 6.90 -16.82
N PHE N 57 -44.05 8.18 -16.48
CA PHE N 57 -42.89 8.77 -15.81
C PHE N 57 -42.48 7.99 -14.58
N GLY N 58 -41.24 7.50 -14.60
CA GLY N 58 -40.70 6.64 -13.57
C GLY N 58 -40.80 5.14 -13.84
N ILE N 59 -41.51 4.73 -14.88
CA ILE N 59 -41.64 3.33 -15.25
C ILE N 59 -40.87 3.11 -16.55
N VAL N 60 -40.04 2.06 -16.56
CA VAL N 60 -39.30 1.63 -17.75
C VAL N 60 -39.76 0.23 -18.10
N VAL N 61 -40.19 0.06 -19.36
CA VAL N 61 -40.65 -1.23 -19.86
C VAL N 61 -39.44 -1.95 -20.44
N GLN N 62 -39.01 -3.02 -19.78
CA GLN N 62 -37.77 -3.69 -20.10
C GLN N 62 -37.96 -5.20 -19.95
N ASN N 63 -37.34 -5.95 -20.85
CA ASN N 63 -37.30 -7.40 -20.71
C ASN N 63 -36.64 -7.76 -19.37
N PRO N 64 -37.16 -8.76 -18.65
CA PRO N 64 -36.54 -9.13 -17.37
C PRO N 64 -35.26 -9.94 -17.53
N ASP N 65 -35.16 -10.75 -18.59
CA ASP N 65 -34.03 -11.66 -18.74
C ASP N 65 -32.90 -11.05 -19.55
N THR N 66 -33.14 -9.92 -20.21
CA THR N 66 -32.10 -9.18 -20.89
C THR N 66 -32.45 -7.70 -20.83
N GLY N 67 -31.42 -6.86 -20.94
CA GLY N 67 -31.48 -5.43 -20.70
C GLY N 67 -32.25 -4.63 -21.74
N GLN N 68 -32.86 -5.31 -22.70
CA GLN N 68 -33.51 -4.62 -23.81
C GLN N 68 -34.76 -3.86 -23.37
N PRO N 69 -34.90 -2.58 -23.71
CA PRO N 69 -36.20 -1.93 -23.69
C PRO N 69 -36.91 -2.03 -25.04
N MET N 70 -38.24 -2.02 -24.98
CA MET N 70 -39.05 -2.03 -26.20
C MET N 70 -38.87 -0.72 -26.97
N GLY N 71 -38.72 -0.85 -28.29
CA GLY N 71 -38.41 0.29 -29.14
C GLY N 71 -39.58 1.21 -29.45
N ASP N 72 -39.24 2.32 -30.09
CA ASP N 72 -40.22 3.31 -30.51
C ASP N 72 -41.19 2.77 -31.55
N GLU N 73 -40.73 1.87 -32.42
CA GLU N 73 -41.59 1.32 -33.47
C GLU N 73 -42.84 0.68 -32.89
N PHE N 74 -42.69 -0.12 -31.83
CA PHE N 74 -43.85 -0.70 -31.17
C PHE N 74 -44.83 0.37 -30.70
N TYR N 75 -44.33 1.45 -30.11
CA TYR N 75 -45.21 2.55 -29.69
C TYR N 75 -45.98 3.14 -30.88
N ASN N 76 -45.29 3.41 -31.98
CA ASN N 76 -45.96 3.91 -33.18
C ASN N 76 -47.03 2.93 -33.65
N HIS N 77 -46.68 1.64 -33.71
CA HIS N 77 -47.64 0.61 -34.09
C HIS N 77 -48.87 0.62 -33.18
N ILE N 78 -48.65 0.68 -31.87
CA ILE N 78 -49.74 0.79 -30.91
C ILE N 78 -50.53 2.08 -31.11
N LEU N 79 -49.82 3.21 -31.21
CA LEU N 79 -50.49 4.49 -31.38
C LEU N 79 -51.37 4.52 -32.63
N GLU N 80 -50.90 3.93 -33.73
CA GLU N 80 -51.71 3.87 -34.94
C GLU N 80 -52.99 3.09 -34.70
N ARG N 81 -52.93 2.02 -33.91
CA ARG N 81 -54.13 1.29 -33.52
C ARG N 81 -54.95 2.02 -32.48
N ALA N 82 -54.32 2.82 -31.62
CA ALA N 82 -55.09 3.63 -30.68
C ALA N 82 -55.94 4.69 -31.39
N VAL N 83 -55.34 5.43 -32.32
CA VAL N 83 -56.09 6.40 -33.11
C VAL N 83 -57.13 5.74 -33.99
N GLY N 84 -56.82 4.56 -34.55
CA GLY N 84 -57.83 3.81 -35.29
C GLY N 84 -59.03 3.39 -34.45
N LYS N 85 -58.78 2.85 -33.26
CA LYS N 85 -59.88 2.48 -32.38
C LYS N 85 -60.75 3.67 -32.03
N ALA N 86 -60.14 4.81 -31.72
CA ALA N 86 -60.89 6.03 -31.44
C ALA N 86 -61.72 6.47 -32.63
N GLU N 87 -61.17 6.39 -33.84
CA GLU N 87 -61.90 6.83 -35.04
C GLU N 87 -63.23 6.09 -35.23
N ARG N 88 -63.31 4.81 -34.89
CA ARG N 88 -64.61 4.14 -34.80
C ARG N 88 -65.40 4.49 -33.55
N ALA N 89 -64.75 4.52 -32.38
CA ALA N 89 -65.51 4.57 -31.13
C ALA N 89 -66.37 5.82 -31.09
N LEU N 90 -65.88 6.91 -31.66
CA LEU N 90 -66.73 8.02 -32.08
C LEU N 90 -66.63 8.08 -33.60
N ASP N 91 -67.76 8.02 -34.28
CA ASP N 91 -67.74 7.82 -35.73
C ASP N 91 -67.20 9.07 -36.40
N ILE N 92 -65.91 9.02 -36.73
CA ILE N 92 -65.14 10.19 -37.11
C ILE N 92 -64.22 9.76 -38.25
N SER N 93 -63.71 10.73 -39.00
CA SER N 93 -62.43 10.62 -39.68
C SER N 93 -61.51 11.69 -39.12
N ILE N 94 -60.38 11.26 -38.55
CA ILE N 94 -59.61 12.11 -37.65
C ILE N 94 -58.37 12.68 -38.33
N LEU N 95 -57.55 11.83 -38.95
CA LEU N 95 -56.47 12.32 -39.78
C LEU N 95 -57.02 12.89 -41.10
N PRO N 96 -56.41 13.96 -41.62
CA PRO N 96 -56.86 14.50 -42.91
C PRO N 96 -56.68 13.52 -44.05
N ASP N 97 -57.76 13.31 -44.81
CA ASP N 97 -57.68 12.49 -46.00
C ASP N 97 -58.72 12.93 -47.01
N THR N 98 -58.39 12.71 -48.29
CA THR N 98 -59.26 13.05 -49.42
C THR N 98 -60.24 11.92 -49.71
N GLN N 99 -61.50 12.27 -49.93
CA GLN N 99 -62.58 11.30 -50.12
C GLN N 99 -63.23 11.53 -51.48
N HIS N 100 -63.47 10.44 -52.20
CA HIS N 100 -64.28 10.40 -53.42
C HIS N 100 -65.58 9.66 -53.13
N GLU N 101 -66.68 10.40 -53.02
CA GLU N 101 -67.94 9.88 -52.49
C GLU N 101 -69.05 10.00 -53.53
N MET N 102 -69.74 8.89 -53.77
CA MET N 102 -70.97 8.84 -54.53
C MET N 102 -72.17 8.63 -53.60
N ARG N 103 -73.25 9.37 -53.86
CA ARG N 103 -74.44 9.33 -53.05
C ARG N 103 -75.69 9.24 -53.92
N ASP N 104 -76.72 8.63 -53.35
CA ASP N 104 -78.00 8.39 -54.00
C ASP N 104 -78.89 9.62 -53.95
N TYR N 105 -79.87 9.64 -54.84
CA TYR N 105 -80.86 10.71 -54.90
C TYR N 105 -82.12 10.29 -54.14
N HIS N 106 -82.39 11.01 -53.05
CA HIS N 106 -83.61 10.90 -52.26
C HIS N 106 -84.39 12.20 -52.39
N GLU N 107 -85.64 12.11 -52.82
CA GLU N 107 -86.39 13.31 -53.20
C GLU N 107 -86.59 14.24 -52.00
N THR N 108 -86.93 13.68 -50.84
CA THR N 108 -87.29 14.53 -49.70
C THR N 108 -86.12 15.40 -49.26
N GLU N 109 -84.90 14.83 -49.22
CA GLU N 109 -83.73 15.62 -48.89
C GLU N 109 -83.35 16.55 -50.03
N PHE N 110 -83.50 16.08 -51.27
CA PHE N 110 -83.13 16.89 -52.42
C PHE N 110 -83.94 18.17 -52.49
N ASN N 111 -85.25 18.09 -52.23
CA ASN N 111 -86.05 19.29 -52.20
C ASN N 111 -85.69 20.18 -51.02
N SER N 112 -85.04 19.62 -50.00
CA SER N 112 -84.60 20.39 -48.83
C SER N 112 -83.21 20.99 -49.07
N TYR N 113 -83.12 21.80 -50.12
CA TYR N 113 -81.88 22.48 -50.49
C TYR N 113 -80.74 21.49 -50.76
N MET N 114 -81.07 20.30 -51.26
CA MET N 114 -80.08 19.28 -51.58
C MET N 114 -79.24 18.90 -50.36
N PHE N 115 -79.91 18.55 -49.28
CA PHE N 115 -79.22 18.15 -48.06
C PHE N 115 -78.43 16.86 -48.30
N VAL N 116 -77.19 16.84 -47.80
CA VAL N 116 -76.33 15.66 -47.90
C VAL N 116 -75.60 15.49 -46.57
N HIS N 117 -75.60 14.27 -46.04
CA HIS N 117 -74.86 13.92 -44.84
C HIS N 117 -73.67 13.05 -45.23
N ALA N 118 -72.48 13.65 -45.19
CA ALA N 118 -71.26 12.94 -45.54
C ALA N 118 -71.05 11.73 -44.64
N TYR N 119 -70.52 10.66 -45.24
CA TYR N 119 -70.27 9.44 -44.49
C TYR N 119 -69.20 9.64 -43.41
N ARG N 120 -68.24 10.53 -43.65
CA ARG N 120 -67.15 10.77 -42.71
C ARG N 120 -67.04 12.25 -42.43
N LYS N 121 -66.79 12.57 -41.17
CA LYS N 121 -66.79 13.94 -40.66
C LYS N 121 -65.65 14.11 -39.67
N PRO N 122 -65.21 15.36 -39.40
CA PRO N 122 -65.65 16.63 -39.99
C PRO N 122 -65.24 16.84 -41.45
N ILE N 123 -65.89 17.76 -42.12
CA ILE N 123 -65.52 18.23 -43.46
C ILE N 123 -64.67 19.49 -43.33
N LEU N 124 -63.37 19.37 -43.61
CA LEU N 124 -62.54 20.57 -43.67
C LEU N 124 -62.95 21.45 -44.84
N GLN N 125 -63.19 20.86 -46.00
CA GLN N 125 -63.49 21.65 -47.19
C GLN N 125 -64.05 20.73 -48.27
N VAL N 126 -64.71 21.35 -49.25
CA VAL N 126 -65.32 20.65 -50.38
C VAL N 126 -64.72 21.18 -51.68
N GLU N 127 -64.27 20.26 -52.53
CA GLU N 127 -63.65 20.57 -53.81
C GLU N 127 -64.64 20.49 -54.97
N ASN N 128 -65.39 19.40 -55.06
CA ASN N 128 -66.30 19.17 -56.19
C ASN N 128 -67.65 18.70 -55.67
N LEU N 129 -68.70 19.11 -56.40
CA LEU N 129 -70.07 18.69 -56.12
C LEU N 129 -70.84 18.75 -57.43
N GLN N 130 -71.04 17.57 -58.04
CA GLN N 130 -71.56 17.46 -59.39
C GLN N 130 -72.65 16.40 -59.45
N LEU N 131 -73.53 16.55 -60.43
CA LEU N 131 -74.59 15.59 -60.71
C LEU N 131 -74.33 14.97 -62.08
N GLN N 132 -74.35 13.65 -62.15
CA GLN N 132 -74.06 12.91 -63.36
C GLN N 132 -75.10 11.81 -63.57
N PHE N 133 -75.24 11.41 -64.82
CA PHE N 133 -76.22 10.41 -65.24
C PHE N 133 -75.58 9.07 -65.61
N ASN N 134 -74.53 9.09 -66.43
CA ASN N 134 -73.82 7.89 -66.84
C ASN N 134 -72.32 8.12 -66.86
N GLY N 135 -71.82 8.97 -65.96
CA GLY N 135 -70.44 9.39 -65.95
C GLY N 135 -70.22 10.75 -66.59
N ARG N 136 -71.15 11.22 -67.41
CA ARG N 136 -71.09 12.57 -67.96
C ARG N 136 -71.70 13.57 -66.97
N PRO N 137 -70.99 14.64 -66.58
CA PRO N 137 -71.62 15.62 -65.68
C PRO N 137 -72.78 16.34 -66.34
N ILE N 138 -73.99 16.05 -65.89
CA ILE N 138 -75.17 16.74 -66.41
C ILE N 138 -75.15 18.20 -66.00
N TYR N 139 -74.83 18.47 -64.73
CA TYR N 139 -74.85 19.82 -64.20
C TYR N 139 -73.83 19.92 -63.08
N LYS N 140 -72.91 20.85 -63.19
CA LYS N 140 -71.93 21.14 -62.14
C LYS N 140 -72.26 22.52 -61.57
N TYR N 141 -72.49 22.57 -60.28
CA TYR N 141 -73.02 23.79 -59.68
C TYR N 141 -71.92 24.82 -59.47
N PRO N 142 -72.28 26.11 -59.43
CA PRO N 142 -71.29 27.13 -59.08
C PRO N 142 -70.75 26.93 -57.67
N ALA N 143 -69.51 27.37 -57.48
CA ALA N 143 -68.86 27.21 -56.17
C ALA N 143 -69.59 28.00 -55.10
N ASN N 144 -69.97 29.23 -55.41
CA ASN N 144 -70.59 30.10 -54.40
C ASN N 144 -71.94 29.56 -53.94
N TRP N 145 -72.61 28.73 -54.75
CA TRP N 145 -73.92 28.24 -54.38
C TRP N 145 -73.86 27.34 -53.15
N TRP N 146 -72.97 26.35 -53.16
CA TRP N 146 -73.01 25.33 -52.12
C TRP N 146 -72.34 25.81 -50.84
N LYS N 147 -72.87 25.33 -49.71
CA LYS N 147 -72.39 25.70 -48.40
C LYS N 147 -72.36 24.47 -47.51
N VAL N 148 -71.51 24.52 -46.48
CA VAL N 148 -71.19 23.35 -45.68
C VAL N 148 -71.37 23.65 -44.19
N GLU N 149 -71.63 22.59 -43.43
CA GLU N 149 -71.53 22.60 -41.98
C GLU N 149 -70.38 21.67 -41.58
N HIS N 150 -69.27 22.26 -41.15
CA HIS N 150 -68.01 21.52 -41.01
C HIS N 150 -68.14 20.37 -40.01
N LEU N 151 -68.55 20.68 -38.78
CA LEU N 151 -68.57 19.66 -37.73
C LEU N 151 -69.54 18.54 -38.07
N ALA N 152 -70.80 18.89 -38.34
CA ALA N 152 -71.79 17.87 -38.67
C ALA N 152 -71.57 17.28 -40.06
N GLY N 153 -70.86 17.99 -40.92
CA GLY N 153 -70.65 17.58 -42.29
C GLY N 153 -71.82 17.77 -43.22
N HIS N 154 -72.86 18.48 -42.81
CA HIS N 154 -73.97 18.73 -43.71
C HIS N 154 -73.51 19.58 -44.89
N VAL N 155 -73.89 19.15 -46.09
CA VAL N 155 -73.66 19.88 -47.33
C VAL N 155 -75.02 20.29 -47.88
N GLN N 156 -75.19 21.60 -48.08
CA GLN N 156 -76.45 22.16 -48.51
C GLN N 156 -76.19 23.18 -49.61
N LEU N 157 -77.15 23.29 -50.53
CA LEU N 157 -77.04 24.12 -51.72
C LEU N 157 -78.08 25.24 -51.67
N PHE N 158 -77.64 26.46 -51.97
CA PHE N 158 -78.47 27.66 -51.88
C PHE N 158 -78.39 28.39 -53.23
N PRO N 159 -79.19 28.00 -54.21
CA PRO N 159 -79.10 28.62 -55.54
C PRO N 159 -79.39 30.11 -55.51
N THR N 160 -78.74 30.82 -56.41
CA THR N 160 -78.92 32.26 -56.56
C THR N 160 -79.06 32.58 -58.05
N ALA N 161 -79.03 33.87 -58.37
CA ALA N 161 -79.14 34.31 -59.75
C ALA N 161 -77.80 34.23 -60.46
N ALA N 190 -89.47 7.05 -60.42
CA ALA N 190 -89.56 6.67 -59.01
C ALA N 190 -89.16 7.83 -58.12
N THR N 191 -89.26 7.62 -56.81
CA THR N 191 -88.93 8.66 -55.83
C THR N 191 -87.46 8.72 -55.49
N PHE N 192 -86.66 7.76 -55.92
CA PHE N 192 -85.23 7.75 -55.61
C PHE N 192 -84.47 7.08 -56.74
N ALA N 193 -83.19 7.38 -56.83
CA ALA N 193 -82.29 6.80 -57.81
C ALA N 193 -80.92 6.61 -57.18
N PRO N 194 -80.12 5.69 -57.70
CA PRO N 194 -78.82 5.40 -57.07
C PRO N 194 -77.65 6.17 -57.67
N GLN N 195 -76.78 6.65 -56.78
CA GLN N 195 -75.47 7.20 -57.14
C GLN N 195 -75.57 8.29 -58.20
N MET N 196 -76.57 9.17 -58.05
CA MET N 196 -76.78 10.21 -59.05
C MET N 196 -75.72 11.29 -58.96
N ILE N 197 -75.37 11.69 -57.74
CA ILE N 197 -74.47 12.82 -57.49
C ILE N 197 -73.08 12.30 -57.12
N ARG N 198 -72.11 13.19 -57.25
CA ARG N 198 -70.71 12.91 -56.97
C ARG N 198 -70.14 13.99 -56.06
N LEU N 199 -69.49 13.58 -54.99
CA LEU N 199 -68.96 14.47 -53.96
C LEU N 199 -67.50 14.15 -53.67
N GLU N 200 -66.67 15.19 -53.63
CA GLU N 200 -65.27 15.09 -53.25
C GLU N 200 -64.99 16.06 -52.11
N TYR N 201 -64.43 15.56 -51.02
CA TYR N 201 -64.19 16.39 -49.85
C TYR N 201 -63.06 15.80 -49.01
N VAL N 202 -62.51 16.66 -48.16
CA VAL N 202 -61.41 16.31 -47.26
C VAL N 202 -61.92 16.18 -45.83
N SER N 203 -61.75 14.98 -45.27
CA SER N 203 -62.21 14.65 -43.93
C SER N 203 -61.02 14.60 -42.98
N GLY N 204 -61.13 15.25 -41.84
CA GLY N 204 -60.09 15.21 -40.83
C GLY N 204 -60.17 16.40 -39.90
N MET N 205 -59.14 16.52 -39.06
CA MET N 205 -58.98 17.68 -38.18
C MET N 205 -57.54 18.17 -38.21
N LEU N 206 -57.39 19.49 -38.29
CA LEU N 206 -56.07 20.12 -38.23
C LEU N 206 -55.53 20.12 -36.80
N PRO N 207 -54.20 20.07 -36.62
CA PRO N 207 -53.64 20.30 -35.29
C PRO N 207 -54.00 21.67 -34.74
N ARG N 208 -54.34 21.69 -33.45
CA ARG N 208 -54.75 22.92 -32.79
C ARG N 208 -53.63 23.94 -32.76
N LYS N 209 -53.97 25.18 -33.14
CA LYS N 209 -52.99 26.26 -33.28
C LYS N 209 -52.67 26.91 -31.95
N LYS N 210 -53.67 27.07 -31.08
CA LYS N 210 -53.53 27.81 -29.83
C LYS N 210 -54.08 27.00 -28.66
N ALA N 211 -53.50 27.27 -27.50
CA ALA N 211 -53.75 26.50 -26.30
C ALA N 211 -55.18 26.65 -25.78
N GLY N 212 -55.70 25.55 -25.25
CA GLY N 212 -56.98 25.52 -24.56
C GLY N 212 -58.17 25.89 -25.39
N ARG N 213 -58.00 25.92 -26.71
CA ARG N 213 -59.03 26.40 -27.63
C ARG N 213 -58.98 25.51 -28.86
N ASN N 214 -60.12 25.34 -29.51
CA ASN N 214 -60.11 24.73 -30.83
C ASN N 214 -61.33 25.17 -31.63
N LYS N 215 -61.12 25.37 -32.93
CA LYS N 215 -62.22 25.55 -33.86
C LYS N 215 -62.94 24.22 -34.06
N PRO N 216 -64.22 24.25 -34.47
CA PRO N 216 -64.90 22.99 -34.80
C PRO N 216 -64.18 22.14 -35.83
N TRP N 217 -63.49 22.75 -36.79
CA TRP N 217 -62.66 22.06 -37.77
C TRP N 217 -61.28 21.68 -37.25
N GLU N 218 -61.08 21.73 -35.94
CA GLU N 218 -59.77 21.67 -35.31
C GLU N 218 -59.79 20.55 -34.26
N MET N 219 -58.67 19.87 -34.11
CA MET N 219 -58.62 18.71 -33.21
C MET N 219 -58.79 19.15 -31.76
N PRO N 220 -59.82 18.67 -31.05
CA PRO N 220 -59.94 19.01 -29.64
C PRO N 220 -58.87 18.31 -28.81
N PRO N 221 -58.44 18.93 -27.70
CA PRO N 221 -57.40 18.30 -26.87
C PRO N 221 -57.76 16.93 -26.33
N GLU N 222 -59.05 16.63 -26.17
CA GLU N 222 -59.46 15.38 -25.55
C GLU N 222 -59.12 14.18 -26.40
N LEU N 223 -59.19 14.31 -27.72
CA LEU N 223 -58.86 13.19 -28.58
C LEU N 223 -57.39 12.81 -28.41
N GLU N 224 -56.52 13.81 -28.24
CA GLU N 224 -55.12 13.53 -27.96
C GLU N 224 -54.96 12.67 -26.71
N GLN N 225 -55.58 13.08 -25.61
CA GLN N 225 -55.51 12.31 -24.37
C GLN N 225 -56.24 10.97 -24.49
N LEU N 226 -57.37 10.95 -25.17
CA LEU N 226 -58.12 9.71 -25.34
C LEU N 226 -57.30 8.66 -26.09
N VAL N 227 -56.69 9.05 -27.21
CA VAL N 227 -55.86 8.12 -27.97
C VAL N 227 -54.65 7.68 -27.14
N ILE N 228 -54.09 8.60 -26.36
CA ILE N 228 -53.00 8.25 -25.45
C ILE N 228 -53.45 7.18 -24.46
N LYS N 229 -54.61 7.38 -23.83
CA LYS N 229 -55.11 6.44 -22.84
C LYS N 229 -55.41 5.08 -23.45
N TYR N 230 -55.93 5.04 -24.67
CA TYR N 230 -56.10 3.78 -25.38
C TYR N 230 -54.75 3.07 -25.56
N ALA N 231 -53.72 3.81 -25.98
CA ALA N 231 -52.40 3.23 -26.13
C ALA N 231 -51.86 2.67 -24.82
N LEU N 232 -52.00 3.43 -23.74
CA LEU N 232 -51.53 2.98 -22.43
C LEU N 232 -52.21 1.70 -21.97
N LYS N 233 -53.49 1.52 -22.31
CA LYS N 233 -54.16 0.26 -22.02
C LYS N 233 -53.43 -0.92 -22.62
N GLU N 234 -52.88 -0.77 -23.83
CA GLU N 234 -52.10 -1.84 -24.44
C GLU N 234 -50.74 -2.00 -23.76
N ILE N 235 -50.05 -0.89 -23.51
CA ILE N 235 -48.70 -0.93 -22.95
C ILE N 235 -48.70 -1.55 -21.56
N TYR N 236 -49.67 -1.18 -20.72
CA TYR N 236 -49.80 -1.82 -19.41
C TYR N 236 -50.11 -3.31 -19.53
N GLN N 237 -50.93 -3.70 -20.51
CA GLN N 237 -51.17 -5.13 -20.71
C GLN N 237 -49.88 -5.89 -21.01
N VAL N 238 -48.95 -5.27 -21.74
CA VAL N 238 -47.64 -5.89 -21.98
C VAL N 238 -46.80 -5.85 -20.72
N TRP N 239 -46.63 -4.65 -20.13
CA TRP N 239 -45.71 -4.48 -19.02
C TRP N 239 -46.10 -5.30 -17.80
N GLY N 240 -47.40 -5.48 -17.55
CA GLY N 240 -47.85 -6.15 -16.34
C GLY N 240 -47.31 -7.57 -16.17
N ASN N 241 -46.91 -8.23 -17.26
CA ASN N 241 -46.33 -9.56 -17.17
C ASN N 241 -44.87 -9.55 -16.74
N LEU N 242 -44.21 -8.40 -16.79
CA LEU N 242 -42.77 -8.27 -16.56
C LEU N 242 -42.44 -7.79 -15.15
N ILE N 243 -43.41 -7.78 -14.24
CA ILE N 243 -43.18 -7.32 -12.88
C ILE N 243 -42.27 -8.29 -12.13
N ILE N 244 -42.71 -9.54 -11.96
CA ILE N 244 -41.85 -10.60 -11.44
C ILE N 244 -42.11 -11.88 -12.21
N GLY N 245 -41.03 -12.54 -12.61
CA GLY N 245 -41.09 -13.91 -13.09
C GLY N 245 -42.10 -14.11 -14.19
N ALA N 246 -42.96 -15.12 -14.02
CA ALA N 246 -44.07 -15.35 -14.93
C ALA N 246 -45.23 -15.93 -14.12
N GLY N 247 -46.26 -15.12 -13.88
CA GLY N 247 -47.40 -15.59 -13.12
C GLY N 247 -47.09 -15.95 -11.69
N ILE N 248 -46.15 -15.26 -11.06
CA ILE N 248 -45.76 -15.54 -9.68
C ILE N 248 -46.31 -14.44 -8.79
N ALA N 249 -47.13 -14.85 -7.82
CA ALA N 249 -47.82 -13.94 -6.90
C ALA N 249 -47.01 -13.64 -5.65
N ASN N 250 -46.62 -14.68 -4.93
CA ASN N 250 -45.94 -14.58 -3.65
C ASN N 250 -44.65 -15.39 -3.67
N LYS N 251 -43.63 -14.86 -3.01
CA LYS N 251 -42.31 -15.49 -2.98
C LYS N 251 -41.62 -15.17 -1.66
N THR N 252 -40.72 -16.07 -1.26
CA THR N 252 -39.75 -15.74 -0.22
C THR N 252 -38.58 -16.72 -0.26
N LEU N 253 -37.38 -16.17 -0.17
CA LEU N 253 -36.13 -16.93 -0.08
C LEU N 253 -35.59 -16.78 1.34
N GLU N 254 -35.15 -17.91 1.91
CA GLU N 254 -34.49 -17.93 3.21
C GLU N 254 -33.19 -18.71 3.09
N VAL N 255 -32.07 -17.99 3.12
CA VAL N 255 -30.74 -18.56 2.88
C VAL N 255 -29.85 -18.20 4.07
N ASP N 256 -29.46 -19.22 4.84
CA ASP N 256 -28.48 -19.09 5.92
C ASP N 256 -28.86 -18.01 6.93
N GLY N 257 -30.16 -17.88 7.19
CA GLY N 257 -30.69 -16.84 8.04
C GLY N 257 -31.03 -15.54 7.35
N ILE N 258 -30.51 -15.33 6.14
CA ILE N 258 -31.01 -14.24 5.30
C ILE N 258 -32.45 -14.54 4.90
N THR N 259 -33.24 -13.50 4.72
CA THR N 259 -34.62 -13.67 4.28
C THR N 259 -35.02 -12.54 3.36
N GLU N 260 -35.57 -12.89 2.20
CA GLU N 260 -36.14 -11.97 1.24
C GLU N 260 -37.55 -12.44 0.91
N THR N 261 -38.50 -11.50 0.85
CA THR N 261 -39.91 -11.81 0.71
C THR N 261 -40.63 -10.73 -0.07
N ILE N 262 -41.44 -11.14 -1.04
CA ILE N 262 -42.19 -10.22 -1.89
C ILE N 262 -43.58 -10.78 -2.12
N GLY N 263 -44.58 -9.91 -2.07
CA GLY N 263 -45.92 -10.20 -2.54
C GLY N 263 -46.44 -9.16 -3.52
N THR N 264 -46.72 -9.56 -4.76
CA THR N 264 -46.99 -8.60 -5.82
C THR N 264 -48.49 -8.33 -5.95
N THR N 265 -48.82 -7.42 -6.87
CA THR N 265 -50.20 -7.23 -7.30
C THR N 265 -50.76 -8.42 -8.08
N GLN N 266 -49.92 -9.29 -8.60
CA GLN N 266 -50.42 -10.44 -9.36
C GLN N 266 -51.18 -11.39 -8.45
N SER N 267 -52.28 -11.93 -8.96
CA SER N 267 -53.13 -12.82 -8.20
C SER N 267 -53.88 -13.73 -9.16
N ALA N 268 -54.39 -14.83 -8.61
CA ALA N 268 -55.09 -15.83 -9.40
C ALA N 268 -56.32 -15.27 -10.12
N MET N 269 -56.90 -14.17 -9.63
CA MET N 269 -58.08 -13.57 -10.25
C MET N 269 -57.90 -12.11 -10.65
N TYR N 270 -56.68 -11.56 -10.55
CA TYR N 270 -56.40 -10.19 -10.97
C TYR N 270 -55.00 -10.13 -11.56
N GLY N 271 -54.88 -9.38 -12.66
CA GLY N 271 -53.59 -9.25 -13.32
C GLY N 271 -52.73 -8.15 -12.72
N GLY N 272 -51.44 -8.25 -13.03
CA GLY N 272 -50.45 -7.37 -12.40
C GLY N 272 -50.72 -5.89 -12.61
N ALA N 273 -51.06 -5.49 -13.83
CA ALA N 273 -51.42 -4.11 -14.14
C ALA N 273 -52.92 -3.84 -14.10
N SER N 274 -53.73 -4.80 -13.69
CA SER N 274 -55.18 -4.64 -13.77
C SER N 274 -55.70 -3.53 -12.84
N ALA N 275 -54.96 -3.20 -11.79
CA ALA N 275 -55.26 -2.01 -11.00
C ALA N 275 -55.24 -0.73 -11.83
N GLN N 276 -54.18 -0.54 -12.62
CA GLN N 276 -54.12 0.63 -13.50
C GLN N 276 -55.12 0.54 -14.65
N ILE N 277 -55.29 -0.64 -15.24
CA ILE N 277 -56.24 -0.80 -16.33
C ILE N 277 -57.65 -0.44 -15.89
N LEU N 278 -58.06 -0.89 -14.70
CA LEU N 278 -59.36 -0.50 -14.17
C LEU N 278 -59.49 1.01 -14.02
N GLN N 279 -58.46 1.65 -13.48
CA GLN N 279 -58.47 3.11 -13.34
C GLN N 279 -58.52 3.82 -14.69
N ILE N 280 -57.83 3.27 -15.70
CA ILE N 280 -57.93 3.82 -17.05
C ILE N 280 -59.32 3.65 -17.65
N ASN N 281 -60.01 2.56 -17.35
CA ASN N 281 -61.39 2.44 -17.79
C ASN N 281 -62.28 3.51 -17.16
N GLU N 282 -62.15 3.68 -15.84
CA GLU N 282 -62.89 4.74 -15.15
C GLU N 282 -62.57 6.13 -15.75
N ASP N 283 -61.34 6.32 -16.21
CA ASP N 283 -60.97 7.58 -16.85
C ASP N 283 -61.56 7.72 -18.26
N ILE N 284 -61.47 6.65 -19.07
CA ILE N 284 -62.02 6.70 -20.41
C ILE N 284 -63.54 6.87 -20.41
N LYS N 285 -64.24 6.20 -19.49
CA LYS N 285 -65.68 6.34 -19.44
C LYS N 285 -66.11 7.79 -19.21
N GLU N 286 -65.44 8.49 -18.29
CA GLU N 286 -65.74 9.91 -18.09
C GLU N 286 -65.41 10.72 -19.34
N LEU N 287 -64.27 10.46 -19.95
CA LEU N 287 -63.82 11.23 -21.11
C LEU N 287 -64.68 10.96 -22.33
N LEU N 288 -64.91 9.69 -22.65
CA LEU N 288 -65.57 9.31 -23.89
C LEU N 288 -67.03 9.77 -23.93
N ASP N 289 -67.79 9.50 -22.86
CA ASP N 289 -69.17 9.97 -22.79
C ASP N 289 -69.28 11.48 -22.93
N GLY N 290 -68.40 12.22 -22.25
CA GLY N 290 -68.42 13.67 -22.35
C GLY N 290 -68.11 14.19 -23.73
N LEU N 291 -67.35 13.45 -24.53
CA LEU N 291 -67.02 13.86 -25.89
C LEU N 291 -68.09 13.51 -26.91
N ARG N 292 -68.83 12.42 -26.73
CA ARG N 292 -69.96 12.15 -27.62
C ARG N 292 -71.00 13.25 -27.57
N ALA N 293 -71.12 13.96 -26.44
CA ALA N 293 -72.02 15.10 -26.35
C ALA N 293 -71.60 16.23 -27.29
N TYR N 294 -70.31 16.32 -27.61
CA TYR N 294 -69.83 17.34 -28.53
C TYR N 294 -70.25 17.06 -29.96
N PHE N 295 -70.22 15.78 -30.37
CA PHE N 295 -70.62 15.40 -31.72
C PHE N 295 -72.11 15.15 -31.83
N GLY N 296 -72.71 14.55 -30.79
CA GLY N 296 -74.12 14.24 -30.77
C GLY N 296 -74.51 12.96 -31.46
N TYR N 297 -75.78 12.61 -31.27
CA TYR N 297 -76.37 11.41 -31.87
C TYR N 297 -76.60 11.56 -33.36
N ASN N 298 -76.55 10.41 -34.05
CA ASN N 298 -76.82 10.32 -35.47
C ASN N 298 -78.31 10.10 -35.73
N MET N 299 -78.77 10.55 -36.90
CA MET N 299 -80.15 10.39 -37.29
C MET N 299 -80.23 10.20 -38.80
N ILE N 300 -81.15 9.33 -39.22
CA ILE N 300 -81.47 9.13 -40.64
C ILE N 300 -82.99 9.01 -40.78
N GLY N 301 -83.53 9.72 -41.76
CA GLY N 301 -84.93 9.59 -42.06
C GLY N 301 -85.25 8.29 -42.77
N LEU N 302 -86.52 7.90 -42.69
CA LEU N 302 -86.99 6.66 -43.29
C LEU N 302 -88.45 6.78 -43.68
#